data_6E7D
#
_entry.id   6E7D
#
_cell.length_a   66.930
_cell.length_b   122.069
_cell.length_c   131.561
_cell.angle_alpha   73.12
_cell.angle_beta   82.08
_cell.angle_gamma   84.46
#
_symmetry.space_group_name_H-M   'P 1'
#
loop_
_entity.id
_entity.type
_entity.pdbx_description
1 polymer 'C-type lectin domain family 2 member D'
2 polymer 'Killer cell lectin-like receptor subfamily B member 1B allele B'
3 non-polymer 'SULFATE ION'
4 non-polymer 2-acetamido-2-deoxy-beta-D-glucopyranose
5 water water
#
loop_
_entity_poly.entity_id
_entity_poly.type
_entity_poly.pdbx_seq_one_letter_code
_entity_poly.pdbx_strand_id
1 'polypeptide(L)'
;MNKTYAACPQNWIGVENKCFYFSEYPSNWTFAQAFCMAQEAQLARFDNQDELNFLMRYKANFDSWIGLHRESSEHPWKWT
DNTEYNNTIPIRGEERFAYLNNNGISSTRIYSLRMWICSKLNAS
;
A,B,C,D,E,F,G,H,I,J,K,L,M,N,O,P
2 'polypeptide(L)'
;TGSAKLECPQDWLSHRDKCFHVSQVSNTWKEGRIDCDKKGATLLLIQDQEELRFLLDSIKEKYNSFWIGLSYTLTDMNWK
WINGTAFNSDVLKITGVTENGSCAAISGEKVTSEGCSSDNRWICQKELNGTHHHHHH
;
Q,R,S,T,U,V,W,X
#
# COMPACT_ATOMS: atom_id res chain seq x y z
N THR A 4 -43.17 -0.09 6.30
CA THR A 4 -44.54 -0.64 6.24
C THR A 4 -44.94 -0.93 4.81
N TYR A 5 -45.81 -1.94 4.62
CA TYR A 5 -46.27 -2.34 3.29
C TYR A 5 -47.80 -2.33 3.25
N ALA A 6 -48.36 -2.72 2.10
CA ALA A 6 -49.79 -2.82 1.92
C ALA A 6 -50.04 -3.86 0.91
N ALA A 7 -50.54 -4.99 1.41
CA ALA A 7 -50.90 -6.16 0.63
C ALA A 7 -51.75 -5.74 -0.54
N CYS A 8 -51.53 -6.37 -1.65
CA CYS A 8 -52.30 -6.06 -2.84
C CYS A 8 -53.74 -6.70 -2.73
N PRO A 9 -54.79 -6.31 -3.53
CA PRO A 9 -56.11 -6.92 -3.32
C PRO A 9 -56.19 -8.41 -3.73
N GLN A 10 -57.31 -9.06 -3.43
CA GLN A 10 -57.57 -10.46 -3.77
C GLN A 10 -57.55 -10.63 -5.29
N ASN A 11 -56.93 -11.72 -5.79
CA ASN A 11 -56.75 -12.08 -7.22
C ASN A 11 -55.67 -11.25 -7.96
N TRP A 12 -55.01 -10.36 -7.23
CA TRP A 12 -53.93 -9.56 -7.76
C TRP A 12 -52.57 -10.08 -7.17
N ILE A 13 -51.51 -9.97 -7.98
CA ILE A 13 -50.11 -10.30 -7.65
C ILE A 13 -49.45 -8.98 -7.40
N GLY A 14 -48.55 -8.90 -6.43
CA GLY A 14 -47.83 -7.68 -6.07
C GLY A 14 -46.39 -7.80 -6.51
N VAL A 15 -45.85 -6.76 -7.20
CA VAL A 15 -44.47 -6.75 -7.74
C VAL A 15 -43.97 -5.32 -7.60
N GLU A 16 -43.09 -5.15 -6.61
CA GLU A 16 -42.51 -3.87 -6.22
C GLU A 16 -43.64 -2.89 -5.90
N ASN A 17 -43.67 -1.69 -6.50
CA ASN A 17 -44.71 -0.66 -6.23
C ASN A 17 -45.99 -0.82 -7.08
N LYS A 18 -46.06 -1.88 -7.89
CA LYS A 18 -47.23 -2.10 -8.71
C LYS A 18 -48.01 -3.24 -8.14
N CYS A 19 -49.14 -3.52 -8.79
CA CYS A 19 -50.14 -4.53 -8.49
C CYS A 19 -50.67 -5.03 -9.83
N PHE A 20 -50.64 -6.34 -10.08
CA PHE A 20 -51.04 -6.94 -11.36
C PHE A 20 -52.18 -7.97 -11.30
N TYR A 21 -53.11 -7.89 -12.29
CA TYR A 21 -54.23 -8.84 -12.44
C TYR A 21 -54.15 -9.62 -13.74
N PHE A 22 -54.01 -10.94 -13.64
CA PHE A 22 -53.98 -11.80 -14.83
C PHE A 22 -55.35 -12.49 -14.96
N SER A 23 -56.07 -12.24 -16.08
CA SER A 23 -57.41 -12.81 -16.32
C SER A 23 -57.40 -14.32 -16.45
N GLU A 24 -58.54 -14.95 -16.12
CA GLU A 24 -58.72 -16.42 -16.24
C GLU A 24 -59.51 -16.74 -17.49
N TYR A 25 -60.10 -15.68 -18.15
CA TYR A 25 -61.01 -15.74 -19.32
C TYR A 25 -60.64 -14.77 -20.46
N PRO A 26 -60.93 -15.05 -21.75
CA PRO A 26 -60.52 -14.12 -22.80
C PRO A 26 -61.62 -13.13 -23.23
N SER A 27 -61.19 -12.08 -23.91
CA SER A 27 -62.05 -11.05 -24.41
C SER A 27 -61.30 -10.28 -25.44
N ASN A 28 -62.02 -9.33 -26.08
CA ASN A 28 -61.44 -8.39 -27.02
C ASN A 28 -60.74 -7.30 -26.22
N TRP A 29 -60.02 -6.44 -26.90
CA TRP A 29 -59.21 -5.37 -26.30
C TRP A 29 -60.10 -4.33 -25.58
N THR A 30 -61.22 -3.93 -26.20
CA THR A 30 -62.20 -2.97 -25.66
C THR A 30 -62.76 -3.43 -24.29
N PHE A 31 -63.19 -4.69 -24.15
CA PHE A 31 -63.69 -5.18 -22.87
C PHE A 31 -62.60 -5.22 -21.84
N ALA A 32 -61.42 -5.76 -22.22
CA ALA A 32 -60.25 -5.88 -21.36
C ALA A 32 -59.88 -4.51 -20.76
N GLN A 33 -59.78 -3.45 -21.61
CA GLN A 33 -59.47 -2.08 -21.20
C GLN A 33 -60.54 -1.55 -20.25
N ALA A 34 -61.81 -1.82 -20.53
CA ALA A 34 -62.95 -1.39 -19.71
C ALA A 34 -62.91 -2.07 -18.33
N PHE A 35 -62.49 -3.36 -18.30
CA PHE A 35 -62.41 -4.16 -17.08
C PHE A 35 -61.39 -3.56 -16.14
N CYS A 36 -60.18 -3.26 -16.66
CA CYS A 36 -59.09 -2.67 -15.89
C CYS A 36 -59.49 -1.29 -15.34
N MET A 37 -60.09 -0.42 -16.16
CA MET A 37 -60.51 0.90 -15.74
C MET A 37 -61.47 0.87 -14.55
N ALA A 38 -62.37 -0.14 -14.51
CA ALA A 38 -63.34 -0.34 -13.43
C ALA A 38 -62.65 -0.70 -12.09
N GLN A 39 -61.42 -1.24 -12.14
CA GLN A 39 -60.62 -1.60 -10.97
C GLN A 39 -59.58 -0.53 -10.66
N GLU A 40 -59.79 0.70 -11.22
CA GLU A 40 -58.93 1.87 -11.10
C GLU A 40 -57.50 1.55 -11.61
N ALA A 41 -57.46 0.75 -12.69
CA ALA A 41 -56.23 0.28 -13.34
C ALA A 41 -56.27 0.56 -14.84
N GLN A 42 -55.28 0.00 -15.57
CA GLN A 42 -55.14 0.08 -17.02
C GLN A 42 -54.59 -1.23 -17.55
N LEU A 43 -54.69 -1.47 -18.87
CA LEU A 43 -54.09 -2.69 -19.40
C LEU A 43 -52.58 -2.53 -19.18
N ALA A 44 -51.91 -3.60 -18.74
CA ALA A 44 -50.52 -3.67 -18.31
C ALA A 44 -49.59 -2.70 -18.98
N ARG A 45 -48.83 -2.03 -18.14
CA ARG A 45 -47.78 -1.12 -18.57
C ARG A 45 -46.49 -1.54 -17.89
N PHE A 46 -45.44 -1.75 -18.66
CA PHE A 46 -44.13 -2.08 -18.08
C PHE A 46 -43.21 -0.88 -18.30
N ASP A 47 -42.57 -0.42 -17.24
CA ASP A 47 -41.71 0.77 -17.30
C ASP A 47 -40.23 0.41 -17.26
N ASN A 48 -39.90 -0.82 -16.85
CA ASN A 48 -38.53 -1.30 -16.77
C ASN A 48 -38.45 -2.74 -17.22
N GLN A 49 -37.21 -3.30 -17.28
CA GLN A 49 -36.98 -4.69 -17.68
C GLN A 49 -37.52 -5.67 -16.62
N ASP A 50 -37.46 -5.30 -15.34
CA ASP A 50 -37.91 -6.11 -14.23
C ASP A 50 -39.39 -6.37 -14.33
N GLU A 51 -40.19 -5.29 -14.62
CA GLU A 51 -41.65 -5.32 -14.80
C GLU A 51 -41.99 -6.19 -16.00
N LEU A 52 -41.28 -6.03 -17.12
CA LEU A 52 -41.49 -6.84 -18.32
C LEU A 52 -41.18 -8.31 -18.08
N ASN A 53 -40.08 -8.61 -17.33
CA ASN A 53 -39.68 -9.97 -16.99
C ASN A 53 -40.75 -10.64 -16.19
N PHE A 54 -41.33 -9.89 -15.24
CA PHE A 54 -42.47 -10.35 -14.48
C PHE A 54 -43.56 -10.79 -15.38
N LEU A 55 -44.04 -9.88 -16.26
CA LEU A 55 -45.17 -10.13 -17.17
C LEU A 55 -44.95 -11.33 -18.06
N MET A 56 -43.76 -11.44 -18.68
CA MET A 56 -43.38 -12.55 -19.53
C MET A 56 -43.33 -13.87 -18.79
N ARG A 57 -42.78 -13.86 -17.54
CA ARG A 57 -42.65 -15.06 -16.73
C ARG A 57 -44.00 -15.53 -16.19
N TYR A 58 -44.81 -14.62 -15.60
CA TYR A 58 -46.07 -15.03 -14.99
C TYR A 58 -47.15 -15.24 -16.00
N LYS A 59 -47.11 -14.58 -17.20
CA LYS A 59 -48.18 -14.80 -18.18
C LYS A 59 -48.25 -16.29 -18.62
N ALA A 60 -47.21 -17.09 -18.30
CA ALA A 60 -47.08 -18.50 -18.65
C ALA A 60 -47.29 -18.70 -20.16
N ASN A 61 -48.19 -19.61 -20.56
CA ASN A 61 -48.49 -19.90 -21.95
C ASN A 61 -49.82 -19.27 -22.35
N PHE A 62 -50.15 -18.10 -21.79
CA PHE A 62 -51.41 -17.42 -22.09
C PHE A 62 -51.14 -16.17 -22.90
N ASP A 63 -51.42 -16.16 -24.22
CA ASP A 63 -51.19 -14.95 -25.01
C ASP A 63 -52.08 -13.85 -24.41
N SER A 64 -51.47 -12.75 -23.87
CA SER A 64 -52.22 -11.76 -23.11
C SER A 64 -52.10 -10.31 -23.55
N TRP A 65 -53.26 -9.61 -23.54
CA TRP A 65 -53.41 -8.19 -23.83
C TRP A 65 -52.61 -7.32 -22.86
N ILE A 66 -51.92 -6.32 -23.40
CA ILE A 66 -51.21 -5.30 -22.63
C ILE A 66 -51.63 -3.99 -23.22
N GLY A 67 -51.56 -2.94 -22.44
CA GLY A 67 -52.05 -1.64 -22.86
C GLY A 67 -51.33 -0.90 -23.97
N LEU A 68 -51.13 -1.55 -25.14
CA LEU A 68 -50.49 -0.92 -26.29
C LEU A 68 -51.38 -0.97 -27.51
N HIS A 69 -51.60 0.20 -28.15
CA HIS A 69 -52.45 0.30 -29.32
C HIS A 69 -51.82 1.23 -30.37
N ARG A 70 -52.34 1.16 -31.60
CA ARG A 70 -51.98 2.02 -32.75
C ARG A 70 -53.26 2.50 -33.42
N GLU A 71 -53.22 3.67 -34.07
CA GLU A 71 -54.36 4.18 -34.85
C GLU A 71 -54.46 3.38 -36.19
N SER A 72 -53.30 3.04 -36.79
CA SER A 72 -53.13 2.25 -38.02
C SER A 72 -51.68 1.74 -38.07
N SER A 73 -51.36 0.90 -39.08
CA SER A 73 -50.01 0.32 -39.28
C SER A 73 -48.93 1.41 -39.45
N GLU A 74 -49.33 2.59 -40.01
CA GLU A 74 -48.47 3.76 -40.28
C GLU A 74 -48.45 4.75 -39.10
N HIS A 75 -49.16 4.45 -37.99
CA HIS A 75 -49.22 5.31 -36.80
C HIS A 75 -48.33 4.78 -35.67
N PRO A 76 -47.86 5.62 -34.70
CA PRO A 76 -47.02 5.08 -33.63
C PRO A 76 -47.81 4.35 -32.54
N TRP A 77 -47.14 3.40 -31.84
CA TRP A 77 -47.71 2.65 -30.73
C TRP A 77 -47.83 3.57 -29.50
N LYS A 78 -48.99 3.55 -28.84
CA LYS A 78 -49.27 4.39 -27.68
C LYS A 78 -49.79 3.59 -26.49
N TRP A 79 -49.40 3.99 -25.28
CA TRP A 79 -49.93 3.39 -24.06
C TRP A 79 -51.38 3.88 -23.90
N THR A 80 -52.10 3.42 -22.86
CA THR A 80 -53.49 3.83 -22.64
C THR A 80 -53.52 5.30 -22.16
N ASP A 81 -52.37 5.84 -21.68
CA ASP A 81 -52.17 7.25 -21.29
C ASP A 81 -52.17 8.15 -22.52
N ASN A 82 -51.91 7.54 -23.68
CA ASN A 82 -51.74 8.11 -25.02
C ASN A 82 -50.29 8.61 -25.19
N THR A 83 -49.40 8.20 -24.24
CA THR A 83 -47.97 8.47 -24.27
C THR A 83 -47.39 7.45 -25.24
N GLU A 84 -46.50 7.89 -26.13
CA GLU A 84 -45.89 7.01 -27.13
C GLU A 84 -44.97 5.94 -26.50
N TYR A 85 -44.94 4.74 -27.14
CA TYR A 85 -44.14 3.56 -26.73
C TYR A 85 -42.62 3.83 -26.93
N ASN A 86 -41.75 3.49 -25.93
CA ASN A 86 -40.30 3.72 -26.08
C ASN A 86 -39.67 2.80 -27.13
N ASN A 87 -40.44 1.83 -27.63
CA ASN A 87 -40.12 0.83 -28.65
C ASN A 87 -38.88 -0.01 -28.29
N THR A 88 -38.61 -0.24 -26.98
CA THR A 88 -37.50 -1.08 -26.49
C THR A 88 -37.63 -2.48 -27.05
N ILE A 89 -38.83 -3.05 -26.96
CA ILE A 89 -39.13 -4.37 -27.52
C ILE A 89 -40.07 -4.10 -28.69
N PRO A 90 -39.54 -4.11 -29.95
CA PRO A 90 -40.41 -3.84 -31.10
C PRO A 90 -41.46 -4.92 -31.23
N ILE A 91 -42.71 -4.45 -31.36
CA ILE A 91 -43.89 -5.29 -31.46
C ILE A 91 -43.91 -5.92 -32.84
N ARG A 92 -44.34 -7.20 -32.91
CA ARG A 92 -44.46 -8.05 -34.10
C ARG A 92 -45.83 -7.90 -34.77
N GLY A 93 -45.87 -8.11 -36.08
CA GLY A 93 -47.07 -8.01 -36.89
C GLY A 93 -47.36 -6.60 -37.37
N GLU A 94 -48.39 -6.45 -38.21
CA GLU A 94 -48.80 -5.15 -38.76
C GLU A 94 -50.21 -4.81 -38.29
N GLU A 95 -50.59 -5.25 -37.07
CA GLU A 95 -51.94 -5.00 -36.53
C GLU A 95 -51.94 -3.92 -35.44
N ARG A 96 -53.16 -3.40 -35.09
CA ARG A 96 -53.41 -2.24 -34.23
C ARG A 96 -53.45 -2.53 -32.70
N PHE A 97 -53.63 -3.78 -32.24
CA PHE A 97 -53.72 -4.03 -30.80
C PHE A 97 -52.71 -5.07 -30.31
N ALA A 98 -51.77 -4.64 -29.40
CA ALA A 98 -50.69 -5.48 -28.85
C ALA A 98 -51.10 -6.43 -27.74
N TYR A 99 -50.34 -7.51 -27.59
CA TYR A 99 -50.46 -8.57 -26.58
C TYR A 99 -49.13 -9.33 -26.48
N LEU A 100 -48.89 -10.00 -25.34
CA LEU A 100 -47.69 -10.81 -25.07
C LEU A 100 -47.86 -12.25 -25.51
N ASN A 101 -46.78 -12.80 -25.98
CA ASN A 101 -46.70 -14.18 -26.41
C ASN A 101 -45.30 -14.69 -26.08
N ASN A 102 -45.01 -15.93 -26.43
CA ASN A 102 -43.71 -16.47 -26.13
C ASN A 102 -42.61 -15.82 -26.96
N ASN A 103 -42.97 -15.17 -28.10
CA ASN A 103 -41.97 -14.50 -28.95
C ASN A 103 -41.65 -13.06 -28.51
N GLY A 104 -42.47 -12.52 -27.62
CA GLY A 104 -42.33 -11.15 -27.11
C GLY A 104 -43.68 -10.45 -27.13
N ILE A 105 -43.80 -9.37 -27.93
CA ILE A 105 -45.07 -8.68 -28.10
C ILE A 105 -45.48 -8.78 -29.57
N SER A 106 -46.69 -9.31 -29.86
CA SER A 106 -47.27 -9.35 -31.21
C SER A 106 -48.56 -8.48 -31.26
N SER A 107 -49.36 -8.57 -32.34
CA SER A 107 -50.54 -7.72 -32.56
C SER A 107 -51.62 -8.45 -33.33
N THR A 108 -52.91 -8.08 -33.07
CA THR A 108 -54.13 -8.59 -33.71
C THR A 108 -55.18 -7.51 -33.83
N ARG A 109 -56.25 -7.85 -34.55
CA ARG A 109 -57.41 -7.04 -34.86
C ARG A 109 -58.24 -6.74 -33.59
N ILE A 110 -59.14 -5.71 -33.66
CA ILE A 110 -60.01 -5.31 -32.54
C ILE A 110 -60.77 -6.55 -31.98
N TYR A 111 -61.63 -7.16 -32.82
CA TYR A 111 -62.50 -8.30 -32.52
C TYR A 111 -61.84 -9.57 -31.95
N SER A 112 -60.53 -9.78 -32.17
CA SER A 112 -59.86 -10.98 -31.69
C SER A 112 -59.94 -11.08 -30.15
N LEU A 113 -60.03 -12.34 -29.62
CA LEU A 113 -60.16 -12.66 -28.19
C LEU A 113 -58.86 -13.12 -27.66
N ARG A 114 -58.47 -12.59 -26.51
CA ARG A 114 -57.23 -12.95 -25.83
C ARG A 114 -57.42 -12.78 -24.30
N MET A 115 -56.52 -13.34 -23.50
CA MET A 115 -56.63 -13.08 -22.06
C MET A 115 -56.04 -11.68 -21.86
N TRP A 116 -56.05 -11.14 -20.62
CA TRP A 116 -55.50 -9.80 -20.42
C TRP A 116 -54.76 -9.63 -19.10
N ILE A 117 -53.99 -8.55 -19.05
CA ILE A 117 -53.28 -8.16 -17.86
C ILE A 117 -53.68 -6.72 -17.52
N CYS A 118 -54.12 -6.47 -16.28
CA CYS A 118 -54.33 -5.12 -15.77
C CYS A 118 -53.11 -4.76 -14.98
N SER A 119 -52.84 -3.48 -14.81
CA SER A 119 -51.71 -3.04 -13.99
C SER A 119 -52.05 -1.69 -13.37
N LYS A 120 -51.70 -1.50 -12.10
CA LYS A 120 -51.91 -0.23 -11.41
C LYS A 120 -50.83 -0.08 -10.35
N LEU A 121 -50.60 1.16 -9.87
CA LEU A 121 -49.69 1.41 -8.76
C LEU A 121 -50.37 0.99 -7.46
N ASN A 122 -49.62 0.35 -6.56
CA ASN A 122 -50.10 -0.01 -5.23
C ASN A 122 -50.15 1.34 -4.47
N ALA A 123 -51.37 1.91 -4.34
CA ALA A 123 -51.57 3.25 -3.78
C ALA A 123 -52.92 3.42 -3.06
N SER A 124 -53.01 4.43 -2.17
CA SER A 124 -54.24 4.72 -1.43
C SER A 124 -54.33 6.17 -1.20
N MET B 1 9.71 -0.52 4.54
CA MET B 1 10.90 -1.30 4.89
C MET B 1 12.12 -0.38 5.03
N ASN B 2 12.89 -0.55 6.14
CA ASN B 2 14.01 0.31 6.47
C ASN B 2 15.20 -0.43 7.10
N LYS B 3 15.28 -1.74 6.94
CA LYS B 3 16.41 -2.53 7.40
C LYS B 3 16.56 -3.75 6.52
N THR B 4 17.81 -4.17 6.24
CA THR B 4 18.12 -5.34 5.43
C THR B 4 18.87 -6.34 6.28
N TYR B 5 18.71 -7.64 5.99
CA TYR B 5 19.31 -8.74 6.73
C TYR B 5 19.92 -9.69 5.74
N ALA B 6 20.52 -10.82 6.22
CA ALA B 6 21.16 -11.75 5.34
C ALA B 6 20.73 -13.22 5.57
N ALA B 7 20.23 -13.59 6.77
CA ALA B 7 19.88 -15.00 7.06
C ALA B 7 21.11 -15.87 7.33
N CYS B 8 22.18 -15.80 6.52
CA CYS B 8 23.36 -16.65 6.66
C CYS B 8 24.65 -15.92 6.26
N PRO B 9 25.85 -16.37 6.74
CA PRO B 9 27.10 -15.77 6.27
C PRO B 9 27.32 -15.99 4.77
N GLN B 10 28.33 -15.32 4.19
CA GLN B 10 28.61 -15.41 2.76
C GLN B 10 28.98 -16.83 2.41
N ASN B 11 28.48 -17.33 1.25
CA ASN B 11 28.66 -18.67 0.64
C ASN B 11 27.77 -19.72 1.29
N TRP B 12 26.98 -19.31 2.29
CA TRP B 12 26.06 -20.21 2.96
C TRP B 12 24.65 -19.96 2.44
N ILE B 13 23.82 -21.00 2.46
CA ILE B 13 22.43 -20.97 2.04
C ILE B 13 21.54 -21.24 3.27
N GLY B 14 20.55 -20.37 3.43
CA GLY B 14 19.60 -20.42 4.53
C GLY B 14 18.32 -21.15 4.17
N VAL B 15 17.99 -22.13 5.01
CA VAL B 15 16.78 -22.95 4.89
C VAL B 15 16.14 -22.93 6.27
N GLU B 16 15.08 -22.11 6.42
CA GLU B 16 14.40 -21.86 7.68
C GLU B 16 15.43 -21.33 8.73
N ASN B 17 15.55 -21.98 9.90
CA ASN B 17 16.44 -21.57 10.98
C ASN B 17 17.91 -22.10 10.85
N LYS B 18 18.23 -22.85 9.76
CA LYS B 18 19.56 -23.45 9.55
C LYS B 18 20.33 -22.83 8.39
N CYS B 19 21.66 -23.03 8.39
CA CYS B 19 22.59 -22.56 7.36
C CYS B 19 23.34 -23.73 6.84
N PHE B 20 23.35 -23.93 5.53
CA PHE B 20 24.07 -25.04 4.92
C PHE B 20 25.12 -24.50 3.99
N TYR B 21 26.28 -25.19 3.93
CA TYR B 21 27.43 -24.87 3.08
C TYR B 21 27.74 -26.03 2.12
N PHE B 22 27.86 -25.72 0.82
CA PHE B 22 28.15 -26.70 -0.21
C PHE B 22 29.52 -26.40 -0.83
N SER B 23 30.47 -27.36 -0.69
CA SER B 23 31.85 -27.26 -1.13
C SER B 23 31.99 -27.06 -2.63
N GLU B 24 32.97 -26.27 -3.07
CA GLU B 24 33.21 -26.02 -4.49
C GLU B 24 34.08 -27.12 -5.13
N TYR B 25 34.72 -27.95 -4.29
CA TYR B 25 35.66 -29.00 -4.66
C TYR B 25 35.58 -30.21 -3.66
N PRO B 26 35.99 -31.43 -4.07
CA PRO B 26 35.90 -32.56 -3.15
C PRO B 26 37.12 -32.72 -2.25
N SER B 27 36.93 -33.48 -1.16
CA SER B 27 37.96 -33.79 -0.19
C SER B 27 37.60 -35.08 0.58
N ASN B 28 38.47 -35.54 1.47
CA ASN B 28 38.16 -36.69 2.32
C ASN B 28 37.26 -36.22 3.50
N TRP B 29 36.82 -37.18 4.36
CA TRP B 29 35.98 -36.92 5.53
C TRP B 29 36.67 -36.06 6.60
N THR B 30 37.95 -36.33 6.90
CA THR B 30 38.74 -35.67 7.92
C THR B 30 38.82 -34.16 7.67
N PHE B 31 39.22 -33.76 6.45
CA PHE B 31 39.34 -32.34 6.11
C PHE B 31 37.97 -31.68 6.11
N ALA B 32 36.95 -32.33 5.53
CA ALA B 32 35.59 -31.83 5.46
C ALA B 32 35.06 -31.49 6.87
N GLN B 33 35.21 -32.44 7.83
CA GLN B 33 34.77 -32.28 9.21
C GLN B 33 35.52 -31.12 9.88
N ALA B 34 36.82 -31.01 9.60
CA ALA B 34 37.69 -29.94 10.13
C ALA B 34 37.26 -28.59 9.59
N PHE B 35 36.88 -28.53 8.30
CA PHE B 35 36.45 -27.31 7.61
C PHE B 35 35.21 -26.75 8.28
N CYS B 36 34.17 -27.60 8.49
CA CYS B 36 32.91 -27.23 9.11
C CYS B 36 33.16 -26.70 10.53
N MET B 37 33.98 -27.42 11.33
CA MET B 37 34.28 -27.02 12.71
C MET B 37 34.90 -25.62 12.78
N ALA B 38 35.73 -25.25 11.78
CA ALA B 38 36.37 -23.95 11.69
C ALA B 38 35.38 -22.79 11.50
N GLN B 39 34.18 -23.10 10.95
CA GLN B 39 33.10 -22.14 10.70
C GLN B 39 32.04 -22.23 11.80
N GLU B 40 32.41 -22.87 12.95
CA GLU B 40 31.57 -23.11 14.13
C GLU B 40 30.32 -23.93 13.71
N ALA B 41 30.52 -24.86 12.77
CA ALA B 41 29.51 -25.76 12.21
C ALA B 41 29.95 -27.24 12.34
N GLN B 42 29.19 -28.14 11.74
CA GLN B 42 29.40 -29.58 11.73
C GLN B 42 29.02 -30.14 10.35
N LEU B 43 29.39 -31.41 10.04
CA LEU B 43 28.99 -31.96 8.75
C LEU B 43 27.46 -32.09 8.77
N ALA B 44 26.76 -31.58 7.71
CA ALA B 44 25.29 -31.45 7.56
C ALA B 44 24.47 -32.49 8.27
N ARG B 45 23.46 -31.97 8.92
CA ARG B 45 22.45 -32.71 9.64
C ARG B 45 21.08 -32.29 9.11
N PHE B 46 20.25 -33.27 8.74
CA PHE B 46 18.88 -33.01 8.32
C PHE B 46 17.96 -33.50 9.45
N ASP B 47 17.03 -32.63 9.88
CA ASP B 47 16.13 -32.96 11.00
C ASP B 47 14.72 -33.30 10.54
N ASN B 48 14.36 -32.89 9.32
CA ASN B 48 13.05 -33.18 8.75
C ASN B 48 13.19 -33.58 7.27
N GLN B 49 12.05 -33.89 6.60
CA GLN B 49 12.03 -34.27 5.19
C GLN B 49 12.35 -33.06 4.30
N ASP B 50 11.94 -31.85 4.74
CA ASP B 50 12.11 -30.56 4.06
C ASP B 50 13.59 -30.13 3.98
N GLU B 51 14.41 -30.56 4.97
CA GLU B 51 15.85 -30.31 5.05
C GLU B 51 16.57 -31.32 4.18
N LEU B 52 16.15 -32.59 4.24
CA LEU B 52 16.73 -33.63 3.40
C LEU B 52 16.47 -33.36 1.90
N ASN B 53 15.24 -32.91 1.55
CA ASN B 53 14.86 -32.59 0.18
C ASN B 53 15.72 -31.47 -0.37
N PHE B 54 15.98 -30.44 0.46
CA PHE B 54 16.81 -29.31 0.07
C PHE B 54 18.20 -29.81 -0.26
N LEU B 55 18.82 -30.61 0.66
CA LEU B 55 20.16 -31.16 0.50
C LEU B 55 20.27 -31.92 -0.79
N MET B 56 19.35 -32.85 -1.03
CA MET B 56 19.33 -33.70 -2.23
C MET B 56 19.19 -32.87 -3.50
N ARG B 57 18.39 -31.79 -3.46
CA ARG B 57 18.15 -30.93 -4.60
C ARG B 57 19.34 -30.01 -4.91
N TYR B 58 19.88 -29.34 -3.89
CA TYR B 58 20.96 -28.38 -4.11
C TYR B 58 22.31 -29.06 -4.28
N LYS B 59 22.51 -30.31 -3.77
CA LYS B 59 23.80 -31.01 -3.91
C LYS B 59 24.09 -31.32 -5.38
N ALA B 60 23.09 -31.17 -6.25
CA ALA B 60 23.12 -31.45 -7.68
C ALA B 60 23.52 -32.93 -7.92
N ASN B 61 24.48 -33.20 -8.81
CA ASN B 61 24.87 -34.59 -8.97
C ASN B 61 26.26 -34.82 -8.34
N PHE B 62 26.45 -34.27 -7.14
CA PHE B 62 27.69 -34.41 -6.41
C PHE B 62 27.50 -35.30 -5.21
N ASP B 63 28.23 -36.43 -5.16
CA ASP B 63 28.18 -37.32 -4.02
C ASP B 63 28.81 -36.52 -2.89
N SER B 64 27.98 -36.11 -1.90
CA SER B 64 28.42 -35.20 -0.83
C SER B 64 28.36 -35.78 0.59
N TRP B 65 29.47 -35.60 1.41
CA TRP B 65 29.60 -36.02 2.82
C TRP B 65 28.55 -35.36 3.70
N ILE B 66 28.10 -36.07 4.76
CA ILE B 66 27.09 -35.56 5.71
C ILE B 66 27.45 -36.08 7.13
N GLY B 67 26.93 -35.41 8.16
CA GLY B 67 27.13 -35.68 9.59
C GLY B 67 27.27 -37.11 10.09
N LEU B 68 26.54 -38.05 9.47
CA LEU B 68 26.48 -39.44 9.87
C LEU B 68 27.78 -40.25 9.75
N HIS B 69 28.05 -41.08 10.80
CA HIS B 69 29.19 -42.00 10.96
C HIS B 69 28.80 -43.18 11.88
N ARG B 70 29.53 -44.30 11.77
CA ARG B 70 29.32 -45.48 12.62
C ARG B 70 30.66 -46.09 13.00
N GLU B 71 30.73 -46.70 14.20
CA GLU B 71 31.96 -47.29 14.75
C GLU B 71 32.46 -48.46 13.90
N SER B 72 31.52 -49.28 13.39
CA SER B 72 31.75 -50.46 12.52
C SER B 72 30.45 -50.83 11.84
N SER B 73 30.48 -51.81 10.90
CA SER B 73 29.33 -52.30 10.16
C SER B 73 28.20 -52.83 11.09
N GLU B 74 28.60 -53.37 12.27
CA GLU B 74 27.70 -53.93 13.28
C GLU B 74 27.27 -52.88 14.35
N HIS B 75 27.70 -51.62 14.21
CA HIS B 75 27.37 -50.53 15.13
C HIS B 75 26.28 -49.58 14.56
N PRO B 76 25.51 -48.85 15.40
CA PRO B 76 24.48 -47.95 14.86
C PRO B 76 25.03 -46.65 14.29
N TRP B 77 24.30 -46.04 13.34
CA TRP B 77 24.63 -44.75 12.71
C TRP B 77 24.37 -43.61 13.69
N LYS B 78 25.36 -42.74 13.89
CA LYS B 78 25.25 -41.61 14.81
C LYS B 78 25.57 -40.29 14.10
N TRP B 79 25.03 -39.18 14.62
CA TRP B 79 25.32 -37.83 14.15
C TRP B 79 26.64 -37.37 14.78
N THR B 80 27.14 -36.18 14.44
CA THR B 80 28.39 -35.68 15.02
C THR B 80 28.16 -35.29 16.52
N ASP B 81 26.89 -35.13 16.94
CA ASP B 81 26.48 -34.87 18.33
C ASP B 81 26.67 -36.12 19.18
N ASN B 82 26.74 -37.29 18.49
CA ASN B 82 26.85 -38.68 18.97
C ASN B 82 25.43 -39.20 19.27
N THR B 83 24.38 -38.45 18.85
CA THR B 83 22.96 -38.83 18.96
C THR B 83 22.71 -39.82 17.83
N GLU B 84 22.00 -40.93 18.11
CA GLU B 84 21.76 -41.93 17.07
C GLU B 84 20.77 -41.44 16.00
N TYR B 85 21.02 -41.85 14.75
CA TYR B 85 20.23 -41.57 13.55
C TYR B 85 18.94 -42.38 13.62
N ASN B 86 17.79 -41.75 13.30
CA ASN B 86 16.47 -42.39 13.37
C ASN B 86 16.21 -43.47 12.29
N ASN B 87 17.17 -43.65 11.36
CA ASN B 87 17.18 -44.61 10.25
C ASN B 87 15.95 -44.52 9.32
N THR B 88 15.34 -43.31 9.21
CA THR B 88 14.19 -43.03 8.33
C THR B 88 14.54 -43.37 6.89
N ILE B 89 15.72 -42.85 6.43
CA ILE B 89 16.28 -43.12 5.11
C ILE B 89 17.49 -44.05 5.35
N PRO B 90 17.29 -45.37 5.11
CA PRO B 90 18.38 -46.34 5.37
C PRO B 90 19.60 -46.07 4.51
N ILE B 91 20.80 -46.23 5.09
CA ILE B 91 22.06 -45.98 4.39
C ILE B 91 22.56 -47.28 3.72
N ARG B 92 22.90 -47.16 2.42
CA ARG B 92 23.43 -48.23 1.56
C ARG B 92 24.91 -48.44 1.84
N GLY B 93 25.39 -49.65 1.61
CA GLY B 93 26.80 -49.99 1.83
C GLY B 93 27.09 -50.48 3.23
N GLU B 94 28.27 -51.11 3.39
CA GLU B 94 28.69 -51.66 4.67
C GLU B 94 29.95 -50.93 5.20
N GLU B 95 30.01 -49.59 4.99
CA GLU B 95 31.14 -48.77 5.43
C GLU B 95 30.74 -47.81 6.59
N ARG B 96 31.75 -47.10 7.16
CA ARG B 96 31.62 -46.29 8.39
C ARG B 96 31.24 -44.80 8.22
N PHE B 97 31.48 -44.17 7.05
CA PHE B 97 31.15 -42.74 6.89
C PHE B 97 30.14 -42.60 5.76
N ALA B 98 29.06 -41.81 5.99
CA ALA B 98 27.93 -41.62 5.08
C ALA B 98 28.05 -40.38 4.20
N TYR B 99 27.47 -40.46 2.98
CA TYR B 99 27.41 -39.40 1.97
C TYR B 99 26.11 -39.55 1.15
N LEU B 100 25.61 -38.42 0.64
CA LEU B 100 24.41 -38.35 -0.20
C LEU B 100 24.75 -38.63 -1.65
N ASN B 101 23.95 -39.45 -2.34
CA ASN B 101 24.10 -39.74 -3.76
C ASN B 101 22.74 -39.62 -4.44
N ASN B 102 22.62 -39.93 -5.74
CA ASN B 102 21.35 -39.80 -6.47
C ASN B 102 20.26 -40.79 -5.99
N ASN B 103 20.68 -41.94 -5.41
CA ASN B 103 19.78 -42.98 -4.91
C ASN B 103 19.28 -42.68 -3.47
N GLY B 104 20.00 -41.81 -2.75
CA GLY B 104 19.70 -41.46 -1.37
C GLY B 104 20.98 -41.36 -0.58
N ILE B 105 21.20 -42.23 0.41
CA ILE B 105 22.43 -42.16 1.22
C ILE B 105 23.24 -43.46 1.06
N SER B 106 24.55 -43.33 0.84
CA SER B 106 25.47 -44.47 0.68
C SER B 106 26.66 -44.31 1.67
N SER B 107 27.68 -45.18 1.57
CA SER B 107 28.82 -45.12 2.49
C SER B 107 30.12 -45.53 1.84
N THR B 108 31.24 -45.06 2.43
CA THR B 108 32.65 -45.35 2.05
C THR B 108 33.61 -45.09 3.23
N ARG B 109 34.91 -45.36 3.00
CA ARG B 109 36.00 -45.18 3.95
C ARG B 109 36.26 -43.67 4.18
N ILE B 110 36.96 -43.34 5.28
CA ILE B 110 37.36 -41.99 5.67
C ILE B 110 38.20 -41.32 4.56
N TYR B 111 39.00 -42.13 3.86
CA TYR B 111 39.97 -41.72 2.84
C TYR B 111 39.42 -41.43 1.41
N SER B 112 38.13 -41.61 1.14
CA SER B 112 37.63 -41.35 -0.23
C SER B 112 37.35 -39.86 -0.43
N LEU B 113 37.39 -39.36 -1.67
CA LEU B 113 37.11 -37.93 -1.95
C LEU B 113 35.68 -37.70 -2.29
N ARG B 114 35.03 -36.78 -1.61
CA ARG B 114 33.65 -36.40 -1.89
C ARG B 114 33.49 -34.90 -1.65
N MET B 115 32.45 -34.29 -2.26
CA MET B 115 32.05 -32.92 -1.97
C MET B 115 31.47 -32.98 -0.54
N TRP B 116 31.30 -31.83 0.13
CA TRP B 116 30.77 -31.93 1.49
C TRP B 116 29.68 -30.91 1.70
N ILE B 117 28.93 -31.09 2.80
CA ILE B 117 27.88 -30.18 3.21
C ILE B 117 28.03 -29.94 4.72
N CYS B 118 28.04 -28.64 5.15
CA CYS B 118 28.13 -28.16 6.54
C CYS B 118 26.77 -27.66 6.94
N SER B 119 26.45 -27.64 8.24
CA SER B 119 25.18 -27.13 8.77
C SER B 119 25.35 -26.60 10.18
N LYS B 120 24.67 -25.48 10.49
CA LYS B 120 24.65 -24.79 11.78
C LYS B 120 23.38 -23.94 11.86
N LEU B 121 23.01 -23.45 13.08
CA LEU B 121 21.79 -22.68 13.34
C LEU B 121 21.98 -21.18 13.10
N TYR C 5 21.47 -11.50 11.97
CA TYR C 5 20.83 -12.31 10.92
C TYR C 5 19.33 -12.40 11.12
N ALA C 6 18.60 -12.69 10.04
CA ALA C 6 17.16 -12.87 10.08
C ALA C 6 16.75 -13.87 9.02
N ALA C 7 16.25 -15.03 9.49
CA ALA C 7 15.77 -16.15 8.70
C ALA C 7 14.63 -15.76 7.77
N CYS C 8 14.70 -16.23 6.50
CA CYS C 8 13.63 -16.08 5.48
C CYS C 8 12.39 -16.82 5.97
N PRO C 9 11.18 -16.49 5.47
CA PRO C 9 9.99 -17.24 5.90
C PRO C 9 10.05 -18.73 5.47
N GLN C 10 9.13 -19.56 6.00
CA GLN C 10 9.02 -20.98 5.68
C GLN C 10 8.80 -21.14 4.17
N ASN C 11 9.44 -22.16 3.55
CA ASN C 11 9.42 -22.54 2.11
C ASN C 11 10.30 -21.63 1.26
N TRP C 12 10.95 -20.65 1.94
CA TRP C 12 11.90 -19.70 1.37
C TRP C 12 13.34 -20.11 1.72
N ILE C 13 14.23 -19.83 0.77
CA ILE C 13 15.68 -20.07 0.84
C ILE C 13 16.40 -18.72 0.84
N GLY C 14 17.30 -18.56 1.80
CA GLY C 14 18.11 -17.35 1.96
C GLY C 14 19.47 -17.44 1.29
N VAL C 15 19.76 -16.48 0.40
CA VAL C 15 21.04 -16.39 -0.32
C VAL C 15 21.47 -14.95 -0.17
N GLU C 16 22.44 -14.73 0.71
CA GLU C 16 22.97 -13.40 1.06
C GLU C 16 21.82 -12.52 1.53
N ASN C 17 21.63 -11.33 0.96
CA ASN C 17 20.57 -10.37 1.39
C ASN C 17 19.19 -10.60 0.73
N LYS C 18 19.01 -11.72 -0.02
CA LYS C 18 17.77 -12.04 -0.71
C LYS C 18 17.09 -13.30 -0.18
N CYS C 19 15.77 -13.39 -0.38
CA CYS C 19 14.90 -14.53 -0.04
C CYS C 19 14.31 -15.06 -1.32
N PHE C 20 14.46 -16.36 -1.58
CA PHE C 20 13.91 -16.95 -2.80
C PHE C 20 12.85 -18.02 -2.56
N TYR C 21 11.79 -18.00 -3.40
CA TYR C 21 10.71 -18.98 -3.33
C TYR C 21 10.69 -19.81 -4.58
N PHE C 22 10.69 -21.16 -4.45
CA PHE C 22 10.61 -22.08 -5.55
C PHE C 22 9.31 -22.86 -5.40
N SER C 23 8.29 -22.57 -6.27
CA SER C 23 6.94 -23.20 -6.27
C SER C 23 6.98 -24.71 -6.25
N GLU C 24 5.89 -25.31 -5.77
CA GLU C 24 5.78 -26.79 -5.71
C GLU C 24 4.93 -27.34 -6.89
N TYR C 25 4.26 -26.44 -7.64
CA TYR C 25 3.42 -26.78 -8.79
C TYR C 25 3.49 -25.66 -9.86
N PRO C 26 3.14 -25.91 -11.14
CA PRO C 26 3.20 -24.83 -12.13
C PRO C 26 1.91 -23.97 -12.19
N SER C 27 2.04 -22.73 -12.65
CA SER C 27 0.89 -21.85 -12.87
C SER C 27 1.16 -20.98 -14.07
N ASN C 28 0.22 -20.12 -14.49
CA ASN C 28 0.48 -19.22 -15.61
C ASN C 28 1.09 -17.93 -15.06
N TRP C 29 1.89 -17.22 -15.88
CA TRP C 29 2.60 -15.98 -15.51
C TRP C 29 1.79 -15.06 -14.55
N THR C 30 0.51 -14.85 -14.85
CA THR C 30 -0.37 -13.99 -14.08
C THR C 30 -0.53 -14.49 -12.64
N PHE C 31 -0.85 -15.78 -12.42
CA PHE C 31 -1.03 -16.28 -11.06
C PHE C 31 0.29 -16.25 -10.31
N ALA C 32 1.38 -16.65 -10.98
CA ALA C 32 2.72 -16.68 -10.41
C ALA C 32 3.11 -15.31 -9.87
N GLN C 33 2.95 -14.25 -10.69
CA GLN C 33 3.24 -12.86 -10.32
C GLN C 33 2.36 -12.44 -9.13
N ALA C 34 1.08 -12.85 -9.12
CA ALA C 34 0.12 -12.54 -8.04
C ALA C 34 0.51 -13.26 -6.73
N PHE C 35 1.04 -14.48 -6.83
CA PHE C 35 1.46 -15.25 -5.68
C PHE C 35 2.63 -14.56 -4.96
N CYS C 36 3.67 -14.14 -5.74
CA CYS C 36 4.84 -13.44 -5.24
C CYS C 36 4.44 -12.14 -4.56
N MET C 37 3.53 -11.35 -5.18
CA MET C 37 3.04 -10.07 -4.64
C MET C 37 2.39 -10.24 -3.27
N ALA C 38 1.71 -11.36 -3.04
CA ALA C 38 1.06 -11.72 -1.77
C ALA C 38 2.07 -11.89 -0.62
N GLN C 39 3.31 -12.27 -0.96
CA GLN C 39 4.40 -12.51 0.00
C GLN C 39 5.31 -11.29 0.07
N GLU C 40 4.85 -10.14 -0.44
CA GLU C 40 5.58 -8.85 -0.52
C GLU C 40 6.84 -9.02 -1.37
N ALA C 41 6.73 -9.85 -2.41
CA ALA C 41 7.81 -10.21 -3.33
C ALA C 41 7.40 -9.95 -4.79
N GLN C 42 8.30 -10.37 -5.72
CA GLN C 42 8.14 -10.25 -7.18
C GLN C 42 8.76 -11.48 -7.82
N LEU C 43 8.44 -11.78 -9.10
CA LEU C 43 9.09 -12.94 -9.75
C LEU C 43 10.62 -12.68 -9.78
N ALA C 44 11.39 -13.73 -9.52
CA ALA C 44 12.85 -13.70 -9.34
C ALA C 44 13.60 -12.83 -10.30
N ARG C 45 14.50 -12.05 -9.71
CA ARG C 45 15.42 -11.13 -10.34
C ARG C 45 16.82 -11.48 -9.89
N PHE C 46 17.76 -11.61 -10.83
CA PHE C 46 19.17 -11.85 -10.52
C PHE C 46 19.95 -10.58 -10.84
N ASP C 47 20.76 -10.11 -9.87
CA ASP C 47 21.53 -8.88 -10.04
C ASP C 47 23.00 -9.14 -10.29
N ASN C 48 23.49 -10.34 -9.91
CA ASN C 48 24.89 -10.71 -10.14
C ASN C 48 24.99 -12.15 -10.65
N GLN C 49 26.22 -12.65 -10.90
CA GLN C 49 26.45 -14.01 -11.38
C GLN C 49 26.15 -15.04 -10.28
N ASP C 50 26.40 -14.67 -9.02
CA ASP C 50 26.16 -15.54 -7.86
C ASP C 50 24.69 -15.85 -7.70
N GLU C 51 23.82 -14.82 -7.86
CA GLU C 51 22.36 -14.93 -7.78
C GLU C 51 21.84 -15.78 -8.92
N LEU C 52 22.36 -15.55 -10.16
CA LEU C 52 21.99 -16.36 -11.31
C LEU C 52 22.39 -17.82 -11.14
N ASN C 53 23.61 -18.08 -10.62
CA ASN C 53 24.12 -19.42 -10.37
C ASN C 53 23.23 -20.14 -9.40
N PHE C 54 22.81 -19.45 -8.31
CA PHE C 54 21.94 -20.06 -7.33
C PHE C 54 20.65 -20.52 -7.99
N LEU C 55 19.96 -19.58 -8.71
CA LEU C 55 18.70 -19.85 -9.41
C LEU C 55 18.83 -21.05 -10.36
N MET C 56 19.88 -20.99 -11.24
CA MET C 56 20.15 -22.02 -12.21
C MET C 56 20.41 -23.39 -11.56
N ARG C 57 21.07 -23.41 -10.39
CA ARG C 57 21.41 -24.63 -9.67
C ARG C 57 20.23 -25.21 -8.91
N TYR C 58 19.49 -24.38 -8.15
CA TYR C 58 18.41 -24.87 -7.32
C TYR C 58 17.15 -25.10 -8.09
N LYS C 59 16.95 -24.45 -9.27
CA LYS C 59 15.72 -24.68 -10.05
C LYS C 59 15.60 -26.14 -10.49
N ALA C 60 16.74 -26.90 -10.40
CA ALA C 60 16.86 -28.33 -10.73
C ALA C 60 16.50 -28.52 -12.20
N ASN C 61 15.56 -29.43 -12.51
CA ASN C 61 15.15 -29.68 -13.87
C ASN C 61 13.76 -29.09 -14.13
N PHE C 62 13.47 -27.92 -13.52
CA PHE C 62 12.14 -27.30 -13.67
C PHE C 62 12.21 -26.03 -14.45
N ASP C 63 11.54 -25.97 -15.60
CA ASP C 63 11.45 -24.73 -16.38
C ASP C 63 10.59 -23.78 -15.53
N SER C 64 11.26 -22.79 -14.87
CA SER C 64 10.68 -21.89 -13.88
C SER C 64 10.71 -20.43 -14.32
N TRP C 65 9.54 -19.75 -14.24
CA TRP C 65 9.24 -18.36 -14.58
C TRP C 65 10.13 -17.39 -13.85
N ILE C 66 10.56 -16.27 -14.48
CA ILE C 66 11.33 -15.24 -13.73
C ILE C 66 10.76 -13.86 -14.06
N GLY C 67 11.16 -12.84 -13.32
CA GLY C 67 10.60 -11.50 -13.48
C GLY C 67 10.86 -10.72 -14.76
N LEU C 68 11.09 -11.40 -15.90
CA LEU C 68 11.36 -10.75 -17.18
C LEU C 68 10.18 -10.85 -18.16
N HIS C 69 9.80 -9.71 -18.76
CA HIS C 69 8.69 -9.59 -19.72
C HIS C 69 9.01 -8.56 -20.82
N ARG C 70 8.35 -8.72 -21.96
CA ARG C 70 8.48 -7.84 -23.12
C ARG C 70 7.12 -7.41 -23.59
N GLU C 71 6.98 -6.20 -24.15
CA GLU C 71 5.68 -5.72 -24.67
C GLU C 71 5.32 -6.48 -25.98
N SER C 72 6.35 -6.73 -26.81
CA SER C 72 6.28 -7.46 -28.09
C SER C 72 7.69 -7.91 -28.48
N SER C 73 7.82 -8.72 -29.56
CA SER C 73 9.10 -9.21 -30.06
C SER C 73 10.03 -8.06 -30.49
N GLU C 74 9.46 -6.89 -30.88
CA GLU C 74 10.20 -5.68 -31.29
C GLU C 74 10.48 -4.71 -30.10
N HIS C 75 10.06 -5.09 -28.87
CA HIS C 75 10.25 -4.28 -27.65
C HIS C 75 11.39 -4.82 -26.78
N PRO C 76 12.07 -3.99 -25.94
CA PRO C 76 13.13 -4.53 -25.09
C PRO C 76 12.61 -5.30 -23.84
N TRP C 77 13.41 -6.26 -23.35
CA TRP C 77 13.09 -7.04 -22.15
C TRP C 77 13.21 -6.18 -20.91
N LYS C 78 12.21 -6.22 -20.01
CA LYS C 78 12.30 -5.43 -18.78
C LYS C 78 11.96 -6.27 -17.55
N TRP C 79 12.43 -5.84 -16.37
CA TRP C 79 12.13 -6.47 -15.08
C TRP C 79 10.74 -6.02 -14.61
N THR C 80 10.27 -6.53 -13.47
CA THR C 80 8.95 -6.13 -12.96
C THR C 80 9.00 -4.67 -12.44
N ASP C 81 10.19 -4.11 -12.18
CA ASP C 81 10.44 -2.71 -11.78
C ASP C 81 10.20 -1.79 -12.95
N ASN C 82 10.26 -2.37 -14.16
CA ASN C 82 10.17 -1.75 -15.49
C ASN C 82 11.56 -1.22 -15.90
N THR C 83 12.59 -1.66 -15.17
CA THR C 83 13.98 -1.38 -15.51
C THR C 83 14.34 -2.36 -16.63
N GLU C 84 15.02 -1.91 -17.69
CA GLU C 84 15.38 -2.79 -18.80
C GLU C 84 16.43 -3.82 -18.41
N TYR C 85 16.34 -4.97 -19.06
CA TYR C 85 17.28 -6.06 -18.90
C TYR C 85 18.65 -5.66 -19.55
N ASN C 86 19.79 -5.98 -18.88
CA ASN C 86 21.16 -5.67 -19.36
C ASN C 86 21.64 -6.57 -20.51
N ASN C 87 20.81 -7.57 -20.87
CA ASN C 87 20.97 -8.58 -21.92
C ASN C 87 22.29 -9.37 -21.82
N THR C 88 22.80 -9.58 -20.57
CA THR C 88 24.02 -10.38 -20.30
C THR C 88 23.82 -11.80 -20.82
N ILE C 89 22.68 -12.41 -20.48
CA ILE C 89 22.30 -13.74 -20.93
C ILE C 89 21.11 -13.50 -21.87
N PRO C 90 21.33 -13.50 -23.20
CA PRO C 90 20.21 -13.22 -24.13
C PRO C 90 19.14 -14.31 -24.02
N ILE C 91 17.87 -13.89 -24.07
CA ILE C 91 16.73 -14.78 -23.91
C ILE C 91 16.36 -15.43 -25.25
N ARG C 92 16.23 -16.78 -25.23
CA ARG C 92 15.89 -17.61 -26.38
C ARG C 92 14.41 -17.47 -26.72
N GLY C 93 14.06 -17.76 -27.98
CA GLY C 93 12.71 -17.69 -28.50
C GLY C 93 12.27 -16.31 -28.92
N GLU C 94 11.12 -16.20 -29.55
CA GLU C 94 10.61 -14.91 -29.99
C GLU C 94 9.28 -14.58 -29.28
N GLU C 95 9.07 -15.17 -28.09
CA GLU C 95 7.85 -14.92 -27.31
C GLU C 95 8.14 -13.83 -26.21
N ARG C 96 7.12 -13.39 -25.41
CA ARG C 96 7.29 -12.25 -24.48
C ARG C 96 7.40 -12.58 -22.96
N PHE C 97 7.36 -13.85 -22.54
CA PHE C 97 7.40 -14.16 -21.09
C PHE C 97 8.55 -15.11 -20.79
N ALA C 98 9.54 -14.64 -20.01
CA ALA C 98 10.78 -15.37 -19.75
C ALA C 98 10.77 -16.37 -18.59
N TYR C 99 11.51 -17.47 -18.76
CA TYR C 99 11.68 -18.48 -17.73
C TYR C 99 13.07 -19.10 -17.84
N LEU C 100 13.55 -19.73 -16.76
CA LEU C 100 14.84 -20.42 -16.74
C LEU C 100 14.69 -21.88 -17.17
N ASN C 101 15.59 -22.38 -18.02
CA ASN C 101 15.63 -23.77 -18.44
C ASN C 101 17.09 -24.23 -18.37
N ASN C 102 17.39 -25.48 -18.77
CA ASN C 102 18.77 -25.99 -18.68
C ASN C 102 19.73 -25.28 -19.65
N ASN C 103 19.21 -24.71 -20.74
CA ASN C 103 19.97 -23.99 -21.77
C ASN C 103 20.22 -22.52 -21.41
N GLY C 104 19.55 -22.03 -20.38
CA GLY C 104 19.65 -20.65 -19.94
C GLY C 104 18.29 -20.04 -19.73
N ILE C 105 17.93 -19.00 -20.51
CA ILE C 105 16.62 -18.35 -20.37
C ILE C 105 15.89 -18.45 -21.71
N SER C 106 14.60 -18.83 -21.65
CA SER C 106 13.69 -18.93 -22.81
C SER C 106 12.39 -18.13 -22.59
N SER C 107 11.57 -18.01 -23.67
CA SER C 107 10.33 -17.23 -23.69
C SER C 107 9.07 -18.07 -24.09
N THR C 108 7.86 -17.64 -23.62
CA THR C 108 6.51 -18.17 -23.93
C THR C 108 5.43 -17.10 -23.91
N ARG C 109 4.19 -17.55 -23.82
CA ARG C 109 2.96 -16.75 -23.77
C ARG C 109 2.45 -16.75 -22.35
N ILE C 110 1.68 -15.71 -21.98
CA ILE C 110 1.14 -15.51 -20.64
C ILE C 110 0.43 -16.77 -20.06
N TYR C 111 -0.24 -17.57 -20.92
CA TYR C 111 -1.08 -18.71 -20.55
C TYR C 111 -0.41 -20.06 -20.39
N SER C 112 0.86 -20.22 -20.80
CA SER C 112 1.50 -21.54 -20.65
C SER C 112 1.76 -21.81 -19.18
N LEU C 113 1.90 -23.09 -18.82
CA LEU C 113 2.16 -23.49 -17.44
C LEU C 113 3.63 -23.75 -17.19
N ARG C 114 4.23 -23.02 -16.22
CA ARG C 114 5.61 -23.26 -15.75
C ARG C 114 5.67 -23.16 -14.23
N MET C 115 6.72 -23.71 -13.64
CA MET C 115 6.99 -23.53 -12.23
C MET C 115 7.39 -22.04 -12.07
N TRP C 116 7.53 -21.53 -10.84
CA TRP C 116 7.97 -20.14 -10.70
C TRP C 116 8.93 -19.96 -9.54
N ILE C 117 9.60 -18.82 -9.56
CA ILE C 117 10.52 -18.35 -8.57
C ILE C 117 10.21 -16.91 -8.24
N CYS C 118 10.04 -16.61 -6.93
CA CYS C 118 9.90 -15.25 -6.38
C CYS C 118 11.21 -14.84 -5.81
N SER C 119 11.37 -13.53 -5.55
CA SER C 119 12.55 -13.00 -4.87
C SER C 119 12.26 -11.61 -4.33
N LYS C 120 12.60 -11.43 -3.07
CA LYS C 120 12.48 -10.18 -2.33
C LYS C 120 13.75 -10.00 -1.48
N LEU C 121 14.01 -8.77 -1.05
CA LEU C 121 15.13 -8.48 -0.17
C LEU C 121 14.78 -8.92 1.25
N ASN C 122 15.73 -9.49 1.98
CA ASN C 122 15.51 -9.85 3.38
C ASN C 122 15.51 -8.51 4.13
N ALA C 123 14.31 -8.05 4.49
CA ALA C 123 14.08 -6.74 5.05
C ALA C 123 12.88 -6.68 6.03
N SER C 124 12.83 -5.59 6.83
CA SER C 124 11.76 -5.25 7.77
C SER C 124 11.57 -3.75 7.81
N THR D 4 -39.62 11.93 -17.52
CA THR D 4 -38.89 13.10 -17.00
C THR D 4 -39.78 13.96 -16.06
N TYR D 5 -39.28 15.15 -15.65
CA TYR D 5 -39.97 16.05 -14.74
C TYR D 5 -41.31 16.50 -15.33
N ALA D 6 -42.37 16.36 -14.53
CA ALA D 6 -43.72 16.77 -14.90
C ALA D 6 -44.22 17.83 -13.91
N ALA D 7 -44.53 19.02 -14.42
CA ALA D 7 -44.98 20.18 -13.67
C ALA D 7 -46.35 19.98 -12.96
N CYS D 8 -46.46 20.50 -11.70
CA CYS D 8 -47.74 20.48 -10.94
C CYS D 8 -48.69 21.50 -11.59
N PRO D 9 -50.02 21.32 -11.47
CA PRO D 9 -50.94 22.33 -12.03
C PRO D 9 -50.78 23.71 -11.36
N GLN D 10 -51.46 24.74 -11.92
CA GLN D 10 -51.45 26.11 -11.42
C GLN D 10 -51.97 26.12 -9.97
N ASN D 11 -51.33 26.92 -9.09
CA ASN D 11 -51.61 27.13 -7.65
C ASN D 11 -51.15 25.99 -6.75
N TRP D 12 -50.53 24.97 -7.38
CA TRP D 12 -49.99 23.82 -6.68
C TRP D 12 -48.50 23.96 -6.62
N ILE D 13 -47.90 23.39 -5.54
CA ILE D 13 -46.46 23.41 -5.31
C ILE D 13 -45.97 21.98 -5.33
N GLY D 14 -44.90 21.74 -6.08
CA GLY D 14 -44.28 20.44 -6.29
C GLY D 14 -43.10 20.22 -5.39
N VAL D 15 -43.19 19.16 -4.55
CA VAL D 15 -42.17 18.72 -3.61
C VAL D 15 -41.97 17.25 -3.85
N GLU D 16 -40.87 16.91 -4.51
CA GLU D 16 -40.51 15.56 -4.91
C GLU D 16 -41.63 14.99 -5.82
N ASN D 17 -42.18 13.81 -5.50
CA ASN D 17 -43.21 13.17 -6.33
C ASN D 17 -44.66 13.60 -6.00
N LYS D 18 -44.84 14.64 -5.13
CA LYS D 18 -46.14 15.12 -4.66
C LYS D 18 -46.45 16.54 -5.10
N CYS D 19 -47.76 16.89 -5.19
CA CYS D 19 -48.30 18.21 -5.50
C CYS D 19 -49.20 18.67 -4.35
N PHE D 20 -48.82 19.79 -3.70
CA PHE D 20 -49.55 20.33 -2.54
C PHE D 20 -50.30 21.56 -2.88
N TYR D 21 -51.49 21.78 -2.27
CA TYR D 21 -52.28 22.99 -2.46
C TYR D 21 -52.63 23.64 -1.15
N PHE D 22 -52.34 24.93 -1.06
CA PHE D 22 -52.56 25.77 0.09
C PHE D 22 -53.71 26.73 -0.22
N SER D 23 -54.78 26.65 0.60
CA SER D 23 -56.00 27.40 0.39
C SER D 23 -55.81 28.89 0.55
N GLU D 24 -56.70 29.67 -0.10
CA GLU D 24 -56.70 31.12 -0.03
C GLU D 24 -57.70 31.63 1.05
N TYR D 25 -58.57 30.75 1.54
CA TYR D 25 -59.56 31.06 2.56
C TYR D 25 -59.86 29.85 3.49
N PRO D 26 -60.38 30.09 4.73
CA PRO D 26 -60.72 28.95 5.62
C PRO D 26 -62.15 28.41 5.40
N SER D 27 -62.41 27.21 5.93
CA SER D 27 -63.67 26.47 5.87
C SER D 27 -63.68 25.34 6.86
N ASN D 28 -64.81 24.62 6.94
CA ASN D 28 -64.92 23.46 7.81
C ASN D 28 -64.25 22.28 7.13
N TRP D 29 -63.86 21.31 7.94
CA TRP D 29 -63.22 20.10 7.48
C TRP D 29 -63.95 19.42 6.27
N THR D 30 -65.29 19.36 6.33
CA THR D 30 -66.14 18.73 5.29
C THR D 30 -65.97 19.42 3.92
N PHE D 31 -66.05 20.76 3.86
CA PHE D 31 -65.89 21.45 2.58
C PHE D 31 -64.44 21.28 2.08
N ALA D 32 -63.44 21.42 3.00
CA ALA D 32 -62.02 21.28 2.67
C ALA D 32 -61.75 19.91 1.99
N GLN D 33 -62.27 18.81 2.57
CA GLN D 33 -62.12 17.45 2.04
C GLN D 33 -62.78 17.34 0.66
N ALA D 34 -63.95 17.99 0.51
CA ALA D 34 -64.72 17.99 -0.76
C ALA D 34 -63.97 18.79 -1.85
N PHE D 35 -63.24 19.86 -1.45
CA PHE D 35 -62.52 20.71 -2.37
C PHE D 35 -61.37 19.93 -2.97
N CYS D 36 -60.59 19.23 -2.11
CA CYS D 36 -59.45 18.41 -2.52
C CYS D 36 -59.89 17.32 -3.47
N MET D 37 -61.01 16.62 -3.16
CA MET D 37 -61.54 15.55 -4.00
C MET D 37 -61.86 16.02 -5.41
N ALA D 38 -62.32 17.27 -5.56
CA ALA D 38 -62.62 17.92 -6.85
C ALA D 38 -61.36 18.11 -7.74
N GLN D 39 -60.19 18.18 -7.11
CA GLN D 39 -58.91 18.36 -7.79
C GLN D 39 -58.18 17.03 -7.92
N GLU D 40 -58.91 15.91 -7.75
CA GLU D 40 -58.40 14.53 -7.78
C GLU D 40 -57.32 14.34 -6.70
N ALA D 41 -57.51 14.99 -5.55
CA ALA D 41 -56.60 14.99 -4.41
C ALA D 41 -57.34 14.62 -3.13
N GLN D 42 -56.61 14.70 -2.00
CA GLN D 42 -57.09 14.40 -0.65
C GLN D 42 -56.50 15.45 0.33
N LEU D 43 -57.08 15.64 1.55
CA LEU D 43 -56.54 16.56 2.56
C LEU D 43 -55.11 16.06 2.88
N ALA D 44 -54.08 16.95 2.84
CA ALA D 44 -52.62 16.64 2.96
C ALA D 44 -52.26 15.51 3.86
N ARG D 45 -51.32 14.75 3.39
CA ARG D 45 -50.65 13.62 4.04
C ARG D 45 -49.13 13.82 3.92
N PHE D 46 -48.42 13.67 5.04
CA PHE D 46 -46.95 13.72 5.04
C PHE D 46 -46.45 12.29 5.33
N ASP D 47 -45.52 11.81 4.51
CA ASP D 47 -44.99 10.45 4.64
C ASP D 47 -43.56 10.43 5.18
N ASN D 48 -42.81 11.55 5.09
CA ASN D 48 -41.44 11.65 5.57
C ASN D 48 -41.21 12.99 6.23
N GLN D 49 -40.08 13.11 6.98
CA GLN D 49 -39.67 14.31 7.71
C GLN D 49 -39.61 15.51 6.75
N ASP D 50 -39.11 15.28 5.50
CA ASP D 50 -38.99 16.31 4.47
C ASP D 50 -40.35 16.88 4.09
N GLU D 51 -41.36 16.02 3.89
CA GLU D 51 -42.73 16.42 3.54
C GLU D 51 -43.36 17.22 4.69
N LEU D 52 -43.17 16.76 5.95
CA LEU D 52 -43.68 17.48 7.12
C LEU D 52 -43.01 18.86 7.28
N ASN D 53 -41.68 18.93 7.04
CA ASN D 53 -40.91 20.18 7.11
C ASN D 53 -41.42 21.17 6.10
N PHE D 54 -41.74 20.70 4.88
CA PHE D 54 -42.24 21.58 3.84
C PHE D 54 -43.55 22.18 4.28
N LEU D 55 -44.48 21.33 4.73
CA LEU D 55 -45.80 21.73 5.19
C LEU D 55 -45.70 22.75 6.30
N MET D 56 -44.90 22.49 7.35
CA MET D 56 -44.73 23.39 8.48
C MET D 56 -44.13 24.73 8.04
N ARG D 57 -43.19 24.71 7.07
CA ARG D 57 -42.56 25.92 6.55
C ARG D 57 -43.51 26.77 5.71
N TYR D 58 -44.22 26.16 4.74
CA TYR D 58 -45.04 26.91 3.81
C TYR D 58 -46.39 27.24 4.36
N LYS D 59 -46.85 26.58 5.41
CA LYS D 59 -48.15 26.89 6.00
C LYS D 59 -48.11 28.24 6.66
N ALA D 60 -46.91 28.82 6.85
CA ALA D 60 -46.66 30.16 7.40
C ALA D 60 -47.31 30.25 8.75
N ASN D 61 -48.14 31.27 9.01
CA ASN D 61 -48.83 31.43 10.29
C ASN D 61 -50.30 31.07 10.16
N PHE D 62 -50.62 30.13 9.29
CA PHE D 62 -51.98 29.70 9.03
C PHE D 62 -52.26 28.31 9.59
N ASP D 63 -53.21 28.22 10.55
CA ASP D 63 -53.63 26.95 11.11
C ASP D 63 -54.36 26.25 10.00
N SER D 64 -53.80 25.12 9.49
CA SER D 64 -54.30 24.45 8.30
C SER D 64 -54.73 22.99 8.52
N TRP D 65 -55.93 22.62 8.00
CA TRP D 65 -56.48 21.27 7.99
C TRP D 65 -55.57 20.30 7.24
N ILE D 66 -55.42 19.06 7.74
CA ILE D 66 -54.64 18.02 7.06
C ILE D 66 -55.56 16.77 7.03
N GLY D 67 -55.10 15.71 6.40
CA GLY D 67 -55.90 14.51 6.24
C GLY D 67 -56.05 13.60 7.44
N LEU D 68 -56.03 14.14 8.67
CA LEU D 68 -56.20 13.28 9.82
C LEU D 68 -57.57 13.47 10.40
N HIS D 69 -58.13 12.35 10.90
CA HIS D 69 -59.41 12.21 11.58
C HIS D 69 -59.30 11.05 12.62
N ARG D 70 -60.26 10.98 13.54
CA ARG D 70 -60.43 9.93 14.55
C ARG D 70 -61.89 9.97 14.97
N GLU D 71 -62.44 8.81 15.29
CA GLU D 71 -63.86 8.64 15.61
C GLU D 71 -64.27 9.35 16.92
N SER D 72 -63.36 9.35 17.93
CA SER D 72 -63.50 9.97 19.25
C SER D 72 -62.11 10.11 19.89
N SER D 73 -62.04 10.73 21.08
CA SER D 73 -60.82 10.93 21.88
C SER D 73 -60.11 9.60 22.20
N GLU D 74 -60.91 8.51 22.37
CA GLU D 74 -60.48 7.16 22.72
C GLU D 74 -60.19 6.30 21.49
N HIS D 75 -60.35 6.86 20.26
CA HIS D 75 -60.12 6.13 19.01
C HIS D 75 -58.79 6.53 18.37
N PRO D 76 -58.14 5.66 17.58
CA PRO D 76 -56.84 6.03 17.00
C PRO D 76 -56.96 6.98 15.80
N TRP D 77 -55.91 7.77 15.55
CA TRP D 77 -55.83 8.71 14.45
C TRP D 77 -55.62 7.95 13.14
N LYS D 78 -56.42 8.27 12.13
CA LYS D 78 -56.37 7.63 10.81
C LYS D 78 -56.23 8.68 9.70
N TRP D 79 -55.63 8.30 8.57
CA TRP D 79 -55.53 9.12 7.38
C TRP D 79 -56.86 9.01 6.60
N THR D 80 -56.99 9.75 5.48
CA THR D 80 -58.20 9.69 4.65
C THR D 80 -58.31 8.29 3.95
N ASP D 81 -57.20 7.53 3.86
CA ASP D 81 -57.10 6.17 3.31
C ASP D 81 -57.76 5.19 4.26
N ASN D 82 -57.87 5.61 5.55
CA ASN D 82 -58.36 4.88 6.73
C ASN D 82 -57.21 4.04 7.34
N THR D 83 -55.97 4.29 6.87
CA THR D 83 -54.74 3.70 7.40
C THR D 83 -54.42 4.46 8.66
N GLU D 84 -54.05 3.75 9.75
CA GLU D 84 -53.74 4.45 10.99
C GLU D 84 -52.39 5.19 10.89
N TYR D 85 -52.36 6.37 11.53
CA TYR D 85 -51.24 7.26 11.64
C TYR D 85 -50.16 6.63 12.52
N ASN D 86 -48.89 6.81 12.13
CA ASN D 86 -47.73 6.26 12.82
C ASN D 86 -47.43 6.95 14.17
N ASN D 87 -48.18 8.03 14.50
CA ASN D 87 -48.09 8.82 15.73
C ASN D 87 -46.67 9.38 16.01
N THR D 88 -45.83 9.61 14.96
CA THR D 88 -44.48 10.18 15.08
C THR D 88 -44.54 11.52 15.80
N ILE D 89 -45.44 12.42 15.34
CA ILE D 89 -45.68 13.72 15.96
C ILE D 89 -47.05 13.60 16.60
N PRO D 90 -47.12 13.36 17.94
CA PRO D 90 -48.44 13.23 18.58
C PRO D 90 -49.27 14.51 18.47
N ILE D 91 -50.56 14.33 18.20
CA ILE D 91 -51.58 15.35 18.04
C ILE D 91 -52.01 15.90 19.41
N ARG D 92 -52.01 17.24 19.55
CA ARG D 92 -52.44 17.94 20.75
C ARG D 92 -53.96 18.03 20.79
N GLY D 93 -54.53 18.13 21.99
CA GLY D 93 -55.97 18.27 22.16
C GLY D 93 -56.70 16.95 22.28
N GLU D 94 -57.96 17.03 22.68
CA GLU D 94 -58.81 15.86 22.88
C GLU D 94 -59.95 15.86 21.84
N GLU D 95 -59.70 16.41 20.61
CA GLU D 95 -60.71 16.50 19.56
C GLU D 95 -60.47 15.56 18.36
N ARG D 96 -61.46 15.47 17.44
CA ARG D 96 -61.53 14.51 16.32
C ARG D 96 -60.85 14.91 14.99
N PHE D 97 -60.58 16.19 14.72
CA PHE D 97 -59.99 16.56 13.42
C PHE D 97 -58.76 17.40 13.56
N ALA D 98 -57.67 16.95 12.92
CA ALA D 98 -56.37 17.54 13.02
C ALA D 98 -56.09 18.62 12.01
N TYR D 99 -55.28 19.58 12.45
CA TYR D 99 -54.76 20.71 11.70
C TYR D 99 -53.37 21.07 12.23
N LEU D 100 -52.51 21.61 11.32
CA LEU D 100 -51.15 22.07 11.59
C LEU D 100 -51.17 23.48 12.19
N ASN D 101 -50.40 23.69 13.26
CA ASN D 101 -50.24 25.02 13.86
C ASN D 101 -48.74 25.22 14.15
N ASN D 102 -48.36 26.34 14.81
CA ASN D 102 -46.96 26.61 15.10
C ASN D 102 -46.36 25.67 16.15
N ASN D 103 -47.21 25.05 16.99
CA ASN D 103 -46.79 24.11 18.03
C ASN D 103 -46.65 22.68 17.51
N GLY D 104 -47.12 22.42 16.29
CA GLY D 104 -47.12 21.09 15.66
C GLY D 104 -48.49 20.76 15.10
N ILE D 105 -49.09 19.69 15.58
CA ILE D 105 -50.44 19.31 15.12
C ILE D 105 -51.42 19.38 16.33
N SER D 106 -52.55 20.13 16.23
CA SER D 106 -53.55 20.13 17.32
C SER D 106 -54.89 19.61 16.75
N SER D 107 -55.95 19.63 17.55
CA SER D 107 -57.20 19.05 17.07
C SER D 107 -58.37 19.92 17.39
N THR D 108 -59.42 19.84 16.55
CA THR D 108 -60.63 20.62 16.72
C THR D 108 -61.86 19.87 16.14
N ARG D 109 -63.06 20.48 16.27
CA ARG D 109 -64.36 19.99 15.82
C ARG D 109 -64.56 20.20 14.32
N ILE D 110 -65.39 19.33 13.67
CA ILE D 110 -65.69 19.29 12.22
C ILE D 110 -66.17 20.67 11.66
N TYR D 111 -66.90 21.48 12.48
CA TYR D 111 -67.51 22.79 12.10
C TYR D 111 -66.59 24.02 12.29
N SER D 112 -65.39 23.79 12.86
CA SER D 112 -64.36 24.82 13.06
C SER D 112 -63.80 25.26 11.73
N LEU D 113 -63.52 26.55 11.57
CA LEU D 113 -62.95 27.06 10.34
C LEU D 113 -61.46 27.08 10.46
N ARG D 114 -60.75 26.34 9.60
CA ARG D 114 -59.29 26.35 9.51
C ARG D 114 -58.93 26.58 8.07
N MET D 115 -57.65 26.92 7.76
CA MET D 115 -57.22 27.00 6.36
C MET D 115 -57.01 25.55 5.96
N TRP D 116 -56.70 25.22 4.69
CA TRP D 116 -56.44 23.78 4.40
C TRP D 116 -55.28 23.56 3.41
N ILE D 117 -54.79 22.32 3.42
CA ILE D 117 -53.77 21.83 2.51
C ILE D 117 -54.25 20.50 1.83
N CYS D 118 -54.15 20.45 0.49
CA CYS D 118 -54.44 19.21 -0.23
C CYS D 118 -53.09 18.61 -0.55
N SER D 119 -53.09 17.46 -1.20
CA SER D 119 -51.91 16.75 -1.66
C SER D 119 -52.39 15.59 -2.47
N LYS D 120 -51.64 15.32 -3.56
CA LYS D 120 -51.82 14.24 -4.54
C LYS D 120 -50.45 13.92 -5.16
N LEU D 121 -50.34 12.72 -5.70
CA LEU D 121 -49.10 12.28 -6.35
C LEU D 121 -49.06 12.87 -7.74
N ASN D 122 -47.84 13.23 -8.17
CA ASN D 122 -47.61 13.76 -9.51
C ASN D 122 -47.60 12.53 -10.46
N ALA D 123 -48.65 11.69 -10.36
CA ALA D 123 -48.79 10.46 -11.12
C ALA D 123 -49.56 10.62 -12.46
N SER D 124 -49.27 9.69 -13.42
CA SER D 124 -49.87 9.55 -14.75
C SER D 124 -51.07 8.59 -14.69
N MET E 1 -54.82 10.00 -5.53
CA MET E 1 -53.87 9.15 -4.78
C MET E 1 -52.83 10.01 -4.10
N ASN E 2 -52.44 9.67 -2.85
CA ASN E 2 -51.41 10.47 -2.17
C ASN E 2 -50.42 9.60 -1.39
N LYS E 3 -50.51 8.27 -1.48
CA LYS E 3 -49.51 7.38 -0.90
C LYS E 3 -49.35 6.14 -1.78
N THR E 4 -48.11 5.63 -1.91
CA THR E 4 -47.78 4.42 -2.68
C THR E 4 -47.25 3.39 -1.70
N TYR E 5 -47.50 2.10 -1.98
CA TYR E 5 -47.06 0.98 -1.14
C TYR E 5 -46.30 -0.01 -1.96
N ALA E 6 -45.83 -1.11 -1.34
CA ALA E 6 -45.08 -2.12 -2.08
C ALA E 6 -45.54 -3.60 -1.84
N ALA E 7 -46.34 -3.88 -0.76
CA ALA E 7 -46.83 -5.23 -0.37
C ALA E 7 -45.69 -6.18 0.09
N CYS E 8 -44.59 -6.29 -0.65
CA CYS E 8 -43.49 -7.17 -0.28
C CYS E 8 -42.14 -6.49 -0.43
N PRO E 9 -41.09 -6.95 0.26
CA PRO E 9 -39.77 -6.35 0.02
C PRO E 9 -39.28 -6.63 -1.41
N GLN E 10 -38.18 -5.95 -1.79
CA GLN E 10 -37.54 -6.07 -3.10
C GLN E 10 -37.20 -7.55 -3.38
N ASN E 11 -37.43 -8.00 -4.63
CA ASN E 11 -37.20 -9.36 -5.19
C ASN E 11 -38.26 -10.38 -4.76
N TRP E 12 -39.19 -9.99 -3.88
CA TRP E 12 -40.26 -10.85 -3.42
C TRP E 12 -41.56 -10.50 -4.20
N ILE E 13 -42.52 -11.48 -4.27
CA ILE E 13 -43.81 -11.39 -4.97
C ILE E 13 -44.96 -11.46 -3.94
N GLY E 14 -45.96 -10.62 -4.11
CA GLY E 14 -47.08 -10.60 -3.18
C GLY E 14 -48.36 -11.21 -3.68
N VAL E 15 -48.91 -12.14 -2.91
CA VAL E 15 -50.18 -12.79 -3.19
C VAL E 15 -50.94 -12.73 -1.90
N GLU E 16 -51.93 -11.82 -1.85
CA GLU E 16 -52.75 -11.51 -0.68
C GLU E 16 -51.80 -11.13 0.49
N ASN E 17 -51.94 -11.82 1.66
CA ASN E 17 -51.17 -11.56 2.88
C ASN E 17 -49.78 -12.25 2.93
N LYS E 18 -49.36 -12.93 1.85
CA LYS E 18 -48.07 -13.64 1.81
C LYS E 18 -47.11 -13.05 0.81
N CYS E 19 -45.82 -13.25 1.07
CA CYS E 19 -44.71 -12.83 0.23
C CYS E 19 -43.93 -14.05 -0.20
N PHE E 20 -43.59 -14.14 -1.48
CA PHE E 20 -42.88 -15.28 -2.03
C PHE E 20 -41.58 -14.87 -2.67
N TYR E 21 -40.56 -15.72 -2.56
CA TYR E 21 -39.24 -15.48 -3.14
C TYR E 21 -38.88 -16.68 -3.96
N PHE E 22 -38.57 -16.49 -5.24
CA PHE E 22 -38.21 -17.58 -6.13
C PHE E 22 -36.75 -17.46 -6.46
N SER E 23 -35.98 -18.52 -6.15
CA SER E 23 -34.53 -18.59 -6.34
C SER E 23 -34.11 -18.21 -7.77
N GLU E 24 -32.81 -17.88 -7.93
CA GLU E 24 -32.24 -17.49 -9.21
C GLU E 24 -31.38 -18.64 -9.79
N TYR E 25 -30.88 -19.52 -8.90
CA TYR E 25 -30.00 -20.66 -9.19
C TYR E 25 -30.35 -21.83 -8.25
N PRO E 26 -30.01 -23.08 -8.58
CA PRO E 26 -30.39 -24.19 -7.70
C PRO E 26 -29.44 -24.40 -6.52
N SER E 27 -29.96 -25.04 -5.47
CA SER E 27 -29.21 -25.37 -4.28
C SER E 27 -29.79 -26.58 -3.64
N ASN E 28 -29.14 -27.13 -2.60
CA ASN E 28 -29.68 -28.28 -1.90
C ASN E 28 -30.54 -27.76 -0.81
N TRP E 29 -31.32 -28.63 -0.20
CA TRP E 29 -32.31 -28.31 0.83
C TRP E 29 -31.73 -27.50 2.01
N THR E 30 -30.56 -27.87 2.51
CA THR E 30 -29.92 -27.24 3.65
C THR E 30 -29.63 -25.76 3.39
N PHE E 31 -29.00 -25.41 2.25
CA PHE E 31 -28.68 -24.02 1.96
C PHE E 31 -29.95 -23.24 1.73
N ALA E 32 -30.87 -23.80 0.95
CA ALA E 32 -32.15 -23.20 0.63
C ALA E 32 -32.90 -22.80 1.93
N GLN E 33 -33.03 -23.74 2.89
CA GLN E 33 -33.70 -23.52 4.17
C GLN E 33 -33.00 -22.42 4.96
N ALA E 34 -31.64 -22.40 4.94
CA ALA E 34 -30.82 -21.41 5.63
C ALA E 34 -31.02 -20.04 5.05
N PHE E 35 -31.15 -19.94 3.72
CA PHE E 35 -31.36 -18.70 2.99
C PHE E 35 -32.68 -18.05 3.40
N CYS E 36 -33.79 -18.81 3.38
CA CYS E 36 -35.12 -18.36 3.76
C CYS E 36 -35.13 -17.87 5.22
N MET E 37 -34.56 -18.66 6.15
CA MET E 37 -34.52 -18.31 7.57
C MET E 37 -33.84 -16.98 7.81
N ALA E 38 -32.80 -16.66 7.03
CA ALA E 38 -32.05 -15.40 7.11
C ALA E 38 -32.90 -14.18 6.75
N GLN E 39 -33.95 -14.38 5.93
CA GLN E 39 -34.88 -13.33 5.47
C GLN E 39 -36.15 -13.34 6.32
N GLU E 40 -36.10 -13.99 7.50
CA GLU E 40 -37.21 -14.18 8.44
C GLU E 40 -38.39 -14.89 7.75
N ALA E 41 -38.03 -15.87 6.90
CA ALA E 41 -38.97 -16.67 6.12
C ALA E 41 -38.69 -18.16 6.32
N GLN E 42 -39.38 -18.99 5.54
CA GLN E 42 -39.30 -20.43 5.53
C GLN E 42 -39.45 -20.94 4.09
N LEU E 43 -39.13 -22.21 3.80
CA LEU E 43 -39.38 -22.74 2.47
C LEU E 43 -40.88 -22.77 2.29
N ALA E 44 -41.31 -22.21 1.15
CA ALA E 44 -42.67 -22.02 0.63
C ALA E 44 -43.69 -22.95 1.23
N ARG E 45 -44.74 -22.34 1.83
CA ARG E 45 -45.89 -23.05 2.36
C ARG E 45 -47.14 -22.60 1.63
N PHE E 46 -47.85 -23.53 1.01
CA PHE E 46 -49.10 -23.18 0.33
C PHE E 46 -50.23 -23.54 1.25
N ASP E 47 -51.02 -22.55 1.63
CA ASP E 47 -52.15 -22.77 2.53
C ASP E 47 -53.36 -23.28 1.72
N ASN E 48 -53.70 -22.55 0.66
CA ASN E 48 -54.86 -22.80 -0.18
C ASN E 48 -54.47 -23.19 -1.60
N GLN E 49 -55.47 -23.48 -2.44
CA GLN E 49 -55.32 -23.86 -3.84
C GLN E 49 -54.75 -22.68 -4.67
N ASP E 50 -55.18 -21.43 -4.36
CA ASP E 50 -54.74 -20.22 -5.05
C ASP E 50 -53.24 -20.03 -4.91
N GLU E 51 -52.70 -20.21 -3.67
CA GLU E 51 -51.28 -20.10 -3.34
C GLU E 51 -50.49 -21.17 -4.07
N LEU E 52 -50.99 -22.42 -4.08
CA LEU E 52 -50.34 -23.52 -4.81
C LEU E 52 -50.33 -23.27 -6.32
N ASN E 53 -51.42 -22.73 -6.89
CA ASN E 53 -51.53 -22.43 -8.32
C ASN E 53 -50.52 -21.42 -8.75
N PHE E 54 -50.38 -20.36 -7.98
CA PHE E 54 -49.41 -19.31 -8.23
C PHE E 54 -47.98 -19.94 -8.27
N LEU E 55 -47.59 -20.69 -7.21
CA LEU E 55 -46.26 -21.29 -7.09
C LEU E 55 -45.93 -22.07 -8.32
N MET E 56 -46.82 -23.06 -8.65
CA MET E 56 -46.72 -23.94 -9.82
C MET E 56 -46.55 -23.14 -11.12
N ARG E 57 -47.29 -22.03 -11.25
CA ARG E 57 -47.24 -21.17 -12.43
C ARG E 57 -45.97 -20.30 -12.55
N TYR E 58 -45.64 -19.50 -11.49
CA TYR E 58 -44.57 -18.53 -11.56
C TYR E 58 -43.18 -19.22 -11.62
N LYS E 59 -43.05 -20.44 -11.02
CA LYS E 59 -41.80 -21.24 -10.99
C LYS E 59 -41.36 -21.74 -12.39
N ALA E 60 -42.11 -21.42 -13.47
CA ALA E 60 -41.89 -21.88 -14.85
C ALA E 60 -41.91 -23.44 -14.88
N ASN E 61 -40.81 -24.02 -15.34
CA ASN E 61 -40.66 -25.45 -15.35
C ASN E 61 -39.41 -25.81 -14.56
N PHE E 62 -39.28 -25.22 -13.36
CA PHE E 62 -38.15 -25.49 -12.50
C PHE E 62 -38.57 -26.28 -11.29
N ASP E 63 -37.93 -27.44 -11.10
CA ASP E 63 -38.20 -28.28 -9.93
C ASP E 63 -37.73 -27.48 -8.73
N SER E 64 -38.71 -26.98 -7.93
CA SER E 64 -38.42 -26.06 -6.82
C SER E 64 -38.79 -26.58 -5.41
N TRP E 65 -37.88 -26.43 -4.43
CA TRP E 65 -38.07 -26.80 -3.03
C TRP E 65 -39.24 -26.08 -2.34
N ILE E 66 -40.01 -26.84 -1.57
CA ILE E 66 -41.09 -26.31 -0.76
C ILE E 66 -40.80 -26.83 0.66
N GLY E 67 -41.39 -26.21 1.68
CA GLY E 67 -41.17 -26.53 3.08
C GLY E 67 -41.75 -27.80 3.66
N LEU E 68 -41.92 -28.88 2.87
CA LEU E 68 -42.45 -30.14 3.36
C LEU E 68 -41.35 -31.17 3.49
N HIS E 69 -41.20 -31.74 4.71
CA HIS E 69 -40.21 -32.76 5.06
C HIS E 69 -40.86 -33.85 5.86
N ARG E 70 -40.27 -35.02 5.87
CA ARG E 70 -40.71 -36.15 6.68
C ARG E 70 -39.45 -36.81 7.25
N GLU E 71 -39.54 -37.36 8.49
CA GLU E 71 -38.42 -37.99 9.19
C GLU E 71 -37.89 -39.23 8.43
N SER E 72 -38.81 -39.97 7.79
CA SER E 72 -38.56 -41.18 6.99
C SER E 72 -39.80 -41.46 6.13
N SER E 73 -39.71 -42.45 5.21
CA SER E 73 -40.79 -42.85 4.31
C SER E 73 -42.05 -43.29 5.09
N GLU E 74 -41.87 -43.84 6.32
CA GLU E 74 -42.94 -44.32 7.21
C GLU E 74 -43.45 -43.21 8.19
N HIS E 75 -42.88 -41.99 8.10
CA HIS E 75 -43.26 -40.86 8.96
C HIS E 75 -44.18 -39.87 8.22
N PRO E 76 -45.03 -39.06 8.93
CA PRO E 76 -45.93 -38.14 8.21
C PRO E 76 -45.22 -36.89 7.69
N TRP E 77 -45.76 -36.29 6.62
CA TRP E 77 -45.24 -35.05 6.03
C TRP E 77 -45.57 -33.86 6.95
N LYS E 78 -44.55 -33.08 7.29
CA LYS E 78 -44.70 -31.91 8.17
C LYS E 78 -44.14 -30.67 7.51
N TRP E 79 -44.67 -29.49 7.89
CA TRP E 79 -44.16 -28.22 7.43
C TRP E 79 -42.92 -27.85 8.27
N THR E 80 -42.26 -26.73 7.98
CA THR E 80 -41.08 -26.29 8.73
C THR E 80 -41.51 -25.81 10.15
N ASP E 81 -42.83 -25.55 10.37
CA ASP E 81 -43.42 -25.20 11.67
C ASP E 81 -43.47 -26.43 12.59
N ASN E 82 -43.41 -27.61 11.94
CA ASN E 82 -43.52 -28.98 12.45
C ASN E 82 -45.00 -29.36 12.56
N THR E 83 -45.89 -28.53 11.94
CA THR E 83 -47.33 -28.79 11.82
C THR E 83 -47.50 -29.80 10.68
N GLU E 84 -48.35 -30.84 10.88
CA GLU E 84 -48.49 -31.86 9.84
C GLU E 84 -49.27 -31.32 8.63
N TYR E 85 -48.84 -31.77 7.43
CA TYR E 85 -49.40 -31.45 6.12
C TYR E 85 -50.78 -32.13 6.01
N ASN E 86 -51.79 -31.41 5.48
CA ASN E 86 -53.18 -31.91 5.35
C ASN E 86 -53.34 -33.02 4.26
N ASN E 87 -52.27 -33.32 3.50
CA ASN E 87 -52.15 -34.33 2.44
C ASN E 87 -53.19 -34.17 1.31
N THR E 88 -53.67 -32.92 1.07
CA THR E 88 -54.62 -32.59 -0.01
C THR E 88 -54.03 -33.01 -1.36
N ILE E 89 -52.77 -32.62 -1.61
CA ILE E 89 -52.03 -32.99 -2.81
C ILE E 89 -50.96 -34.00 -2.34
N PRO E 90 -51.20 -35.31 -2.56
CA PRO E 90 -50.22 -36.32 -2.11
C PRO E 90 -48.89 -36.16 -2.85
N ILE E 91 -47.78 -36.35 -2.12
CA ILE E 91 -46.43 -36.22 -2.65
C ILE E 91 -45.96 -37.55 -3.23
N ARG E 92 -45.42 -37.50 -4.45
CA ARG E 92 -44.89 -38.64 -5.22
C ARG E 92 -43.49 -39.00 -4.70
N GLY E 93 -43.08 -40.26 -4.88
CA GLY E 93 -41.79 -40.76 -4.45
C GLY E 93 -41.73 -41.20 -3.00
N GLU E 94 -40.63 -41.87 -2.62
CA GLU E 94 -40.45 -42.39 -1.26
C GLU E 94 -39.26 -41.70 -0.56
N GLU E 95 -39.05 -40.39 -0.84
CA GLU E 95 -37.96 -39.61 -0.25
C GLU E 95 -38.45 -38.61 0.84
N ARG E 96 -37.50 -38.03 1.61
CA ARG E 96 -37.74 -37.19 2.80
C ARG E 96 -37.97 -35.70 2.57
N PHE E 97 -37.63 -35.13 1.39
CA PHE E 97 -37.77 -33.68 1.13
C PHE E 97 -38.57 -33.40 -0.12
N ALA E 98 -39.66 -32.64 0.05
CA ALA E 98 -40.60 -32.35 -1.04
C ALA E 98 -40.12 -31.22 -1.91
N TYR E 99 -40.62 -31.21 -3.15
CA TYR E 99 -40.31 -30.20 -4.15
C TYR E 99 -41.38 -30.20 -5.25
N LEU E 100 -41.70 -29.03 -5.75
CA LEU E 100 -42.66 -28.89 -6.82
C LEU E 100 -42.06 -29.27 -8.18
N ASN E 101 -42.78 -30.07 -8.98
CA ASN E 101 -42.40 -30.39 -10.35
C ASN E 101 -43.61 -30.17 -11.27
N ASN E 102 -43.52 -30.49 -12.59
CA ASN E 102 -44.63 -30.30 -13.54
C ASN E 102 -45.85 -31.20 -13.24
N ASN E 103 -45.64 -32.35 -12.57
CA ASN E 103 -46.69 -33.31 -12.22
C ASN E 103 -47.40 -32.94 -10.91
N GLY E 104 -46.78 -32.09 -10.09
CA GLY E 104 -47.32 -31.71 -8.79
C GLY E 104 -46.20 -31.65 -7.77
N ILE E 105 -46.25 -32.50 -6.73
CA ILE E 105 -45.19 -32.52 -5.71
C ILE E 105 -44.51 -33.89 -5.73
N SER E 106 -43.15 -33.88 -5.74
CA SER E 106 -42.32 -35.07 -5.72
C SER E 106 -41.31 -35.02 -4.58
N SER E 107 -40.49 -36.09 -4.43
CA SER E 107 -39.56 -36.29 -3.32
C SER E 107 -38.13 -36.54 -3.76
N THR E 108 -37.14 -35.91 -3.05
CA THR E 108 -35.71 -36.22 -3.22
C THR E 108 -34.92 -36.09 -1.94
N ARG E 109 -33.63 -36.43 -2.09
CA ARG E 109 -32.49 -36.46 -1.17
C ARG E 109 -32.17 -35.03 -0.70
N ILE E 110 -31.71 -34.88 0.57
CA ILE E 110 -31.29 -33.60 1.14
C ILE E 110 -30.24 -32.93 0.22
N TYR E 111 -29.37 -33.74 -0.42
CA TYR E 111 -28.28 -33.27 -1.25
C TYR E 111 -28.65 -32.94 -2.70
N SER E 112 -29.89 -33.24 -3.16
CA SER E 112 -30.21 -32.95 -4.57
C SER E 112 -30.35 -31.47 -4.78
N LEU E 113 -29.90 -30.97 -5.96
CA LEU E 113 -29.95 -29.55 -6.28
C LEU E 113 -31.22 -29.20 -6.95
N ARG E 114 -31.86 -28.19 -6.40
CA ARG E 114 -33.13 -27.68 -6.88
C ARG E 114 -33.22 -26.19 -6.65
N MET E 115 -33.94 -25.48 -7.52
CA MET E 115 -34.35 -24.08 -7.34
C MET E 115 -35.26 -24.10 -6.08
N TRP E 116 -35.40 -22.97 -5.35
CA TRP E 116 -36.22 -23.00 -4.14
C TRP E 116 -37.31 -21.86 -4.09
N ILE E 117 -38.24 -21.98 -3.13
CA ILE E 117 -39.25 -20.98 -2.89
C ILE E 117 -39.25 -20.67 -1.38
N CYS E 118 -39.02 -19.38 -0.98
CA CYS E 118 -39.12 -18.87 0.40
C CYS E 118 -40.46 -18.20 0.52
N SER E 119 -41.13 -18.32 1.67
CA SER E 119 -42.42 -17.70 1.92
C SER E 119 -42.50 -17.20 3.34
N LYS E 120 -43.16 -16.06 3.53
CA LYS E 120 -43.39 -15.40 4.81
C LYS E 120 -44.64 -14.51 4.73
N LEU E 121 -45.23 -14.23 5.90
CA LEU E 121 -46.41 -13.39 5.98
C LEU E 121 -45.98 -11.94 5.85
N ASN E 122 -46.81 -11.15 5.16
CA ASN E 122 -46.61 -9.72 5.01
C ASN E 122 -47.03 -9.03 6.31
N MET F 1 -53.13 4.09 -10.42
CA MET F 1 -52.54 5.01 -11.41
C MET F 1 -51.59 4.24 -12.36
N ASN F 2 -50.35 4.72 -12.59
CA ASN F 2 -49.45 4.07 -13.52
C ASN F 2 -47.97 4.24 -13.22
N LYS F 3 -47.55 5.47 -12.92
CA LYS F 3 -46.20 5.91 -12.60
C LYS F 3 -46.29 7.27 -11.96
N THR F 4 -45.29 7.68 -11.15
CA THR F 4 -45.30 9.01 -10.52
C THR F 4 -44.10 9.78 -11.02
N TYR F 5 -44.24 11.10 -11.09
CA TYR F 5 -43.22 11.98 -11.59
C TYR F 5 -42.85 13.05 -10.55
N ALA F 6 -41.76 13.74 -10.80
CA ALA F 6 -41.23 14.80 -9.98
C ALA F 6 -41.32 16.07 -10.77
N ALA F 7 -41.56 17.18 -10.09
CA ALA F 7 -41.67 18.41 -10.84
C ALA F 7 -40.29 19.00 -11.01
N CYS F 8 -39.45 18.73 -10.03
CA CYS F 8 -38.14 19.33 -9.89
C CYS F 8 -37.14 18.34 -9.33
N PRO F 9 -35.80 18.64 -9.44
CA PRO F 9 -34.80 17.75 -8.84
C PRO F 9 -34.92 17.71 -7.30
N GLN F 10 -34.20 16.79 -6.64
CA GLN F 10 -34.20 16.68 -5.19
C GLN F 10 -33.69 17.98 -4.58
N ASN F 11 -34.37 18.48 -3.51
CA ASN F 11 -34.13 19.71 -2.75
C ASN F 11 -34.64 20.97 -3.44
N TRP F 12 -35.26 20.84 -4.63
CA TRP F 12 -35.88 21.98 -5.35
C TRP F 12 -37.40 21.93 -5.23
N ILE F 13 -38.02 23.10 -5.18
CA ILE F 13 -39.47 23.27 -5.05
C ILE F 13 -40.05 23.77 -6.37
N GLY F 14 -41.13 23.14 -6.80
CA GLY F 14 -41.81 23.39 -8.06
C GLY F 14 -43.01 24.29 -7.93
N VAL F 15 -43.01 25.37 -8.71
CA VAL F 15 -44.10 26.35 -8.77
C VAL F 15 -44.36 26.57 -10.27
N GLU F 16 -45.44 25.96 -10.78
CA GLU F 16 -45.81 25.94 -12.18
C GLU F 16 -44.64 25.32 -13.03
N ASN F 17 -44.13 26.03 -14.05
CA ASN F 17 -43.06 25.58 -14.96
C ASN F 17 -41.63 25.88 -14.42
N LYS F 18 -41.50 26.39 -13.18
CA LYS F 18 -40.21 26.74 -12.59
C LYS F 18 -39.86 25.93 -11.39
N CYS F 19 -38.56 25.85 -11.10
CA CYS F 19 -37.97 25.16 -9.98
C CYS F 19 -37.21 26.18 -9.15
N PHE F 20 -37.32 26.12 -7.81
CA PHE F 20 -36.62 27.07 -6.97
C PHE F 20 -35.86 26.38 -5.88
N TYR F 21 -34.64 26.82 -5.61
CA TYR F 21 -33.85 26.22 -4.54
C TYR F 21 -33.61 27.26 -3.46
N PHE F 22 -33.87 26.89 -2.18
CA PHE F 22 -33.66 27.76 -1.02
C PHE F 22 -32.49 27.20 -0.21
N SER F 23 -31.42 28.01 -0.04
CA SER F 23 -30.23 27.66 0.71
C SER F 23 -30.51 27.29 2.16
N GLU F 24 -29.64 26.52 2.79
CA GLU F 24 -29.84 26.12 4.21
C GLU F 24 -28.97 26.96 5.17
N TYR F 25 -28.08 27.81 4.59
CA TYR F 25 -27.12 28.66 5.31
C TYR F 25 -26.83 29.95 4.48
N PRO F 26 -26.35 31.06 5.11
CA PRO F 26 -26.04 32.27 4.34
C PRO F 26 -24.66 32.25 3.67
N SER F 27 -24.50 33.05 2.59
CA SER F 27 -23.25 33.18 1.85
C SER F 27 -23.28 34.45 1.08
N ASN F 28 -22.12 34.99 0.63
CA ASN F 28 -22.07 36.23 -0.17
C ASN F 28 -22.66 35.99 -1.58
N TRP F 29 -22.86 37.08 -2.31
CA TRP F 29 -23.43 37.07 -3.67
C TRP F 29 -22.62 36.22 -4.64
N THR F 30 -21.29 36.29 -4.58
CA THR F 30 -20.42 35.55 -5.49
C THR F 30 -20.62 34.06 -5.39
N PHE F 31 -20.54 33.49 -4.17
CA PHE F 31 -20.74 32.05 -4.01
C PHE F 31 -22.18 31.66 -4.36
N ALA F 32 -23.16 32.43 -3.87
CA ALA F 32 -24.58 32.14 -4.13
C ALA F 32 -24.86 32.04 -5.66
N GLN F 33 -24.36 33.00 -6.44
CA GLN F 33 -24.51 33.03 -7.89
C GLN F 33 -23.80 31.82 -8.53
N ALA F 34 -22.59 31.48 -8.02
CA ALA F 34 -21.78 30.36 -8.54
C ALA F 34 -22.47 29.08 -8.32
N PHE F 35 -23.09 28.93 -7.14
CA PHE F 35 -23.80 27.74 -6.78
C PHE F 35 -24.93 27.45 -7.75
N CYS F 36 -25.83 28.41 -7.94
CA CYS F 36 -26.95 28.33 -8.87
C CYS F 36 -26.48 27.97 -10.30
N MET F 37 -25.44 28.66 -10.81
CA MET F 37 -24.93 28.43 -12.15
C MET F 37 -24.47 27.00 -12.35
N ALA F 38 -23.90 26.38 -11.32
CA ALA F 38 -23.40 24.99 -11.36
C ALA F 38 -24.54 23.98 -11.53
N GLN F 39 -25.76 24.37 -11.11
CA GLN F 39 -26.98 23.56 -11.18
C GLN F 39 -27.81 23.95 -12.41
N GLU F 40 -27.16 24.64 -13.39
CA GLU F 40 -27.77 25.15 -14.63
C GLU F 40 -28.97 26.08 -14.30
N ALA F 41 -28.80 26.87 -13.24
CA ALA F 41 -29.79 27.81 -12.73
C ALA F 41 -29.18 29.22 -12.56
N GLN F 42 -29.94 30.15 -11.97
CA GLN F 42 -29.55 31.55 -11.67
C GLN F 42 -30.11 31.93 -10.28
N LEU F 43 -29.63 33.05 -9.64
CA LEU F 43 -30.21 33.54 -8.37
C LEU F 43 -31.69 33.90 -8.67
N ALA F 44 -32.66 33.37 -7.94
CA ALA F 44 -34.10 33.53 -8.28
C ALA F 44 -34.48 34.73 -9.15
N ARG F 45 -35.42 34.47 -10.06
CA ARG F 45 -36.11 35.42 -10.91
C ARG F 45 -37.61 35.18 -10.77
N PHE F 46 -38.37 36.22 -10.45
CA PHE F 46 -39.83 36.13 -10.37
C PHE F 46 -40.41 36.87 -11.58
N ASP F 47 -41.33 36.21 -12.30
CA ASP F 47 -41.90 36.78 -13.52
C ASP F 47 -43.31 37.27 -13.32
N ASN F 48 -43.98 36.80 -12.28
CA ASN F 48 -45.34 37.23 -11.96
C ASN F 48 -45.48 37.45 -10.46
N GLN F 49 -46.67 37.91 -10.02
CA GLN F 49 -46.97 38.15 -8.62
C GLN F 49 -47.02 36.84 -7.82
N ASP F 50 -47.50 35.74 -8.46
CA ASP F 50 -47.61 34.43 -7.83
C ASP F 50 -46.24 33.90 -7.45
N GLU F 51 -45.24 34.02 -8.37
CA GLU F 51 -43.84 33.59 -8.16
C GLU F 51 -43.24 34.40 -7.04
N LEU F 52 -43.44 35.75 -7.03
CA LEU F 52 -42.93 36.61 -5.97
C LEU F 52 -43.55 36.27 -4.61
N ASN F 53 -44.88 36.01 -4.57
CA ASN F 53 -45.59 35.66 -3.35
C ASN F 53 -45.05 34.39 -2.77
N PHE F 54 -44.77 33.39 -3.63
CA PHE F 54 -44.22 32.11 -3.19
C PHE F 54 -42.89 32.36 -2.52
N LEU F 55 -41.97 33.09 -3.22
CA LEU F 55 -40.61 33.42 -2.73
C LEU F 55 -40.70 34.09 -1.37
N MET F 56 -41.51 35.16 -1.24
CA MET F 56 -41.69 35.89 0.01
C MET F 56 -42.22 35.00 1.13
N ARG F 57 -43.16 34.10 0.83
CA ARG F 57 -43.76 33.19 1.80
C ARG F 57 -42.81 32.07 2.25
N TYR F 58 -42.16 31.38 1.30
CA TYR F 58 -41.31 30.27 1.63
C TYR F 58 -39.93 30.72 2.15
N LYS F 59 -39.44 31.96 1.79
CA LYS F 59 -38.11 32.43 2.26
C LYS F 59 -38.07 32.60 3.78
N ALA F 60 -39.25 32.52 4.41
CA ALA F 60 -39.51 32.66 5.84
C ALA F 60 -39.02 34.04 6.30
N ASN F 61 -38.24 34.14 7.38
CA ASN F 61 -37.73 35.43 7.80
C ASN F 61 -36.24 35.52 7.51
N PHE F 62 -35.84 35.01 6.34
CA PHE F 62 -34.45 35.04 5.92
C PHE F 62 -34.23 35.99 4.81
N ASP F 63 -33.39 36.99 5.05
CA ASP F 63 -33.02 37.92 4.03
C ASP F 63 -32.20 37.06 3.06
N SER F 64 -32.68 36.95 1.77
CA SER F 64 -32.21 36.05 0.67
C SER F 64 -31.82 36.72 -0.65
N TRP F 65 -30.72 36.26 -1.29
CA TRP F 65 -30.27 36.81 -2.60
C TRP F 65 -31.18 36.36 -3.74
N ILE F 66 -31.61 37.30 -4.56
CA ILE F 66 -32.33 37.05 -5.79
C ILE F 66 -31.40 37.62 -6.91
N GLY F 67 -31.70 37.29 -8.16
CA GLY F 67 -30.90 37.63 -9.34
C GLY F 67 -31.00 39.00 -9.95
N LEU F 68 -31.23 40.01 -9.13
CA LEU F 68 -31.25 41.41 -9.59
C LEU F 68 -29.95 42.07 -9.16
N HIS F 69 -29.34 42.83 -10.05
CA HIS F 69 -28.10 43.58 -9.84
C HIS F 69 -28.10 44.89 -10.64
N ARG F 70 -27.27 45.85 -10.22
CA ARG F 70 -27.13 47.11 -10.93
C ARG F 70 -25.66 47.53 -10.93
N GLU F 71 -25.21 48.22 -12.01
CA GLU F 71 -23.81 48.65 -12.21
C GLU F 71 -23.36 49.66 -11.13
N SER F 72 -24.29 50.58 -10.76
CA SER F 72 -24.14 51.61 -9.72
C SER F 72 -25.53 52.10 -9.30
N SER F 73 -25.60 52.98 -8.28
CA SER F 73 -26.85 53.57 -7.77
C SER F 73 -27.63 54.34 -8.85
N GLU F 74 -26.91 54.92 -9.84
CA GLU F 74 -27.47 55.69 -10.95
C GLU F 74 -27.77 54.81 -12.19
N HIS F 75 -27.51 53.50 -12.11
CA HIS F 75 -27.74 52.54 -13.20
C HIS F 75 -29.04 51.74 -13.00
N PRO F 76 -29.70 51.23 -14.08
CA PRO F 76 -30.96 50.48 -13.88
C PRO F 76 -30.74 49.07 -13.35
N TRP F 77 -31.75 48.53 -12.65
CA TRP F 77 -31.74 47.17 -12.11
C TRP F 77 -31.96 46.18 -13.25
N LYS F 78 -31.08 45.18 -13.33
CA LYS F 78 -31.15 44.16 -14.37
C LYS F 78 -31.15 42.77 -13.77
N TRP F 79 -31.72 41.82 -14.52
CA TRP F 79 -31.70 40.41 -14.15
C TRP F 79 -30.35 39.83 -14.58
N THR F 80 -30.07 38.55 -14.27
CA THR F 80 -28.80 37.93 -14.67
C THR F 80 -28.77 37.74 -16.23
N ASP F 81 -29.94 37.81 -16.90
CA ASP F 81 -30.10 37.75 -18.37
C ASP F 81 -29.58 39.03 -19.01
N ASN F 82 -29.51 40.09 -18.19
CA ASN F 82 -29.16 41.48 -18.46
C ASN F 82 -30.40 42.24 -18.96
N THR F 83 -31.59 41.60 -18.84
CA THR F 83 -32.90 42.20 -19.16
C THR F 83 -33.26 43.11 -17.99
N GLU F 84 -33.76 44.32 -18.26
CA GLU F 84 -34.08 45.24 -17.17
C GLU F 84 -35.33 44.81 -16.40
N TYR F 85 -35.30 45.03 -15.08
CA TYR F 85 -36.40 44.76 -14.14
C TYR F 85 -37.55 45.73 -14.47
N ASN F 86 -38.80 45.26 -14.30
CA ASN F 86 -39.99 46.05 -14.59
C ASN F 86 -40.33 47.09 -13.49
N ASN F 87 -39.58 47.07 -12.36
CA ASN F 87 -39.68 47.96 -11.19
C ASN F 87 -41.09 48.01 -10.54
N THR F 88 -41.90 46.93 -10.70
CA THR F 88 -43.23 46.78 -10.07
C THR F 88 -43.10 46.93 -8.55
N ILE F 89 -42.11 46.21 -7.97
CA ILE F 89 -41.79 46.25 -6.55
C ILE F 89 -40.44 46.99 -6.46
N PRO F 90 -40.49 48.29 -6.09
CA PRO F 90 -39.25 49.07 -5.98
C PRO F 90 -38.28 48.49 -4.96
N ILE F 91 -36.97 48.57 -5.27
CA ILE F 91 -35.92 48.05 -4.39
C ILE F 91 -35.41 49.18 -3.47
N ARG F 92 -35.39 48.91 -2.16
CA ARG F 92 -34.91 49.83 -1.13
C ARG F 92 -33.37 49.83 -1.09
N GLY F 93 -32.81 50.93 -0.60
CA GLY F 93 -31.36 51.09 -0.46
C GLY F 93 -30.69 51.65 -1.70
N GLU F 94 -29.41 52.03 -1.55
CA GLU F 94 -28.62 52.61 -2.62
C GLU F 94 -27.43 51.71 -2.99
N GLU F 95 -27.63 50.38 -2.90
CA GLU F 95 -26.60 49.39 -3.21
C GLU F 95 -26.89 48.60 -4.51
N ARG F 96 -25.89 47.82 -4.97
CA ARG F 96 -25.86 47.15 -6.26
C ARG F 96 -26.47 45.74 -6.30
N PHE F 97 -26.69 45.05 -5.16
CA PHE F 97 -27.20 43.66 -5.20
C PHE F 97 -28.46 43.49 -4.39
N ALA F 98 -29.50 42.95 -5.03
CA ALA F 98 -30.81 42.80 -4.44
C ALA F 98 -30.97 41.51 -3.66
N TYR F 99 -31.77 41.60 -2.60
CA TYR F 99 -32.20 40.51 -1.73
C TYR F 99 -33.67 40.76 -1.29
N LEU F 100 -34.32 39.68 -0.87
CA LEU F 100 -35.67 39.78 -0.37
C LEU F 100 -35.58 39.90 1.12
N ASN F 101 -36.38 40.81 1.72
CA ASN F 101 -36.49 40.95 3.17
C ASN F 101 -37.97 40.92 3.52
N ASN F 102 -38.32 41.07 4.82
CA ASN F 102 -39.71 41.00 5.28
C ASN F 102 -40.57 42.13 4.75
N ASN F 103 -39.99 43.27 4.37
CA ASN F 103 -40.72 44.42 3.85
C ASN F 103 -40.95 44.32 2.34
N GLY F 104 -40.10 43.58 1.65
CA GLY F 104 -40.12 43.46 0.20
C GLY F 104 -38.71 43.27 -0.36
N ILE F 105 -38.20 44.19 -1.19
CA ILE F 105 -36.86 44.03 -1.77
C ILE F 105 -35.93 45.13 -1.27
N SER F 106 -34.70 44.75 -0.78
CA SER F 106 -33.66 45.69 -0.33
C SER F 106 -32.32 45.41 -1.06
N SER F 107 -31.28 46.24 -0.80
CA SER F 107 -29.98 46.09 -1.49
C SER F 107 -28.78 46.22 -0.54
N THR F 108 -27.68 45.49 -0.85
CA THR F 108 -26.38 45.49 -0.14
C THR F 108 -25.23 45.20 -1.08
N ARG F 109 -24.00 45.40 -0.56
CA ARG F 109 -22.73 45.16 -1.23
C ARG F 109 -22.61 43.64 -1.55
N ILE F 110 -21.71 43.29 -2.48
CA ILE F 110 -21.43 41.93 -2.93
C ILE F 110 -21.01 41.04 -1.76
N TYR F 111 -20.29 41.61 -0.80
CA TYR F 111 -19.67 40.89 0.30
C TYR F 111 -20.58 40.46 1.45
N SER F 112 -21.79 41.06 1.59
CA SER F 112 -22.64 40.73 2.75
C SER F 112 -23.18 39.32 2.68
N LEU F 113 -23.43 38.71 3.84
CA LEU F 113 -23.95 37.34 3.90
C LEU F 113 -25.43 37.33 4.04
N ARG F 114 -26.10 36.52 3.24
CA ARG F 114 -27.56 36.32 3.22
C ARG F 114 -27.84 34.91 2.74
N MET F 115 -29.11 34.47 2.85
CA MET F 115 -29.53 33.21 2.26
C MET F 115 -29.66 33.46 0.73
N TRP F 116 -30.09 32.48 -0.04
CA TRP F 116 -30.15 32.64 -1.48
C TRP F 116 -31.15 31.68 -2.13
N ILE F 117 -31.85 32.20 -3.13
CA ILE F 117 -32.79 31.39 -3.86
C ILE F 117 -32.21 31.23 -5.25
N CYS F 118 -32.23 30.01 -5.77
CA CYS F 118 -31.92 29.70 -7.16
C CYS F 118 -33.21 29.45 -7.87
N SER F 119 -33.21 29.63 -9.17
CA SER F 119 -34.36 29.35 -10.00
C SER F 119 -33.87 28.80 -11.33
N LYS F 120 -34.73 28.06 -12.05
CA LYS F 120 -34.53 27.52 -13.40
C LYS F 120 -35.86 26.94 -13.93
N LEU F 121 -35.99 26.84 -15.24
CA LEU F 121 -37.19 26.29 -15.87
C LEU F 121 -37.16 24.77 -15.76
N ASN F 122 -38.34 24.16 -15.51
CA ASN F 122 -38.49 22.72 -15.43
C ASN F 122 -38.49 22.16 -16.85
N TYR G 5 22.73 5.71 -8.86
CA TYR G 5 22.17 6.52 -7.77
C TYR G 5 20.70 6.91 -8.05
N ALA G 6 19.77 6.53 -7.16
CA ALA G 6 18.35 6.91 -7.34
C ALA G 6 17.98 7.94 -6.28
N ALA G 7 17.51 9.12 -6.68
CA ALA G 7 17.16 10.19 -5.75
C ALA G 7 16.03 9.80 -4.82
N CYS G 8 16.00 10.42 -3.61
CA CYS G 8 14.89 10.22 -2.68
C CYS G 8 13.75 11.13 -3.13
N PRO G 9 12.48 10.84 -2.79
CA PRO G 9 11.39 11.75 -3.18
C PRO G 9 11.55 13.17 -2.56
N GLN G 10 10.67 14.09 -2.97
CA GLN G 10 10.66 15.48 -2.48
C GLN G 10 10.44 15.47 -0.96
N ASN G 11 11.17 16.34 -0.21
CA ASN G 11 11.15 16.52 1.27
C ASN G 11 11.86 15.38 2.05
N TRP G 12 12.40 14.40 1.30
CA TRP G 12 13.16 13.32 1.90
C TRP G 12 14.64 13.61 1.67
N ILE G 13 15.50 13.12 2.59
CA ILE G 13 16.95 13.25 2.55
C ILE G 13 17.57 11.86 2.41
N GLY G 14 18.49 11.73 1.46
CA GLY G 14 19.20 10.48 1.18
C GLY G 14 20.53 10.37 1.89
N VAL G 15 20.69 9.29 2.68
CA VAL G 15 21.91 8.99 3.42
C VAL G 15 22.16 7.50 3.19
N GLU G 16 23.19 7.23 2.39
CA GLU G 16 23.57 5.88 2.00
C GLU G 16 22.34 5.24 1.29
N ASN G 17 21.93 4.02 1.66
CA ASN G 17 20.82 3.30 1.01
C ASN G 17 19.42 3.63 1.60
N LYS G 18 19.34 4.65 2.52
CA LYS G 18 18.10 5.01 3.21
C LYS G 18 17.63 6.40 2.82
N CYS G 19 16.30 6.60 2.84
CA CYS G 19 15.57 7.86 2.59
C CYS G 19 14.94 8.24 3.88
N PHE G 20 15.11 9.49 4.27
CA PHE G 20 14.53 10.03 5.50
C PHE G 20 13.56 11.19 5.27
N TYR G 21 12.58 11.35 6.17
CA TYR G 21 11.63 12.48 6.23
C TYR G 21 11.65 13.05 7.66
N PHE G 22 12.09 14.30 7.82
CA PHE G 22 12.03 14.98 9.13
C PHE G 22 10.73 15.83 9.10
N SER G 23 9.79 15.59 10.03
CA SER G 23 8.49 16.29 10.02
C SER G 23 8.63 17.79 10.10
N GLU G 24 7.63 18.54 9.58
CA GLU G 24 7.62 20.03 9.62
C GLU G 24 6.70 20.55 10.76
N TYR G 25 5.94 19.63 11.40
CA TYR G 25 4.97 19.88 12.49
C TYR G 25 4.97 18.74 13.49
N PRO G 26 4.55 18.94 14.77
CA PRO G 26 4.49 17.79 15.68
C PRO G 26 3.14 17.04 15.64
N SER G 27 3.12 15.90 16.37
CA SER G 27 1.96 15.07 16.63
C SER G 27 2.35 14.01 17.65
N ASN G 28 1.34 13.20 18.02
CA ASN G 28 1.51 12.11 18.95
C ASN G 28 2.14 10.90 18.23
N TRP G 29 2.58 9.92 19.02
CA TRP G 29 3.26 8.75 18.51
C TRP G 29 2.43 7.97 17.47
N THR G 30 1.15 7.72 17.78
CA THR G 30 0.23 6.97 16.92
C THR G 30 0.09 7.61 15.53
N PHE G 31 -0.17 8.92 15.44
CA PHE G 31 -0.31 9.59 14.16
C PHE G 31 1.01 9.55 13.38
N ALA G 32 2.14 9.82 14.08
CA ALA G 32 3.48 9.83 13.47
C ALA G 32 3.78 8.48 12.81
N GLN G 33 3.51 7.36 13.53
CA GLN G 33 3.72 6.00 13.03
C GLN G 33 2.81 5.74 11.80
N ALA G 34 1.55 6.22 11.86
CA ALA G 34 0.58 6.09 10.78
C ALA G 34 1.03 6.89 9.54
N PHE G 35 1.65 8.05 9.75
CA PHE G 35 2.09 8.93 8.69
C PHE G 35 3.20 8.26 7.88
N CYS G 36 4.22 7.70 8.58
CA CYS G 36 5.33 6.99 7.97
C CYS G 36 4.84 5.79 7.15
N MET G 37 3.94 4.97 7.73
CA MET G 37 3.39 3.79 7.07
C MET G 37 2.71 4.14 5.75
N ALA G 38 2.03 5.29 5.68
CA ALA G 38 1.33 5.79 4.48
C ALA G 38 2.30 6.11 3.35
N GLN G 39 3.61 6.37 3.67
CA GLN G 39 4.66 6.72 2.72
C GLN G 39 5.53 5.49 2.45
N GLU G 40 5.01 4.28 2.82
CA GLU G 40 5.68 2.98 2.70
C GLU G 40 7.03 3.01 3.50
N ALA G 41 7.02 3.73 4.65
CA ALA G 41 8.15 3.90 5.57
C ALA G 41 7.76 3.48 7.02
N GLN G 42 8.68 3.68 7.98
CA GLN G 42 8.49 3.41 9.42
C GLN G 42 9.16 4.53 10.22
N LEU G 43 8.86 4.67 11.54
CA LEU G 43 9.51 5.69 12.36
C LEU G 43 11.00 5.29 12.44
N ALA G 44 11.90 6.23 12.11
CA ALA G 44 13.34 6.03 12.00
C ALA G 44 13.91 4.95 12.93
N ARG G 45 14.82 4.17 12.34
CA ARG G 45 15.64 3.15 12.93
C ARG G 45 17.07 3.45 12.53
N PHE G 46 18.00 3.42 13.50
CA PHE G 46 19.41 3.61 13.22
C PHE G 46 20.09 2.27 13.44
N ASP G 47 20.89 1.80 12.46
CA ASP G 47 21.53 0.50 12.56
C ASP G 47 23.02 0.62 12.89
N ASN G 48 23.64 1.75 12.61
CA ASN G 48 25.06 2.00 12.88
C ASN G 48 25.28 3.38 13.47
N GLN G 49 26.54 3.74 13.77
CA GLN G 49 26.98 5.03 14.32
C GLN G 49 26.71 6.16 13.31
N ASP G 50 26.94 5.90 12.02
CA ASP G 50 26.74 6.86 10.95
C ASP G 50 25.30 7.32 10.85
N GLU G 51 24.36 6.35 10.89
CA GLU G 51 22.92 6.60 10.82
C GLU G 51 22.46 7.40 12.02
N LEU G 52 22.94 7.03 13.23
CA LEU G 52 22.62 7.76 14.47
C LEU G 52 23.17 9.20 14.43
N ASN G 53 24.43 9.37 13.93
CA ASN G 53 25.04 10.68 13.83
C ASN G 53 24.24 11.59 12.91
N PHE G 54 23.75 11.03 11.78
CA PHE G 54 22.97 11.82 10.84
C PHE G 54 21.73 12.32 11.53
N LEU G 55 21.00 11.39 12.19
CA LEU G 55 19.74 11.69 12.86
C LEU G 55 19.92 12.77 13.90
N MET G 56 20.93 12.62 14.80
CA MET G 56 21.26 13.61 15.85
C MET G 56 21.62 14.96 15.28
N ARG G 57 22.36 14.97 14.16
CA ARG G 57 22.77 16.20 13.52
C ARG G 57 21.63 16.93 12.83
N TYR G 58 20.84 16.21 12.01
CA TYR G 58 19.82 16.86 11.22
C TYR G 58 18.57 17.12 12.00
N LYS G 59 18.32 16.40 13.11
CA LYS G 59 17.10 16.65 13.89
C LYS G 59 17.11 18.04 14.48
N ALA G 60 18.30 18.71 14.51
CA ALA G 60 18.55 20.07 15.01
C ALA G 60 18.07 20.16 16.45
N ASN G 61 17.24 21.15 16.81
CA ASN G 61 16.73 21.30 18.16
C ASN G 61 15.26 20.92 18.21
N PHE G 62 14.90 19.86 17.47
CA PHE G 62 13.53 19.31 17.47
C PHE G 62 13.49 17.96 18.14
N ASP G 63 12.83 17.86 19.30
CA ASP G 63 12.68 16.59 19.98
C ASP G 63 11.81 15.75 19.08
N SER G 64 12.40 14.71 18.45
CA SER G 64 11.74 13.95 17.38
C SER G 64 11.61 12.44 17.65
N TRP G 65 10.41 11.89 17.44
CA TRP G 65 10.09 10.43 17.59
C TRP G 65 10.98 9.54 16.81
N ILE G 66 11.27 8.39 17.36
CA ILE G 66 12.00 7.38 16.60
C ILE G 66 11.19 6.10 16.81
N GLY G 67 11.38 5.12 15.95
CA GLY G 67 10.63 3.89 16.09
C GLY G 67 11.06 3.00 17.24
N LEU G 68 11.05 3.53 18.49
CA LEU G 68 11.38 2.74 19.68
C LEU G 68 10.24 2.84 20.69
N HIS G 69 9.75 1.66 21.15
CA HIS G 69 8.65 1.58 22.10
C HIS G 69 8.87 0.47 23.11
N ARG G 70 8.21 0.65 24.27
CA ARG G 70 8.16 -0.23 25.46
C ARG G 70 6.72 -0.62 25.80
N GLU G 71 6.50 -1.84 26.38
CA GLU G 71 5.17 -2.24 26.86
C GLU G 71 4.88 -1.54 28.22
N SER G 72 5.94 -1.41 29.06
CA SER G 72 5.94 -0.73 30.35
C SER G 72 7.41 -0.41 30.75
N SER G 73 7.61 0.32 31.86
CA SER G 73 8.93 0.68 32.42
C SER G 73 9.79 -0.59 32.71
N GLU G 74 9.15 -1.72 33.05
CA GLU G 74 9.79 -2.99 33.39
C GLU G 74 9.95 -3.92 32.14
N HIS G 75 9.53 -3.45 30.95
CA HIS G 75 9.60 -4.23 29.70
C HIS G 75 10.77 -3.76 28.82
N PRO G 76 11.32 -4.63 27.93
CA PRO G 76 12.43 -4.18 27.09
C PRO G 76 11.98 -3.30 25.91
N TRP G 77 12.90 -2.44 25.45
CA TRP G 77 12.70 -1.56 24.31
C TRP G 77 12.75 -2.36 23.02
N LYS G 78 11.77 -2.15 22.15
CA LYS G 78 11.70 -2.84 20.87
C LYS G 78 11.58 -1.85 19.71
N TRP G 79 12.07 -2.26 18.52
CA TRP G 79 11.90 -1.50 17.28
C TRP G 79 10.49 -1.75 16.72
N THR G 80 10.12 -1.10 15.61
CA THR G 80 8.81 -1.28 15.00
C THR G 80 8.72 -2.72 14.36
N ASP G 81 9.87 -3.39 14.15
CA ASP G 81 9.98 -4.78 13.65
C ASP G 81 9.56 -5.76 14.74
N ASN G 82 9.62 -5.27 15.99
CA ASN G 82 9.38 -5.95 17.27
C ASN G 82 10.68 -6.67 17.71
N THR G 83 11.80 -6.35 17.03
CA THR G 83 13.15 -6.82 17.36
C THR G 83 13.62 -5.98 18.53
N GLU G 84 14.21 -6.60 19.56
CA GLU G 84 14.64 -5.81 20.72
C GLU G 84 15.86 -4.92 20.40
N TYR G 85 15.86 -3.74 21.02
CA TYR G 85 16.90 -2.72 20.93
C TYR G 85 18.22 -3.22 21.55
N ASN G 86 19.38 -3.06 20.84
CA ASN G 86 20.70 -3.48 21.33
C ASN G 86 21.14 -2.69 22.57
N ASN G 87 20.39 -1.63 22.97
CA ASN G 87 20.60 -0.78 24.14
C ASN G 87 21.97 -0.09 24.14
N THR G 88 22.57 0.17 22.95
CA THR G 88 23.87 0.86 22.82
C THR G 88 23.82 2.23 23.47
N ILE G 89 22.79 3.00 23.14
CA ILE G 89 22.53 4.31 23.75
C ILE G 89 21.29 4.09 24.65
N PRO G 90 21.50 3.91 25.99
CA PRO G 90 20.35 3.70 26.89
C PRO G 90 19.40 4.92 26.87
N ILE G 91 18.10 4.64 26.91
CA ILE G 91 17.08 5.67 26.81
C ILE G 91 16.77 6.25 28.20
N ARG G 92 16.75 7.59 28.31
CA ARG G 92 16.46 8.32 29.54
C ARG G 92 14.94 8.28 29.85
N GLY G 93 14.56 8.49 31.11
CA GLY G 93 13.16 8.53 31.51
C GLY G 93 12.54 7.18 31.77
N GLU G 94 11.36 7.19 32.41
CA GLU G 94 10.72 5.95 32.77
C GLU G 94 9.39 5.79 32.00
N GLU G 95 9.34 6.27 30.74
CA GLU G 95 8.14 6.19 29.90
C GLU G 95 8.26 5.20 28.74
N ARG G 96 7.11 4.92 28.04
CA ARG G 96 6.96 3.89 27.00
C ARG G 96 7.35 4.28 25.54
N PHE G 97 7.50 5.56 25.18
CA PHE G 97 7.79 5.96 23.78
C PHE G 97 9.03 6.86 23.65
N ALA G 98 9.95 6.46 22.77
CA ALA G 98 11.19 7.18 22.62
C ALA G 98 11.22 8.19 21.46
N TYR G 99 12.07 9.21 21.68
CA TYR G 99 12.36 10.33 20.81
C TYR G 99 13.76 10.80 21.04
N LEU G 100 14.37 11.38 20.00
CA LEU G 100 15.69 11.98 20.04
C LEU G 100 15.63 13.38 20.59
N ASN G 101 16.53 13.71 21.51
CA ASN G 101 16.66 15.06 22.07
C ASN G 101 18.18 15.40 22.12
N ASN G 102 18.56 16.57 22.67
CA ASN G 102 19.96 16.95 22.71
C ASN G 102 20.81 16.11 23.67
N ASN G 103 20.17 15.48 24.66
CA ASN G 103 20.84 14.61 25.63
C ASN G 103 21.06 13.17 25.11
N GLY G 104 20.35 12.82 24.05
CA GLY G 104 20.39 11.50 23.43
C GLY G 104 18.99 11.03 23.11
N ILE G 105 18.54 9.96 23.76
CA ILE G 105 17.19 9.45 23.53
C ILE G 105 16.41 9.51 24.86
N SER G 106 15.19 10.11 24.86
CA SER G 106 14.33 10.15 26.06
C SER G 106 12.93 9.57 25.75
N SER G 107 12.03 9.48 26.76
CA SER G 107 10.71 8.88 26.60
C SER G 107 9.52 9.72 27.17
N THR G 108 8.31 9.55 26.60
CA THR G 108 7.04 10.17 27.02
C THR G 108 5.84 9.29 26.76
N ARG G 109 4.68 9.78 27.16
CA ARG G 109 3.39 9.18 26.98
C ARG G 109 2.96 9.26 25.53
N ILE G 110 2.25 8.22 25.02
CA ILE G 110 1.69 8.06 23.67
C ILE G 110 1.00 9.35 23.15
N TYR G 111 0.39 10.16 24.06
CA TYR G 111 -0.34 11.39 23.71
C TYR G 111 0.50 12.66 23.55
N SER G 112 1.79 12.61 23.95
CA SER G 112 2.70 13.76 23.87
C SER G 112 2.98 14.12 22.43
N LEU G 113 3.13 15.42 22.17
CA LEU G 113 3.41 15.94 20.84
C LEU G 113 4.90 16.12 20.63
N ARG G 114 5.40 15.62 19.52
CA ARG G 114 6.81 15.74 19.14
C ARG G 114 6.88 15.84 17.63
N MET G 115 8.05 16.25 17.10
CA MET G 115 8.22 16.19 15.65
C MET G 115 8.47 14.67 15.39
N TRP G 116 8.63 14.21 14.13
CA TRP G 116 8.95 12.80 13.89
C TRP G 116 9.95 12.61 12.74
N ILE G 117 10.47 11.36 12.56
CA ILE G 117 11.39 11.01 11.49
C ILE G 117 10.94 9.70 10.86
N CYS G 118 10.64 9.70 9.55
CA CYS G 118 10.30 8.46 8.84
C CYS G 118 11.54 8.03 8.13
N SER G 119 11.73 6.74 7.93
CA SER G 119 12.87 6.22 7.20
C SER G 119 12.46 4.97 6.42
N LYS G 120 12.85 4.93 5.14
CA LYS G 120 12.58 3.82 4.24
C LYS G 120 13.84 3.56 3.42
N LEU G 121 13.91 2.39 2.78
CA LEU G 121 15.04 2.04 1.92
C LEU G 121 14.84 2.67 0.55
N ASN G 122 15.94 3.13 -0.04
CA ASN G 122 15.94 3.68 -1.39
C ASN G 122 15.85 2.48 -2.30
N ALA G 123 14.64 2.13 -2.80
CA ALA G 123 14.39 0.89 -3.56
C ALA G 123 13.19 1.01 -4.50
N MET H 1 10.34 -5.60 -2.90
CA MET H 1 11.54 -4.91 -3.36
C MET H 1 12.63 -5.92 -3.67
N ASN H 2 13.41 -5.65 -4.74
CA ASN H 2 14.47 -6.50 -5.29
C ASN H 2 15.85 -5.89 -5.23
N LYS H 3 15.96 -4.54 -5.22
CA LYS H 3 17.27 -3.87 -5.27
C LYS H 3 17.25 -2.57 -4.49
N THR H 4 18.42 -2.11 -3.97
CA THR H 4 18.49 -0.83 -3.25
C THR H 4 19.39 0.13 -4.02
N TYR H 5 19.12 1.43 -3.91
CA TYR H 5 19.84 2.48 -4.64
C TYR H 5 20.44 3.48 -3.68
N ALA H 6 21.20 4.47 -4.18
CA ALA H 6 21.92 5.34 -3.29
C ALA H 6 21.56 6.83 -3.31
N ALA H 7 21.18 7.44 -4.46
CA ALA H 7 20.97 8.93 -4.50
C ALA H 7 22.32 9.67 -4.65
N CYS H 8 23.27 9.42 -3.72
CA CYS H 8 24.55 10.13 -3.73
C CYS H 8 25.74 9.23 -3.36
N PRO H 9 26.99 9.60 -3.77
CA PRO H 9 28.15 8.79 -3.35
C PRO H 9 28.34 8.77 -1.83
N GLN H 10 29.28 7.95 -1.30
CA GLN H 10 29.57 7.85 0.13
C GLN H 10 30.05 9.21 0.63
N ASN H 11 29.56 9.63 1.83
CA ASN H 11 29.80 10.91 2.55
C ASN H 11 29.00 12.08 1.98
N TRP H 12 28.16 11.82 0.97
CA TRP H 12 27.33 12.87 0.35
C TRP H 12 25.86 12.65 0.69
N ILE H 13 25.20 13.74 1.09
CA ILE H 13 23.78 13.79 1.47
C ILE H 13 22.96 14.27 0.28
N GLY H 14 21.92 13.50 0.00
CA GLY H 14 21.01 13.75 -1.08
C GLY H 14 19.77 14.53 -0.68
N VAL H 15 19.51 15.61 -1.40
CA VAL H 15 18.35 16.48 -1.25
C VAL H 15 17.84 16.69 -2.66
N GLU H 16 16.72 15.97 -2.99
CA GLU H 16 16.12 15.93 -4.31
C GLU H 16 17.19 15.45 -5.34
N ASN H 17 17.43 16.21 -6.44
CA ASN H 17 18.36 15.86 -7.51
C ASN H 17 19.84 16.27 -7.24
N LYS H 18 20.15 16.81 -6.03
CA LYS H 18 21.48 17.29 -5.68
C LYS H 18 22.13 16.52 -4.59
N CYS H 19 23.47 16.53 -4.57
CA CYS H 19 24.32 15.88 -3.58
C CYS H 19 25.16 16.91 -2.87
N PHE H 20 25.28 16.79 -1.54
CA PHE H 20 26.07 17.76 -0.76
C PHE H 20 27.17 17.12 0.13
N TYR H 21 28.31 17.79 0.25
CA TYR H 21 29.39 17.33 1.09
C TYR H 21 29.70 18.42 2.15
N PHE H 22 29.63 18.05 3.41
CA PHE H 22 29.89 18.91 4.55
C PHE H 22 31.25 18.50 5.16
N SER H 23 32.24 19.43 5.13
CA SER H 23 33.58 19.16 5.63
C SER H 23 33.61 18.76 7.12
N GLU H 24 34.64 17.97 7.54
CA GLU H 24 34.78 17.51 8.93
C GLU H 24 35.74 18.44 9.72
N TYR H 25 36.51 19.29 9.00
CA TYR H 25 37.49 20.23 9.54
C TYR H 25 37.46 21.56 8.72
N PRO H 26 37.91 22.70 9.27
CA PRO H 26 37.89 23.95 8.49
C PRO H 26 39.14 24.17 7.62
N SER H 27 39.00 24.85 6.44
CA SER H 27 40.10 25.22 5.53
C SER H 27 39.80 26.54 4.85
N ASN H 28 40.74 27.10 4.07
CA ASN H 28 40.50 28.35 3.34
C ASN H 28 39.73 28.08 2.06
N TRP H 29 39.33 29.15 1.42
CA TRP H 29 38.56 29.07 0.20
C TRP H 29 39.28 28.32 -0.93
N THR H 30 40.56 28.67 -1.20
CA THR H 30 41.37 28.04 -2.26
C THR H 30 41.31 26.55 -2.15
N PHE H 31 41.63 25.96 -0.96
CA PHE H 31 41.65 24.52 -0.82
C PHE H 31 40.24 23.92 -0.96
N ALA H 32 39.22 24.47 -0.25
CA ALA H 32 37.84 24.01 -0.33
C ALA H 32 37.37 23.99 -1.80
N GLN H 33 37.58 25.09 -2.56
CA GLN H 33 37.17 25.15 -3.96
C GLN H 33 37.87 24.06 -4.82
N ALA H 34 39.16 23.83 -4.54
CA ALA H 34 39.96 22.81 -5.21
C ALA H 34 39.45 21.41 -4.90
N PHE H 35 39.03 21.19 -3.63
CA PHE H 35 38.54 19.91 -3.13
C PHE H 35 37.28 19.52 -3.87
N CYS H 36 36.29 20.45 -3.95
CA CYS H 36 35.01 20.24 -4.62
C CYS H 36 35.23 19.92 -6.10
N MET H 37 36.07 20.70 -6.79
CA MET H 37 36.34 20.51 -8.21
C MET H 37 36.87 19.11 -8.51
N ALA H 38 37.71 18.57 -7.61
CA ALA H 38 38.29 17.24 -7.74
C ALA H 38 37.24 16.12 -7.70
N GLN H 39 36.09 16.38 -7.07
CA GLN H 39 34.97 15.45 -6.90
C GLN H 39 33.89 15.73 -7.94
N GLU H 40 34.25 16.48 -9.02
CA GLU H 40 33.36 16.89 -10.12
C GLU H 40 32.19 17.72 -9.56
N ALA H 41 32.48 18.52 -8.52
CA ALA H 41 31.52 19.36 -7.81
C ALA H 41 32.02 20.84 -7.78
N GLN H 42 31.26 21.67 -7.04
CA GLN H 42 31.47 23.09 -6.87
C GLN H 42 31.22 23.45 -5.41
N LEU H 43 31.64 24.64 -4.97
CA LEU H 43 31.28 25.03 -3.62
C LEU H 43 29.80 25.27 -3.64
N ALA H 44 29.09 24.62 -2.72
CA ALA H 44 27.64 24.56 -2.59
C ALA H 44 26.86 25.77 -3.12
N ARG H 45 25.90 25.46 -4.00
CA ARG H 45 24.95 26.37 -4.63
C ARG H 45 23.55 25.97 -4.19
N PHE H 46 22.74 26.94 -3.74
CA PHE H 46 21.35 26.69 -3.39
C PHE H 46 20.49 27.36 -4.45
N ASP H 47 19.52 26.61 -5.02
CA ASP H 47 18.67 27.14 -6.09
C ASP H 47 17.26 27.49 -5.62
N ASN H 48 16.84 26.93 -4.48
CA ASN H 48 15.53 27.21 -3.92
C ASN H 48 15.63 27.40 -2.40
N GLN H 49 14.50 27.74 -1.75
CA GLN H 49 14.44 27.95 -0.31
C GLN H 49 14.67 26.64 0.45
N ASP H 50 14.19 25.51 -0.11
CA ASP H 50 14.33 24.18 0.49
C ASP H 50 15.80 23.78 0.62
N GLU H 51 16.60 24.00 -0.47
CA GLU H 51 18.04 23.75 -0.53
C GLU H 51 18.76 24.62 0.48
N LEU H 52 18.42 25.91 0.56
CA LEU H 52 19.05 26.82 1.53
C LEU H 52 18.71 26.40 2.99
N ASN H 53 17.46 25.99 3.23
CA ASN H 53 17.03 25.57 4.56
C ASN H 53 17.78 24.34 5.02
N PHE H 54 17.98 23.39 4.10
CA PHE H 54 18.71 22.17 4.40
C PHE H 54 20.13 22.56 4.81
N LEU H 55 20.84 23.39 4.00
CA LEU H 55 22.21 23.84 4.26
C LEU H 55 22.31 24.46 5.65
N MET H 56 21.45 25.43 5.93
CA MET H 56 21.42 26.17 7.20
C MET H 56 21.18 25.23 8.42
N ARG H 57 20.35 24.16 8.22
CA ARG H 57 20.02 23.18 9.26
C ARG H 57 21.15 22.15 9.50
N TYR H 58 21.67 21.54 8.41
CA TYR H 58 22.65 20.49 8.53
C TYR H 58 24.04 21.02 8.83
N LYS H 59 24.39 22.27 8.41
CA LYS H 59 25.73 22.86 8.69
C LYS H 59 25.99 23.03 10.20
N ALA H 60 24.97 22.73 11.05
CA ALA H 60 24.97 22.88 12.50
C ALA H 60 25.32 24.33 12.87
N ASN H 61 26.28 24.55 13.78
CA ASN H 61 26.69 25.93 14.09
C ASN H 61 28.08 26.16 13.54
N PHE H 62 28.27 25.78 12.28
CA PHE H 62 29.56 25.96 11.65
C PHE H 62 29.46 27.01 10.59
N ASP H 63 30.31 28.05 10.69
CA ASP H 63 30.40 29.04 9.63
C ASP H 63 31.01 28.26 8.43
N SER H 64 30.18 27.96 7.39
CA SER H 64 30.53 27.11 6.23
C SER H 64 30.58 27.88 4.87
N TRP H 65 31.65 27.66 4.05
CA TRP H 65 31.92 28.28 2.74
C TRP H 65 30.91 27.88 1.68
N ILE H 66 30.37 28.85 0.91
CA ILE H 66 29.43 28.52 -0.17
C ILE H 66 29.92 29.09 -1.51
N GLY H 67 29.35 28.57 -2.60
CA GLY H 67 29.68 28.91 -3.99
C GLY H 67 29.65 30.32 -4.53
N LEU H 68 29.49 31.34 -3.68
CA LEU H 68 29.44 32.74 -4.11
C LEU H 68 30.73 33.50 -3.84
N HIS H 69 31.05 34.41 -4.75
CA HIS H 69 32.23 35.27 -4.71
C HIS H 69 31.95 36.56 -5.45
N ARG H 70 32.73 37.61 -5.17
CA ARG H 70 32.61 38.89 -5.87
C ARG H 70 34.02 39.44 -6.15
N GLU H 71 34.17 40.18 -7.27
CA GLU H 71 35.45 40.73 -7.69
C GLU H 71 35.99 41.78 -6.70
N SER H 72 35.08 42.59 -6.13
CA SER H 72 35.35 43.62 -5.12
C SER H 72 34.03 43.99 -4.40
N SER H 73 34.09 44.83 -3.35
CA SER H 73 32.94 45.28 -2.58
C SER H 73 31.89 45.99 -3.46
N GLU H 74 32.35 46.65 -4.55
CA GLU H 74 31.51 47.40 -5.51
C GLU H 74 31.06 46.53 -6.71
N HIS H 75 31.42 45.22 -6.72
CA HIS H 75 31.07 44.28 -7.79
C HIS H 75 29.90 43.37 -7.36
N PRO H 76 29.10 42.82 -8.31
CA PRO H 76 27.98 41.96 -7.90
C PRO H 76 28.41 40.54 -7.48
N TRP H 77 27.58 39.90 -6.64
CA TRP H 77 27.86 38.52 -6.19
C TRP H 77 27.57 37.54 -7.32
N LYS H 78 28.51 36.62 -7.57
CA LYS H 78 28.38 35.62 -8.61
C LYS H 78 28.60 34.21 -8.08
N TRP H 79 27.99 33.21 -8.75
CA TRP H 79 28.20 31.80 -8.46
C TRP H 79 29.51 31.36 -9.10
N THR H 80 29.92 30.10 -8.90
CA THR H 80 31.16 29.58 -9.51
C THR H 80 30.99 29.44 -11.05
N ASP H 81 29.72 29.43 -11.56
CA ASP H 81 29.35 29.41 -12.98
C ASP H 81 29.65 30.74 -13.62
N ASN H 82 29.74 31.78 -12.78
CA ASN H 82 29.90 33.21 -13.06
C ASN H 82 28.53 33.84 -13.34
N THR H 83 27.44 33.08 -13.07
CA THR H 83 26.06 33.55 -13.15
C THR H 83 25.83 34.40 -11.91
N GLU H 84 25.19 35.57 -12.05
CA GLU H 84 24.98 36.46 -10.90
C GLU H 84 23.94 35.89 -9.93
N TYR H 85 24.18 36.12 -8.64
CA TYR H 85 23.35 35.71 -7.52
C TYR H 85 22.08 36.59 -7.53
N ASN H 86 20.88 35.99 -7.33
CA ASN H 86 19.59 36.67 -7.37
C ASN H 86 19.36 37.64 -6.19
N ASN H 87 20.29 37.66 -5.21
CA ASN H 87 20.31 38.50 -4.00
C ASN H 87 19.03 38.40 -3.13
N THR H 88 18.34 37.23 -3.18
CA THR H 88 17.16 36.92 -2.35
C THR H 88 17.50 37.07 -0.87
N ILE H 89 18.65 36.46 -0.45
CA ILE H 89 19.19 36.54 0.90
C ILE H 89 20.43 37.43 0.80
N PRO H 90 20.30 38.73 1.18
CA PRO H 90 21.45 39.65 1.07
C PRO H 90 22.63 39.22 1.94
N ILE H 91 23.87 39.34 1.41
CA ILE H 91 25.08 38.92 2.11
C ILE H 91 25.65 40.10 2.93
N ARG H 92 25.93 39.82 4.22
CA ARG H 92 26.48 40.76 5.19
C ARG H 92 27.99 40.93 4.99
N GLY H 93 28.52 42.07 5.42
CA GLY H 93 29.94 42.40 5.33
C GLY H 93 30.35 43.01 4.01
N GLU H 94 31.56 43.56 3.97
CA GLU H 94 32.06 44.20 2.75
C GLU H 94 33.29 43.43 2.19
N GLU H 95 33.24 42.08 2.18
CA GLU H 95 34.34 41.24 1.70
C GLU H 95 33.97 40.50 0.39
N ARG H 96 34.91 39.71 -0.21
CA ARG H 96 34.71 39.10 -1.52
C ARG H 96 34.28 37.59 -1.57
N PHE H 97 34.33 36.81 -0.44
CA PHE H 97 33.93 35.38 -0.42
C PHE H 97 32.89 35.12 0.66
N ALA H 98 31.69 34.61 0.25
CA ALA H 98 30.47 34.34 1.04
C ALA H 98 30.47 33.04 1.83
N TYR H 99 30.20 33.10 3.14
CA TYR H 99 30.05 31.92 4.00
C TYR H 99 28.73 32.00 4.75
N LEU H 100 28.13 30.84 5.03
CA LEU H 100 26.89 30.73 5.77
C LEU H 100 27.16 30.79 7.26
N ASN H 101 26.37 31.59 8.00
CA ASN H 101 26.45 31.64 9.46
C ASN H 101 25.02 31.43 10.03
N ASN H 102 24.83 31.49 11.37
CA ASN H 102 23.50 31.24 11.94
C ASN H 102 22.47 32.35 11.59
N ASN H 103 22.95 33.55 11.24
CA ASN H 103 22.11 34.69 10.91
C ASN H 103 21.71 34.69 9.43
N GLY H 104 22.47 33.98 8.60
CA GLY H 104 22.23 33.93 7.17
C GLY H 104 23.54 33.82 6.42
N ILE H 105 23.86 34.80 5.57
CA ILE H 105 25.12 34.76 4.81
C ILE H 105 25.99 35.98 5.16
N SER H 106 27.28 35.72 5.38
CA SER H 106 28.25 36.76 5.69
C SER H 106 29.47 36.68 4.70
N SER H 107 30.45 37.57 4.83
CA SER H 107 31.59 37.55 3.92
C SER H 107 32.90 37.76 4.66
N THR H 108 33.97 37.11 4.17
CA THR H 108 35.32 37.22 4.72
C THR H 108 36.37 37.07 3.59
N ARG H 109 37.66 37.11 3.95
CA ARG H 109 38.76 37.03 2.98
C ARG H 109 39.12 35.59 2.65
N ILE H 110 39.64 35.39 1.44
CA ILE H 110 40.18 34.17 0.79
C ILE H 110 40.88 33.25 1.78
N TYR H 111 41.79 33.84 2.58
CA TYR H 111 42.64 33.17 3.54
C TYR H 111 41.95 32.71 4.83
N SER H 112 40.71 33.11 5.09
CA SER H 112 40.09 32.77 6.36
C SER H 112 39.59 31.34 6.37
N LEU H 113 39.76 30.65 7.52
CA LEU H 113 39.36 29.26 7.66
C LEU H 113 37.91 29.11 8.00
N ARG H 114 37.23 28.27 7.22
CA ARG H 114 35.81 27.94 7.44
C ARG H 114 35.58 26.51 7.08
N MET H 115 34.46 25.95 7.58
CA MET H 115 33.96 24.63 7.16
C MET H 115 33.47 24.87 5.71
N TRP H 116 33.27 23.83 4.90
CA TRP H 116 32.86 24.07 3.51
C TRP H 116 31.82 23.08 3.08
N ILE H 117 30.93 23.49 2.19
CA ILE H 117 29.93 22.62 1.59
C ILE H 117 30.22 22.54 0.10
N CYS H 118 30.26 21.30 -0.45
CA CYS H 118 30.37 21.00 -1.89
C CYS H 118 28.97 20.63 -2.42
N SER H 119 28.65 21.00 -3.66
CA SER H 119 27.39 20.63 -4.29
C SER H 119 27.61 20.14 -5.73
N LYS H 120 26.82 19.13 -6.17
CA LYS H 120 26.80 18.61 -7.54
C LYS H 120 25.46 17.91 -7.80
N LEU H 121 25.06 17.79 -9.08
CA LEU H 121 23.84 17.10 -9.48
C LEU H 121 24.05 15.59 -9.40
N ASN H 122 23.00 14.88 -8.98
CA ASN H 122 23.00 13.43 -8.88
C ASN H 122 22.80 12.87 -10.27
N TYR I 5 -24.84 1.36 11.50
CA TYR I 5 -23.93 2.52 11.34
C TYR I 5 -22.53 2.31 11.98
N ALA I 6 -21.55 3.13 11.55
CA ALA I 6 -20.17 3.13 12.03
C ALA I 6 -19.62 4.57 12.12
N ALA I 7 -19.49 5.09 13.34
CA ALA I 7 -18.97 6.42 13.60
C ALA I 7 -17.62 6.63 12.99
N CYS I 8 -17.43 7.82 12.44
CA CYS I 8 -16.14 8.27 11.91
C CYS I 8 -15.10 8.33 13.04
N PRO I 9 -13.80 8.31 12.75
CA PRO I 9 -12.81 8.40 13.84
C PRO I 9 -12.92 9.73 14.62
N GLN I 10 -12.15 9.82 15.72
CA GLN I 10 -12.07 11.02 16.56
C GLN I 10 -11.50 12.16 15.71
N ASN I 11 -12.06 13.38 15.89
CA ASN I 11 -11.73 14.66 15.21
C ASN I 11 -12.32 14.75 13.80
N TRP I 12 -12.98 13.68 13.33
CA TRP I 12 -13.62 13.64 12.02
C TRP I 12 -15.13 13.84 12.17
N ILE I 13 -15.75 14.36 11.10
CA ILE I 13 -17.18 14.60 11.00
C ILE I 13 -17.76 13.70 9.88
N GLY I 14 -18.85 13.01 10.19
CA GLY I 14 -19.54 12.13 9.25
C GLY I 14 -20.71 12.80 8.58
N VAL I 15 -20.70 12.77 7.25
CA VAL I 15 -21.71 13.36 6.36
C VAL I 15 -22.00 12.31 5.34
N GLU I 16 -23.16 11.67 5.49
CA GLU I 16 -23.59 10.55 4.66
C GLU I 16 -22.52 9.46 4.71
N ASN I 17 -22.02 8.99 3.55
CA ASN I 17 -21.07 7.85 3.50
C ASN I 17 -19.58 8.30 3.57
N LYS I 18 -19.33 9.62 3.83
CA LYS I 18 -17.99 10.20 3.89
C LYS I 18 -17.60 10.65 5.30
N CYS I 19 -16.29 10.65 5.57
CA CYS I 19 -15.69 11.14 6.83
C CYS I 19 -14.80 12.33 6.48
N PHE I 20 -15.03 13.50 7.10
CA PHE I 20 -14.25 14.73 6.81
C PHE I 20 -13.43 15.16 8.00
N TYR I 21 -12.24 15.71 7.70
CA TYR I 21 -11.33 16.24 8.70
C TYR I 21 -11.01 17.64 8.39
N PHE I 22 -11.27 18.54 9.35
CA PHE I 22 -10.99 19.97 9.25
C PHE I 22 -9.80 20.27 10.14
N SER I 23 -8.63 20.72 9.58
CA SER I 23 -7.42 20.96 10.40
C SER I 23 -7.62 21.99 11.51
N GLU I 24 -6.71 21.96 12.49
CA GLU I 24 -6.71 22.89 13.63
C GLU I 24 -5.64 24.01 13.43
N TYR I 25 -4.78 23.84 12.41
CA TYR I 25 -3.71 24.78 12.06
C TYR I 25 -3.41 24.76 10.54
N PRO I 26 -2.75 25.81 9.97
CA PRO I 26 -2.45 25.78 8.52
C PRO I 26 -1.08 25.16 8.18
N SER I 27 -0.86 24.81 6.89
CA SER I 27 0.37 24.17 6.37
C SER I 27 0.44 24.21 4.85
N ASN I 28 1.58 23.84 4.27
CA ASN I 28 1.66 23.85 2.80
C ASN I 28 0.91 22.63 2.18
N TRP I 29 0.43 22.81 0.92
CA TRP I 29 -0.30 21.80 0.17
C TRP I 29 0.30 20.42 0.33
N THR I 30 1.64 20.30 0.23
CA THR I 30 2.36 19.02 0.30
C THR I 30 2.21 18.36 1.67
N PHE I 31 2.38 19.10 2.79
CA PHE I 31 2.23 18.48 4.10
C PHE I 31 0.78 18.11 4.32
N ALA I 32 -0.17 18.97 3.92
CA ALA I 32 -1.59 18.67 4.07
C ALA I 32 -1.99 17.39 3.34
N GLN I 33 -1.63 17.25 2.06
CA GLN I 33 -1.88 16.04 1.25
C GLN I 33 -1.25 14.83 1.94
N ALA I 34 -0.02 14.97 2.50
CA ALA I 34 0.65 13.91 3.23
C ALA I 34 -0.08 13.56 4.54
N PHE I 35 -0.69 14.55 5.21
CA PHE I 35 -1.40 14.36 6.46
C PHE I 35 -2.64 13.54 6.22
N CYS I 36 -3.42 13.87 5.16
CA CYS I 36 -4.63 13.15 4.78
C CYS I 36 -4.28 11.69 4.44
N MET I 37 -3.20 11.45 3.65
CA MET I 37 -2.77 10.11 3.27
C MET I 37 -2.48 9.22 4.49
N ALA I 38 -1.95 9.81 5.56
CA ALA I 38 -1.64 9.14 6.83
C ALA I 38 -2.89 8.59 7.54
N GLN I 39 -4.04 9.23 7.29
CA GLN I 39 -5.33 8.87 7.89
C GLN I 39 -6.17 8.05 6.91
N GLU I 40 -5.50 7.48 5.87
CA GLU I 40 -6.10 6.69 4.78
C GLU I 40 -7.14 7.55 4.02
N ALA I 41 -6.85 8.84 3.88
CA ALA I 41 -7.71 9.82 3.23
C ALA I 41 -6.95 10.60 2.13
N GLN I 42 -7.61 11.59 1.55
CA GLN I 42 -7.08 12.44 0.48
C GLN I 42 -7.61 13.84 0.71
N LEU I 43 -6.95 14.92 0.18
CA LEU I 43 -7.51 16.29 0.28
C LEU I 43 -8.96 16.26 -0.26
N ALA I 44 -9.90 16.94 0.44
CA ALA I 44 -11.37 16.90 0.26
C ALA I 44 -11.86 16.93 -1.19
N ARG I 45 -12.71 15.96 -1.53
CA ARG I 45 -13.37 15.89 -2.81
C ARG I 45 -14.88 16.00 -2.58
N PHE I 46 -15.56 16.84 -3.36
CA PHE I 46 -17.03 16.93 -3.27
C PHE I 46 -17.63 16.33 -4.55
N ASP I 47 -18.57 15.42 -4.41
CA ASP I 47 -19.17 14.72 -5.57
C ASP I 47 -20.58 15.22 -5.89
N ASN I 48 -21.23 15.89 -4.94
CA ASN I 48 -22.56 16.43 -5.14
C ASN I 48 -22.66 17.82 -4.51
N GLN I 49 -23.86 18.47 -4.65
CA GLN I 49 -24.16 19.80 -4.09
C GLN I 49 -24.19 19.74 -2.56
N ASP I 50 -24.70 18.63 -2.00
CA ASP I 50 -24.80 18.41 -0.57
C ASP I 50 -23.44 18.41 0.09
N GLU I 51 -22.46 17.67 -0.49
CA GLU I 51 -21.08 17.57 -0.02
C GLU I 51 -20.40 18.95 -0.07
N LEU I 52 -20.58 19.68 -1.18
CA LEU I 52 -20.02 21.02 -1.31
C LEU I 52 -20.62 21.99 -0.27
N ASN I 53 -21.96 21.93 -0.05
CA ASN I 53 -22.68 22.73 0.95
C ASN I 53 -22.18 22.46 2.35
N PHE I 54 -21.94 21.19 2.68
CA PHE I 54 -21.39 20.87 3.98
C PHE I 54 -20.04 21.56 4.18
N LEU I 55 -19.12 21.34 3.19
CA LEU I 55 -17.75 21.89 3.21
C LEU I 55 -17.78 23.38 3.40
N MET I 56 -18.57 24.09 2.57
CA MET I 56 -18.72 25.54 2.63
C MET I 56 -19.26 26.02 3.98
N ARG I 57 -20.23 25.29 4.54
CA ARG I 57 -20.83 25.63 5.82
C ARG I 57 -19.88 25.41 7.01
N TYR I 58 -19.25 24.21 7.10
CA TYR I 58 -18.39 23.90 8.23
C TYR I 58 -17.01 24.45 8.08
N LYS I 59 -16.56 24.76 6.85
CA LYS I 59 -15.23 25.38 6.58
C LYS I 59 -15.07 26.63 7.50
N ALA I 60 -16.21 27.27 7.87
CA ALA I 60 -16.30 28.47 8.69
C ALA I 60 -15.58 29.58 7.94
N ASN I 61 -14.70 30.34 8.60
CA ASN I 61 -13.99 31.42 7.97
C ASN I 61 -12.54 31.04 7.72
N PHE I 62 -12.27 29.77 7.45
CA PHE I 62 -10.91 29.29 7.22
C PHE I 62 -10.68 28.92 5.77
N ASP I 63 -9.77 29.64 5.08
CA ASP I 63 -9.44 29.29 3.69
C ASP I 63 -8.72 27.94 3.74
N SER I 64 -9.32 26.93 3.09
CA SER I 64 -8.87 25.56 3.19
C SER I 64 -8.60 24.79 1.86
N TRP I 65 -7.38 24.20 1.76
CA TRP I 65 -7.03 23.35 0.63
C TRP I 65 -8.02 22.21 0.44
N ILE I 66 -8.22 21.82 -0.82
CA ILE I 66 -9.05 20.69 -1.30
C ILE I 66 -8.27 19.97 -2.44
N GLY I 67 -8.62 18.74 -2.72
CA GLY I 67 -7.95 17.85 -3.68
C GLY I 67 -7.72 18.26 -5.12
N LEU I 68 -8.14 19.47 -5.50
CA LEU I 68 -7.97 19.97 -6.86
C LEU I 68 -6.57 20.56 -7.10
N HIS I 69 -5.96 20.13 -8.20
CA HIS I 69 -4.67 20.64 -8.64
C HIS I 69 -4.68 20.73 -10.17
N ARG I 70 -3.67 21.40 -10.71
CA ARG I 70 -3.49 21.71 -12.12
C ARG I 70 -2.00 21.64 -12.43
N GLU I 71 -1.60 21.09 -13.60
CA GLU I 71 -0.17 21.03 -13.97
C GLU I 71 0.41 22.44 -14.22
N SER I 72 -0.41 23.33 -14.83
CA SER I 72 -0.14 24.73 -15.14
C SER I 72 -1.46 25.46 -15.42
N SER I 73 -1.42 26.79 -15.58
CA SER I 73 -2.58 27.64 -15.85
C SER I 73 -3.33 27.19 -17.16
N GLU I 74 -2.59 26.61 -18.13
CA GLU I 74 -3.09 26.15 -19.42
C GLU I 74 -3.51 24.65 -19.40
N HIS I 75 -3.37 23.98 -18.23
CA HIS I 75 -3.74 22.57 -18.05
C HIS I 75 -5.10 22.44 -17.33
N PRO I 76 -5.84 21.31 -17.51
CA PRO I 76 -7.14 21.18 -16.82
C PRO I 76 -7.00 20.83 -15.34
N TRP I 77 -8.00 21.25 -14.52
CA TRP I 77 -8.04 20.94 -13.10
C TRP I 77 -8.37 19.46 -12.90
N LYS I 78 -7.59 18.76 -12.06
CA LYS I 78 -7.75 17.34 -11.79
C LYS I 78 -7.85 17.06 -10.31
N TRP I 79 -8.55 15.97 -9.93
CA TRP I 79 -8.66 15.51 -8.53
C TRP I 79 -7.37 14.75 -8.18
N THR I 80 -7.21 14.28 -6.93
CA THR I 80 -6.01 13.52 -6.54
C THR I 80 -6.00 12.14 -7.24
N ASP I 81 -7.20 11.66 -7.73
CA ASP I 81 -7.41 10.42 -8.51
C ASP I 81 -6.78 10.55 -9.89
N ASN I 82 -6.61 11.81 -10.32
CA ASN I 82 -6.13 12.29 -11.61
C ASN I 82 -7.31 12.36 -12.60
N THR I 83 -8.55 12.21 -12.07
CA THR I 83 -9.81 12.37 -12.82
C THR I 83 -10.03 13.86 -12.98
N GLU I 84 -10.41 14.33 -14.19
CA GLU I 84 -10.58 15.76 -14.38
C GLU I 84 -11.87 16.25 -13.71
N TYR I 85 -11.81 17.44 -13.11
CA TYR I 85 -12.85 18.17 -12.38
C TYR I 85 -13.87 18.70 -13.40
N ASN I 86 -15.16 18.42 -13.17
CA ASN I 86 -16.30 18.74 -14.05
C ASN I 86 -16.52 20.26 -14.28
N ASN I 87 -15.70 21.11 -13.61
CA ASN I 87 -15.70 22.58 -13.57
C ASN I 87 -17.12 23.14 -13.44
N THR I 88 -17.92 22.55 -12.51
CA THR I 88 -19.26 23.05 -12.15
C THR I 88 -19.09 24.42 -11.51
N ILE I 89 -18.18 24.51 -10.51
CA ILE I 89 -17.84 25.73 -9.80
C ILE I 89 -16.43 26.10 -10.30
N PRO I 90 -16.29 27.00 -11.29
CA PRO I 90 -14.96 27.32 -11.79
C PRO I 90 -14.10 27.96 -10.69
N ILE I 91 -12.81 27.62 -10.71
CA ILE I 91 -11.87 28.04 -9.69
C ILE I 91 -11.27 29.35 -10.11
N ARG I 92 -11.23 30.29 -9.16
CA ARG I 92 -10.72 31.60 -9.44
C ARG I 92 -9.21 31.69 -9.17
N GLY I 93 -8.54 32.55 -9.93
CA GLY I 93 -7.09 32.71 -9.81
C GLY I 93 -6.35 31.94 -10.89
N GLU I 94 -5.07 32.26 -11.07
CA GLU I 94 -4.29 31.62 -12.15
C GLU I 94 -3.16 30.73 -11.58
N GLU I 95 -3.44 30.07 -10.44
CA GLU I 95 -2.45 29.21 -9.79
C GLU I 95 -2.81 27.73 -9.85
N ARG I 96 -1.88 26.86 -9.44
CA ARG I 96 -1.99 25.39 -9.55
C ARG I 96 -2.69 24.65 -8.39
N PHE I 97 -2.89 25.28 -7.20
CA PHE I 97 -3.48 24.53 -6.09
C PHE I 97 -4.71 25.20 -5.54
N ALA I 98 -5.83 24.46 -5.48
CA ALA I 98 -7.13 24.98 -5.10
C ALA I 98 -7.43 24.88 -3.62
N TYR I 99 -8.18 25.90 -3.11
CA TYR I 99 -8.70 25.99 -1.74
C TYR I 99 -10.05 26.70 -1.71
N LEU I 100 -10.88 26.34 -0.70
CA LEU I 100 -12.21 26.85 -0.42
C LEU I 100 -12.14 28.12 0.39
N ASN I 101 -12.93 29.11 0.00
CA ASN I 101 -13.02 30.39 0.69
C ASN I 101 -14.48 30.78 0.67
N ASN I 102 -14.83 31.96 1.19
CA ASN I 102 -16.24 32.37 1.25
C ASN I 102 -16.81 32.71 -0.15
N ASN I 103 -15.95 33.04 -1.12
CA ASN I 103 -16.33 33.38 -2.50
C ASN I 103 -16.45 32.15 -3.42
N GLY I 104 -16.13 30.96 -2.88
CA GLY I 104 -16.18 29.68 -3.59
C GLY I 104 -14.86 28.95 -3.54
N ILE I 105 -14.24 28.73 -4.70
CA ILE I 105 -12.94 28.04 -4.76
C ILE I 105 -11.91 28.98 -5.42
N SER I 106 -10.72 29.13 -4.81
CA SER I 106 -9.62 29.96 -5.31
C SER I 106 -8.37 29.12 -5.44
N SER I 107 -7.31 29.65 -6.11
CA SER I 107 -6.03 28.96 -6.27
C SER I 107 -4.86 29.76 -5.70
N THR I 108 -3.77 29.07 -5.27
CA THR I 108 -2.47 29.64 -4.81
C THR I 108 -1.28 28.62 -5.01
N ARG I 109 -0.07 29.04 -4.65
CA ARG I 109 1.23 28.32 -4.74
C ARG I 109 1.34 27.10 -3.83
N ILE I 110 2.16 26.12 -4.21
CA ILE I 110 2.34 24.90 -3.38
C ILE I 110 2.83 25.27 -1.95
N TYR I 111 3.65 26.31 -1.84
CA TYR I 111 4.28 26.78 -0.59
C TYR I 111 3.41 27.73 0.28
N SER I 112 2.25 28.21 -0.21
CA SER I 112 1.49 29.08 0.65
C SER I 112 0.84 28.25 1.75
N LEU I 113 0.42 28.85 2.87
CA LEU I 113 -0.15 28.15 4.01
C LEU I 113 -1.64 28.29 4.07
N ARG I 114 -2.34 27.16 4.24
CA ARG I 114 -3.80 27.18 4.38
C ARG I 114 -4.23 26.14 5.32
N MET I 115 -5.47 26.24 5.75
CA MET I 115 -6.09 25.20 6.55
C MET I 115 -6.40 24.09 5.57
N TRP I 116 -6.84 22.91 6.01
CA TRP I 116 -7.15 21.91 5.00
C TRP I 116 -8.28 21.04 5.46
N ILE I 117 -8.86 20.36 4.48
CA ILE I 117 -9.89 19.37 4.66
C ILE I 117 -9.42 18.11 3.96
N CYS I 118 -9.60 16.97 4.64
CA CYS I 118 -9.42 15.60 4.15
C CYS I 118 -10.78 15.05 3.87
N SER I 119 -10.80 13.96 3.14
CA SER I 119 -11.99 13.24 2.76
C SER I 119 -11.61 11.84 2.46
N LYS I 120 -12.48 10.91 2.89
CA LYS I 120 -12.40 9.47 2.71
C LYS I 120 -13.79 8.90 2.88
N LEU I 121 -14.03 7.75 2.25
CA LEU I 121 -15.28 7.03 2.39
C LEU I 121 -15.28 6.29 3.70
N ASN I 122 -16.42 6.24 4.38
CA ASN I 122 -16.59 5.47 5.60
C ASN I 122 -16.54 4.02 5.16
N ALA I 123 -15.44 3.30 5.47
CA ALA I 123 -15.25 1.93 5.02
C ALA I 123 -14.45 1.10 6.01
N MET J 1 -10.32 -1.43 0.82
CA MET J 1 -11.63 -1.28 1.47
C MET J 1 -12.64 -2.20 0.85
N ASN J 2 -13.64 -2.69 1.63
CA ASN J 2 -14.60 -3.63 1.02
C ASN J 2 -16.02 -3.48 1.54
N LYS J 3 -16.32 -2.48 2.35
CA LYS J 3 -17.67 -2.21 2.82
C LYS J 3 -17.83 -0.71 3.05
N THR J 4 -19.07 -0.18 2.91
CA THR J 4 -19.34 1.23 3.14
C THR J 4 -20.28 1.36 4.33
N TYR J 5 -20.12 2.42 5.13
CA TYR J 5 -20.91 2.72 6.30
C TYR J 5 -21.41 4.13 6.24
N ALA J 6 -22.20 4.58 7.25
CA ALA J 6 -22.78 5.90 7.26
C ALA J 6 -22.54 6.75 8.52
N ALA J 7 -22.46 6.15 9.74
CA ALA J 7 -22.30 6.97 10.98
C ALA J 7 -23.65 7.59 11.46
N CYS J 8 -24.42 8.27 10.57
CA CYS J 8 -25.69 8.93 10.93
C CYS J 8 -26.74 8.74 9.84
N PRO J 9 -28.06 8.87 10.17
CA PRO J 9 -29.07 8.86 9.10
C PRO J 9 -28.91 10.06 8.14
N GLN J 10 -29.73 10.11 7.09
CA GLN J 10 -29.69 11.19 6.11
C GLN J 10 -30.11 12.50 6.80
N ASN J 11 -29.41 13.61 6.47
CA ASN J 11 -29.59 14.98 6.97
C ASN J 11 -28.95 15.21 8.38
N TRP J 12 -28.37 14.17 8.97
CA TRP J 12 -27.71 14.28 10.27
C TRP J 12 -26.24 14.33 10.03
N ILE J 13 -25.49 14.84 11.03
CA ILE J 13 -24.03 15.00 10.99
C ILE J 13 -23.47 14.23 12.17
N GLY J 14 -22.42 13.44 11.93
CA GLY J 14 -21.75 12.61 12.93
C GLY J 14 -20.53 13.26 13.56
N VAL J 15 -20.55 13.38 14.87
CA VAL J 15 -19.45 13.91 15.68
C VAL J 15 -19.22 12.90 16.79
N GLU J 16 -18.13 12.10 16.66
CA GLU J 16 -17.82 11.02 17.60
C GLU J 16 -19.01 10.02 17.62
N ASN J 17 -19.53 9.68 18.81
CA ASN J 17 -20.62 8.70 19.00
C ASN J 17 -22.04 9.33 18.92
N LYS J 18 -22.13 10.64 18.53
CA LYS J 18 -23.40 11.39 18.45
C LYS J 18 -23.77 11.76 17.06
N CYS J 19 -25.06 12.07 16.87
CA CYS J 19 -25.68 12.47 15.61
C CYS J 19 -26.50 13.73 15.82
N PHE J 20 -25.98 14.88 15.35
CA PHE J 20 -26.70 16.13 15.46
C PHE J 20 -27.49 16.42 14.19
N TYR J 21 -28.61 17.12 14.35
CA TYR J 21 -29.51 17.54 13.31
C TYR J 21 -29.72 19.01 13.45
N PHE J 22 -29.39 19.78 12.35
CA PHE J 22 -29.56 21.21 12.30
C PHE J 22 -30.75 21.54 11.37
N SER J 23 -31.83 22.18 11.90
CA SER J 23 -33.04 22.56 11.14
C SER J 23 -32.71 23.45 9.96
N GLU J 24 -33.68 23.60 9.06
CA GLU J 24 -33.53 24.43 7.85
C GLU J 24 -34.34 25.74 7.96
N TYR J 25 -35.29 25.81 8.94
CA TYR J 25 -36.20 26.94 9.20
C TYR J 25 -36.46 27.07 10.73
N PRO J 26 -36.90 28.22 11.24
CA PRO J 26 -37.15 28.34 12.69
C PRO J 26 -38.57 27.95 13.11
N SER J 27 -38.75 27.61 14.41
CA SER J 27 -40.04 27.28 15.01
C SER J 27 -39.96 27.54 16.52
N ASN J 28 -41.05 27.30 17.28
CA ASN J 28 -41.02 27.49 18.72
C ASN J 28 -40.41 26.25 19.39
N TRP J 29 -40.17 26.33 20.73
CA TRP J 29 -39.58 25.28 21.55
C TRP J 29 -40.41 24.01 21.52
N THR J 30 -41.71 24.13 21.63
CA THR J 30 -42.66 23.02 21.64
C THR J 30 -42.56 22.18 20.38
N PHE J 31 -42.67 22.79 19.19
CA PHE J 31 -42.59 22.05 17.93
C PHE J 31 -41.19 21.46 17.74
N ALA J 32 -40.15 22.24 18.02
CA ALA J 32 -38.77 21.81 17.89
C ALA J 32 -38.51 20.53 18.70
N GLN J 33 -38.91 20.53 20.00
CA GLN J 33 -38.75 19.39 20.90
C GLN J 33 -39.56 18.20 20.39
N ALA J 34 -40.77 18.43 19.86
CA ALA J 34 -41.64 17.40 19.30
C ALA J 34 -41.01 16.76 18.06
N PHE J 35 -40.33 17.58 17.24
CA PHE J 35 -39.70 17.14 16.00
C PHE J 35 -38.57 16.14 16.31
N CYS J 36 -37.68 16.51 17.25
CA CYS J 36 -36.56 15.67 17.69
C CYS J 36 -37.07 14.35 18.25
N MET J 37 -38.09 14.39 19.15
CA MET J 37 -38.64 13.20 19.76
C MET J 37 -39.15 12.21 18.74
N ALA J 38 -39.74 12.69 17.63
CA ALA J 38 -40.26 11.87 16.53
C ALA J 38 -39.17 11.10 15.79
N GLN J 39 -37.90 11.58 15.87
CA GLN J 39 -36.73 10.96 15.22
C GLN J 39 -35.93 10.17 16.26
N GLU J 40 -36.56 9.87 17.41
CA GLU J 40 -35.98 9.15 18.56
C GLU J 40 -34.73 9.91 19.09
N ALA J 41 -34.83 11.24 19.09
CA ALA J 41 -33.81 12.16 19.54
C ALA J 41 -34.40 13.14 20.59
N GLN J 42 -33.60 14.11 21.01
CA GLN J 42 -33.95 15.16 21.96
C GLN J 42 -33.30 16.45 21.49
N LEU J 43 -33.75 17.61 22.02
CA LEU J 43 -33.07 18.85 21.67
C LEU J 43 -31.58 18.69 22.11
N ALA J 44 -30.65 19.25 21.31
CA ALA J 44 -29.21 19.08 21.48
C ALA J 44 -28.72 19.19 22.90
N ARG J 45 -27.82 18.27 23.23
CA ARG J 45 -27.11 18.21 24.47
C ARG J 45 -25.61 18.12 24.16
N PHE J 46 -24.79 18.99 24.78
CA PHE J 46 -23.34 18.93 24.64
C PHE J 46 -22.76 18.43 25.95
N ASP J 47 -21.88 17.42 25.89
CA ASP J 47 -21.32 16.84 27.11
C ASP J 47 -19.87 17.27 27.35
N ASN J 48 -19.19 17.72 26.30
CA ASN J 48 -17.81 18.18 26.40
C ASN J 48 -17.63 19.47 25.60
N GLN J 49 -16.42 20.05 25.66
CA GLN J 49 -16.08 21.28 24.94
C GLN J 49 -16.08 21.06 23.43
N ASP J 50 -15.64 19.87 22.98
CA ASP J 50 -15.59 19.51 21.56
C ASP J 50 -16.98 19.52 20.94
N GLU J 51 -17.98 18.93 21.62
CA GLU J 51 -19.37 18.88 21.18
C GLU J 51 -19.94 20.29 21.09
N LEU J 52 -19.68 21.12 22.12
CA LEU J 52 -20.16 22.50 22.14
C LEU J 52 -19.52 23.31 21.00
N ASN J 53 -18.20 23.12 20.76
CA ASN J 53 -17.46 23.83 19.69
C ASN J 53 -18.05 23.50 18.34
N PHE J 54 -18.35 22.21 18.10
CA PHE J 54 -18.94 21.79 16.85
C PHE J 54 -20.27 22.52 16.64
N LEU J 55 -21.17 22.45 17.67
CA LEU J 55 -22.50 23.07 17.63
C LEU J 55 -22.37 24.55 17.27
N MET J 56 -21.52 25.29 17.99
CA MET J 56 -21.30 26.74 17.78
C MET J 56 -20.76 27.06 16.39
N ARG J 57 -19.88 26.20 15.86
CA ARG J 57 -19.27 26.32 14.53
C ARG J 57 -20.27 26.00 13.38
N TYR J 58 -20.97 24.87 13.46
CA TYR J 58 -21.86 24.47 12.40
C TYR J 58 -23.18 25.19 12.43
N LYS J 59 -23.62 25.74 13.61
CA LYS J 59 -24.93 26.45 13.73
C LYS J 59 -24.93 27.72 12.95
N ALA J 60 -23.72 28.13 12.45
CA ALA J 60 -23.46 29.30 11.62
C ALA J 60 -23.95 30.55 12.36
N ASN J 61 -24.71 31.45 11.74
CA ASN J 61 -25.16 32.59 12.49
C ASN J 61 -26.67 32.46 12.78
N PHE J 62 -27.10 31.26 13.21
CA PHE J 62 -28.48 31.01 13.51
C PHE J 62 -28.69 30.83 14.99
N ASP J 63 -29.56 31.66 15.61
CA ASP J 63 -29.90 31.49 17.02
C ASP J 63 -30.70 30.21 17.08
N SER J 64 -30.11 29.16 17.68
CA SER J 64 -30.69 27.81 17.68
C SER J 64 -31.00 27.24 19.04
N TRP J 65 -32.25 26.74 19.22
CA TRP J 65 -32.74 26.02 20.39
C TRP J 65 -31.84 24.87 20.70
N ILE J 66 -31.69 24.54 22.01
CA ILE J 66 -30.94 23.39 22.54
C ILE J 66 -31.82 22.72 23.60
N GLY J 67 -31.25 21.78 24.36
CA GLY J 67 -31.98 21.00 25.36
C GLY J 67 -31.87 21.44 26.80
N LEU J 68 -31.84 22.77 27.04
CA LEU J 68 -31.79 23.32 28.41
C LEU J 68 -33.03 24.14 28.72
N HIS J 69 -33.62 23.86 29.87
CA HIS J 69 -34.81 24.52 30.37
C HIS J 69 -34.75 24.67 31.92
N ARG J 70 -35.48 25.65 32.49
CA ARG J 70 -35.57 25.86 33.94
C ARG J 70 -37.00 26.30 34.32
N GLU J 71 -37.50 25.78 35.47
CA GLU J 71 -38.87 25.98 35.98
C GLU J 71 -39.25 27.47 36.11
N SER J 72 -38.30 28.30 36.58
CA SER J 72 -38.40 29.75 36.77
C SER J 72 -36.99 30.35 36.85
N SER J 73 -36.87 31.68 36.90
CA SER J 73 -35.59 32.40 36.98
C SER J 73 -34.77 31.99 38.24
N GLU J 74 -35.47 31.60 39.33
CA GLU J 74 -34.89 31.18 40.60
C GLU J 74 -34.65 29.65 40.68
N HIS J 75 -34.97 28.91 39.60
CA HIS J 75 -34.79 27.45 39.53
C HIS J 75 -33.54 27.07 38.71
N PRO J 76 -32.91 25.87 38.96
CA PRO J 76 -31.70 25.53 38.20
C PRO J 76 -31.99 25.05 36.77
N TRP J 77 -30.99 25.23 35.89
CA TRP J 77 -31.05 24.79 34.50
C TRP J 77 -30.91 23.27 34.43
N LYS J 78 -31.81 22.61 33.71
CA LYS J 78 -31.81 21.17 33.54
C LYS J 78 -31.82 20.78 32.08
N TRP J 79 -31.28 19.58 31.77
CA TRP J 79 -31.33 19.00 30.43
C TRP J 79 -32.72 18.36 30.21
N THR J 80 -32.99 17.83 29.00
CA THR J 80 -34.27 17.21 28.70
C THR J 80 -34.41 15.87 29.47
N ASP J 81 -33.27 15.31 29.98
CA ASP J 81 -33.21 14.12 30.86
C ASP J 81 -33.72 14.43 32.24
N ASN J 82 -33.71 15.73 32.59
CA ASN J 82 -34.04 16.38 33.85
C ASN J 82 -32.82 16.37 34.78
N THR J 83 -31.64 16.02 34.22
CA THR J 83 -30.34 16.07 34.90
C THR J 83 -29.89 17.53 34.91
N GLU J 84 -29.36 18.05 36.03
CA GLU J 84 -28.99 19.47 36.10
C GLU J 84 -27.72 19.79 35.28
N TYR J 85 -27.73 21.01 34.67
CA TYR J 85 -26.68 21.61 33.85
C TYR J 85 -25.53 22.03 34.75
N ASN J 86 -24.28 21.71 34.35
CA ASN J 86 -23.05 21.97 35.13
C ASN J 86 -22.65 23.46 35.19
N ASN J 87 -23.38 24.33 34.48
CA ASN J 87 -23.21 25.80 34.39
C ASN J 87 -21.80 26.24 33.96
N THR J 88 -21.09 25.38 33.17
CA THR J 88 -19.74 25.66 32.61
C THR J 88 -19.79 26.95 31.79
N ILE J 89 -20.78 27.06 30.87
CA ILE J 89 -21.03 28.22 30.04
C ILE J 89 -22.32 28.84 30.58
N PRO J 90 -22.21 29.92 31.37
CA PRO J 90 -23.40 30.52 31.98
C PRO J 90 -24.39 31.05 30.93
N ILE J 91 -25.69 30.83 31.15
CA ILE J 91 -26.75 31.23 30.23
C ILE J 91 -27.21 32.67 30.53
N ARG J 92 -27.24 33.50 29.47
CA ARG J 92 -27.66 34.90 29.48
C ARG J 92 -29.19 34.99 29.52
N GLY J 93 -29.70 36.07 30.10
CA GLY J 93 -31.14 36.33 30.19
C GLY J 93 -31.80 35.73 31.42
N GLU J 94 -33.04 36.16 31.70
CA GLU J 94 -33.80 35.71 32.86
C GLU J 94 -35.04 34.90 32.44
N GLU J 95 -34.92 34.14 31.32
CA GLU J 95 -36.02 33.34 30.77
C GLU J 95 -35.81 31.82 30.98
N ARG J 96 -36.86 31.02 30.70
CA ARG J 96 -36.93 29.58 30.97
C ARG J 96 -36.38 28.63 29.89
N PHE J 97 -36.17 29.08 28.63
CA PHE J 97 -35.69 28.17 27.57
C PHE J 97 -34.43 28.67 26.89
N ALA J 98 -33.39 27.80 26.85
CA ALA J 98 -32.09 28.14 26.27
C ALA J 98 -32.04 28.03 24.74
N TYR J 99 -31.06 28.72 24.15
CA TYR J 99 -30.71 28.69 22.74
C TYR J 99 -29.30 29.22 22.58
N LEU J 100 -28.59 28.74 21.55
CA LEU J 100 -27.24 29.13 21.19
C LEU J 100 -27.26 30.37 20.30
N ASN J 101 -26.41 31.37 20.60
CA ASN J 101 -26.25 32.57 19.78
C ASN J 101 -24.77 32.82 19.56
N ASN J 102 -24.39 33.92 18.90
CA ASN J 102 -22.96 34.18 18.62
C ASN J 102 -22.14 34.47 19.90
N ASN J 103 -22.79 34.95 20.97
CA ASN J 103 -22.15 35.27 22.26
C ASN J 103 -21.96 34.01 23.14
N GLY J 104 -22.75 32.97 22.89
CA GLY J 104 -22.75 31.74 23.68
C GLY J 104 -24.16 31.23 23.85
N ILE J 105 -24.69 31.18 25.09
CA ILE J 105 -26.07 30.69 25.31
C ILE J 105 -26.93 31.79 25.92
N SER J 106 -28.13 32.00 25.37
CA SER J 106 -29.10 32.99 25.84
C SER J 106 -30.45 32.31 26.13
N SER J 107 -31.46 33.05 26.64
CA SER J 107 -32.77 32.47 26.98
C SER J 107 -33.94 33.33 26.53
N THR J 108 -35.08 32.64 26.19
CA THR J 108 -36.39 33.25 25.81
C THR J 108 -37.56 32.40 26.21
N ARG J 109 -38.77 32.90 25.94
CA ARG J 109 -40.03 32.25 26.26
C ARG J 109 -40.28 31.05 25.35
N ILE J 110 -41.19 30.14 25.74
CA ILE J 110 -41.50 28.94 24.97
C ILE J 110 -41.92 29.26 23.55
N TYR J 111 -42.67 30.34 23.40
CA TYR J 111 -43.31 30.73 22.16
C TYR J 111 -42.45 31.42 21.10
N SER J 112 -41.23 31.87 21.43
CA SER J 112 -40.40 32.56 20.42
C SER J 112 -39.83 31.59 19.38
N LEU J 113 -39.57 32.08 18.16
CA LEU J 113 -39.09 31.27 17.04
C LEU J 113 -37.61 31.28 16.95
N ARG J 114 -37.03 30.10 16.82
CA ARG J 114 -35.59 29.90 16.66
C ARG J 114 -35.35 28.67 15.80
N MET J 115 -34.18 28.61 15.11
CA MET J 115 -33.71 27.36 14.51
C MET J 115 -33.55 26.33 15.68
N TRP J 116 -33.33 25.07 15.38
CA TRP J 116 -33.16 24.11 16.48
C TRP J 116 -32.04 23.13 16.16
N ILE J 117 -31.64 22.32 17.12
CA ILE J 117 -30.64 21.28 17.02
C ILE J 117 -31.15 20.08 17.90
N CYS J 118 -31.18 18.86 17.29
CA CYS J 118 -31.49 17.54 17.86
C CYS J 118 -30.20 16.80 18.06
N SER J 119 -30.16 15.91 19.05
CA SER J 119 -29.01 15.05 19.25
C SER J 119 -29.50 13.72 19.74
N LYS J 120 -28.85 12.68 19.25
CA LYS J 120 -29.07 11.31 19.67
C LYS J 120 -27.77 10.55 19.50
N LEU J 121 -27.61 9.48 20.30
CA LEU J 121 -26.44 8.61 20.25
C LEU J 121 -26.54 7.71 19.03
N ASN J 122 -25.39 7.49 18.37
CA ASN J 122 -25.28 6.62 17.21
C ASN J 122 -25.31 5.17 17.70
N ALA K 7 48.17 -2.28 15.19
CA ALA K 7 48.68 -0.99 15.68
C ALA K 7 49.91 -0.53 14.92
N CYS K 8 49.94 0.75 14.48
CA CYS K 8 51.07 1.33 13.74
C CYS K 8 52.31 1.42 14.63
N PRO K 9 53.54 1.52 14.08
CA PRO K 9 54.69 1.68 14.96
C PRO K 9 54.63 3.00 15.76
N GLN K 10 55.49 3.16 16.75
CA GLN K 10 55.59 4.36 17.57
C GLN K 10 55.94 5.56 16.66
N ASN K 11 55.24 6.69 16.89
CA ASN K 11 55.35 7.99 16.19
C ASN K 11 54.67 8.00 14.82
N TRP K 12 54.01 6.89 14.49
CA TRP K 12 53.21 6.81 13.29
C TRP K 12 51.75 6.90 13.70
N ILE K 13 50.89 7.40 12.78
CA ILE K 13 49.45 7.50 13.01
C ILE K 13 48.73 6.58 12.04
N GLY K 14 47.79 5.81 12.57
CA GLY K 14 46.98 4.86 11.81
C GLY K 14 45.65 5.41 11.39
N VAL K 15 45.40 5.36 10.07
CA VAL K 15 44.18 5.82 9.39
C VAL K 15 43.82 4.73 8.46
N GLU K 16 42.78 3.96 8.84
CA GLU K 16 42.29 2.80 8.10
C GLU K 16 43.46 1.82 7.92
N ASN K 17 43.75 1.40 6.67
CA ASN K 17 44.80 0.41 6.38
C ASN K 17 46.22 1.02 6.20
N LYS K 18 46.39 2.35 6.40
CA LYS K 18 47.66 3.03 6.20
C LYS K 18 48.25 3.55 7.49
N CYS K 19 49.61 3.59 7.53
CA CYS K 19 50.43 4.18 8.62
C CYS K 19 51.11 5.46 8.06
N PHE K 20 51.07 6.54 8.83
CA PHE K 20 51.63 7.85 8.45
C PHE K 20 52.64 8.37 9.45
N TYR K 21 53.75 8.97 8.94
CA TYR K 21 54.74 9.56 9.81
C TYR K 21 54.80 11.02 9.48
N PHE K 22 54.57 11.89 10.50
CA PHE K 22 54.69 13.35 10.35
C PHE K 22 55.93 13.81 11.12
N SER K 23 56.98 14.28 10.41
CA SER K 23 58.24 14.70 11.02
C SER K 23 58.10 15.88 11.98
N GLU K 24 59.00 15.96 12.96
CA GLU K 24 59.07 17.01 13.96
C GLU K 24 60.08 18.06 13.56
N TYR K 25 61.05 17.66 12.66
CA TYR K 25 62.18 18.46 12.12
C TYR K 25 62.12 18.59 10.57
N PRO K 26 62.64 19.65 9.91
CA PRO K 26 62.53 19.70 8.45
C PRO K 26 63.77 19.20 7.71
N SER K 27 63.57 18.82 6.44
CA SER K 27 64.68 18.39 5.58
C SER K 27 64.42 18.76 4.14
N ASN K 28 65.33 18.35 3.23
CA ASN K 28 65.07 18.63 1.83
C ASN K 28 64.35 17.41 1.21
N TRP K 29 63.97 17.51 -0.07
CA TRP K 29 63.21 16.47 -0.73
C TRP K 29 63.95 15.14 -0.79
N THR K 30 65.23 15.19 -1.16
CA THR K 30 66.12 14.03 -1.26
C THR K 30 66.22 13.28 0.09
N PHE K 31 66.49 14.01 1.19
CA PHE K 31 66.60 13.44 2.54
C PHE K 31 65.31 12.80 2.94
N ALA K 32 64.19 13.53 2.79
CA ALA K 32 62.88 13.07 3.16
C ALA K 32 62.56 11.78 2.50
N GLN K 33 62.68 11.73 1.17
CA GLN K 33 62.43 10.51 0.38
C GLN K 33 63.27 9.33 0.89
N ALA K 34 64.59 9.59 1.17
CA ALA K 34 65.51 8.60 1.70
C ALA K 34 65.06 8.12 3.09
N PHE K 35 64.56 9.04 3.94
CA PHE K 35 64.13 8.75 5.30
C PHE K 35 62.95 7.79 5.27
N CYS K 36 61.94 8.09 4.44
CA CYS K 36 60.75 7.24 4.32
C CYS K 36 61.14 5.84 3.80
N MET K 37 61.98 5.75 2.77
CA MET K 37 62.41 4.46 2.21
C MET K 37 63.06 3.56 3.25
N ALA K 38 63.83 4.14 4.18
CA ALA K 38 64.50 3.44 5.30
C ALA K 38 63.49 2.81 6.29
N GLN K 39 62.23 3.34 6.32
CA GLN K 39 61.15 2.87 7.20
C GLN K 39 60.20 1.98 6.40
N GLU K 40 60.66 1.50 5.22
CA GLU K 40 59.89 0.68 4.27
C GLU K 40 58.60 1.45 3.82
N ALA K 41 58.72 2.77 3.70
CA ALA K 41 57.64 3.66 3.33
C ALA K 41 58.04 4.54 2.14
N GLN K 42 57.20 5.53 1.82
CA GLN K 42 57.41 6.50 0.72
C GLN K 42 56.91 7.84 1.14
N LEU K 43 57.40 8.95 0.49
CA LEU K 43 56.85 10.29 0.75
C LEU K 43 55.35 10.17 0.44
N ALA K 44 54.49 10.61 1.40
CA ALA K 44 53.02 10.43 1.40
C ALA K 44 52.37 10.44 0.06
N ARG K 45 51.56 9.39 -0.13
CA ARG K 45 50.72 9.19 -1.28
C ARG K 45 49.30 9.11 -0.79
N PHE K 46 48.42 9.91 -1.38
CA PHE K 46 46.98 9.85 -1.07
C PHE K 46 46.28 9.20 -2.27
N ASP K 47 45.46 8.19 -2.01
CA ASP K 47 44.77 7.48 -3.08
C ASP K 47 43.29 7.86 -3.17
N ASN K 48 42.74 8.50 -2.11
CA ASN K 48 41.34 8.92 -2.08
C ASN K 48 41.20 10.26 -1.37
N GLN K 49 39.96 10.78 -1.29
CA GLN K 49 39.56 12.03 -0.62
C GLN K 49 39.80 11.94 0.89
N ASP K 50 39.49 10.78 1.48
CA ASP K 50 39.63 10.51 2.91
C ASP K 50 41.07 10.64 3.36
N GLU K 51 42.02 10.03 2.60
CA GLU K 51 43.46 10.05 2.84
C GLU K 51 43.98 11.47 2.74
N LEU K 52 43.54 12.22 1.70
CA LEU K 52 43.95 13.61 1.51
C LEU K 52 43.43 14.50 2.65
N ASN K 53 42.17 14.28 3.09
CA ASN K 53 41.56 15.03 4.20
C ASN K 53 42.34 14.83 5.47
N PHE K 54 42.74 13.57 5.76
CA PHE K 54 43.54 13.28 6.95
C PHE K 54 44.85 14.08 6.91
N LEU K 55 45.59 13.98 5.79
CA LEU K 55 46.89 14.65 5.61
C LEU K 55 46.74 16.13 5.82
N MET K 56 45.76 16.78 5.14
CA MET K 56 45.48 18.23 5.27
C MET K 56 45.14 18.62 6.71
N ARG K 57 44.35 17.78 7.40
CA ARG K 57 43.91 18.07 8.75
C ARG K 57 45.04 17.93 9.77
N TYR K 58 45.75 16.78 9.76
CA TYR K 58 46.79 16.55 10.74
C TYR K 58 48.08 17.26 10.41
N LYS K 59 48.36 17.66 9.16
CA LYS K 59 49.62 18.36 8.88
C LYS K 59 49.67 19.70 9.65
N ALA K 60 48.51 20.17 10.17
CA ALA K 60 48.35 21.42 10.93
C ALA K 60 48.89 22.59 10.09
N ASN K 61 49.76 23.43 10.66
CA ASN K 61 50.33 24.57 9.95
C ASN K 61 51.77 24.29 9.56
N PHE K 62 52.05 23.03 9.15
CA PHE K 62 53.40 22.62 8.75
C PHE K 62 53.43 22.30 7.27
N ASP K 63 54.13 23.13 6.46
CA ASP K 63 54.26 22.86 5.03
C ASP K 63 55.12 21.63 4.94
N SER K 64 54.55 20.54 4.40
CA SER K 64 55.19 19.22 4.38
C SER K 64 55.23 18.54 3.03
N TRP K 65 56.38 17.93 2.73
CA TRP K 65 56.66 17.20 1.50
C TRP K 65 55.75 15.99 1.33
N ILE K 66 55.34 15.72 0.09
CA ILE K 66 54.51 14.56 -0.30
C ILE K 66 55.19 13.96 -1.49
N GLY K 67 54.92 12.71 -1.80
CA GLY K 67 55.59 11.98 -2.85
C GLY K 67 55.38 12.33 -4.31
N LEU K 68 55.13 13.59 -4.62
CA LEU K 68 54.97 14.08 -5.99
C LEU K 68 56.20 14.92 -6.49
N HIS K 69 56.82 14.46 -7.61
CA HIS K 69 57.96 15.14 -8.23
C HIS K 69 57.66 15.37 -9.72
N ARG K 70 58.55 16.09 -10.41
CA ARG K 70 58.42 16.56 -11.79
C ARG K 70 59.82 16.73 -12.39
N GLU K 71 60.04 16.32 -13.68
CA GLU K 71 61.36 16.47 -14.34
C GLU K 71 61.66 17.95 -14.62
N SER K 72 60.63 18.72 -15.04
CA SER K 72 60.65 20.16 -15.33
C SER K 72 59.21 20.69 -15.30
N SER K 73 59.03 22.02 -15.43
CA SER K 73 57.75 22.72 -15.45
C SER K 73 56.83 22.20 -16.57
N GLU K 74 57.43 21.73 -17.68
CA GLU K 74 56.74 21.21 -18.86
C GLU K 74 56.53 19.66 -18.80
N HIS K 75 56.99 19.01 -17.71
CA HIS K 75 56.87 17.55 -17.53
C HIS K 75 55.73 17.19 -16.57
N PRO K 76 55.16 15.95 -16.67
CA PRO K 76 54.04 15.60 -15.77
C PRO K 76 54.48 15.22 -14.35
N TRP K 77 53.59 15.39 -13.33
CA TRP K 77 53.92 14.98 -11.96
C TRP K 77 53.79 13.49 -11.83
N LYS K 78 54.74 12.90 -11.18
CA LYS K 78 54.76 11.46 -10.96
C LYS K 78 54.90 11.17 -9.49
N TRP K 79 54.35 10.04 -9.04
CA TRP K 79 54.53 9.57 -7.66
C TRP K 79 55.93 8.93 -7.54
N THR K 80 56.31 8.48 -6.34
CA THR K 80 57.63 7.84 -6.15
C THR K 80 57.67 6.46 -6.86
N ASP K 81 56.49 5.87 -7.18
CA ASP K 81 56.32 4.61 -7.93
C ASP K 81 56.72 4.82 -9.39
N ASN K 82 56.71 6.10 -9.82
CA ASN K 82 56.92 6.63 -11.17
C ASN K 82 55.62 6.57 -11.97
N THR K 83 54.48 6.29 -11.27
CA THR K 83 53.14 6.30 -11.83
C THR K 83 52.73 7.77 -11.91
N GLU K 84 52.11 8.20 -13.03
CA GLU K 84 51.75 9.62 -13.15
C GLU K 84 50.55 9.98 -12.28
N TYR K 85 50.57 11.23 -11.78
CA TYR K 85 49.59 11.83 -10.88
C TYR K 85 48.31 12.10 -11.68
N ASN K 86 47.13 11.76 -11.10
CA ASN K 86 45.80 11.91 -11.75
C ASN K 86 45.34 13.35 -11.89
N ASN K 87 46.13 14.30 -11.34
CA ASN K 87 45.97 15.75 -11.33
C ASN K 87 44.61 16.21 -10.79
N THR K 88 44.02 15.45 -9.82
CA THR K 88 42.74 15.77 -9.15
C THR K 88 42.85 17.12 -8.48
N ILE K 89 43.93 17.31 -7.70
CA ILE K 89 44.24 18.56 -7.03
C ILE K 89 45.45 19.13 -7.76
N PRO K 90 45.27 20.09 -8.70
CA PRO K 90 46.44 20.61 -9.42
C PRO K 90 47.41 21.32 -8.46
N ILE K 91 48.73 21.01 -8.59
CA ILE K 91 49.78 21.58 -7.75
C ILE K 91 50.05 23.02 -8.20
N ARG K 92 50.29 23.90 -7.22
CA ARG K 92 50.56 25.33 -7.42
C ARG K 92 52.07 25.64 -7.59
N GLY K 93 52.40 26.54 -8.49
CA GLY K 93 53.79 26.92 -8.70
C GLY K 93 54.43 26.26 -9.89
N GLU K 94 55.49 26.90 -10.38
CA GLU K 94 56.19 26.42 -11.56
C GLU K 94 57.46 25.64 -11.18
N GLU K 95 57.47 24.96 -10.01
CA GLU K 95 58.64 24.21 -9.55
C GLU K 95 58.44 22.68 -9.59
N ARG K 96 59.53 21.91 -9.38
CA ARG K 96 59.65 20.46 -9.53
C ARG K 96 59.31 19.58 -8.33
N PHE K 97 59.34 20.06 -7.05
CA PHE K 97 59.04 19.16 -5.89
C PHE K 97 57.91 19.66 -5.00
N ALA K 98 56.86 18.84 -4.84
CA ALA K 98 55.62 19.16 -4.14
C ALA K 98 55.59 18.89 -2.64
N TYR K 99 54.82 19.77 -1.95
CA TYR K 99 54.49 19.82 -0.53
C TYR K 99 53.06 20.36 -0.33
N LEU K 100 52.41 19.87 0.75
CA LEU K 100 51.10 20.25 1.24
C LEU K 100 51.12 21.56 2.06
N ASN K 101 50.09 22.40 1.89
CA ASN K 101 49.89 23.67 2.60
C ASN K 101 48.41 23.96 2.77
N ASN K 102 48.11 25.08 3.46
CA ASN K 102 46.74 25.42 3.73
C ASN K 102 45.97 25.72 2.44
N ASN K 103 46.68 26.07 1.37
CA ASN K 103 46.08 26.37 0.07
C ASN K 103 45.82 25.08 -0.78
N GLY K 104 46.47 23.98 -0.42
CA GLY K 104 46.39 22.71 -1.12
C GLY K 104 47.78 22.15 -1.27
N ILE K 105 48.33 22.14 -2.50
CA ILE K 105 49.68 21.63 -2.78
C ILE K 105 50.47 22.65 -3.56
N SER K 106 51.68 22.97 -3.10
CA SER K 106 52.56 23.90 -3.83
C SER K 106 53.89 23.20 -4.23
N SER K 107 54.86 23.93 -4.81
CA SER K 107 56.12 23.34 -5.22
C SER K 107 57.29 24.30 -5.00
N THR K 108 58.50 23.73 -4.81
CA THR K 108 59.80 24.38 -4.60
C THR K 108 60.92 23.56 -5.20
N ARG K 109 62.13 24.03 -4.96
CA ARG K 109 63.35 23.42 -5.41
C ARG K 109 63.76 22.28 -4.50
N ILE K 110 64.54 21.33 -5.02
CA ILE K 110 65.03 20.14 -4.28
C ILE K 110 65.55 20.53 -2.89
N TYR K 111 66.40 21.61 -2.84
CA TYR K 111 67.14 22.15 -1.69
C TYR K 111 66.33 22.86 -0.60
N SER K 112 65.05 23.10 -0.81
CA SER K 112 64.20 23.76 0.21
C SER K 112 64.03 22.85 1.43
N LEU K 113 63.86 23.44 2.61
CA LEU K 113 63.60 22.69 3.84
C LEU K 113 62.13 22.74 4.17
N ARG K 114 61.57 21.56 4.41
CA ARG K 114 60.16 21.42 4.78
C ARG K 114 60.05 20.24 5.69
N MET K 115 58.93 20.14 6.43
CA MET K 115 58.71 18.93 7.26
C MET K 115 58.35 17.85 6.25
N TRP K 116 58.23 16.55 6.64
CA TRP K 116 57.75 15.55 5.66
C TRP K 116 56.70 14.64 6.23
N ILE K 117 56.03 13.92 5.31
CA ILE K 117 55.08 12.86 5.58
C ILE K 117 55.56 11.60 4.86
N CYS K 118 55.55 10.46 5.59
CA CYS K 118 55.83 9.10 5.06
C CYS K 118 54.55 8.34 5.12
N SER K 119 54.33 7.44 4.15
CA SER K 119 53.12 6.65 4.13
C SER K 119 53.44 5.26 3.61
N LYS K 120 52.84 4.25 4.27
CA LYS K 120 52.96 2.83 3.94
C LYS K 120 51.69 2.08 4.41
N LEU K 121 51.46 0.87 3.90
CA LEU K 121 50.37 0.03 4.33
C LEU K 121 50.69 -0.60 5.69
N ASN K 122 49.66 -0.72 6.55
CA ASN K 122 49.75 -1.43 7.82
C ASN K 122 49.73 -2.89 7.44
N ALA K 123 50.89 -3.53 7.46
CA ALA K 123 51.10 -4.91 7.03
C ALA K 123 52.27 -5.55 7.77
N SER K 124 52.35 -6.87 7.67
CA SER K 124 53.45 -7.68 8.22
C SER K 124 53.58 -8.96 7.40
N MET L 1 55.38 -8.34 2.05
CA MET L 1 54.21 -8.35 2.95
C MET L 1 53.16 -9.34 2.45
N ASN L 2 52.43 -10.01 3.38
CA ASN L 2 51.40 -10.93 2.95
C ASN L 2 50.10 -10.84 3.77
N LYS L 3 49.91 -9.79 4.58
CA LYS L 3 48.66 -9.53 5.28
C LYS L 3 48.53 -8.06 5.54
N THR L 4 47.30 -7.49 5.51
CA THR L 4 47.11 -6.06 5.82
C THR L 4 46.27 -5.93 7.09
N TYR L 5 46.52 -4.86 7.84
CA TYR L 5 45.82 -4.57 9.08
C TYR L 5 45.30 -3.18 9.05
N ALA L 6 44.41 -2.85 9.99
CA ALA L 6 43.90 -1.52 10.27
C ALA L 6 44.32 -1.20 11.69
N ALA L 7 44.61 0.06 12.01
CA ALA L 7 45.09 0.31 13.35
C ALA L 7 43.92 0.41 14.33
N CYS L 8 42.80 0.98 13.84
CA CYS L 8 41.59 1.25 14.61
C CYS L 8 40.33 0.92 13.82
N PRO L 9 39.13 0.82 14.45
CA PRO L 9 37.92 0.69 13.61
C PRO L 9 37.77 1.89 12.67
N GLN L 10 36.81 1.81 11.73
CA GLN L 10 36.55 2.83 10.73
C GLN L 10 36.15 4.12 11.44
N ASN L 11 36.66 5.28 10.96
CA ASN L 11 36.44 6.66 11.45
C ASN L 11 37.25 6.98 12.73
N TRP L 12 38.01 6.01 13.24
CA TRP L 12 38.88 6.19 14.39
C TRP L 12 40.33 6.35 13.90
N ILE L 13 41.19 6.99 14.73
CA ILE L 13 42.62 7.24 14.46
C ILE L 13 43.48 6.55 15.52
N GLY L 14 44.54 5.89 15.09
CA GLY L 14 45.46 5.17 15.96
C GLY L 14 46.71 5.96 16.31
N VAL L 15 46.96 6.10 17.61
CA VAL L 15 48.15 6.77 18.15
C VAL L 15 48.64 5.86 19.24
N GLU L 16 49.74 5.15 18.93
CA GLU L 16 50.35 4.18 19.82
C GLU L 16 49.31 3.10 20.18
N ASN L 17 49.10 2.83 21.49
CA ASN L 17 48.19 1.78 21.97
C ASN L 17 46.69 2.26 22.11
N LYS L 18 46.38 3.49 21.64
CA LYS L 18 45.04 4.06 21.78
C LYS L 18 44.36 4.32 20.44
N CYS L 19 43.01 4.32 20.47
CA CYS L 19 42.11 4.66 19.37
C CYS L 19 41.33 5.86 19.76
N PHE L 20 41.34 6.89 18.89
CA PHE L 20 40.65 8.16 19.12
C PHE L 20 39.60 8.39 18.06
N TYR L 21 38.50 9.08 18.43
CA TYR L 21 37.33 9.39 17.59
C TYR L 21 37.08 10.84 17.68
N PHE L 22 37.07 11.53 16.55
CA PHE L 22 36.83 12.97 16.58
C PHE L 22 35.49 13.19 15.97
N SER L 23 34.57 13.82 16.71
CA SER L 23 33.25 14.04 16.19
C SER L 23 33.25 14.90 14.88
N GLU L 24 32.15 14.80 14.13
CA GLU L 24 31.95 15.49 12.88
C GLU L 24 31.08 16.77 13.11
N TYR L 25 30.38 16.84 14.27
CA TYR L 25 29.45 17.89 14.68
C TYR L 25 29.46 18.06 16.24
N PRO L 26 29.00 19.24 16.77
CA PRO L 26 29.00 19.43 18.24
C PRO L 26 27.76 18.91 18.94
N SER L 27 27.90 18.55 20.23
CA SER L 27 26.84 18.05 21.11
C SER L 27 27.10 18.40 22.57
N ASN L 28 26.07 18.25 23.44
CA ASN L 28 26.26 18.50 24.87
C ASN L 28 27.06 17.34 25.50
N TRP L 29 27.51 17.53 26.74
CA TRP L 29 28.31 16.55 27.47
C TRP L 29 27.61 15.20 27.61
N THR L 30 26.32 15.19 27.94
CA THR L 30 25.54 13.97 28.15
C THR L 30 25.52 13.09 26.89
N PHE L 31 25.21 13.68 25.69
CA PHE L 31 25.15 12.87 24.47
C PHE L 31 26.51 12.37 24.10
N ALA L 32 27.49 13.29 24.17
CA ALA L 32 28.89 13.01 23.90
C ALA L 32 29.31 11.76 24.64
N GLN L 33 29.18 11.75 25.99
CA GLN L 33 29.57 10.70 26.90
C GLN L 33 28.85 9.39 26.56
N ALA L 34 27.55 9.48 26.22
CA ALA L 34 26.72 8.32 25.87
C ALA L 34 27.21 7.68 24.59
N PHE L 35 27.63 8.52 23.61
CA PHE L 35 28.10 8.07 22.30
C PHE L 35 29.36 7.24 22.44
N CYS L 36 30.38 7.75 23.19
CA CYS L 36 31.63 7.07 23.45
C CYS L 36 31.38 5.72 24.12
N MET L 37 30.56 5.69 25.19
CA MET L 37 30.28 4.48 25.94
C MET L 37 29.67 3.38 25.05
N ALA L 38 28.84 3.77 24.05
CA ALA L 38 28.21 2.85 23.10
C ALA L 38 29.22 2.16 22.18
N GLN L 39 30.41 2.77 21.99
CA GLN L 39 31.48 2.25 21.16
C GLN L 39 32.56 1.58 22.03
N GLU L 40 32.20 1.26 23.28
CA GLU L 40 33.08 0.67 24.29
C GLU L 40 34.28 1.58 24.56
N ALA L 41 34.04 2.90 24.55
CA ALA L 41 35.03 3.95 24.75
C ALA L 41 34.59 4.90 25.84
N GLN L 42 35.35 5.99 26.05
CA GLN L 42 35.06 7.04 27.02
C GLN L 42 35.44 8.39 26.43
N LEU L 43 34.90 9.49 26.97
CA LEU L 43 35.32 10.83 26.55
C LEU L 43 36.84 10.90 26.78
N ALA L 44 37.59 11.26 25.74
CA ALA L 44 39.05 11.30 25.68
C ALA L 44 39.74 11.49 27.02
N ARG L 45 40.75 10.63 27.24
CA ARG L 45 41.65 10.63 28.38
C ARG L 45 43.05 10.67 27.83
N PHE L 46 43.85 11.63 28.29
CA PHE L 46 45.27 11.73 27.89
C PHE L 46 46.11 11.33 29.10
N ASP L 47 47.07 10.41 28.88
CA ASP L 47 47.88 9.90 29.98
C ASP L 47 49.28 10.49 29.96
N ASN L 48 49.72 11.03 28.83
CA ASN L 48 51.03 11.64 28.71
C ASN L 48 50.93 12.94 27.89
N GLN L 49 52.05 13.65 27.75
CA GLN L 49 52.12 14.90 26.98
C GLN L 49 51.92 14.63 25.48
N ASP L 50 52.44 13.47 24.98
CA ASP L 50 52.35 13.08 23.58
C ASP L 50 50.89 12.92 23.16
N GLU L 51 50.06 12.24 24.02
CA GLU L 51 48.63 12.00 23.82
C GLU L 51 47.89 13.32 23.80
N LEU L 52 48.19 14.23 24.75
CA LEU L 52 47.58 15.56 24.82
C LEU L 52 47.94 16.39 23.55
N ASN L 53 49.19 16.31 23.09
CA ASN L 53 49.66 17.03 21.89
C ASN L 53 48.91 16.55 20.65
N PHE L 54 48.70 15.23 20.53
CA PHE L 54 47.96 14.69 19.40
C PHE L 54 46.54 15.28 19.41
N LEU L 55 45.84 15.17 20.57
CA LEU L 55 44.47 15.65 20.74
C LEU L 55 44.37 17.11 20.33
N MET L 56 45.26 17.97 20.86
CA MET L 56 45.33 19.41 20.56
C MET L 56 45.53 19.68 19.06
N ARG L 57 46.41 18.90 18.42
CA ARG L 57 46.75 19.04 17.01
C ARG L 57 45.61 18.60 16.12
N TYR L 58 45.05 17.43 16.35
CA TYR L 58 44.03 16.91 15.46
C TYR L 58 42.65 17.52 15.73
N LYS L 59 42.38 18.06 16.96
CA LYS L 59 41.09 18.68 17.30
C LYS L 59 40.85 19.91 16.46
N ALA L 60 41.91 20.38 15.74
CA ALA L 60 41.95 21.55 14.86
C ALA L 60 41.53 22.80 15.67
N ASN L 61 40.55 23.58 15.19
CA ASN L 61 40.15 24.73 15.97
C ASN L 61 38.75 24.48 16.52
N PHE L 62 38.53 23.27 17.04
CA PHE L 62 37.25 22.92 17.62
C PHE L 62 37.37 22.73 19.12
N ASP L 63 36.61 23.49 19.90
CA ASP L 63 36.55 23.31 21.34
C ASP L 63 35.92 21.98 21.56
N SER L 64 36.72 21.04 22.08
CA SER L 64 36.32 19.64 22.19
C SER L 64 36.21 19.08 23.59
N TRP L 65 35.13 18.34 23.87
CA TRP L 65 34.93 17.69 25.18
C TRP L 65 36.00 16.63 25.46
N ILE L 66 36.46 16.53 26.71
CA ILE L 66 37.40 15.47 27.11
C ILE L 66 36.73 14.71 28.26
N GLY L 67 37.40 13.79 28.93
CA GLY L 67 36.77 12.99 29.98
C GLY L 67 37.03 13.44 31.39
N LEU L 68 36.87 14.74 31.65
CA LEU L 68 37.10 15.34 32.97
C LEU L 68 35.89 16.10 33.48
N HIS L 69 35.57 15.86 34.77
CA HIS L 69 34.44 16.45 35.45
C HIS L 69 34.74 16.67 36.93
N ARG L 70 34.00 17.58 37.58
CA ARG L 70 34.10 17.85 39.01
C ARG L 70 32.72 18.07 39.61
N GLU L 71 32.54 17.70 40.90
CA GLU L 71 31.26 17.79 41.63
C GLU L 71 30.78 19.24 41.77
N SER L 72 31.72 20.17 42.05
CA SER L 72 31.52 21.62 42.20
C SER L 72 32.86 22.34 42.03
N SER L 73 32.86 23.68 42.01
CA SER L 73 34.05 24.53 41.88
C SER L 73 35.08 24.25 43.00
N GLU L 74 34.61 23.83 44.20
CA GLU L 74 35.42 23.53 45.39
C GLU L 74 35.81 22.02 45.48
N HIS L 75 35.41 21.21 44.48
CA HIS L 75 35.72 19.77 44.43
C HIS L 75 36.86 19.46 43.43
N PRO L 76 37.61 18.33 43.60
CA PRO L 76 38.70 18.03 42.65
C PRO L 76 38.23 17.48 41.30
N TRP L 77 39.06 17.68 40.26
CA TRP L 77 38.80 17.18 38.90
C TRP L 77 39.05 15.67 38.84
N LYS L 78 38.10 14.92 38.28
CA LYS L 78 38.19 13.46 38.14
C LYS L 78 37.98 13.02 36.68
N TRP L 79 38.55 11.86 36.32
CA TRP L 79 38.35 11.23 35.02
C TRP L 79 36.99 10.50 35.03
N THR L 80 36.59 9.92 33.89
CA THR L 80 35.32 9.18 33.79
C THR L 80 35.44 7.86 34.60
N ASP L 81 36.67 7.40 34.92
CA ASP L 81 36.97 6.23 35.78
C ASP L 81 36.66 6.54 37.23
N ASN L 82 36.62 7.84 37.56
CA ASN L 82 36.44 8.48 38.86
C ASN L 82 37.81 8.59 39.58
N THR L 83 38.90 8.33 38.83
CA THR L 83 40.29 8.51 39.28
C THR L 83 40.58 10.00 39.20
N GLU L 84 41.22 10.60 40.23
CA GLU L 84 41.48 12.03 40.22
C GLU L 84 42.58 12.40 39.21
N TYR L 85 42.39 13.56 38.58
CA TYR L 85 43.32 14.12 37.62
C TYR L 85 44.58 14.57 38.36
N ASN L 86 45.74 14.45 37.71
CA ASN L 86 47.05 14.82 38.26
C ASN L 86 47.33 16.36 38.24
N ASN L 87 46.41 17.15 37.64
CA ASN L 87 46.40 18.61 37.50
C ASN L 87 47.67 19.16 36.83
N THR L 88 48.29 18.37 35.92
CA THR L 88 49.49 18.76 35.15
C THR L 88 49.21 20.03 34.36
N ILE L 89 48.07 20.04 33.63
CA ILE L 89 47.62 21.20 32.87
C ILE L 89 46.37 21.71 33.61
N PRO L 90 46.52 22.80 34.41
CA PRO L 90 45.36 23.31 35.17
C PRO L 90 44.23 23.76 34.26
N ILE L 91 42.98 23.48 34.67
CA ILE L 91 41.79 23.79 33.87
C ILE L 91 41.26 25.19 34.22
N ARG L 92 41.01 25.99 33.17
CA ARG L 92 40.47 27.36 33.23
C ARG L 92 38.93 27.31 33.48
N GLY L 93 38.38 28.36 34.07
CA GLY L 93 36.94 28.42 34.34
C GLY L 93 36.54 27.86 35.69
N GLU L 94 35.32 28.23 36.14
CA GLU L 94 34.78 27.80 37.43
C GLU L 94 33.54 26.89 37.24
N GLU L 95 33.57 26.05 36.19
CA GLU L 95 32.51 25.12 35.86
C GLU L 95 32.89 23.65 36.15
N ARG L 96 31.90 22.75 36.02
CA ARG L 96 32.00 21.33 36.37
C ARG L 96 32.49 20.41 35.24
N PHE L 97 32.43 20.83 33.96
CA PHE L 97 32.86 19.94 32.90
C PHE L 97 33.94 20.56 32.04
N ALA L 98 34.93 19.73 31.61
CA ALA L 98 36.14 20.10 30.85
C ALA L 98 36.05 19.95 29.33
N TYR L 99 36.74 20.84 28.62
CA TYR L 99 36.88 20.76 27.15
C TYR L 99 38.21 21.38 26.72
N LEU L 100 38.80 20.88 25.64
CA LEU L 100 40.04 21.38 25.04
C LEU L 100 39.81 22.59 24.15
N ASN L 101 40.62 23.64 24.28
CA ASN L 101 40.55 24.83 23.44
C ASN L 101 41.97 25.21 22.99
N ASN L 102 42.16 26.33 22.27
CA ASN L 102 43.49 26.72 21.77
C ASN L 102 44.45 27.17 22.91
N ASN L 103 43.91 27.55 24.07
CA ASN L 103 44.70 27.98 25.23
C ASN L 103 45.12 26.78 26.11
N GLY L 104 44.42 25.65 25.96
CA GLY L 104 44.66 24.44 26.75
C GLY L 104 43.35 23.79 27.13
N ILE L 105 43.02 23.75 28.44
CA ILE L 105 41.74 23.16 28.90
C ILE L 105 40.91 24.21 29.62
N SER L 106 39.62 24.30 29.27
CA SER L 106 38.67 25.23 29.87
C SER L 106 37.44 24.48 30.44
N SER L 107 36.49 25.21 31.08
CA SER L 107 35.28 24.63 31.71
C SER L 107 33.95 25.34 31.41
N THR L 108 32.96 24.57 30.95
CA THR L 108 31.58 25.03 30.69
C THR L 108 30.59 24.09 31.38
N ARG L 109 29.28 24.41 31.28
CA ARG L 109 28.20 23.62 31.91
C ARG L 109 27.95 22.25 31.15
N ILE L 110 27.00 21.46 31.65
CA ILE L 110 26.63 20.17 31.07
C ILE L 110 25.92 20.38 29.74
N TYR L 111 25.07 21.40 29.66
CA TYR L 111 24.24 21.73 28.49
C TYR L 111 24.96 22.55 27.41
N SER L 112 26.31 22.62 27.43
CA SER L 112 27.07 23.38 26.42
C SER L 112 27.38 22.53 25.18
N LEU L 113 27.15 23.09 23.97
CA LEU L 113 27.42 22.35 22.73
C LEU L 113 28.87 22.40 22.37
N ARG L 114 29.45 21.22 22.21
CA ARG L 114 30.85 21.10 21.86
C ARG L 114 31.15 19.85 21.11
N MET L 115 32.15 19.90 20.21
CA MET L 115 32.64 18.71 19.53
C MET L 115 33.16 17.82 20.62
N TRP L 116 33.38 16.54 20.32
CA TRP L 116 33.93 15.71 21.36
C TRP L 116 35.05 14.81 20.81
N ILE L 117 35.71 14.09 21.70
CA ILE L 117 36.75 13.13 21.39
C ILE L 117 36.50 11.91 22.28
N CYS L 118 36.49 10.71 21.70
CA CYS L 118 36.43 9.48 22.47
C CYS L 118 37.80 8.86 22.39
N SER L 119 38.20 8.16 23.44
CA SER L 119 39.40 7.36 23.51
C SER L 119 39.02 5.98 24.04
N LYS L 120 39.79 4.96 23.63
CA LYS L 120 39.74 3.56 24.08
C LYS L 120 41.08 2.91 23.73
N LEU L 121 41.45 1.90 24.49
CA LEU L 121 42.67 1.15 24.27
C LEU L 121 42.48 0.19 23.12
N ASN L 122 43.53 0.01 22.32
CA ASN L 122 43.56 -0.93 21.22
C ASN L 122 43.79 -2.30 21.81
N TYR M 5 43.19 -3.53 -12.48
CA TYR M 5 43.78 -4.83 -12.14
C TYR M 5 45.28 -4.90 -12.48
N ALA M 6 46.06 -5.64 -11.66
CA ALA M 6 47.50 -5.89 -11.84
C ALA M 6 47.77 -7.40 -11.85
N ALA M 7 48.54 -7.88 -12.82
CA ALA M 7 48.85 -9.31 -12.94
C ALA M 7 49.94 -9.79 -11.97
N CYS M 8 49.98 -11.10 -11.76
CA CYS M 8 51.02 -11.73 -10.96
C CYS M 8 52.18 -12.06 -11.88
N PRO M 9 53.41 -12.19 -11.34
CA PRO M 9 54.55 -12.55 -12.20
C PRO M 9 54.39 -13.95 -12.82
N GLN M 10 55.31 -14.30 -13.73
CA GLN M 10 55.37 -15.61 -14.38
C GLN M 10 55.54 -16.71 -13.31
N ASN M 11 54.80 -17.83 -13.45
CA ASN M 11 54.77 -19.04 -12.58
C ASN M 11 53.94 -18.83 -11.32
N TRP M 12 53.40 -17.63 -11.14
CA TRP M 12 52.55 -17.31 -10.01
C TRP M 12 51.10 -17.28 -10.45
N ILE M 13 50.18 -17.57 -9.50
CA ILE M 13 48.75 -17.57 -9.67
C ILE M 13 48.15 -16.46 -8.79
N GLY M 14 47.26 -15.66 -9.38
CA GLY M 14 46.55 -14.60 -8.69
C GLY M 14 45.19 -14.99 -8.18
N VAL M 15 44.98 -14.85 -6.86
CA VAL M 15 43.72 -15.11 -6.18
C VAL M 15 43.42 -13.88 -5.33
N GLU M 16 42.42 -13.09 -5.77
CA GLU M 16 42.01 -11.84 -5.17
C GLU M 16 43.26 -10.92 -5.12
N ASN M 17 43.61 -10.34 -3.95
CA ASN M 17 44.74 -9.42 -3.79
C ASN M 17 46.11 -10.12 -3.51
N LYS M 18 46.17 -11.46 -3.62
CA LYS M 18 47.38 -12.23 -3.34
C LYS M 18 47.92 -12.94 -4.58
N CYS M 19 49.22 -13.23 -4.57
CA CYS M 19 49.95 -13.96 -5.61
C CYS M 19 50.51 -15.20 -4.94
N PHE M 20 50.18 -16.39 -5.48
CA PHE M 20 50.65 -17.68 -4.94
C PHE M 20 51.57 -18.40 -5.92
N TYR M 21 52.68 -18.93 -5.40
CA TYR M 21 53.63 -19.74 -6.14
C TYR M 21 53.68 -21.10 -5.53
N PHE M 22 53.41 -22.08 -6.38
CA PHE M 22 53.45 -23.48 -6.03
C PHE M 22 54.73 -24.07 -6.63
N SER M 23 55.59 -24.69 -5.77
CA SER M 23 56.89 -25.23 -6.19
C SER M 23 56.75 -26.40 -7.14
N GLU M 24 57.80 -26.60 -7.96
CA GLU M 24 57.91 -27.62 -9.00
C GLU M 24 58.70 -28.83 -8.50
N TYR M 25 59.49 -28.64 -7.43
CA TYR M 25 60.33 -29.66 -6.78
C TYR M 25 60.27 -29.54 -5.23
N PRO M 26 60.51 -30.61 -4.46
CA PRO M 26 60.49 -30.47 -3.00
C PRO M 26 61.85 -30.05 -2.41
N SER M 27 61.80 -29.48 -1.19
CA SER M 27 62.97 -29.05 -0.44
C SER M 27 62.64 -28.99 1.05
N ASN M 28 63.63 -28.67 1.92
CA ASN M 28 63.40 -28.54 3.36
C ASN M 28 62.80 -27.15 3.68
N TRP M 29 62.34 -26.96 4.93
CA TRP M 29 61.71 -25.73 5.38
C TRP M 29 62.58 -24.49 5.18
N THR M 30 63.87 -24.56 5.56
CA THR M 30 64.85 -23.48 5.48
C THR M 30 65.04 -22.97 4.05
N PHE M 31 65.31 -23.85 3.09
CA PHE M 31 65.47 -23.44 1.69
C PHE M 31 64.13 -22.90 1.13
N ALA M 32 62.99 -23.55 1.43
CA ALA M 32 61.69 -23.09 0.94
C ALA M 32 61.40 -21.65 1.42
N GLN M 33 61.67 -21.34 2.69
CA GLN M 33 61.46 -20.02 3.25
C GLN M 33 62.38 -19.03 2.53
N ALA M 34 63.62 -19.44 2.27
CA ALA M 34 64.63 -18.60 1.60
C ALA M 34 64.26 -18.36 0.12
N PHE M 35 63.59 -19.34 -0.51
CA PHE M 35 63.21 -19.25 -1.91
C PHE M 35 62.16 -18.16 -2.06
N CYS M 36 61.18 -18.15 -1.14
CA CYS M 36 60.09 -17.20 -1.11
C CYS M 36 60.64 -15.79 -0.91
N MET M 37 61.51 -15.63 0.09
CA MET M 37 62.11 -14.34 0.41
C MET M 37 62.79 -13.72 -0.80
N ALA M 38 63.37 -14.54 -1.68
CA ALA M 38 64.03 -14.11 -2.92
C ALA M 38 63.05 -13.49 -3.92
N GLN M 39 61.79 -13.90 -3.86
CA GLN M 39 60.72 -13.43 -4.75
C GLN M 39 59.89 -12.36 -4.05
N GLU M 40 60.44 -11.75 -2.97
CA GLU M 40 59.78 -10.73 -2.13
C GLU M 40 58.49 -11.28 -1.54
N ALA M 41 58.51 -12.57 -1.18
CA ALA M 41 57.37 -13.30 -0.63
C ALA M 41 57.77 -14.02 0.67
N GLN M 42 56.82 -14.78 1.23
CA GLN M 42 56.95 -15.59 2.44
C GLN M 42 56.20 -16.90 2.23
N LEU M 43 56.53 -17.97 3.01
CA LEU M 43 55.79 -19.24 2.91
C LEU M 43 54.28 -18.92 3.15
N ALA M 44 53.37 -19.45 2.30
CA ALA M 44 51.90 -19.17 2.28
C ALA M 44 51.23 -18.95 3.63
N ARG M 45 50.38 -18.00 3.63
CA ARG M 45 49.52 -17.64 4.74
C ARG M 45 48.10 -17.56 4.19
N PHE M 46 47.14 -18.17 4.86
CA PHE M 46 45.73 -18.05 4.49
C PHE M 46 45.04 -17.19 5.56
N ASP M 47 44.31 -16.16 5.12
CA ASP M 47 43.65 -15.25 6.04
C ASP M 47 42.15 -15.50 6.11
N ASN M 48 41.59 -16.17 5.11
CA ASN M 48 40.17 -16.47 5.08
C ASN M 48 39.93 -17.90 4.57
N GLN M 49 38.65 -18.33 4.54
CA GLN M 49 38.24 -19.65 4.08
C GLN M 49 38.49 -19.80 2.57
N ASP M 50 38.28 -18.71 1.81
CA ASP M 50 38.47 -18.69 0.36
C ASP M 50 39.93 -18.97 -0.03
N GLU M 51 40.88 -18.32 0.67
CA GLU M 51 42.33 -18.51 0.49
C GLU M 51 42.71 -19.94 0.82
N LEU M 52 42.19 -20.49 1.94
CA LEU M 52 42.48 -21.87 2.35
C LEU M 52 41.92 -22.88 1.32
N ASN M 53 40.71 -22.60 0.79
CA ASN M 53 40.08 -23.46 -0.21
C ASN M 53 40.91 -23.51 -1.48
N PHE M 54 41.42 -22.34 -1.92
CA PHE M 54 42.27 -22.27 -3.11
C PHE M 54 43.50 -23.10 -2.92
N LEU M 55 44.20 -22.89 -1.80
CA LEU M 55 45.43 -23.61 -1.46
C LEU M 55 45.21 -25.11 -1.50
N MET M 56 44.19 -25.60 -0.77
CA MET M 56 43.85 -27.02 -0.70
C MET M 56 43.53 -27.60 -2.07
N ARG M 57 42.84 -26.80 -2.92
CA ARG M 57 42.42 -27.22 -4.25
C ARG M 57 43.60 -27.32 -5.22
N TYR M 58 44.40 -26.24 -5.32
CA TYR M 58 45.46 -26.20 -6.30
C TYR M 58 46.69 -26.97 -5.85
N LYS M 59 46.90 -27.21 -4.53
CA LYS M 59 48.08 -27.95 -4.08
C LYS M 59 48.06 -29.39 -4.62
N ALA M 60 46.87 -29.84 -5.14
CA ALA M 60 46.61 -31.17 -5.71
C ALA M 60 46.98 -32.22 -4.67
N ASN M 61 47.82 -33.21 -5.04
CA ASN M 61 48.24 -34.29 -4.14
C ASN M 61 49.66 -34.06 -3.68
N PHE M 62 50.04 -32.81 -3.48
CA PHE M 62 51.40 -32.44 -3.07
C PHE M 62 51.43 -31.94 -1.64
N ASP M 63 52.05 -32.70 -0.72
CA ASP M 63 52.18 -32.25 0.66
C ASP M 63 53.10 -31.05 0.57
N SER M 64 52.53 -29.86 0.86
CA SER M 64 53.19 -28.59 0.66
C SER M 64 53.32 -27.71 1.92
N TRP M 65 54.57 -27.28 2.23
CA TRP M 65 54.96 -26.33 3.30
C TRP M 65 54.18 -25.02 3.25
N ILE M 66 53.79 -24.50 4.43
CA ILE M 66 53.10 -23.21 4.62
C ILE M 66 53.86 -22.47 5.70
N GLY M 67 53.54 -21.20 5.86
CA GLY M 67 54.22 -20.34 6.83
C GLY M 67 53.97 -20.47 8.32
N LEU M 68 53.79 -21.71 8.82
CA LEU M 68 53.58 -21.97 10.25
C LEU M 68 54.74 -22.73 10.84
N HIS M 69 55.18 -22.25 12.01
CA HIS M 69 56.27 -22.79 12.81
C HIS M 69 55.84 -22.81 14.27
N ARG M 70 56.55 -23.58 15.08
CA ARG M 70 56.30 -23.79 16.51
C ARG M 70 57.66 -23.85 17.22
N GLU M 71 57.81 -23.24 18.41
CA GLU M 71 59.10 -23.36 19.12
C GLU M 71 59.30 -24.81 19.59
N SER M 72 58.21 -25.45 20.08
CA SER M 72 58.11 -26.83 20.56
C SER M 72 56.63 -27.26 20.56
N SER M 73 56.36 -28.55 20.86
CA SER M 73 55.01 -29.12 20.92
C SER M 73 54.12 -28.38 21.97
N GLU M 74 54.75 -27.83 23.02
CA GLU M 74 54.11 -27.11 24.13
C GLU M 74 54.04 -25.58 23.89
N HIS M 75 54.52 -25.11 22.72
CA HIS M 75 54.51 -23.70 22.34
C HIS M 75 53.39 -23.39 21.32
N PRO M 76 52.88 -22.14 21.22
CA PRO M 76 51.81 -21.87 20.25
C PRO M 76 52.29 -21.73 18.80
N TRP M 77 51.41 -22.05 17.83
CA TRP M 77 51.70 -21.92 16.40
C TRP M 77 51.72 -20.44 15.99
N LYS M 78 52.75 -20.04 15.25
CA LYS M 78 52.92 -18.66 14.80
C LYS M 78 53.13 -18.61 13.30
N TRP M 79 52.77 -17.47 12.66
CA TRP M 79 53.04 -17.21 11.25
C TRP M 79 54.49 -16.72 11.11
N THR M 80 54.96 -16.48 9.88
CA THR M 80 56.33 -15.99 9.63
C THR M 80 56.48 -14.54 10.15
N ASP M 81 55.36 -13.83 10.35
CA ASP M 81 55.28 -12.46 10.93
C ASP M 81 55.62 -12.50 12.42
N ASN M 82 55.47 -13.70 13.03
CA ASN M 82 55.58 -14.06 14.43
C ASN M 82 54.23 -13.75 15.15
N THR M 83 53.16 -13.47 14.37
CA THR M 83 51.78 -13.30 14.85
C THR M 83 51.23 -14.69 15.11
N GLU M 84 50.54 -14.91 16.24
CA GLU M 84 50.03 -16.25 16.54
C GLU M 84 48.83 -16.64 15.65
N TYR M 85 48.79 -17.94 15.29
CA TYR M 85 47.78 -18.61 14.46
C TYR M 85 46.48 -18.71 15.25
N ASN M 86 45.34 -18.38 14.61
CA ASN M 86 44.01 -18.35 15.24
C ASN M 86 43.45 -19.75 15.59
N ASN M 87 44.17 -20.81 15.20
CA ASN M 87 43.87 -22.23 15.43
C ASN M 87 42.49 -22.67 14.91
N THR M 88 41.96 -22.00 13.84
CA THR M 88 40.68 -22.34 13.20
C THR M 88 40.69 -23.78 12.73
N ILE M 89 41.78 -24.15 12.01
CA ILE M 89 42.01 -25.51 11.53
C ILE M 89 43.19 -26.03 12.36
N PRO M 90 42.92 -26.83 13.42
CA PRO M 90 44.03 -27.32 14.27
C PRO M 90 45.01 -28.19 13.47
N ILE M 91 46.30 -28.04 13.73
CA ILE M 91 47.35 -28.74 13.00
C ILE M 91 47.61 -30.10 13.64
N ARG M 92 47.66 -31.14 12.79
CA ARG M 92 47.89 -32.54 13.17
C ARG M 92 49.36 -32.80 13.44
N GLY M 93 49.63 -33.78 14.29
CA GLY M 93 50.98 -34.18 14.65
C GLY M 93 51.57 -33.40 15.80
N GLU M 94 52.71 -33.87 16.33
CA GLU M 94 53.36 -33.20 17.45
C GLU M 94 54.74 -32.67 17.06
N GLU M 95 54.85 -32.13 15.81
CA GLU M 95 56.09 -31.57 15.28
C GLU M 95 56.03 -30.02 15.15
N ARG M 96 57.20 -29.39 14.86
CA ARG M 96 57.39 -27.93 14.84
C ARG M 96 57.11 -27.19 13.49
N PHE M 97 56.97 -27.87 12.35
CA PHE M 97 56.76 -27.16 11.08
C PHE M 97 55.58 -27.72 10.36
N ALA M 98 54.76 -26.83 9.74
CA ALA M 98 53.49 -27.16 9.13
C ALA M 98 53.49 -27.18 7.61
N TYR M 99 52.64 -28.06 7.08
CA TYR M 99 52.40 -28.26 5.67
C TYR M 99 50.94 -28.74 5.42
N LEU M 100 50.41 -28.43 4.23
CA LEU M 100 49.09 -28.81 3.72
C LEU M 100 49.10 -30.23 3.15
N ASN M 101 48.15 -31.05 3.56
CA ASN M 101 47.99 -32.39 3.02
C ASN M 101 46.48 -32.59 2.75
N ASN M 102 46.06 -33.79 2.33
CA ASN M 102 44.67 -34.06 2.01
C ASN M 102 43.75 -34.04 3.23
N ASN M 103 44.31 -34.22 4.43
CA ASN M 103 43.56 -34.23 5.70
C ASN M 103 43.42 -32.82 6.29
N GLY M 104 44.14 -31.85 5.74
CA GLY M 104 44.16 -30.48 6.21
C GLY M 104 45.58 -30.00 6.42
N ILE M 105 45.94 -29.71 7.69
CA ILE M 105 47.30 -29.27 8.01
C ILE M 105 47.97 -30.26 8.95
N SER M 106 49.20 -30.67 8.63
CA SER M 106 49.99 -31.59 9.45
C SER M 106 51.34 -30.96 9.79
N SER M 107 52.16 -31.68 10.59
CA SER M 107 53.47 -31.18 11.00
C SER M 107 54.54 -32.22 10.86
N THR M 108 55.75 -31.76 10.49
CA THR M 108 56.98 -32.54 10.31
C THR M 108 58.22 -31.68 10.75
N ARG M 109 59.41 -32.32 10.85
CA ARG M 109 60.70 -31.75 11.26
C ARG M 109 61.25 -30.78 10.18
N ILE M 110 62.18 -29.86 10.57
CA ILE M 110 62.79 -28.84 9.66
C ILE M 110 63.48 -29.46 8.42
N TYR M 111 64.09 -30.65 8.59
CA TYR M 111 64.88 -31.32 7.56
C TYR M 111 64.08 -32.15 6.54
N SER M 112 62.78 -32.39 6.76
CA SER M 112 62.03 -33.21 5.81
C SER M 112 61.78 -32.44 4.51
N LEU M 113 61.64 -33.18 3.39
CA LEU M 113 61.43 -32.60 2.08
C LEU M 113 59.96 -32.54 1.75
N ARG M 114 59.49 -31.38 1.32
CA ARG M 114 58.11 -31.18 0.90
C ARG M 114 58.09 -30.20 -0.23
N MET M 115 56.96 -30.18 -1.00
CA MET M 115 56.77 -29.16 -2.03
C MET M 115 56.44 -27.88 -1.27
N TRP M 116 56.32 -26.71 -1.90
CA TRP M 116 55.94 -25.60 -1.05
C TRP M 116 55.01 -24.60 -1.74
N ILE M 117 54.38 -23.77 -0.91
CA ILE M 117 53.58 -22.65 -1.37
C ILE M 117 54.17 -21.35 -0.85
N CYS M 118 54.46 -20.40 -1.76
CA CYS M 118 54.84 -19.02 -1.42
C CYS M 118 53.54 -18.19 -1.42
N SER M 119 53.62 -16.99 -0.83
CA SER M 119 52.52 -16.00 -0.75
C SER M 119 53.09 -14.60 -0.59
N LYS M 120 52.46 -13.62 -1.29
CA LYS M 120 52.74 -12.20 -1.25
C LYS M 120 51.54 -11.43 -1.77
N LEU M 121 51.43 -10.16 -1.36
CA LEU M 121 50.36 -9.29 -1.81
C LEU M 121 50.68 -8.77 -3.19
N ASN M 122 49.64 -8.63 -4.02
CA ASN M 122 49.74 -8.05 -5.35
C ASN M 122 49.86 -6.56 -5.14
N ALA M 123 51.03 -5.99 -5.34
CA ALA M 123 51.31 -4.56 -5.10
C ALA M 123 52.24 -3.97 -6.17
N MET N 1 55.04 -0.84 1.01
CA MET N 1 53.95 -0.98 0.03
C MET N 1 52.97 0.19 0.22
N ASN N 2 52.08 0.44 -0.74
CA ASN N 2 51.12 1.54 -0.66
C ASN N 2 49.67 1.11 -1.01
N LYS N 3 49.53 0.25 -2.00
CA LYS N 3 48.23 -0.20 -2.43
C LYS N 3 48.31 -1.67 -2.83
N THR N 4 47.17 -2.40 -2.71
CA THR N 4 47.12 -3.79 -3.13
C THR N 4 46.15 -3.86 -4.33
N TYR N 5 46.40 -4.81 -5.22
CA TYR N 5 45.60 -4.95 -6.41
C TYR N 5 45.05 -6.36 -6.49
N ALA N 6 44.18 -6.61 -7.46
CA ALA N 6 43.67 -7.92 -7.75
C ALA N 6 44.09 -8.22 -9.19
N ALA N 7 44.35 -9.49 -9.50
CA ALA N 7 44.78 -9.91 -10.84
C ALA N 7 43.61 -9.99 -11.77
N CYS N 8 42.45 -10.34 -11.20
CA CYS N 8 41.23 -10.66 -11.89
C CYS N 8 40.03 -10.26 -11.04
N PRO N 9 38.77 -10.23 -11.62
CA PRO N 9 37.59 -9.99 -10.78
C PRO N 9 37.39 -11.10 -9.73
N GLN N 10 36.49 -10.89 -8.78
CA GLN N 10 36.20 -11.86 -7.71
C GLN N 10 35.69 -13.15 -8.32
N ASN N 11 36.16 -14.29 -7.79
CA ASN N 11 35.84 -15.69 -8.18
C ASN N 11 36.62 -16.16 -9.42
N TRP N 12 37.42 -15.27 -9.98
CA TRP N 12 38.28 -15.58 -11.11
C TRP N 12 39.72 -15.77 -10.61
N ILE N 13 40.49 -16.62 -11.32
CA ILE N 13 41.87 -16.96 -11.00
C ILE N 13 42.75 -16.43 -12.13
N GLY N 14 43.80 -15.72 -11.72
CA GLY N 14 44.75 -15.11 -12.63
C GLY N 14 45.96 -15.97 -12.89
N VAL N 15 46.23 -16.23 -14.17
CA VAL N 15 47.38 -16.98 -14.64
C VAL N 15 47.97 -16.13 -15.74
N GLU N 16 49.05 -15.40 -15.41
CA GLU N 16 49.75 -14.45 -16.28
C GLU N 16 48.73 -13.38 -16.77
N ASN N 17 48.57 -13.19 -18.10
CA ASN N 17 47.69 -12.18 -18.69
C ASN N 17 46.21 -12.64 -18.85
N LYS N 18 45.86 -13.86 -18.38
CA LYS N 18 44.52 -14.41 -18.52
C LYS N 18 43.80 -14.58 -17.18
N CYS N 19 42.47 -14.57 -17.22
CA CYS N 19 41.59 -14.78 -16.09
C CYS N 19 40.78 -16.00 -16.36
N PHE N 20 40.61 -16.88 -15.35
CA PHE N 20 39.89 -18.14 -15.48
C PHE N 20 38.82 -18.30 -14.41
N TYR N 21 37.61 -18.70 -14.82
CA TYR N 21 36.48 -18.97 -13.95
C TYR N 21 36.10 -20.45 -14.03
N PHE N 22 36.15 -21.12 -12.88
CA PHE N 22 35.80 -22.53 -12.75
C PHE N 22 34.44 -22.62 -12.03
N SER N 23 33.47 -23.25 -12.71
CA SER N 23 32.11 -23.40 -12.24
C SER N 23 32.00 -24.21 -10.95
N GLU N 24 30.92 -24.00 -10.22
CA GLU N 24 30.68 -24.66 -8.95
C GLU N 24 29.71 -25.84 -9.13
N TYR N 25 29.10 -25.95 -10.34
CA TYR N 25 28.12 -26.99 -10.71
C TYR N 25 28.16 -27.27 -12.25
N PRO N 26 27.69 -28.45 -12.72
CA PRO N 26 27.71 -28.71 -14.16
C PRO N 26 26.49 -28.17 -14.90
N SER N 27 26.67 -27.94 -16.20
CA SER N 27 25.64 -27.48 -17.13
C SER N 27 26.06 -27.83 -18.57
N ASN N 28 25.09 -27.81 -19.52
CA ASN N 28 25.34 -28.10 -20.95
C ASN N 28 26.18 -26.97 -21.60
N TRP N 29 26.68 -27.21 -22.83
CA TRP N 29 27.46 -26.26 -23.63
C TRP N 29 26.72 -24.91 -23.78
N THR N 30 25.46 -24.95 -24.26
CA THR N 30 24.67 -23.77 -24.50
C THR N 30 24.70 -22.82 -23.32
N PHE N 31 24.33 -23.28 -22.12
CA PHE N 31 24.30 -22.41 -20.95
C PHE N 31 25.70 -21.97 -20.56
N ALA N 32 26.66 -22.92 -20.55
CA ALA N 32 28.04 -22.65 -20.18
C ALA N 32 28.62 -21.54 -21.04
N GLN N 33 28.48 -21.65 -22.38
CA GLN N 33 28.95 -20.68 -23.36
C GLN N 33 28.28 -19.33 -23.11
N ALA N 34 26.97 -19.33 -22.83
CA ALA N 34 26.20 -18.12 -22.56
C ALA N 34 26.68 -17.42 -21.27
N PHE N 35 27.06 -18.22 -20.26
CA PHE N 35 27.51 -17.73 -18.96
C PHE N 35 28.81 -16.96 -19.13
N CYS N 36 29.79 -17.54 -19.83
CA CYS N 36 31.10 -16.93 -20.09
C CYS N 36 30.92 -15.62 -20.87
N MET N 37 30.09 -15.62 -21.95
CA MET N 37 29.84 -14.44 -22.77
C MET N 37 29.29 -13.28 -21.97
N ALA N 38 28.47 -13.56 -20.94
CA ALA N 38 27.87 -12.56 -20.06
C ALA N 38 28.92 -11.81 -19.22
N GLN N 39 30.06 -12.49 -18.95
CA GLN N 39 31.19 -11.96 -18.18
C GLN N 39 32.28 -11.44 -19.08
N GLU N 40 31.92 -11.16 -20.38
CA GLU N 40 32.83 -10.64 -21.43
C GLU N 40 33.99 -11.63 -21.64
N ALA N 41 33.68 -12.91 -21.56
CA ALA N 41 34.64 -14.02 -21.68
C ALA N 41 34.13 -15.05 -22.71
N GLN N 42 34.85 -16.16 -22.82
CA GLN N 42 34.56 -17.28 -23.70
C GLN N 42 34.87 -18.59 -22.93
N LEU N 43 34.41 -19.75 -23.46
CA LEU N 43 34.75 -21.04 -22.88
C LEU N 43 36.29 -21.23 -23.05
N ALA N 44 37.00 -21.46 -21.95
CA ALA N 44 38.47 -21.52 -21.80
C ALA N 44 39.26 -21.83 -23.07
N ARG N 45 40.32 -21.08 -23.24
CA ARG N 45 41.28 -21.26 -24.31
C ARG N 45 42.67 -21.36 -23.69
N PHE N 46 43.42 -22.40 -24.05
CA PHE N 46 44.81 -22.54 -23.60
C PHE N 46 45.73 -22.25 -24.80
N ASP N 47 46.71 -21.36 -24.61
CA ASP N 47 47.61 -20.96 -25.69
C ASP N 47 48.98 -21.60 -25.56
N ASN N 48 49.33 -22.08 -24.36
CA ASN N 48 50.61 -22.74 -24.12
C ASN N 48 50.42 -23.97 -23.22
N GLN N 49 51.51 -24.72 -22.98
CA GLN N 49 51.50 -25.92 -22.13
C GLN N 49 51.24 -25.56 -20.66
N ASP N 50 51.76 -24.39 -20.21
CA ASP N 50 51.59 -23.90 -18.86
C ASP N 50 50.11 -23.65 -18.54
N GLU N 51 49.36 -23.01 -19.48
CA GLU N 51 47.94 -22.72 -19.37
C GLU N 51 47.16 -24.01 -19.32
N LEU N 52 47.48 -24.97 -20.20
CA LEU N 52 46.80 -26.28 -20.20
C LEU N 52 47.06 -27.05 -18.89
N ASN N 53 48.31 -27.01 -18.37
CA ASN N 53 48.67 -27.66 -17.10
C ASN N 53 47.89 -27.07 -15.94
N PHE N 54 47.72 -25.72 -15.93
CA PHE N 54 46.97 -25.05 -14.88
C PHE N 54 45.57 -25.55 -14.88
N LEU N 55 44.91 -25.54 -16.08
CA LEU N 55 43.53 -26.00 -16.29
C LEU N 55 43.36 -27.44 -15.81
N MET N 56 44.21 -28.37 -16.25
CA MET N 56 44.08 -29.75 -15.81
C MET N 56 44.24 -29.89 -14.29
N ARG N 57 45.18 -29.16 -13.71
CA ARG N 57 45.45 -29.20 -12.28
C ARG N 57 44.33 -28.62 -11.43
N TYR N 58 43.86 -27.42 -11.77
CA TYR N 58 42.83 -26.78 -10.98
C TYR N 58 41.42 -27.35 -11.25
N LYS N 59 41.17 -27.99 -12.44
CA LYS N 59 39.84 -28.54 -12.75
C LYS N 59 39.50 -29.69 -11.84
N ALA N 60 40.50 -30.17 -11.06
CA ALA N 60 40.43 -31.28 -10.12
C ALA N 60 39.96 -32.55 -10.85
N ASN N 61 38.95 -33.27 -10.33
CA ASN N 61 38.45 -34.46 -11.02
C ASN N 61 37.09 -34.15 -11.63
N PHE N 62 36.94 -32.96 -12.23
CA PHE N 62 35.71 -32.54 -12.87
C PHE N 62 35.86 -32.49 -14.37
N ASP N 63 35.11 -33.32 -15.09
CA ASP N 63 35.14 -33.29 -16.54
C ASP N 63 34.59 -31.90 -16.94
N SER N 64 35.49 -31.06 -17.49
CA SER N 64 35.19 -29.66 -17.73
C SER N 64 35.16 -29.14 -19.18
N TRP N 65 34.04 -28.46 -19.61
CA TRP N 65 33.93 -27.79 -20.91
C TRP N 65 35.07 -26.79 -21.15
N ILE N 66 35.49 -26.62 -22.43
CA ILE N 66 36.48 -25.66 -22.96
C ILE N 66 35.99 -25.17 -24.36
N GLY N 67 36.52 -24.04 -24.82
CA GLY N 67 36.17 -23.41 -26.10
C GLY N 67 36.64 -24.05 -27.40
N LEU N 68 36.45 -25.35 -27.56
CA LEU N 68 36.80 -26.07 -28.78
C LEU N 68 35.58 -26.82 -29.29
N HIS N 69 35.22 -26.59 -30.56
CA HIS N 69 34.08 -27.19 -31.26
C HIS N 69 34.42 -27.53 -32.71
N ARG N 70 33.65 -28.43 -33.32
CA ARG N 70 33.81 -28.81 -34.72
C ARG N 70 32.43 -29.00 -35.32
N GLU N 71 32.32 -28.68 -36.63
CA GLU N 71 31.06 -28.72 -37.37
C GLU N 71 30.51 -30.15 -37.51
N SER N 72 31.43 -31.13 -37.69
CA SER N 72 31.18 -32.58 -37.80
C SER N 72 32.48 -33.34 -37.53
N SER N 73 32.41 -34.69 -37.45
CA SER N 73 33.56 -35.56 -37.20
C SER N 73 34.66 -35.38 -38.27
N GLU N 74 34.26 -35.02 -39.51
CA GLU N 74 35.13 -34.81 -40.67
C GLU N 74 35.59 -33.33 -40.82
N HIS N 75 35.19 -32.45 -39.87
CA HIS N 75 35.56 -31.04 -39.88
C HIS N 75 36.68 -30.74 -38.87
N PRO N 76 37.52 -29.68 -39.08
CA PRO N 76 38.60 -29.41 -38.12
C PRO N 76 38.10 -28.74 -36.83
N TRP N 77 38.85 -28.94 -35.72
CA TRP N 77 38.53 -28.34 -34.43
C TRP N 77 38.86 -26.85 -34.47
N LYS N 78 37.91 -26.02 -34.02
CA LYS N 78 38.08 -24.57 -33.98
C LYS N 78 37.82 -24.03 -32.58
N TRP N 79 38.43 -22.89 -32.26
CA TRP N 79 38.21 -22.18 -31.00
C TRP N 79 36.90 -21.37 -31.12
N THR N 80 36.46 -20.71 -30.05
CA THR N 80 35.24 -19.89 -30.08
C THR N 80 35.49 -18.62 -30.93
N ASP N 81 36.78 -18.26 -31.21
CA ASP N 81 37.23 -17.17 -32.10
C ASP N 81 36.98 -17.53 -33.56
N ASN N 82 36.82 -18.85 -33.82
CA ASN N 82 36.64 -19.56 -35.09
C ASN N 82 38.02 -19.81 -35.73
N THR N 83 39.11 -19.56 -34.95
CA THR N 83 40.50 -19.85 -35.34
C THR N 83 40.71 -21.34 -35.16
N GLU N 84 41.37 -22.02 -36.11
CA GLU N 84 41.54 -23.46 -36.01
C GLU N 84 42.56 -23.84 -34.92
N TYR N 85 42.26 -24.94 -34.21
CA TYR N 85 43.08 -25.55 -33.17
C TYR N 85 44.29 -26.22 -33.85
N ASN N 86 45.47 -26.12 -33.21
CA ASN N 86 46.75 -26.64 -33.74
C ASN N 86 46.91 -28.18 -33.59
N ASN N 87 45.95 -28.85 -32.93
CA ASN N 87 45.87 -30.30 -32.67
C ASN N 87 47.11 -30.87 -31.95
N THR N 88 47.77 -30.05 -31.09
CA THR N 88 48.93 -30.45 -30.27
C THR N 88 48.55 -31.64 -29.36
N ILE N 89 47.41 -31.50 -28.67
CA ILE N 89 46.84 -32.55 -27.83
C ILE N 89 45.58 -33.03 -28.57
N PRO N 90 45.69 -34.19 -29.28
CA PRO N 90 44.53 -34.69 -30.05
C PRO N 90 43.33 -34.98 -29.16
N ILE N 91 42.14 -34.66 -29.65
CA ILE N 91 40.90 -34.82 -28.91
C ILE N 91 40.31 -36.21 -29.18
N ARG N 92 39.96 -36.91 -28.08
CA ARG N 92 39.35 -38.25 -28.05
C ARG N 92 37.86 -38.15 -28.39
N GLY N 93 37.31 -39.24 -28.91
CA GLY N 93 35.90 -39.33 -29.29
C GLY N 93 35.61 -38.79 -30.68
N GLU N 94 34.43 -39.12 -31.20
CA GLU N 94 34.02 -38.68 -32.54
C GLU N 94 32.84 -37.71 -32.46
N GLU N 95 32.83 -36.85 -31.42
CA GLU N 95 31.78 -35.86 -31.20
C GLU N 95 32.25 -34.41 -31.48
N ARG N 96 31.29 -33.47 -31.50
CA ARG N 96 31.47 -32.08 -31.93
C ARG N 96 31.89 -31.06 -30.85
N PHE N 97 31.67 -31.33 -29.55
CA PHE N 97 32.00 -30.35 -28.50
C PHE N 97 32.93 -30.96 -27.46
N ALA N 98 34.14 -30.38 -27.37
CA ALA N 98 35.25 -30.78 -26.51
C ALA N 98 35.12 -30.31 -25.06
N TYR N 99 35.82 -31.03 -24.16
CA TYR N 99 35.95 -30.84 -22.72
C TYR N 99 37.25 -31.53 -22.17
N LEU N 100 37.70 -31.14 -20.99
CA LEU N 100 38.87 -31.70 -20.33
C LEU N 100 38.48 -32.84 -19.39
N ASN N 101 39.25 -33.93 -19.40
CA ASN N 101 39.07 -35.05 -18.47
C ASN N 101 40.43 -35.43 -17.92
N ASN N 102 40.55 -36.49 -17.10
CA ASN N 102 41.83 -36.87 -16.50
C ASN N 102 42.85 -37.39 -17.55
N ASN N 103 42.34 -37.95 -18.68
CA ASN N 103 43.15 -38.49 -19.77
C ASN N 103 43.68 -37.40 -20.72
N GLY N 104 43.02 -36.24 -20.73
CA GLY N 104 43.36 -35.13 -21.61
C GLY N 104 42.11 -34.45 -22.10
N ILE N 105 41.86 -34.46 -23.42
CA ILE N 105 40.66 -33.82 -23.99
C ILE N 105 39.79 -34.87 -24.67
N SER N 106 38.47 -34.86 -24.38
CA SER N 106 37.51 -35.77 -25.00
C SER N 106 36.39 -34.95 -25.69
N SER N 107 35.38 -35.60 -26.27
CA SER N 107 34.29 -34.87 -26.93
C SER N 107 32.93 -35.52 -26.65
N THR N 108 31.86 -34.71 -26.59
CA THR N 108 30.47 -35.17 -26.40
C THR N 108 29.50 -34.22 -27.14
N ARG N 109 28.19 -34.58 -27.13
CA ARG N 109 27.03 -33.85 -27.69
C ARG N 109 26.87 -32.48 -26.95
N ILE N 110 26.22 -31.47 -27.58
CA ILE N 110 25.98 -30.15 -26.97
C ILE N 110 25.17 -30.24 -25.66
N TYR N 111 24.23 -31.18 -25.58
CA TYR N 111 23.34 -31.39 -24.44
C TYR N 111 23.94 -32.03 -23.19
N SER N 112 25.11 -32.70 -23.25
CA SER N 112 25.65 -33.35 -22.05
C SER N 112 26.08 -32.33 -20.99
N LEU N 113 26.01 -32.73 -19.70
CA LEU N 113 26.34 -31.87 -18.55
C LEU N 113 27.76 -32.04 -18.13
N ARG N 114 28.47 -30.92 -17.98
CA ARG N 114 29.87 -30.88 -17.54
C ARG N 114 30.09 -29.60 -16.74
N MET N 115 31.17 -29.52 -15.90
CA MET N 115 31.55 -28.25 -15.23
C MET N 115 32.17 -27.42 -16.32
N TRP N 116 32.33 -26.12 -16.16
CA TRP N 116 32.91 -25.36 -17.27
C TRP N 116 34.03 -24.43 -16.81
N ILE N 117 34.84 -24.02 -17.77
CA ILE N 117 35.87 -23.05 -17.52
C ILE N 117 35.69 -21.92 -18.48
N CYS N 118 35.54 -20.71 -17.94
CA CYS N 118 35.54 -19.49 -18.73
C CYS N 118 36.97 -18.96 -18.74
N SER N 119 37.28 -18.12 -19.74
CA SER N 119 38.58 -17.47 -19.92
C SER N 119 38.43 -16.15 -20.68
N LYS N 120 39.22 -15.17 -20.27
CA LYS N 120 39.30 -13.84 -20.88
C LYS N 120 40.63 -13.21 -20.56
N LEU N 121 41.05 -12.27 -21.40
CA LEU N 121 42.31 -11.57 -21.19
C LEU N 121 42.12 -10.48 -20.15
N ASN N 122 43.11 -10.33 -19.28
CA ASN N 122 43.12 -9.33 -18.24
C ASN N 122 43.42 -7.96 -18.90
N ALA O 7 -14.92 -0.71 -14.47
CA ALA O 7 -14.18 -1.85 -15.01
C ALA O 7 -13.14 -2.43 -14.02
N CYS O 8 -13.41 -3.65 -13.63
CA CYS O 8 -12.66 -4.38 -12.63
C CYS O 8 -11.36 -4.90 -13.21
N PRO O 9 -10.30 -5.14 -12.40
CA PRO O 9 -9.04 -5.63 -12.99
C PRO O 9 -9.21 -7.01 -13.61
N GLN O 10 -8.23 -7.46 -14.39
CA GLN O 10 -8.25 -8.76 -15.05
C GLN O 10 -8.30 -9.85 -13.98
N ASN O 11 -9.10 -10.92 -14.23
CA ASN O 11 -9.32 -12.09 -13.35
C ASN O 11 -10.35 -11.80 -12.25
N TRP O 12 -10.82 -10.55 -12.16
CA TRP O 12 -11.80 -10.12 -11.17
C TRP O 12 -13.15 -9.95 -11.82
N ILE O 13 -14.22 -10.21 -11.05
CA ILE O 13 -15.58 -10.08 -11.51
C ILE O 13 -16.25 -8.92 -10.75
N GLY O 14 -16.94 -8.07 -11.50
CA GLY O 14 -17.67 -6.91 -10.98
C GLY O 14 -19.15 -7.18 -10.77
N VAL O 15 -19.59 -6.98 -9.52
CA VAL O 15 -20.97 -7.15 -9.08
C VAL O 15 -21.29 -5.90 -8.30
N GLU O 16 -22.11 -5.03 -8.91
CA GLU O 16 -22.53 -3.76 -8.32
C GLU O 16 -21.27 -2.94 -8.07
N ASN O 17 -21.07 -2.38 -6.87
CA ASN O 17 -19.91 -1.53 -6.56
C ASN O 17 -18.67 -2.32 -6.03
N LYS O 18 -18.75 -3.66 -6.05
CA LYS O 18 -17.71 -4.54 -5.55
C LYS O 18 -16.99 -5.29 -6.71
N CYS O 19 -15.78 -5.65 -6.43
CA CYS O 19 -14.83 -6.29 -7.33
C CYS O 19 -14.40 -7.56 -6.60
N PHE O 20 -14.67 -8.78 -7.15
CA PHE O 20 -14.38 -10.10 -6.55
C PHE O 20 -13.33 -10.93 -7.30
N TYR O 21 -12.44 -11.63 -6.56
CA TYR O 21 -11.41 -12.54 -7.14
C TYR O 21 -11.61 -13.98 -6.69
N PHE O 22 -11.95 -14.87 -7.66
CA PHE O 22 -12.12 -16.28 -7.37
C PHE O 22 -10.87 -17.03 -7.76
N SER O 23 -10.14 -17.59 -6.75
CA SER O 23 -8.86 -18.27 -6.96
C SER O 23 -9.01 -19.51 -7.84
N GLU O 24 -7.88 -19.92 -8.44
CA GLU O 24 -7.73 -21.05 -9.34
C GLU O 24 -6.98 -22.15 -8.62
N TYR O 25 -6.10 -21.77 -7.67
CA TYR O 25 -5.30 -22.72 -6.89
C TYR O 25 -5.63 -22.61 -5.36
N PRO O 26 -5.60 -23.70 -4.57
CA PRO O 26 -6.00 -23.58 -3.15
C PRO O 26 -4.86 -23.20 -2.23
N SER O 27 -5.19 -22.77 -0.99
CA SER O 27 -4.21 -22.41 0.04
C SER O 27 -4.84 -22.40 1.44
N ASN O 28 -4.04 -22.14 2.47
CA ASN O 28 -4.49 -21.99 3.85
C ASN O 28 -5.08 -20.56 4.09
N TRP O 29 -5.79 -20.36 5.24
CA TRP O 29 -6.44 -19.11 5.64
C TRP O 29 -5.46 -17.96 5.81
N THR O 30 -4.24 -18.24 6.29
CA THR O 30 -3.20 -17.22 6.47
C THR O 30 -2.71 -16.66 5.10
N PHE O 31 -2.36 -17.57 4.16
CA PHE O 31 -1.89 -17.19 2.84
C PHE O 31 -2.99 -16.49 2.06
N ALA O 32 -4.23 -17.04 2.11
CA ALA O 32 -5.40 -16.49 1.42
C ALA O 32 -5.61 -15.04 1.81
N GLN O 33 -5.59 -14.74 3.13
CA GLN O 33 -5.77 -13.39 3.69
C GLN O 33 -4.66 -12.48 3.19
N ALA O 34 -3.40 -12.99 3.19
CA ALA O 34 -2.21 -12.27 2.73
C ALA O 34 -2.31 -11.93 1.23
N PHE O 35 -2.83 -12.88 0.42
CA PHE O 35 -2.97 -12.75 -1.02
C PHE O 35 -3.90 -11.62 -1.35
N CYS O 36 -5.12 -11.58 -0.71
CA CYS O 36 -6.13 -10.55 -0.90
C CYS O 36 -5.59 -9.19 -0.54
N MET O 37 -4.91 -9.08 0.63
CA MET O 37 -4.36 -7.81 1.10
C MET O 37 -3.38 -7.21 0.11
N ALA O 38 -2.59 -8.07 -0.59
CA ALA O 38 -1.62 -7.65 -1.60
C ALA O 38 -2.29 -7.01 -2.84
N GLN O 39 -3.59 -7.33 -3.07
CA GLN O 39 -4.37 -6.82 -4.19
C GLN O 39 -5.27 -5.68 -3.73
N GLU O 40 -4.96 -5.11 -2.54
CA GLU O 40 -5.69 -4.01 -1.88
C GLU O 40 -7.14 -4.45 -1.62
N ALA O 41 -7.32 -5.74 -1.28
CA ALA O 41 -8.61 -6.38 -1.01
C ALA O 41 -8.59 -7.11 0.35
N GLN O 42 -9.65 -7.86 0.66
CA GLN O 42 -9.80 -8.68 1.87
C GLN O 42 -10.55 -9.94 1.52
N LEU O 43 -10.55 -10.97 2.40
CA LEU O 43 -11.31 -12.20 2.18
C LEU O 43 -12.79 -11.79 2.18
N ALA O 44 -13.55 -12.26 1.15
CA ALA O 44 -14.95 -11.91 0.85
C ALA O 44 -15.86 -11.70 2.03
N ARG O 45 -16.61 -10.62 1.94
CA ARG O 45 -17.64 -10.20 2.87
C ARG O 45 -18.89 -10.01 2.07
N PHE O 46 -20.00 -10.57 2.53
CA PHE O 46 -21.29 -10.35 1.88
C PHE O 46 -22.14 -9.47 2.80
N ASP O 47 -22.72 -8.39 2.25
CA ASP O 47 -23.49 -7.43 3.06
C ASP O 47 -25.00 -7.59 2.83
N ASN O 48 -25.40 -8.22 1.72
CA ASN O 48 -26.80 -8.43 1.40
C ASN O 48 -27.00 -9.81 0.82
N GLN O 49 -28.26 -10.16 0.48
CA GLN O 49 -28.66 -11.44 -0.09
C GLN O 49 -28.10 -11.59 -1.50
N ASP O 50 -28.08 -10.50 -2.27
CA ASP O 50 -27.59 -10.46 -3.64
C ASP O 50 -26.12 -10.83 -3.71
N GLU O 51 -25.29 -10.26 -2.81
CA GLU O 51 -23.85 -10.52 -2.71
C GLU O 51 -23.62 -11.96 -2.35
N LEU O 52 -24.34 -12.49 -1.35
CA LEU O 52 -24.24 -13.89 -0.94
C LEU O 52 -24.65 -14.86 -2.08
N ASN O 53 -25.73 -14.53 -2.81
CA ASN O 53 -26.21 -15.32 -3.94
C ASN O 53 -25.16 -15.39 -5.04
N PHE O 54 -24.51 -14.27 -5.35
CA PHE O 54 -23.47 -14.25 -6.36
C PHE O 54 -22.36 -15.18 -5.95
N LEU O 55 -21.85 -15.03 -4.72
CA LEU O 55 -20.73 -15.83 -4.21
C LEU O 55 -21.04 -17.30 -4.29
N MET O 56 -22.23 -17.72 -3.77
CA MET O 56 -22.68 -19.10 -3.80
C MET O 56 -22.81 -19.67 -5.22
N ARG O 57 -23.27 -18.85 -6.15
CA ARG O 57 -23.47 -19.24 -7.53
C ARG O 57 -22.16 -19.39 -8.29
N TYR O 58 -21.30 -18.36 -8.20
CA TYR O 58 -20.08 -18.37 -8.97
C TYR O 58 -19.00 -19.23 -8.34
N LYS O 59 -19.04 -19.48 -7.01
CA LYS O 59 -17.98 -20.30 -6.38
C LYS O 59 -17.98 -21.73 -6.95
N ALA O 60 -19.10 -22.12 -7.67
CA ALA O 60 -19.29 -23.42 -8.31
C ALA O 60 -19.15 -24.54 -7.26
N ASN O 61 -18.33 -25.55 -7.52
CA ASN O 61 -18.11 -26.67 -6.62
C ASN O 61 -16.79 -26.53 -5.90
N PHE O 62 -16.37 -25.29 -5.58
CA PHE O 62 -15.10 -25.02 -4.90
C PHE O 62 -15.35 -24.52 -3.50
N ASP O 63 -15.00 -25.31 -2.48
CA ASP O 63 -15.15 -24.85 -1.10
C ASP O 63 -14.15 -23.72 -0.94
N SER O 64 -14.63 -22.47 -0.80
CA SER O 64 -13.82 -21.25 -0.78
C SER O 64 -13.93 -20.42 0.51
N TRP O 65 -12.78 -20.07 1.10
CA TRP O 65 -12.65 -19.21 2.28
C TRP O 65 -13.33 -17.85 2.08
N ILE O 66 -13.92 -17.32 3.14
CA ILE O 66 -14.48 -15.97 3.16
C ILE O 66 -13.95 -15.30 4.42
N GLY O 67 -14.14 -14.01 4.55
CA GLY O 67 -13.64 -13.22 5.66
C GLY O 67 -14.19 -13.40 7.07
N LEU O 68 -14.53 -14.65 7.46
CA LEU O 68 -15.07 -14.92 8.80
C LEU O 68 -14.13 -15.78 9.64
N HIS O 69 -13.79 -15.27 10.84
CA HIS O 69 -12.94 -15.96 11.80
C HIS O 69 -13.48 -15.84 13.22
N ARG O 70 -13.10 -16.83 14.04
CA ARG O 70 -13.46 -17.08 15.44
C ARG O 70 -12.21 -17.14 16.31
N GLU O 71 -12.27 -16.66 17.59
CA GLU O 71 -11.12 -16.84 18.52
C GLU O 71 -11.06 -18.32 18.99
N SER O 72 -12.25 -18.91 19.26
CA SER O 72 -12.48 -20.29 19.67
C SER O 72 -13.96 -20.64 19.38
N SER O 73 -14.34 -21.92 19.58
CA SER O 73 -15.70 -22.41 19.37
C SER O 73 -16.74 -21.68 20.25
N GLU O 74 -16.32 -21.18 21.44
CA GLU O 74 -17.13 -20.46 22.41
C GLU O 74 -17.08 -18.92 22.20
N HIS O 75 -16.35 -18.45 21.17
CA HIS O 75 -16.23 -17.03 20.84
C HIS O 75 -17.13 -16.64 19.63
N PRO O 76 -17.54 -15.36 19.49
CA PRO O 76 -18.37 -14.99 18.32
C PRO O 76 -17.59 -14.83 17.01
N TRP O 77 -18.27 -15.05 15.88
CA TRP O 77 -17.72 -14.90 14.53
C TRP O 77 -17.55 -13.42 14.21
N LYS O 78 -16.36 -13.03 13.72
CA LYS O 78 -16.06 -11.66 13.36
C LYS O 78 -15.59 -11.57 11.91
N TRP O 79 -15.85 -10.42 11.25
CA TRP O 79 -15.36 -10.12 9.91
C TRP O 79 -13.88 -9.67 10.02
N THR O 80 -13.22 -9.42 8.89
CA THR O 80 -11.82 -8.99 8.89
C THR O 80 -11.71 -7.55 9.43
N ASP O 81 -12.83 -6.81 9.50
CA ASP O 81 -12.95 -5.46 10.08
C ASP O 81 -12.88 -5.53 11.60
N ASN O 82 -13.18 -6.72 12.14
CA ASN O 82 -13.32 -7.10 13.54
C ASN O 82 -14.74 -6.78 14.04
N THR O 83 -15.65 -6.46 13.08
CA THR O 83 -17.08 -6.24 13.33
C THR O 83 -17.70 -7.63 13.47
N GLU O 84 -18.58 -7.84 14.45
CA GLU O 84 -19.17 -9.17 14.61
C GLU O 84 -20.22 -9.49 13.53
N TYR O 85 -20.26 -10.77 13.14
CA TYR O 85 -21.15 -11.34 12.14
C TYR O 85 -22.59 -11.36 12.68
N ASN O 86 -23.59 -10.94 11.85
CA ASN O 86 -25.02 -10.85 12.22
C ASN O 86 -25.73 -12.23 12.40
N ASN O 87 -24.99 -13.32 12.13
CA ASN O 87 -25.37 -14.73 12.23
C ASN O 87 -26.64 -15.09 11.44
N THR O 88 -26.93 -14.36 10.31
CA THR O 88 -28.09 -14.61 9.43
C THR O 88 -28.05 -16.04 8.90
N ILE O 89 -26.89 -16.44 8.38
CA ILE O 89 -26.63 -17.80 7.89
C ILE O 89 -25.66 -18.41 8.90
N PRO O 90 -26.15 -19.22 9.86
CA PRO O 90 -25.25 -19.80 10.87
C PRO O 90 -24.18 -20.69 10.23
N ILE O 91 -22.96 -20.63 10.77
CA ILE O 91 -21.84 -21.38 10.20
C ILE O 91 -21.77 -22.77 10.83
N ARG O 92 -21.63 -23.80 9.97
CA ARG O 92 -21.53 -25.21 10.33
C ARG O 92 -20.12 -25.54 10.84
N GLY O 93 -20.02 -26.59 11.67
CA GLY O 93 -18.76 -27.04 12.23
C GLY O 93 -18.39 -26.33 13.53
N GLU O 94 -17.40 -26.87 14.25
CA GLU O 94 -16.96 -26.29 15.51
C GLU O 94 -15.52 -25.75 15.38
N GLU O 95 -15.18 -25.18 14.21
CA GLU O 95 -13.83 -24.67 13.95
C GLU O 95 -13.81 -23.13 13.83
N ARG O 96 -12.59 -22.57 13.79
CA ARG O 96 -12.29 -21.14 13.86
C ARG O 96 -12.28 -20.35 12.52
N PHE O 97 -12.19 -21.00 11.33
CA PHE O 97 -12.09 -20.28 10.06
C PHE O 97 -13.13 -20.75 9.06
N ALA O 98 -14.02 -19.87 8.61
CA ALA O 98 -15.10 -20.24 7.74
C ALA O 98 -14.80 -20.21 6.25
N TYR O 99 -15.57 -21.02 5.49
CA TYR O 99 -15.58 -21.19 4.01
C TYR O 99 -17.00 -21.49 3.45
N LEU O 100 -17.26 -21.08 2.19
CA LEU O 100 -18.50 -21.36 1.51
C LEU O 100 -18.49 -22.75 0.88
N ASN O 101 -19.60 -23.50 1.01
CA ASN O 101 -19.77 -24.82 0.38
C ASN O 101 -21.19 -24.88 -0.16
N ASN O 102 -21.62 -26.02 -0.73
CA ASN O 102 -22.97 -26.13 -1.32
C ASN O 102 -24.08 -26.10 -0.26
N ASN O 103 -23.76 -26.42 1.01
CA ASN O 103 -24.72 -26.43 2.13
C ASN O 103 -24.86 -25.03 2.79
N GLY O 104 -23.94 -24.12 2.47
CA GLY O 104 -23.92 -22.78 3.03
C GLY O 104 -22.52 -22.41 3.46
N ILE O 105 -22.33 -22.15 4.75
CA ILE O 105 -21.01 -21.79 5.28
C ILE O 105 -20.56 -22.86 6.29
N SER O 106 -19.32 -23.34 6.15
CA SER O 106 -18.75 -24.31 7.11
C SER O 106 -17.43 -23.77 7.70
N SER O 107 -16.76 -24.55 8.59
CA SER O 107 -15.52 -24.10 9.24
C SER O 107 -14.44 -25.19 9.33
N THR O 108 -13.16 -24.78 9.25
CA THR O 108 -11.96 -25.65 9.40
C THR O 108 -10.85 -24.94 10.11
N ARG O 109 -9.78 -25.69 10.36
CA ARG O 109 -8.55 -25.27 10.99
C ARG O 109 -7.76 -24.39 10.01
N ILE O 110 -6.88 -23.53 10.55
CA ILE O 110 -6.04 -22.56 9.84
C ILE O 110 -5.22 -23.19 8.67
N TYR O 111 -4.65 -24.38 8.86
CA TYR O 111 -3.75 -25.07 7.93
C TYR O 111 -4.44 -25.82 6.77
N SER O 112 -5.79 -25.99 6.76
CA SER O 112 -6.45 -26.74 5.66
C SER O 112 -6.43 -25.95 4.37
N LEU O 113 -6.35 -26.65 3.23
CA LEU O 113 -6.28 -26.04 1.90
C LEU O 113 -7.63 -25.92 1.31
N ARG O 114 -7.96 -24.72 0.85
CA ARG O 114 -9.22 -24.39 0.19
C ARG O 114 -9.00 -23.28 -0.78
N MET O 115 -9.96 -23.12 -1.72
CA MET O 115 -9.90 -22.03 -2.69
C MET O 115 -10.28 -20.81 -1.91
N TRP O 116 -10.02 -19.59 -2.41
CA TRP O 116 -10.43 -18.41 -1.64
C TRP O 116 -11.28 -17.44 -2.54
N ILE O 117 -11.77 -16.34 -1.91
CA ILE O 117 -12.50 -15.26 -2.54
C ILE O 117 -12.05 -13.97 -1.92
N CYS O 118 -11.50 -13.04 -2.74
CA CYS O 118 -11.13 -11.68 -2.32
C CYS O 118 -12.21 -10.75 -2.79
N SER O 119 -12.49 -9.74 -1.98
CA SER O 119 -13.47 -8.71 -2.20
C SER O 119 -12.89 -7.32 -1.89
N LYS O 120 -13.18 -6.34 -2.77
CA LYS O 120 -12.81 -4.95 -2.61
C LYS O 120 -13.83 -4.07 -3.33
N LEU O 121 -13.91 -2.80 -2.94
CA LEU O 121 -14.77 -1.84 -3.60
C LEU O 121 -14.12 -1.38 -4.91
N ASN O 122 -14.96 -1.20 -5.95
CA ASN O 122 -14.56 -0.67 -7.26
C ASN O 122 -14.43 0.79 -7.02
N ALA O 123 -13.22 1.31 -6.81
CA ALA O 123 -13.08 2.69 -6.38
C ALA O 123 -11.75 3.32 -6.80
N SER O 124 -11.55 4.62 -6.38
CA SER O 124 -10.39 5.46 -6.63
C SER O 124 -10.34 6.62 -5.63
N MET P 1 -10.19 5.80 0.44
CA MET P 1 -10.87 5.82 -0.86
C MET P 1 -11.81 7.02 -0.92
N ASN P 2 -12.04 7.62 -2.10
CA ASN P 2 -12.92 8.79 -2.11
C ASN P 2 -14.12 8.69 -3.07
N LYS P 3 -14.14 7.74 -3.99
CA LYS P 3 -15.30 7.55 -4.87
C LYS P 3 -15.43 6.09 -5.26
N THR P 4 -16.65 5.59 -5.49
CA THR P 4 -16.83 4.20 -5.93
C THR P 4 -17.52 4.21 -7.30
N TYR P 5 -17.22 3.16 -8.09
CA TYR P 5 -17.73 2.97 -9.43
C TYR P 5 -18.32 1.57 -9.55
N ALA P 6 -18.98 1.28 -10.65
CA ALA P 6 -19.53 -0.03 -10.94
C ALA P 6 -18.98 -0.50 -12.26
N ALA P 7 -18.80 -1.82 -12.39
CA ALA P 7 -18.28 -2.44 -13.60
C ALA P 7 -19.32 -2.39 -14.73
N CYS P 8 -20.58 -2.68 -14.38
CA CYS P 8 -21.70 -2.86 -15.31
C CYS P 8 -23.00 -2.31 -14.72
N PRO P 9 -24.10 -2.20 -15.54
CA PRO P 9 -25.40 -1.84 -14.96
C PRO P 9 -25.90 -2.87 -13.95
N GLN P 10 -26.96 -2.53 -13.21
CA GLN P 10 -27.55 -3.41 -12.19
C GLN P 10 -28.07 -4.68 -12.88
N ASN P 11 -27.85 -5.84 -12.23
CA ASN P 11 -28.23 -7.22 -12.64
C ASN P 11 -27.28 -7.80 -13.67
N TRP P 12 -26.28 -7.04 -14.08
CA TRP P 12 -25.24 -7.50 -15.01
C TRP P 12 -23.96 -7.81 -14.25
N ILE P 13 -23.13 -8.73 -14.81
CA ILE P 13 -21.84 -9.16 -14.24
C ILE P 13 -20.70 -8.72 -15.17
N GLY P 14 -19.69 -8.11 -14.57
CA GLY P 14 -18.53 -7.62 -15.28
C GLY P 14 -17.34 -8.57 -15.26
N VAL P 15 -16.82 -8.85 -16.44
CA VAL P 15 -15.64 -9.70 -16.67
C VAL P 15 -14.79 -8.91 -17.64
N GLU P 16 -13.76 -8.23 -17.09
CA GLU P 16 -12.85 -7.34 -17.80
C GLU P 16 -13.66 -6.26 -18.56
N ASN P 17 -13.53 -6.15 -19.91
CA ASN P 17 -14.18 -5.11 -20.71
C ASN P 17 -15.66 -5.45 -21.13
N LYS P 18 -16.21 -6.60 -20.67
CA LYS P 18 -17.56 -7.03 -21.05
C LYS P 18 -18.48 -7.06 -19.90
N CYS P 19 -19.78 -7.00 -20.22
CA CYS P 19 -20.90 -7.08 -19.29
C CYS P 19 -21.78 -8.21 -19.73
N PHE P 20 -22.34 -8.99 -18.78
CA PHE P 20 -23.21 -10.12 -19.12
C PHE P 20 -24.51 -10.16 -18.30
N TYR P 21 -25.60 -10.51 -18.96
CA TYR P 21 -26.93 -10.64 -18.35
C TYR P 21 -27.34 -12.11 -18.41
N PHE P 22 -27.54 -12.72 -17.24
CA PHE P 22 -27.98 -14.09 -17.07
C PHE P 22 -29.44 -14.06 -16.65
N SER P 23 -30.32 -14.64 -17.50
CA SER P 23 -31.75 -14.60 -17.26
C SER P 23 -32.14 -15.35 -16.01
N GLU P 24 -33.27 -14.97 -15.44
CA GLU P 24 -33.82 -15.54 -14.23
C GLU P 24 -34.84 -16.63 -14.56
N TYR P 25 -35.32 -16.68 -15.84
CA TYR P 25 -36.34 -17.65 -16.33
C TYR P 25 -36.07 -18.01 -17.82
N PRO P 26 -36.55 -19.18 -18.34
CA PRO P 26 -36.30 -19.51 -19.75
C PRO P 26 -37.28 -18.86 -20.73
N SER P 27 -36.86 -18.71 -21.99
CA SER P 27 -37.64 -18.20 -23.12
C SER P 27 -37.10 -18.75 -24.45
N ASN P 28 -37.82 -18.50 -25.55
CA ASN P 28 -37.40 -18.93 -26.89
C ASN P 28 -36.32 -17.96 -27.43
N TRP P 29 -35.67 -18.36 -28.53
CA TRP P 29 -34.59 -17.59 -29.14
C TRP P 29 -35.01 -16.19 -29.54
N THR P 30 -36.20 -16.04 -30.14
CA THR P 30 -36.74 -14.78 -30.62
C THR P 30 -36.88 -13.76 -29.49
N PHE P 31 -37.52 -14.14 -28.37
CA PHE P 31 -37.71 -13.20 -27.25
C PHE P 31 -36.38 -12.85 -26.62
N ALA P 32 -35.52 -13.88 -26.40
CA ALA P 32 -34.18 -13.71 -25.84
C ALA P 32 -33.42 -12.63 -26.62
N GLN P 33 -33.28 -12.85 -27.94
CA GLN P 33 -32.56 -11.95 -28.84
C GLN P 33 -33.14 -10.53 -28.75
N ALA P 34 -34.48 -10.40 -28.72
CA ALA P 34 -35.18 -9.12 -28.59
C ALA P 34 -34.87 -8.44 -27.26
N PHE P 35 -34.78 -9.23 -26.17
CA PHE P 35 -34.50 -8.75 -24.82
C PHE P 35 -33.12 -8.11 -24.76
N CYS P 36 -32.08 -8.81 -25.29
CA CYS P 36 -30.70 -8.33 -25.33
C CYS P 36 -30.62 -7.03 -26.12
N MET P 37 -31.24 -6.97 -27.32
CA MET P 37 -31.21 -5.78 -28.16
C MET P 37 -31.77 -4.56 -27.44
N ALA P 38 -32.81 -4.74 -26.60
CA ALA P 38 -33.43 -3.67 -25.81
C ALA P 38 -32.48 -3.05 -24.77
N GLN P 39 -31.47 -3.81 -24.34
CA GLN P 39 -30.47 -3.39 -23.35
C GLN P 39 -29.18 -2.96 -24.05
N GLU P 40 -29.27 -2.67 -25.38
CA GLU P 40 -28.15 -2.27 -26.24
C GLU P 40 -27.07 -3.37 -26.22
N ALA P 41 -27.51 -4.63 -26.19
CA ALA P 41 -26.68 -5.82 -26.14
C ALA P 41 -27.06 -6.80 -27.26
N GLN P 42 -26.44 -7.99 -27.23
CA GLN P 42 -26.66 -9.08 -28.17
C GLN P 42 -26.61 -10.37 -27.41
N LEU P 43 -27.18 -11.49 -27.95
CA LEU P 43 -27.08 -12.78 -27.26
C LEU P 43 -25.60 -13.09 -27.16
N ALA P 44 -25.15 -13.48 -25.96
CA ALA P 44 -23.76 -13.71 -25.59
C ALA P 44 -22.83 -14.20 -26.71
N ARG P 45 -21.69 -13.53 -26.79
CA ARG P 45 -20.59 -13.83 -27.67
C ARG P 45 -19.36 -14.01 -26.82
N PHE P 46 -18.62 -15.09 -27.04
CA PHE P 46 -17.35 -15.34 -26.34
C PHE P 46 -16.22 -15.18 -27.37
N ASP P 47 -15.20 -14.38 -27.01
CA ASP P 47 -14.10 -14.09 -27.94
C ASP P 47 -12.83 -14.86 -27.58
N ASN P 48 -12.73 -15.32 -26.32
CA ASN P 48 -11.58 -16.10 -25.88
C ASN P 48 -12.05 -17.27 -25.01
N GLN P 49 -11.11 -18.13 -24.57
CA GLN P 49 -11.41 -19.28 -23.73
C GLN P 49 -11.87 -18.83 -22.33
N ASP P 50 -11.30 -17.72 -21.82
CA ASP P 50 -11.63 -17.17 -20.50
C ASP P 50 -13.09 -16.75 -20.44
N GLU P 51 -13.60 -16.06 -21.50
CA GLU P 51 -14.99 -15.62 -21.63
C GLU P 51 -15.90 -16.84 -21.68
N LEU P 52 -15.54 -17.87 -22.47
CA LEU P 52 -16.33 -19.09 -22.57
C LEU P 52 -16.39 -19.83 -21.21
N ASN P 53 -15.25 -19.89 -20.49
CA ASN P 53 -15.15 -20.52 -19.17
C ASN P 53 -16.04 -19.81 -18.17
N PHE P 54 -16.07 -18.47 -18.21
CA PHE P 54 -16.93 -17.70 -17.33
C PHE P 54 -18.38 -18.07 -17.56
N LEU P 55 -18.82 -18.04 -18.84
CA LEU P 55 -20.19 -18.36 -19.25
C LEU P 55 -20.58 -19.74 -18.79
N MET P 56 -19.75 -20.76 -19.07
CA MET P 56 -19.99 -22.16 -18.68
C MET P 56 -20.08 -22.32 -17.13
N ARG P 57 -19.25 -21.56 -16.38
CA ARG P 57 -19.22 -21.60 -14.92
C ARG P 57 -20.43 -20.93 -14.31
N TYR P 58 -20.74 -19.69 -14.74
CA TYR P 58 -21.80 -18.93 -14.12
C TYR P 58 -23.17 -19.35 -14.61
N LYS P 59 -23.30 -19.99 -15.81
CA LYS P 59 -24.61 -20.43 -16.36
C LYS P 59 -25.20 -21.52 -15.50
N ALA P 60 -24.42 -22.01 -14.54
CA ALA P 60 -24.78 -23.07 -13.59
C ALA P 60 -25.20 -24.36 -14.36
N ASN P 61 -26.34 -24.96 -14.03
CA ASN P 61 -26.76 -26.13 -14.80
C ASN P 61 -27.98 -25.75 -15.63
N PHE P 62 -27.91 -24.58 -16.27
CA PHE P 62 -28.99 -24.11 -17.12
C PHE P 62 -28.59 -24.14 -18.55
N ASP P 63 -29.32 -24.90 -19.39
CA ASP P 63 -29.09 -24.86 -20.84
C ASP P 63 -29.41 -23.40 -21.29
N SER P 64 -28.36 -22.67 -21.76
CA SER P 64 -28.51 -21.26 -22.01
C SER P 64 -28.13 -20.78 -23.43
N TRP P 65 -29.07 -19.99 -24.08
CA TRP P 65 -28.92 -19.35 -25.40
C TRP P 65 -27.67 -18.48 -25.51
N ILE P 66 -27.00 -18.56 -26.65
CA ILE P 66 -25.86 -17.72 -27.03
C ILE P 66 -26.14 -17.17 -28.46
N GLY P 67 -25.34 -16.21 -28.89
CA GLY P 67 -25.49 -15.57 -30.19
C GLY P 67 -25.02 -16.29 -31.44
N LEU P 68 -25.10 -17.64 -31.48
CA LEU P 68 -24.70 -18.41 -32.66
C LEU P 68 -25.90 -19.01 -33.38
N HIS P 69 -26.04 -18.68 -34.68
CA HIS P 69 -27.13 -19.15 -35.57
C HIS P 69 -26.56 -19.56 -36.94
N ARG P 70 -27.28 -20.43 -37.65
CA ARG P 70 -26.92 -20.87 -38.99
C ARG P 70 -28.17 -20.92 -39.84
N GLU P 71 -28.02 -20.66 -41.16
CA GLU P 71 -29.13 -20.59 -42.12
C GLU P 71 -29.83 -21.96 -42.27
N SER P 72 -29.05 -23.05 -42.25
CA SER P 72 -29.48 -24.45 -42.34
C SER P 72 -28.33 -25.34 -41.84
N SER P 73 -28.58 -26.68 -41.74
CA SER P 73 -27.61 -27.69 -41.31
C SER P 73 -26.36 -27.70 -42.21
N GLU P 74 -26.51 -27.34 -43.50
CA GLU P 74 -25.45 -27.28 -44.52
C GLU P 74 -24.77 -25.88 -44.61
N HIS P 75 -25.20 -24.92 -43.78
CA HIS P 75 -24.66 -23.56 -43.76
C HIS P 75 -23.68 -23.35 -42.57
N PRO P 76 -22.72 -22.38 -42.65
CA PRO P 76 -21.81 -22.16 -41.51
C PRO P 76 -22.45 -21.39 -40.36
N TRP P 77 -21.98 -21.63 -39.12
CA TRP P 77 -22.43 -20.90 -37.95
C TRP P 77 -21.87 -19.45 -37.99
N LYS P 78 -22.75 -18.50 -37.67
CA LYS P 78 -22.43 -17.09 -37.65
C LYS P 78 -22.87 -16.45 -36.32
N TRP P 79 -22.19 -15.38 -35.92
CA TRP P 79 -22.54 -14.58 -34.75
C TRP P 79 -23.68 -13.63 -35.13
N THR P 80 -24.19 -12.83 -34.17
CA THR P 80 -25.30 -11.89 -34.44
C THR P 80 -24.78 -10.71 -35.31
N ASP P 81 -23.43 -10.53 -35.38
CA ASP P 81 -22.74 -9.55 -36.24
C ASP P 81 -22.81 -9.98 -37.69
N ASN P 82 -23.03 -11.28 -37.91
CA ASN P 82 -23.06 -12.04 -39.14
C ASN P 82 -21.63 -12.47 -39.53
N THR P 83 -20.67 -12.28 -38.59
CA THR P 83 -19.28 -12.73 -38.71
C THR P 83 -19.28 -14.23 -38.44
N GLU P 84 -18.56 -15.02 -39.24
CA GLU P 84 -18.56 -16.47 -39.09
C GLU P 84 -17.81 -16.93 -37.85
N TYR P 85 -18.32 -18.02 -37.24
CA TYR P 85 -17.81 -18.68 -36.05
C TYR P 85 -16.48 -19.38 -36.37
N ASN P 86 -15.45 -19.26 -35.49
CA ASN P 86 -14.11 -19.87 -35.69
C ASN P 86 -14.09 -21.42 -35.52
N ASN P 87 -15.23 -22.01 -35.10
CA ASN P 87 -15.51 -23.44 -34.87
C ASN P 87 -14.52 -24.13 -33.93
N THR P 88 -13.92 -23.37 -32.97
CA THR P 88 -13.01 -23.88 -31.93
C THR P 88 -13.70 -24.98 -31.11
N ILE P 89 -14.94 -24.68 -30.66
CA ILE P 89 -15.77 -25.62 -29.92
C ILE P 89 -16.90 -25.99 -30.88
N PRO P 90 -16.82 -27.19 -31.52
CA PRO P 90 -17.88 -27.62 -32.45
C PRO P 90 -19.22 -27.79 -31.75
N ILE P 91 -20.30 -27.46 -32.46
CA ILE P 91 -21.65 -27.48 -31.95
C ILE P 91 -22.39 -28.82 -32.28
N ARG P 92 -22.91 -29.43 -31.23
CA ARG P 92 -23.62 -30.70 -31.30
C ARG P 92 -25.04 -30.47 -31.86
N GLY P 93 -25.61 -31.49 -32.50
CA GLY P 93 -26.93 -31.43 -33.10
C GLY P 93 -26.96 -30.92 -34.53
N GLU P 94 -28.10 -31.11 -35.20
CA GLU P 94 -28.29 -30.70 -36.59
C GLU P 94 -29.35 -29.56 -36.72
N GLU P 95 -29.40 -28.66 -35.72
CA GLU P 95 -30.36 -27.56 -35.73
C GLU P 95 -29.70 -26.18 -36.00
N ARG P 96 -30.50 -25.12 -36.14
CA ARG P 96 -30.07 -23.77 -36.54
C ARG P 96 -29.66 -22.80 -35.41
N PHE P 97 -30.02 -23.09 -34.13
CA PHE P 97 -29.73 -22.15 -32.99
C PHE P 97 -28.98 -22.83 -31.85
N ALA P 98 -27.90 -22.17 -31.40
CA ALA P 98 -26.97 -22.66 -30.38
C ALA P 98 -27.26 -22.20 -28.95
N TYR P 99 -27.06 -23.13 -28.02
CA TYR P 99 -27.20 -22.98 -26.60
C TYR P 99 -26.05 -23.73 -25.91
N LEU P 100 -25.62 -23.22 -24.75
CA LEU P 100 -24.61 -23.82 -23.87
C LEU P 100 -25.24 -24.88 -22.99
N ASN P 101 -24.61 -26.04 -22.87
CA ASN P 101 -25.05 -27.10 -21.95
C ASN P 101 -23.82 -27.57 -21.17
N ASN P 102 -23.96 -28.59 -20.30
CA ASN P 102 -22.83 -29.06 -19.50
C ASN P 102 -21.72 -29.75 -20.34
N ASN P 103 -22.09 -30.28 -21.54
CA ASN P 103 -21.15 -30.95 -22.44
C ASN P 103 -20.40 -29.96 -23.36
N GLY P 104 -20.89 -28.74 -23.48
CA GLY P 104 -20.33 -27.72 -24.33
C GLY P 104 -21.43 -26.92 -25.03
N ILE P 105 -21.49 -26.98 -26.36
CA ILE P 105 -22.53 -26.26 -27.11
C ILE P 105 -23.38 -27.27 -27.91
N SER P 106 -24.70 -27.13 -27.83
CA SER P 106 -25.65 -28.00 -28.55
C SER P 106 -26.61 -27.10 -29.38
N SER P 107 -27.61 -27.69 -30.08
CA SER P 107 -28.55 -26.92 -30.91
C SER P 107 -30.01 -27.38 -30.86
N THR P 108 -30.96 -26.44 -31.15
CA THR P 108 -32.42 -26.67 -31.26
C THR P 108 -33.10 -25.63 -32.12
N ARG P 109 -34.39 -25.89 -32.38
CA ARG P 109 -35.34 -25.06 -33.13
C ARG P 109 -35.56 -23.69 -32.44
N ILE P 110 -35.88 -22.62 -33.24
CA ILE P 110 -36.14 -21.26 -32.75
C ILE P 110 -37.12 -21.24 -31.57
N TYR P 111 -38.20 -22.04 -31.64
CA TYR P 111 -39.26 -22.09 -30.64
C TYR P 111 -38.94 -22.83 -29.30
N SER P 112 -37.75 -23.43 -29.07
CA SER P 112 -37.59 -24.13 -27.79
C SER P 112 -37.23 -23.15 -26.68
N LEU P 113 -37.57 -23.53 -25.40
CA LEU P 113 -37.32 -22.70 -24.22
C LEU P 113 -36.00 -23.02 -23.58
N ARG P 114 -35.27 -21.96 -23.21
CA ARG P 114 -33.98 -22.04 -22.54
C ARG P 114 -33.69 -20.75 -21.88
N MET P 115 -32.75 -20.76 -20.92
CA MET P 115 -32.27 -19.53 -20.27
C MET P 115 -31.41 -18.80 -21.29
N TRP P 116 -31.08 -17.52 -21.07
CA TRP P 116 -30.24 -16.81 -22.01
C TRP P 116 -29.17 -15.98 -21.29
N ILE P 117 -28.13 -15.63 -22.03
CA ILE P 117 -27.02 -14.80 -21.62
C ILE P 117 -26.92 -13.70 -22.66
N CYS P 118 -26.92 -12.42 -22.21
CA CYS P 118 -26.70 -11.27 -23.07
C CYS P 118 -25.28 -10.85 -22.92
N SER P 119 -24.76 -10.10 -23.89
CA SER P 119 -23.39 -9.58 -23.80
C SER P 119 -23.30 -8.25 -24.49
N LYS P 120 -22.51 -7.38 -23.89
CA LYS P 120 -22.20 -6.07 -24.43
C LYS P 120 -20.88 -5.58 -23.83
N LEU P 121 -20.19 -4.75 -24.62
CA LEU P 121 -18.92 -4.15 -24.21
C LEU P 121 -19.19 -3.02 -23.26
N ASN P 122 -18.32 -2.88 -22.25
CA ASN P 122 -18.42 -1.82 -21.27
C ASN P 122 -17.88 -0.54 -21.91
N LYS Q 5 -52.85 -50.07 -44.59
CA LYS Q 5 -52.95 -48.63 -44.29
C LYS Q 5 -52.03 -48.24 -43.11
N LEU Q 6 -51.23 -47.18 -43.29
CA LEU Q 6 -50.25 -46.69 -42.30
C LEU Q 6 -50.93 -45.99 -41.14
N GLU Q 7 -50.33 -46.02 -39.94
CA GLU Q 7 -50.91 -45.40 -38.75
C GLU Q 7 -50.33 -43.99 -38.46
N CYS Q 8 -51.12 -43.13 -37.76
CA CYS Q 8 -50.76 -41.75 -37.36
C CYS Q 8 -49.49 -41.71 -36.51
N PRO Q 9 -48.72 -40.60 -36.51
CA PRO Q 9 -47.51 -40.53 -35.67
C PRO Q 9 -47.83 -40.63 -34.17
N GLN Q 10 -46.85 -41.15 -33.41
CA GLN Q 10 -46.84 -41.41 -31.96
C GLN Q 10 -47.72 -40.46 -31.09
N ASP Q 11 -47.64 -39.13 -31.27
CA ASP Q 11 -48.42 -38.23 -30.41
C ASP Q 11 -49.31 -37.23 -31.23
N TRP Q 12 -49.95 -37.76 -32.28
CA TRP Q 12 -50.86 -37.01 -33.14
C TRP Q 12 -52.29 -37.49 -32.92
N LEU Q 13 -53.28 -36.66 -33.29
CA LEU Q 13 -54.70 -37.03 -33.20
C LEU Q 13 -55.10 -37.81 -34.45
N SER Q 14 -55.93 -38.85 -34.29
CA SER Q 14 -56.39 -39.67 -35.40
C SER Q 14 -57.88 -39.54 -35.62
N HIS Q 15 -58.27 -39.25 -36.87
CA HIS Q 15 -59.67 -39.16 -37.29
C HIS Q 15 -59.77 -39.46 -38.76
N ARG Q 16 -60.68 -40.41 -39.12
CA ARG Q 16 -60.95 -40.88 -40.48
C ARG Q 16 -59.62 -41.38 -41.04
N ASP Q 17 -59.10 -40.72 -42.10
CA ASP Q 17 -57.82 -41.08 -42.70
C ASP Q 17 -56.88 -39.86 -42.66
N LYS Q 18 -56.95 -39.10 -41.55
CA LYS Q 18 -56.17 -37.89 -41.32
C LYS Q 18 -55.50 -37.88 -39.95
N CYS Q 19 -54.31 -37.27 -39.89
CA CYS Q 19 -53.51 -37.10 -38.67
C CYS Q 19 -53.43 -35.63 -38.35
N PHE Q 20 -53.68 -35.25 -37.11
CA PHE Q 20 -53.62 -33.86 -36.72
C PHE Q 20 -52.60 -33.62 -35.63
N HIS Q 21 -51.96 -32.46 -35.71
CA HIS Q 21 -51.02 -32.01 -34.71
C HIS Q 21 -51.40 -30.60 -34.35
N VAL Q 22 -51.65 -30.38 -33.06
CA VAL Q 22 -52.01 -29.04 -32.60
C VAL Q 22 -50.77 -28.46 -31.90
N SER Q 23 -50.28 -27.34 -32.41
CA SER Q 23 -49.07 -26.73 -31.87
C SER Q 23 -49.32 -25.96 -30.56
N GLN Q 24 -48.27 -25.86 -29.73
CA GLN Q 24 -48.29 -25.08 -28.48
C GLN Q 24 -47.52 -23.78 -28.70
N VAL Q 25 -46.82 -23.73 -29.83
CA VAL Q 25 -45.92 -22.71 -30.36
C VAL Q 25 -46.70 -21.84 -31.35
N SER Q 26 -46.45 -20.53 -31.33
CA SER Q 26 -47.18 -19.58 -32.18
C SER Q 26 -46.25 -18.74 -33.03
N ASN Q 27 -46.73 -18.35 -34.22
CA ASN Q 27 -46.01 -17.50 -35.18
C ASN Q 27 -46.95 -17.04 -36.29
N THR Q 28 -46.40 -16.38 -37.31
CA THR Q 28 -47.13 -15.90 -38.49
C THR Q 28 -47.67 -17.10 -39.28
N TRP Q 29 -48.67 -16.86 -40.13
CA TRP Q 29 -49.25 -17.91 -40.97
C TRP Q 29 -48.16 -18.53 -41.88
N LYS Q 30 -47.26 -17.70 -42.47
CA LYS Q 30 -46.15 -18.13 -43.32
C LYS Q 30 -45.24 -19.11 -42.55
N GLU Q 31 -44.93 -18.77 -41.28
CA GLU Q 31 -44.08 -19.57 -40.41
C GLU Q 31 -44.78 -20.84 -39.93
N GLY Q 32 -46.13 -20.80 -39.87
CA GLY Q 32 -46.97 -21.94 -39.55
C GLY Q 32 -46.89 -22.98 -40.66
N ARG Q 33 -46.99 -22.54 -41.95
CA ARG Q 33 -46.84 -23.37 -43.15
C ARG Q 33 -45.49 -24.06 -43.17
N ILE Q 34 -44.39 -23.32 -42.81
CA ILE Q 34 -43.00 -23.79 -42.75
C ILE Q 34 -42.89 -24.92 -41.72
N ASP Q 35 -43.54 -24.78 -40.55
CA ASP Q 35 -43.48 -25.82 -39.52
C ASP Q 35 -44.16 -27.09 -39.95
N CYS Q 36 -45.27 -26.98 -40.70
CA CYS Q 36 -45.97 -28.17 -41.19
C CYS Q 36 -45.12 -28.90 -42.23
N ASP Q 37 -44.47 -28.16 -43.14
CA ASP Q 37 -43.60 -28.74 -44.19
C ASP Q 37 -42.43 -29.49 -43.57
N LYS Q 38 -41.79 -28.91 -42.51
CA LYS Q 38 -40.69 -29.54 -41.76
C LYS Q 38 -41.15 -30.86 -41.14
N LYS Q 39 -42.44 -30.92 -40.75
CA LYS Q 39 -43.08 -32.09 -40.15
C LYS Q 39 -43.59 -33.07 -41.22
N GLY Q 40 -43.42 -32.71 -42.50
CA GLY Q 40 -43.89 -33.52 -43.62
C GLY Q 40 -45.41 -33.53 -43.71
N ALA Q 41 -46.02 -32.43 -43.28
CA ALA Q 41 -47.47 -32.21 -43.24
C ALA Q 41 -47.83 -30.91 -43.97
N THR Q 42 -49.10 -30.54 -43.89
CA THR Q 42 -49.64 -29.33 -44.52
C THR Q 42 -50.53 -28.62 -43.47
N LEU Q 43 -50.94 -27.36 -43.69
CA LEU Q 43 -51.84 -26.71 -42.73
C LEU Q 43 -53.22 -27.37 -42.85
N LEU Q 44 -54.06 -27.27 -41.81
CA LEU Q 44 -55.36 -27.92 -41.76
C LEU Q 44 -56.33 -27.50 -42.89
N LEU Q 45 -56.86 -28.52 -43.59
CA LEU Q 45 -57.91 -28.38 -44.60
C LEU Q 45 -59.14 -29.08 -44.02
N ILE Q 46 -60.17 -28.33 -43.63
CA ILE Q 46 -61.38 -28.90 -43.02
C ILE Q 46 -62.24 -29.51 -44.12
N GLN Q 47 -62.41 -30.85 -44.14
CA GLN Q 47 -63.22 -31.48 -45.19
C GLN Q 47 -64.72 -31.33 -44.92
N ASP Q 48 -65.17 -31.56 -43.66
CA ASP Q 48 -66.59 -31.44 -43.28
C ASP Q 48 -66.77 -30.88 -41.85
N GLN Q 49 -68.04 -30.60 -41.47
CA GLN Q 49 -68.41 -30.07 -40.15
C GLN Q 49 -68.12 -31.10 -39.04
N GLU Q 50 -68.16 -32.43 -39.39
CA GLU Q 50 -67.85 -33.54 -38.47
C GLU Q 50 -66.37 -33.47 -38.02
N GLU Q 51 -65.46 -33.18 -38.97
CA GLU Q 51 -64.03 -33.04 -38.75
C GLU Q 51 -63.75 -31.85 -37.83
N LEU Q 52 -64.46 -30.72 -38.07
CA LEU Q 52 -64.33 -29.50 -37.29
C LEU Q 52 -64.78 -29.76 -35.84
N ARG Q 53 -65.99 -30.33 -35.65
CA ARG Q 53 -66.60 -30.66 -34.36
C ARG Q 53 -65.68 -31.58 -33.53
N PHE Q 54 -64.96 -32.50 -34.20
CA PHE Q 54 -64.00 -33.42 -33.58
C PHE Q 54 -62.81 -32.65 -33.01
N LEU Q 55 -62.18 -31.79 -33.87
CA LEU Q 55 -61.00 -30.98 -33.53
C LEU Q 55 -61.24 -30.07 -32.34
N LEU Q 56 -62.39 -29.37 -32.35
CA LEU Q 56 -62.81 -28.46 -31.29
C LEU Q 56 -62.94 -29.20 -29.95
N ASP Q 57 -63.54 -30.41 -29.98
CA ASP Q 57 -63.75 -31.24 -28.79
C ASP Q 57 -62.47 -31.91 -28.31
N SER Q 58 -61.38 -31.89 -29.14
CA SER Q 58 -60.09 -32.51 -28.83
C SER Q 58 -58.96 -31.47 -28.63
N ILE Q 59 -59.30 -30.17 -28.69
CA ILE Q 59 -58.34 -29.09 -28.48
C ILE Q 59 -58.01 -28.91 -26.96
N LYS Q 60 -59.04 -28.71 -26.12
CA LYS Q 60 -58.95 -28.46 -24.67
C LYS Q 60 -58.66 -26.95 -24.41
N GLU Q 61 -57.55 -26.42 -24.98
CA GLU Q 61 -57.16 -25.00 -24.86
C GLU Q 61 -57.94 -24.18 -25.89
N LYS Q 62 -59.28 -24.18 -25.74
CA LYS Q 62 -60.24 -23.51 -26.61
C LYS Q 62 -60.09 -21.97 -26.59
N TYR Q 63 -59.33 -21.43 -25.62
CA TYR Q 63 -59.09 -20.00 -25.42
C TYR Q 63 -57.94 -19.43 -26.29
N ASN Q 64 -57.43 -20.22 -27.27
CA ASN Q 64 -56.39 -19.83 -28.22
C ASN Q 64 -56.89 -20.01 -29.67
N SER Q 65 -56.29 -19.24 -30.61
CA SER Q 65 -56.61 -19.28 -32.04
C SER Q 65 -55.57 -20.13 -32.81
N PHE Q 66 -56.04 -20.88 -33.82
CA PHE Q 66 -55.18 -21.78 -34.58
C PHE Q 66 -55.30 -21.56 -36.08
N TRP Q 67 -54.16 -21.24 -36.75
CA TRP Q 67 -54.06 -21.10 -38.21
C TRP Q 67 -54.54 -22.37 -38.93
N ILE Q 68 -55.18 -22.20 -40.09
CA ILE Q 68 -55.63 -23.29 -40.95
C ILE Q 68 -55.17 -22.96 -42.39
N GLY Q 69 -55.19 -23.95 -43.28
CA GLY Q 69 -54.74 -23.76 -44.66
C GLY Q 69 -55.72 -23.01 -45.53
N LEU Q 70 -56.09 -21.77 -45.14
CA LEU Q 70 -57.01 -20.91 -45.87
C LEU Q 70 -56.52 -19.47 -45.75
N SER Q 71 -56.27 -18.83 -46.90
CA SER Q 71 -55.74 -17.46 -46.88
C SER Q 71 -56.26 -16.60 -48.00
N TYR Q 72 -56.45 -15.30 -47.73
CA TYR Q 72 -56.83 -14.31 -48.75
C TYR Q 72 -55.51 -13.84 -49.35
N THR Q 73 -55.21 -14.36 -50.56
CA THR Q 73 -53.97 -14.09 -51.28
C THR Q 73 -54.18 -13.03 -52.38
N ASN Q 78 -59.05 -14.10 -54.23
CA ASN Q 78 -59.90 -14.13 -53.04
C ASN Q 78 -59.44 -15.26 -52.09
N TRP Q 79 -60.37 -15.79 -51.27
CA TRP Q 79 -60.15 -16.86 -50.30
C TRP Q 79 -59.94 -18.15 -51.00
N LYS Q 80 -58.77 -18.76 -50.74
CA LYS Q 80 -58.37 -20.03 -51.32
C LYS Q 80 -57.73 -20.94 -50.28
N TRP Q 81 -58.01 -22.25 -50.40
CA TRP Q 81 -57.38 -23.26 -49.56
C TRP Q 81 -55.96 -23.45 -50.12
N ILE Q 82 -55.07 -24.07 -49.37
CA ILE Q 82 -53.70 -24.26 -49.81
C ILE Q 82 -53.55 -25.48 -50.75
N ASN Q 83 -54.69 -26.12 -51.17
CA ASN Q 83 -54.71 -27.35 -51.95
C ASN Q 83 -54.91 -27.27 -53.52
N GLY Q 84 -55.31 -26.17 -54.17
CA GLY Q 84 -55.71 -24.86 -53.67
C GLY Q 84 -56.97 -24.38 -54.36
N THR Q 85 -58.13 -24.94 -53.98
CA THR Q 85 -59.43 -24.58 -54.54
C THR Q 85 -60.07 -23.46 -53.72
N ALA Q 86 -60.83 -22.58 -54.41
CA ALA Q 86 -61.53 -21.45 -53.81
C ALA Q 86 -62.54 -21.90 -52.74
N PHE Q 87 -62.66 -21.10 -51.69
CA PHE Q 87 -63.52 -21.37 -50.55
C PHE Q 87 -65.01 -21.19 -50.92
N ASN Q 88 -65.87 -22.03 -50.32
CA ASN Q 88 -67.33 -22.00 -50.41
C ASN Q 88 -67.87 -21.84 -49.00
N SER Q 89 -68.69 -20.77 -48.74
CA SER Q 89 -69.23 -20.44 -47.42
C SER Q 89 -69.90 -21.65 -46.73
N ASP Q 90 -70.84 -22.35 -47.45
CA ASP Q 90 -71.61 -23.57 -47.10
C ASP Q 90 -71.06 -24.37 -45.89
N ILE Q 94 -68.37 -20.95 -43.13
CA ILE Q 94 -68.47 -19.49 -43.16
C ILE Q 94 -67.36 -18.84 -42.29
N THR Q 95 -66.56 -17.94 -42.91
CA THR Q 95 -65.46 -17.23 -42.24
C THR Q 95 -66.02 -15.90 -41.67
N GLY Q 96 -66.26 -15.90 -40.37
CA GLY Q 96 -66.82 -14.75 -39.66
C GLY Q 96 -65.77 -13.82 -39.12
N VAL Q 97 -65.53 -12.68 -39.85
CA VAL Q 97 -64.57 -11.59 -39.53
C VAL Q 97 -64.53 -10.50 -40.64
N THR Q 98 -63.32 -9.93 -40.96
CA THR Q 98 -63.08 -8.89 -42.00
C THR Q 98 -61.94 -9.33 -42.95
N GLU Q 99 -62.07 -9.00 -44.28
CA GLU Q 99 -61.12 -9.38 -45.34
C GLU Q 99 -60.26 -8.20 -45.84
N ASN Q 100 -58.91 -8.38 -45.91
CA ASN Q 100 -57.91 -7.38 -46.36
C ASN Q 100 -56.71 -8.09 -47.07
N GLY Q 101 -55.78 -8.59 -46.26
CA GLY Q 101 -54.61 -9.39 -46.60
C GLY Q 101 -54.54 -10.42 -45.50
N SER Q 102 -55.72 -11.05 -45.24
CA SER Q 102 -56.09 -11.98 -44.18
C SER Q 102 -55.78 -13.46 -44.44
N CYS Q 103 -55.67 -14.24 -43.32
CA CYS Q 103 -55.49 -15.69 -43.20
C CYS Q 103 -56.53 -16.21 -42.21
N ALA Q 104 -57.00 -17.44 -42.40
CA ALA Q 104 -58.03 -17.98 -41.53
C ALA Q 104 -57.47 -18.72 -40.33
N ALA Q 105 -58.24 -18.71 -39.22
CA ALA Q 105 -57.89 -19.36 -37.96
C ALA Q 105 -59.13 -19.80 -37.18
N ILE Q 106 -59.04 -20.93 -36.44
CA ILE Q 106 -60.14 -21.40 -35.61
C ILE Q 106 -60.07 -20.67 -34.27
N SER Q 107 -60.97 -19.70 -34.08
CA SER Q 107 -61.06 -18.89 -32.86
C SER Q 107 -62.39 -19.19 -32.24
N GLY Q 108 -62.37 -20.02 -31.21
CA GLY Q 108 -63.59 -20.46 -30.54
C GLY Q 108 -64.18 -21.62 -31.28
N GLU Q 109 -65.47 -21.55 -31.60
CA GLU Q 109 -66.17 -22.60 -32.35
C GLU Q 109 -66.48 -22.11 -33.78
N LYS Q 110 -65.69 -21.12 -34.27
CA LYS Q 110 -65.89 -20.54 -35.60
C LYS Q 110 -64.58 -20.24 -36.32
N VAL Q 111 -64.60 -20.25 -37.67
CA VAL Q 111 -63.45 -19.90 -38.51
C VAL Q 111 -63.44 -18.39 -38.65
N THR Q 112 -62.34 -17.76 -38.24
CA THR Q 112 -62.16 -16.31 -38.22
C THR Q 112 -61.00 -15.88 -39.14
N SER Q 113 -61.17 -14.72 -39.78
CA SER Q 113 -60.18 -14.11 -40.64
C SER Q 113 -59.35 -13.17 -39.79
N GLU Q 114 -58.02 -13.36 -39.81
CA GLU Q 114 -57.11 -12.54 -39.02
C GLU Q 114 -55.95 -12.07 -39.90
N GLY Q 115 -55.14 -11.15 -39.39
CA GLY Q 115 -53.97 -10.67 -40.10
C GLY Q 115 -52.93 -11.77 -40.16
N CYS Q 116 -52.30 -12.00 -41.31
CA CYS Q 116 -51.32 -13.08 -41.51
C CYS Q 116 -50.01 -12.85 -40.75
N SER Q 117 -49.78 -11.62 -40.25
CA SER Q 117 -48.59 -11.20 -39.48
C SER Q 117 -48.74 -11.52 -37.97
N SER Q 118 -49.99 -11.76 -37.50
CA SER Q 118 -50.31 -12.07 -36.11
C SER Q 118 -49.70 -13.38 -35.68
N ASP Q 119 -49.34 -13.49 -34.40
CA ASP Q 119 -48.80 -14.74 -33.87
C ASP Q 119 -49.94 -15.59 -33.39
N ASN Q 120 -50.00 -16.80 -33.95
CA ASN Q 120 -51.02 -17.77 -33.64
C ASN Q 120 -50.45 -19.15 -33.72
N ARG Q 121 -51.04 -20.08 -32.98
CA ARG Q 121 -50.69 -21.49 -33.05
C ARG Q 121 -51.29 -22.02 -34.36
N TRP Q 122 -51.15 -23.31 -34.66
CA TRP Q 122 -51.66 -23.89 -35.91
C TRP Q 122 -51.96 -25.36 -35.78
N ILE Q 123 -52.71 -25.89 -36.77
CA ILE Q 123 -53.05 -27.30 -36.84
C ILE Q 123 -52.48 -27.87 -38.15
N CYS Q 124 -51.53 -28.80 -38.04
CA CYS Q 124 -50.94 -29.50 -39.20
C CYS Q 124 -51.79 -30.73 -39.46
N GLN Q 125 -51.81 -31.19 -40.71
CA GLN Q 125 -52.54 -32.41 -41.04
C GLN Q 125 -51.72 -33.24 -42.00
N LYS Q 126 -51.80 -34.58 -41.82
CA LYS Q 126 -51.15 -35.60 -42.65
C LYS Q 126 -52.23 -36.50 -43.18
N GLU Q 127 -52.25 -36.74 -44.50
CA GLU Q 127 -53.26 -37.60 -45.11
C GLU Q 127 -52.76 -39.03 -45.18
N LEU Q 128 -53.60 -40.02 -44.81
CA LEU Q 128 -53.27 -41.46 -44.88
C LEU Q 128 -53.82 -42.05 -46.18
N PRO R 9 13.17 -50.42 -27.91
CA PRO R 9 14.57 -50.28 -27.48
C PRO R 9 14.73 -50.36 -25.97
N GLN R 10 15.93 -50.76 -25.53
CA GLN R 10 16.36 -51.03 -24.14
C GLN R 10 15.75 -50.11 -23.05
N ASP R 11 15.68 -48.78 -23.25
CA ASP R 11 15.13 -47.91 -22.19
C ASP R 11 13.96 -47.03 -22.68
N TRP R 12 13.08 -47.62 -23.50
CA TRP R 12 11.91 -46.94 -24.03
C TRP R 12 10.66 -47.51 -23.40
N LEU R 13 9.58 -46.72 -23.38
CA LEU R 13 8.28 -47.15 -22.86
C LEU R 13 7.54 -47.95 -23.91
N SER R 14 6.85 -49.02 -23.48
CA SER R 14 6.09 -49.88 -24.40
C SER R 14 4.60 -49.80 -24.13
N HIS R 15 3.83 -49.53 -25.18
CA HIS R 15 2.36 -49.48 -25.13
C HIS R 15 1.81 -49.82 -26.50
N ARG R 16 0.86 -50.81 -26.53
CA ARG R 16 0.22 -51.33 -27.73
C ARG R 16 1.35 -51.80 -28.69
N ASP R 17 1.48 -51.17 -29.88
CA ASP R 17 2.53 -51.50 -30.83
C ASP R 17 3.39 -50.27 -31.10
N LYS R 18 3.60 -49.46 -30.04
CA LYS R 18 4.36 -48.21 -30.08
C LYS R 18 5.44 -48.15 -28.98
N CYS R 19 6.56 -47.47 -29.30
CA CYS R 19 7.68 -47.25 -28.40
C CYS R 19 7.78 -45.76 -28.14
N PHE R 20 7.93 -45.38 -26.87
CA PHE R 20 8.04 -43.97 -26.52
C PHE R 20 9.33 -43.66 -25.84
N HIS R 21 9.85 -42.46 -26.10
CA HIS R 21 11.03 -41.93 -25.46
C HIS R 21 10.72 -40.53 -24.99
N VAL R 22 10.85 -40.29 -23.69
CA VAL R 22 10.61 -38.96 -23.13
C VAL R 22 11.97 -38.30 -22.86
N SER R 23 12.22 -37.16 -23.51
CA SER R 23 13.49 -36.46 -23.39
C SER R 23 13.61 -35.68 -22.08
N GLN R 24 14.87 -35.50 -21.62
CA GLN R 24 15.20 -34.72 -20.42
C GLN R 24 15.77 -33.36 -20.86
N VAL R 25 16.10 -33.30 -22.16
CA VAL R 25 16.70 -32.24 -22.95
C VAL R 25 15.58 -31.40 -23.62
N SER R 26 15.74 -30.06 -23.65
CA SER R 26 14.72 -29.17 -24.24
C SER R 26 15.29 -28.29 -25.36
N ASN R 27 14.44 -27.97 -26.36
CA ASN R 27 14.77 -27.12 -27.51
C ASN R 27 13.50 -26.75 -28.29
N THR R 28 13.67 -26.10 -29.44
CA THR R 28 12.59 -25.70 -30.35
C THR R 28 11.92 -26.94 -30.91
N TRP R 29 10.69 -26.79 -31.41
CA TRP R 29 9.95 -27.90 -32.02
C TRP R 29 10.71 -28.48 -33.21
N LYS R 30 11.32 -27.61 -34.06
CA LYS R 30 12.14 -27.99 -35.21
C LYS R 30 13.29 -28.90 -34.77
N GLU R 31 13.97 -28.51 -33.66
CA GLU R 31 15.10 -29.25 -33.08
C GLU R 31 14.66 -30.54 -32.41
N GLY R 32 13.40 -30.58 -31.94
CA GLY R 32 12.78 -31.76 -31.36
C GLY R 32 12.57 -32.83 -32.43
N ARG R 33 12.04 -32.41 -33.62
CA ARG R 33 11.84 -33.26 -34.80
C ARG R 33 13.18 -33.88 -35.25
N ILE R 34 14.27 -33.06 -35.27
CA ILE R 34 15.62 -33.45 -35.64
C ILE R 34 16.14 -34.55 -34.70
N ASP R 35 15.88 -34.44 -33.38
CA ASP R 35 16.33 -35.45 -32.41
C ASP R 35 15.61 -36.77 -32.62
N CYS R 36 14.31 -36.74 -32.97
CA CYS R 36 13.57 -37.97 -33.20
C CYS R 36 14.08 -38.68 -34.46
N ASP R 37 14.36 -37.92 -35.54
CA ASP R 37 14.88 -38.47 -36.80
C ASP R 37 16.25 -39.13 -36.59
N LYS R 38 17.14 -38.51 -35.78
CA LYS R 38 18.46 -39.05 -35.44
C LYS R 38 18.31 -40.38 -34.69
N LYS R 39 17.23 -40.51 -33.90
CA LYS R 39 16.87 -41.71 -33.14
C LYS R 39 16.10 -42.74 -34.00
N GLY R 40 15.83 -42.40 -35.27
CA GLY R 40 15.08 -43.25 -36.18
C GLY R 40 13.61 -43.35 -35.78
N ALA R 41 13.10 -42.27 -35.16
CA ALA R 41 11.75 -42.14 -34.66
C ALA R 41 11.08 -40.89 -35.24
N THR R 42 9.88 -40.60 -34.76
CA THR R 42 9.09 -39.45 -35.19
C THR R 42 8.54 -38.76 -33.91
N LEU R 43 8.01 -37.53 -34.01
CA LEU R 43 7.43 -36.90 -32.82
C LEU R 43 6.12 -37.64 -32.47
N LEU R 44 5.66 -37.53 -31.22
CA LEU R 44 4.46 -38.25 -30.73
C LEU R 44 3.16 -37.92 -31.49
N LEU R 45 2.49 -38.98 -31.96
CA LEU R 45 1.16 -38.95 -32.59
C LEU R 45 0.22 -39.67 -31.63
N ILE R 46 -0.68 -38.94 -30.95
CA ILE R 46 -1.61 -39.54 -29.97
C ILE R 46 -2.74 -40.23 -30.74
N GLN R 47 -2.85 -41.57 -30.65
CA GLN R 47 -3.92 -42.26 -31.37
C GLN R 47 -5.25 -42.15 -30.62
N ASP R 48 -5.26 -42.35 -29.28
CA ASP R 48 -6.48 -42.28 -28.47
C ASP R 48 -6.23 -41.67 -27.07
N GLN R 49 -7.32 -41.45 -26.29
CA GLN R 49 -7.29 -40.91 -24.92
C GLN R 49 -6.58 -41.87 -23.96
N GLU R 50 -6.65 -43.20 -24.25
CA GLU R 50 -6.00 -44.26 -23.47
C GLU R 50 -4.47 -44.11 -23.54
N GLU R 51 -3.93 -43.80 -24.74
CA GLU R 51 -2.50 -43.59 -25.02
C GLU R 51 -2.01 -42.37 -24.26
N LEU R 52 -2.82 -41.29 -24.26
CA LEU R 52 -2.51 -40.04 -23.58
C LEU R 52 -2.43 -40.27 -22.07
N ARG R 53 -3.49 -40.88 -21.48
CA ARG R 53 -3.61 -41.21 -20.06
C ARG R 53 -2.44 -42.08 -19.58
N PHE R 54 -1.93 -42.99 -20.46
CA PHE R 54 -0.78 -43.85 -20.19
C PHE R 54 0.49 -43.02 -20.05
N LEU R 55 0.77 -42.17 -21.06
CA LEU R 55 1.95 -41.30 -21.13
C LEU R 55 2.05 -40.38 -19.93
N LEU R 56 0.94 -39.72 -19.56
CA LEU R 56 0.85 -38.82 -18.42
C LEU R 56 1.19 -39.55 -17.11
N ASP R 57 0.67 -40.79 -16.93
CA ASP R 57 0.88 -41.64 -15.76
C ASP R 57 2.29 -42.30 -15.75
N SER R 58 3.03 -42.21 -16.88
CA SER R 58 4.38 -42.78 -17.00
C SER R 58 5.46 -41.70 -17.19
N ILE R 59 5.07 -40.40 -17.12
CA ILE R 59 6.01 -39.29 -17.29
C ILE R 59 6.83 -39.06 -15.99
N LYS R 60 6.16 -38.96 -14.82
CA LYS R 60 6.71 -38.67 -13.48
C LYS R 60 6.94 -37.15 -13.32
N GLU R 61 7.77 -36.54 -14.21
CA GLU R 61 8.04 -35.08 -14.22
C GLU R 61 6.91 -34.34 -14.97
N LYS R 62 5.69 -34.47 -14.44
CA LYS R 62 4.45 -33.94 -14.99
C LYS R 62 4.44 -32.39 -15.05
N TYR R 63 5.40 -31.74 -14.33
CA TYR R 63 5.52 -30.30 -14.20
C TYR R 63 6.33 -29.63 -15.34
N ASN R 64 6.57 -30.36 -16.45
CA ASN R 64 7.24 -29.87 -17.66
C ASN R 64 6.35 -30.10 -18.90
N SER R 65 6.60 -29.32 -19.97
CA SER R 65 5.84 -29.38 -21.24
C SER R 65 6.63 -30.19 -22.27
N PHE R 66 5.91 -30.98 -23.09
CA PHE R 66 6.54 -31.85 -24.07
C PHE R 66 5.96 -31.68 -25.46
N TRP R 67 6.82 -31.33 -26.45
CA TRP R 67 6.44 -31.23 -27.86
C TRP R 67 5.85 -32.55 -28.39
N ILE R 68 4.85 -32.45 -29.29
CA ILE R 68 4.23 -33.61 -29.95
C ILE R 68 4.19 -33.30 -31.46
N GLY R 69 3.94 -34.32 -32.28
CA GLY R 69 3.91 -34.17 -33.73
C GLY R 69 2.66 -33.50 -34.27
N LEU R 70 2.36 -32.28 -33.81
CA LEU R 70 1.20 -31.51 -34.23
C LEU R 70 1.61 -30.03 -34.33
N SER R 71 1.37 -29.40 -35.50
CA SER R 71 1.73 -28.00 -35.75
C SER R 71 0.68 -27.30 -36.60
N TYR R 72 0.56 -25.96 -36.45
CA TYR R 72 -0.37 -25.14 -37.22
C TYR R 72 0.39 -24.34 -38.29
N MET R 77 -4.08 -23.33 -42.95
CA MET R 77 -4.94 -22.68 -41.97
C MET R 77 -5.60 -23.71 -41.05
N ASN R 78 -4.92 -24.86 -40.85
CA ASN R 78 -5.41 -25.97 -40.05
C ASN R 78 -4.30 -26.59 -39.19
N TRP R 79 -4.70 -27.34 -38.15
CA TRP R 79 -3.80 -28.12 -37.29
C TRP R 79 -3.53 -29.44 -37.98
N LYS R 80 -2.27 -29.75 -38.27
CA LYS R 80 -1.95 -30.99 -38.95
C LYS R 80 -0.92 -31.80 -38.18
N TRP R 81 -1.12 -33.14 -38.16
CA TRP R 81 -0.17 -34.06 -37.55
C TRP R 81 1.02 -34.17 -38.52
N ILE R 82 2.14 -34.71 -38.07
CA ILE R 82 3.32 -34.81 -38.93
C ILE R 82 3.27 -36.07 -39.83
N ASN R 83 2.11 -36.78 -39.88
CA ASN R 83 1.95 -38.05 -40.57
C ASN R 83 1.29 -38.04 -42.01
N GLY R 84 0.62 -36.98 -42.52
CA GLY R 84 0.28 -35.70 -41.93
C GLY R 84 -1.17 -35.34 -42.21
N THR R 85 -2.09 -35.99 -41.48
CA THR R 85 -3.54 -35.76 -41.62
C THR R 85 -3.99 -34.68 -40.67
N ALA R 86 -5.00 -33.89 -41.08
CA ALA R 86 -5.57 -32.79 -40.30
C ALA R 86 -6.13 -33.29 -38.97
N PHE R 87 -5.99 -32.45 -37.92
CA PHE R 87 -6.45 -32.72 -36.56
C PHE R 87 -7.99 -32.71 -36.49
N ASN R 88 -8.55 -33.67 -35.70
CA ASN R 88 -9.97 -33.88 -35.44
C ASN R 88 -10.24 -33.90 -33.94
N SER R 89 -11.36 -33.27 -33.51
CA SER R 89 -11.77 -33.19 -32.11
C SER R 89 -12.77 -34.30 -31.78
N ASP R 90 -12.27 -35.29 -31.05
CA ASP R 90 -12.97 -36.47 -30.55
C ASP R 90 -12.10 -37.12 -29.49
N ILE R 94 -8.61 -32.23 -28.01
CA ILE R 94 -8.87 -30.79 -27.96
C ILE R 94 -7.58 -30.01 -27.59
N THR R 95 -7.13 -29.09 -28.49
CA THR R 95 -5.93 -28.28 -28.26
C THR R 95 -6.38 -26.98 -27.58
N GLY R 96 -6.20 -26.90 -26.26
CA GLY R 96 -6.61 -25.77 -25.44
C GLY R 96 -5.55 -24.72 -25.34
N VAL R 97 -5.64 -23.66 -26.20
CA VAL R 97 -4.73 -22.49 -26.31
C VAL R 97 -5.17 -21.53 -27.46
N THR R 98 -4.20 -20.91 -28.20
CA THR R 98 -4.44 -19.98 -29.33
C THR R 98 -3.56 -20.39 -30.54
N GLU R 99 -4.09 -20.22 -31.78
CA GLU R 99 -3.44 -20.56 -33.06
C GLU R 99 -2.83 -19.36 -33.81
N GLY R 101 1.31 -19.31 -35.82
CA GLY R 101 2.50 -20.09 -36.15
C GLY R 101 2.98 -20.94 -34.99
N SER R 102 2.05 -21.75 -34.50
CA SER R 102 2.15 -22.57 -33.31
C SER R 102 2.44 -24.04 -33.53
N CYS R 103 2.88 -24.71 -32.43
CA CYS R 103 3.19 -26.14 -32.30
C CYS R 103 2.54 -26.65 -31.03
N ALA R 104 2.10 -27.90 -31.03
CA ALA R 104 1.42 -28.47 -29.86
C ALA R 104 2.38 -29.12 -28.87
N ALA R 105 2.00 -29.10 -27.58
CA ALA R 105 2.77 -29.67 -26.48
C ALA R 105 1.87 -30.13 -25.34
N ILE R 106 2.25 -31.21 -24.65
CA ILE R 106 1.50 -31.69 -23.49
C ILE R 106 1.95 -30.88 -22.27
N SER R 107 1.10 -29.94 -21.83
CA SER R 107 1.34 -29.09 -20.68
C SER R 107 0.27 -29.41 -19.66
N GLY R 108 0.67 -30.16 -18.64
CA GLY R 108 -0.24 -30.65 -17.62
C GLY R 108 -0.95 -31.90 -18.11
N GLU R 109 -2.28 -31.91 -18.01
CA GLU R 109 -3.07 -33.06 -18.45
C GLU R 109 -3.85 -32.66 -19.72
N LYS R 110 -3.32 -31.69 -20.49
CA LYS R 110 -3.97 -31.19 -21.71
C LYS R 110 -2.97 -30.83 -22.79
N VAL R 111 -3.41 -30.92 -24.07
CA VAL R 111 -2.62 -30.55 -25.25
C VAL R 111 -2.78 -29.05 -25.43
N THR R 112 -1.65 -28.33 -25.40
CA THR R 112 -1.60 -26.86 -25.50
C THR R 112 -0.82 -26.43 -26.74
N SER R 113 -1.26 -25.34 -27.35
CA SER R 113 -0.62 -24.72 -28.50
C SER R 113 0.36 -23.66 -27.98
N GLU R 114 1.63 -23.80 -28.37
CA GLU R 114 2.69 -22.90 -27.93
C GLU R 114 3.50 -22.40 -29.13
N GLY R 115 4.38 -21.43 -28.91
CA GLY R 115 5.24 -20.91 -29.97
C GLY R 115 6.29 -21.93 -30.29
N CYS R 116 6.54 -22.18 -31.58
CA CYS R 116 7.49 -23.22 -32.02
C CYS R 116 8.97 -22.89 -31.69
N SER R 117 9.26 -21.62 -31.30
CA SER R 117 10.58 -21.12 -30.93
C SER R 117 10.92 -21.37 -29.45
N SER R 118 9.89 -21.67 -28.62
CA SER R 118 10.03 -21.93 -27.19
C SER R 118 10.85 -23.20 -26.93
N ASP R 119 11.61 -23.24 -25.81
CA ASP R 119 12.35 -24.45 -25.46
C ASP R 119 11.47 -25.36 -24.65
N ASN R 120 11.32 -26.58 -25.12
CA ASN R 120 10.51 -27.60 -24.49
C ASN R 120 11.11 -28.95 -24.74
N ARG R 121 10.85 -29.91 -23.84
CA ARG R 121 11.25 -31.31 -24.00
C ARG R 121 10.31 -31.91 -25.06
N TRP R 122 10.46 -33.20 -25.39
CA TRP R 122 9.63 -33.84 -26.41
C TRP R 122 9.47 -35.34 -26.18
N ILE R 123 8.49 -35.94 -26.88
CA ILE R 123 8.19 -37.37 -26.84
C ILE R 123 8.34 -37.91 -28.25
N CYS R 124 9.33 -38.82 -28.44
CA CYS R 124 9.55 -39.52 -29.72
C CYS R 124 8.74 -40.80 -29.70
N GLN R 125 8.34 -41.29 -30.87
CA GLN R 125 7.63 -42.56 -30.96
C GLN R 125 8.14 -43.38 -32.13
N LYS R 126 8.18 -44.70 -31.95
CA LYS R 126 8.58 -45.71 -32.94
C LYS R 126 7.43 -46.69 -33.07
N GLU R 127 7.02 -46.98 -34.31
CA GLU R 127 5.93 -47.93 -34.56
C GLU R 127 6.49 -49.35 -34.77
N LEU R 128 5.85 -50.36 -34.17
CA LEU R 128 6.25 -51.77 -34.30
C LEU R 128 5.42 -52.45 -35.39
N LYS S 5 -56.19 59.11 35.72
CA LYS S 5 -56.37 57.75 35.22
C LYS S 5 -55.21 57.36 34.32
N LEU S 6 -54.63 56.16 34.58
CA LEU S 6 -53.48 55.62 33.86
C LEU S 6 -53.86 55.10 32.47
N GLU S 7 -52.92 55.17 31.53
CA GLU S 7 -53.11 54.80 30.13
C GLU S 7 -52.71 53.33 29.81
N CYS S 8 -53.25 52.79 28.69
CA CYS S 8 -53.03 51.44 28.16
C CYS S 8 -51.54 51.16 27.91
N PRO S 9 -51.09 49.88 28.01
CA PRO S 9 -49.66 49.58 27.77
C PRO S 9 -49.21 49.91 26.35
N GLN S 10 -47.88 50.14 26.20
CA GLN S 10 -47.16 50.59 25.01
C GLN S 10 -47.73 50.10 23.65
N ASP S 11 -48.02 48.80 23.49
CA ASP S 11 -48.51 48.33 22.19
C ASP S 11 -49.84 47.55 22.32
N TRP S 12 -50.77 48.08 23.12
CA TRP S 12 -52.10 47.50 23.32
C TRP S 12 -53.15 48.39 22.66
N LEU S 13 -54.32 47.81 22.33
CA LEU S 13 -55.42 48.55 21.74
C LEU S 13 -56.21 49.26 22.85
N SER S 14 -56.67 50.50 22.59
CA SER S 14 -57.42 51.29 23.57
C SER S 14 -58.84 51.53 23.09
N HIS S 15 -59.81 51.22 23.97
CA HIS S 15 -61.23 51.43 23.73
C HIS S 15 -61.95 51.59 25.05
N ARG S 16 -62.73 52.68 25.18
CA ARG S 16 -63.48 53.08 26.38
C ARG S 16 -62.50 53.11 27.56
N ASP S 17 -62.66 52.24 28.58
CA ASP S 17 -61.75 52.18 29.72
C ASP S 17 -61.15 50.78 29.81
N LYS S 18 -60.86 50.18 28.64
CA LYS S 18 -60.32 48.84 28.48
C LYS S 18 -59.09 48.81 27.54
N CYS S 19 -58.15 47.90 27.83
CA CYS S 19 -56.95 47.67 27.05
C CYS S 19 -57.01 46.28 26.48
N PHE S 20 -56.70 46.13 25.19
CA PHE S 20 -56.73 44.80 24.55
C PHE S 20 -55.40 44.42 23.97
N HIS S 21 -55.09 43.14 24.06
CA HIS S 21 -53.91 42.55 23.46
C HIS S 21 -54.33 41.33 22.67
N VAL S 22 -54.01 41.31 21.38
CA VAL S 22 -54.36 40.18 20.53
C VAL S 22 -53.09 39.36 20.31
N SER S 23 -53.11 38.09 20.75
CA SER S 23 -51.93 37.23 20.66
C SER S 23 -51.71 36.69 19.23
N GLN S 24 -50.44 36.40 18.91
CA GLN S 24 -50.02 35.80 17.64
C GLN S 24 -49.71 34.32 17.87
N VAL S 25 -49.59 33.98 19.15
CA VAL S 25 -49.30 32.70 19.79
C VAL S 25 -50.61 31.95 20.14
N SER S 26 -50.65 30.64 19.92
CA SER S 26 -51.84 29.84 20.16
C SER S 26 -51.60 28.68 21.15
N ASN S 27 -52.66 28.33 21.92
CA ASN S 27 -52.64 27.23 22.87
C ASN S 27 -54.07 26.93 23.35
N THR S 28 -54.19 26.03 24.35
CA THR S 28 -55.46 25.67 24.97
C THR S 28 -56.05 26.88 25.69
N TRP S 29 -57.36 26.84 25.99
CA TRP S 29 -58.02 27.93 26.69
C TRP S 29 -57.39 28.12 28.08
N LYS S 30 -57.05 27.01 28.79
CA LYS S 30 -56.38 27.03 30.10
C LYS S 30 -55.06 27.81 30.02
N GLU S 31 -54.25 27.53 28.96
CA GLU S 31 -52.96 28.16 28.73
C GLU S 31 -53.09 29.61 28.30
N GLY S 32 -54.23 29.94 27.66
CA GLY S 32 -54.59 31.31 27.28
C GLY S 32 -54.85 32.17 28.51
N ARG S 33 -55.62 31.62 29.51
CA ARG S 33 -55.89 32.25 30.81
C ARG S 33 -54.57 32.54 31.54
N ILE S 34 -53.63 31.56 31.54
CA ILE S 34 -52.29 31.65 32.17
C ILE S 34 -51.49 32.82 31.56
N ASP S 35 -51.54 33.00 30.23
CA ASP S 35 -50.80 34.07 29.57
C ASP S 35 -51.36 35.43 29.94
N CYS S 36 -52.67 35.54 30.10
CA CYS S 36 -53.26 36.81 30.48
C CYS S 36 -52.89 37.17 31.92
N ASP S 37 -52.88 36.19 32.85
CA ASP S 37 -52.50 36.39 34.26
C ASP S 37 -51.04 36.85 34.37
N LYS S 38 -50.13 36.24 33.58
CA LYS S 38 -48.70 36.62 33.52
C LYS S 38 -48.56 38.08 33.05
N LYS S 39 -49.48 38.53 32.16
CA LYS S 39 -49.54 39.88 31.63
C LYS S 39 -50.29 40.84 32.58
N GLY S 40 -50.79 40.31 33.70
CA GLY S 40 -51.57 41.09 34.67
C GLY S 40 -52.93 41.50 34.13
N ALA S 41 -53.46 40.68 33.22
CA ALA S 41 -54.73 40.87 32.53
C ALA S 41 -55.63 39.64 32.72
N THR S 42 -56.77 39.64 32.04
CA THR S 42 -57.75 38.57 32.09
C THR S 42 -58.16 38.24 30.64
N LEU S 43 -58.86 37.11 30.38
CA LEU S 43 -59.33 36.85 29.01
C LEU S 43 -60.45 37.84 28.68
N LEU S 44 -60.72 38.08 27.39
CA LEU S 44 -61.69 39.07 26.94
C LEU S 44 -63.13 38.83 27.43
N LEU S 45 -63.70 39.87 28.03
CA LEU S 45 -65.09 39.95 28.46
C LEU S 45 -65.75 41.01 27.57
N ILE S 46 -66.61 40.60 26.61
CA ILE S 46 -67.26 41.53 25.69
C ILE S 46 -68.39 42.25 26.43
N GLN S 47 -68.30 43.57 26.64
CA GLN S 47 -69.36 44.27 27.36
C GLN S 47 -70.56 44.55 26.44
N ASP S 48 -70.33 45.00 25.19
CA ASP S 48 -71.41 45.28 24.23
C ASP S 48 -71.02 44.94 22.78
N GLN S 49 -71.99 45.05 21.85
CA GLN S 49 -71.81 44.79 20.42
C GLN S 49 -70.84 45.81 19.79
N GLU S 50 -70.78 47.05 20.36
CA GLU S 50 -69.88 48.12 19.93
C GLU S 50 -68.41 47.72 20.15
N GLU S 51 -68.12 47.09 21.32
CA GLU S 51 -66.80 46.60 21.70
C GLU S 51 -66.36 45.47 20.77
N LEU S 52 -67.30 44.56 20.43
CA LEU S 52 -67.06 43.43 19.52
C LEU S 52 -66.72 43.96 18.11
N ARG S 53 -67.59 44.85 17.55
CA ARG S 53 -67.43 45.47 16.23
C ARG S 53 -66.08 46.20 16.10
N PHE S 54 -65.60 46.82 17.22
CA PHE S 54 -64.31 47.51 17.29
C PHE S 54 -63.17 46.52 17.13
N LEU S 55 -63.18 45.43 17.95
CA LEU S 55 -62.16 44.37 17.97
C LEU S 55 -62.01 43.71 16.61
N LEU S 56 -63.13 43.36 15.97
CA LEU S 56 -63.17 42.72 14.66
C LEU S 56 -62.52 43.62 13.60
N ASP S 57 -62.82 44.93 13.63
CA ASP S 57 -62.28 45.93 12.71
C ASP S 57 -60.81 46.29 13.02
N SER S 58 -60.28 45.85 14.19
CA SER S 58 -58.90 46.13 14.61
C SER S 58 -58.04 44.85 14.67
N ILE S 59 -58.62 43.68 14.27
CA ILE S 59 -57.92 42.39 14.28
C ILE S 59 -56.97 42.28 13.06
N LYS S 60 -57.49 42.46 11.82
CA LYS S 60 -56.79 42.33 10.54
C LYS S 60 -56.68 40.85 10.12
N GLU S 61 -56.12 39.98 11.00
CA GLU S 61 -55.96 38.53 10.78
C GLU S 61 -57.27 37.81 11.13
N LYS S 62 -58.33 38.17 10.39
CA LYS S 62 -59.70 37.66 10.50
C LYS S 62 -59.81 36.15 10.23
N TYR S 63 -58.76 35.54 9.63
CA TYR S 63 -58.68 34.12 9.28
C TYR S 63 -58.27 33.18 10.46
N ASN S 64 -58.21 33.71 11.70
CA ASN S 64 -57.87 32.97 12.90
C ASN S 64 -58.96 33.14 13.99
N SER S 65 -59.01 32.16 14.91
CA SER S 65 -59.96 32.12 16.02
C SER S 65 -59.26 32.57 17.30
N PHE S 66 -60.01 33.30 18.16
CA PHE S 66 -59.43 33.84 19.38
C PHE S 66 -60.26 33.52 20.61
N TRP S 67 -59.65 32.85 21.60
CA TRP S 67 -60.27 32.53 22.90
C TRP S 67 -60.77 33.82 23.60
N ILE S 68 -61.90 33.73 24.33
CA ILE S 68 -62.47 34.82 25.13
C ILE S 68 -62.81 34.22 26.50
N GLY S 69 -63.03 35.06 27.50
CA GLY S 69 -63.35 34.62 28.86
C GLY S 69 -64.76 34.10 29.06
N LEU S 70 -65.16 33.08 28.28
CA LEU S 70 -66.50 32.45 28.34
C LEU S 70 -66.35 30.95 28.17
N SER S 71 -66.89 30.15 29.12
CA SER S 71 -66.78 28.68 29.09
C SER S 71 -68.05 28.00 29.60
N TYR S 72 -68.31 26.77 29.12
CA TYR S 72 -69.49 25.98 29.53
C TYR S 72 -69.03 24.83 30.43
N THR S 73 -69.63 24.71 31.59
CA THR S 73 -69.31 23.65 32.57
C THR S 73 -70.59 22.86 32.91
N LEU S 74 -70.46 21.53 33.07
CA LEU S 74 -71.57 20.64 33.40
C LEU S 74 -72.17 20.90 34.79
N THR S 75 -71.34 21.39 35.72
CA THR S 75 -71.71 21.70 37.10
C THR S 75 -72.84 22.71 37.17
N ASP S 76 -72.86 23.68 36.24
CA ASP S 76 -73.86 24.73 36.18
C ASP S 76 -74.85 24.52 35.05
N MET S 77 -74.45 23.74 34.01
CA MET S 77 -75.23 23.46 32.79
C MET S 77 -75.52 24.77 32.04
N ASN S 78 -74.64 25.77 32.23
CA ASN S 78 -74.78 27.11 31.67
C ASN S 78 -73.45 27.67 31.18
N TRP S 79 -73.53 28.66 30.29
CA TRP S 79 -72.40 29.42 29.78
C TRP S 79 -72.09 30.52 30.79
N LYS S 80 -70.86 30.54 31.32
CA LYS S 80 -70.50 31.57 32.32
C LYS S 80 -69.25 32.32 31.91
N TRP S 81 -69.24 33.64 32.17
CA TRP S 81 -68.06 34.46 31.94
C TRP S 81 -67.07 34.15 33.07
N ILE S 82 -65.82 34.54 32.93
CA ILE S 82 -64.80 34.25 33.95
C ILE S 82 -64.85 35.27 35.11
N ASN S 83 -65.88 36.17 35.14
CA ASN S 83 -65.96 37.26 36.09
C ASN S 83 -66.89 37.10 37.37
N GLY S 84 -67.80 36.13 37.51
CA GLY S 84 -68.20 35.06 36.62
C GLY S 84 -69.72 34.92 36.59
N THR S 85 -70.36 35.85 35.90
CA THR S 85 -71.82 35.86 35.75
C THR S 85 -72.22 34.96 34.58
N ALA S 86 -73.50 34.52 34.56
CA ALA S 86 -74.04 33.67 33.50
C ALA S 86 -74.30 34.50 32.22
N PHE S 87 -74.03 33.90 31.05
CA PHE S 87 -74.20 34.50 29.73
C PHE S 87 -75.69 34.70 29.39
N ASN S 88 -76.00 35.79 28.68
CA ASN S 88 -77.35 36.14 28.23
C ASN S 88 -77.37 36.37 26.71
N SER S 89 -78.43 35.91 26.04
CA SER S 89 -78.62 36.11 24.60
C SER S 89 -78.98 37.60 24.36
N ASP S 90 -77.91 38.40 24.23
CA ASP S 90 -77.85 39.85 24.03
C ASP S 90 -76.68 40.19 23.12
N ILE S 94 -74.96 35.92 21.04
CA ILE S 94 -75.32 34.54 20.66
C ILE S 94 -74.08 33.67 20.31
N THR S 95 -73.88 32.55 21.03
CA THR S 95 -72.76 31.62 20.81
C THR S 95 -73.22 30.53 19.84
N GLY S 96 -72.87 30.68 18.57
CA GLY S 96 -73.28 29.77 17.51
C GLY S 96 -72.32 28.62 17.29
N VAL S 97 -72.68 27.42 17.83
CA VAL S 97 -71.93 26.15 17.77
C VAL S 97 -72.64 25.00 18.57
N THR S 98 -71.87 24.10 19.28
CA THR S 98 -72.37 22.96 20.11
C THR S 98 -71.80 23.07 21.56
N GLU S 99 -72.58 22.74 22.60
CA GLU S 99 -72.21 22.79 24.03
C GLU S 99 -71.93 21.40 24.64
N ASN S 100 -70.76 21.22 25.32
CA ASN S 100 -70.35 19.94 25.98
C ASN S 100 -69.43 20.18 27.24
N GLY S 101 -68.19 20.55 26.97
CA GLY S 101 -67.11 20.90 27.90
C GLY S 101 -66.27 21.87 27.09
N SER S 102 -66.97 22.91 26.60
CA SER S 102 -66.57 23.89 25.64
C SER S 102 -66.15 25.21 26.19
N CYS S 103 -65.42 25.98 25.36
CA CYS S 103 -64.92 27.33 25.60
C CYS S 103 -65.25 28.19 24.39
N ALA S 104 -65.50 29.47 24.60
CA ALA S 104 -65.89 30.35 23.50
C ALA S 104 -64.69 31.01 22.83
N ALA S 105 -64.83 31.31 21.52
CA ALA S 105 -63.81 31.95 20.70
C ALA S 105 -64.42 32.75 19.57
N ILE S 106 -63.79 33.87 19.20
CA ILE S 106 -64.27 34.69 18.08
C ILE S 106 -63.74 34.08 16.80
N SER S 107 -64.60 33.40 16.04
CA SER S 107 -64.26 32.77 14.76
C SER S 107 -65.06 33.47 13.70
N GLY S 108 -64.38 34.35 12.97
CA GLY S 108 -65.03 35.17 11.95
C GLY S 108 -65.65 36.40 12.60
N GLU S 109 -66.93 36.65 12.30
CA GLU S 109 -67.67 37.78 12.88
C GLU S 109 -68.70 37.25 13.91
N LYS S 110 -68.45 36.07 14.49
CA LYS S 110 -69.35 35.43 15.44
C LYS S 110 -68.62 34.73 16.56
N VAL S 111 -69.27 34.62 17.74
CA VAL S 111 -68.73 33.90 18.92
C VAL S 111 -69.12 32.45 18.73
N THR S 112 -68.10 31.57 18.72
CA THR S 112 -68.25 30.13 18.48
C THR S 112 -67.75 29.34 19.69
N SER S 113 -68.45 28.25 19.99
CA SER S 113 -68.14 27.32 21.06
C SER S 113 -67.22 26.26 20.49
N GLU S 114 -66.05 26.08 21.10
CA GLU S 114 -65.06 25.12 20.63
C GLU S 114 -64.57 24.26 21.79
N GLY S 115 -63.80 23.22 21.49
CA GLY S 115 -63.23 22.37 22.53
C GLY S 115 -62.10 23.12 23.21
N CYS S 116 -62.04 23.09 24.53
CA CYS S 116 -61.06 23.83 25.32
C CYS S 116 -59.61 23.32 25.16
N SER S 117 -59.42 22.12 24.54
CA SER S 117 -58.13 21.46 24.26
C SER S 117 -57.52 21.92 22.94
N SER S 118 -58.31 22.55 22.04
CA SER S 118 -57.89 23.08 20.74
C SER S 118 -56.91 24.21 20.90
N ASP S 119 -55.95 24.34 19.95
CA ASP S 119 -54.99 25.44 19.97
C ASP S 119 -55.57 26.63 19.24
N ASN S 120 -55.64 27.74 19.95
CA ASN S 120 -56.20 28.99 19.45
C ASN S 120 -55.46 30.12 20.06
N ARG S 121 -55.45 31.27 19.35
CA ARG S 121 -54.91 32.52 19.85
C ARG S 121 -55.92 33.06 20.86
N TRP S 122 -55.67 34.22 21.50
CA TRP S 122 -56.56 34.80 22.48
C TRP S 122 -56.48 36.30 22.55
N ILE S 123 -57.46 36.93 23.21
CA ILE S 123 -57.53 38.36 23.44
C ILE S 123 -57.54 38.59 24.95
N CYS S 124 -56.51 39.27 25.47
CA CYS S 124 -56.41 39.64 26.89
C CYS S 124 -57.00 41.01 27.04
N GLN S 125 -57.51 41.32 28.23
CA GLN S 125 -58.05 42.65 28.49
C GLN S 125 -57.63 43.13 29.87
N LYS S 126 -57.39 44.44 29.98
CA LYS S 126 -57.01 45.15 31.21
C LYS S 126 -58.02 46.25 31.42
N GLU S 127 -58.57 46.36 32.64
CA GLU S 127 -59.55 47.38 32.96
C GLU S 127 -58.86 48.60 33.56
N LEU S 128 -59.24 49.81 33.12
CA LEU S 128 -58.67 51.08 33.63
C LEU S 128 -59.55 51.63 34.78
N ASN S 129 -60.85 51.90 34.50
CA ASN S 129 -61.89 52.41 35.42
C ASN S 129 -61.42 53.66 36.22
N LYS T 5 12.35 50.75 41.26
CA LYS T 5 12.24 49.29 41.14
C LYS T 5 13.18 48.78 40.08
N LEU T 6 13.82 47.61 40.31
CA LEU T 6 14.80 47.01 39.38
C LEU T 6 14.09 46.34 38.20
N GLU T 7 14.72 46.41 37.01
CA GLU T 7 14.18 45.86 35.78
C GLU T 7 14.70 44.43 35.50
N CYS T 8 13.98 43.68 34.64
CA CYS T 8 14.25 42.29 34.26
C CYS T 8 15.67 42.07 33.74
N PRO T 9 16.25 40.84 33.89
CA PRO T 9 17.62 40.59 33.41
C PRO T 9 17.77 40.78 31.90
N GLN T 10 19.02 41.04 31.49
CA GLN T 10 19.48 41.37 30.14
C GLN T 10 18.69 40.72 28.97
N ASP T 11 18.45 39.39 28.98
CA ASP T 11 17.75 38.77 27.86
C ASP T 11 16.51 37.96 28.31
N TRP T 12 15.74 38.52 29.24
CA TRP T 12 14.53 37.90 29.76
C TRP T 12 13.30 38.66 29.27
N LEU T 13 12.12 37.97 29.27
CA LEU T 13 10.85 38.57 28.86
C LEU T 13 10.26 39.33 30.04
N SER T 14 9.64 40.49 29.79
CA SER T 14 9.03 41.32 30.84
C SER T 14 7.52 41.42 30.67
N HIS T 15 6.79 41.15 31.74
CA HIS T 15 5.33 41.24 31.80
C HIS T 15 4.90 41.47 33.22
N ARG T 16 4.06 42.51 33.43
CA ARG T 16 3.54 42.96 34.73
C ARG T 16 4.76 43.22 35.64
N ASP T 17 4.91 42.45 36.74
CA ASP T 17 6.05 42.61 37.64
C ASP T 17 6.81 41.29 37.72
N LYS T 18 6.88 40.59 36.58
CA LYS T 18 7.50 39.27 36.43
C LYS T 18 8.49 39.20 35.26
N CYS T 19 9.54 38.39 35.43
CA CYS T 19 10.59 38.15 34.44
C CYS T 19 10.53 36.71 34.02
N PHE T 20 10.58 36.45 32.71
CA PHE T 20 10.52 35.08 32.22
C PHE T 20 11.74 34.73 31.41
N HIS T 21 12.17 33.47 31.54
CA HIS T 21 13.26 32.90 30.77
C HIS T 21 12.79 31.59 30.21
N VAL T 22 12.84 31.46 28.89
CA VAL T 22 12.44 30.24 28.21
C VAL T 22 13.72 29.50 27.81
N SER T 23 13.91 28.29 28.34
CA SER T 23 15.13 27.51 28.06
C SER T 23 15.10 26.86 26.67
N GLN T 24 16.28 26.62 26.11
CA GLN T 24 16.45 25.93 24.81
C GLN T 24 16.96 24.50 25.08
N VAL T 25 17.35 24.29 26.34
CA VAL T 25 17.90 23.11 26.98
C VAL T 25 16.76 22.32 27.66
N SER T 26 16.78 20.97 27.55
CA SER T 26 15.75 20.12 28.12
C SER T 26 16.29 19.09 29.11
N ASN T 27 15.47 18.74 30.12
CA ASN T 27 15.80 17.75 31.14
C ASN T 27 14.56 17.39 31.96
N THR T 28 14.73 16.59 33.02
CA THR T 28 13.64 16.20 33.93
C THR T 28 13.10 17.43 34.67
N TRP T 29 11.88 17.32 35.22
CA TRP T 29 11.28 18.42 35.98
C TRP T 29 12.16 18.81 37.19
N LYS T 30 12.71 17.81 37.91
CA LYS T 30 13.63 18.00 39.05
C LYS T 30 14.83 18.84 38.62
N GLU T 31 15.40 18.52 37.44
CA GLU T 31 16.56 19.20 36.89
C GLU T 31 16.22 20.61 36.37
N GLY T 32 14.96 20.79 35.97
CA GLY T 32 14.42 22.07 35.55
C GLY T 32 14.35 23.03 36.73
N ARG T 33 13.84 22.54 37.89
CA ARG T 33 13.78 23.27 39.17
C ARG T 33 15.16 23.75 39.59
N ILE T 34 16.18 22.84 39.47
CA ILE T 34 17.59 23.07 39.82
C ILE T 34 18.14 24.22 38.96
N ASP T 35 17.81 24.25 37.65
CA ASP T 35 18.29 25.32 36.77
C ASP T 35 17.71 26.66 37.15
N CYS T 36 16.43 26.70 37.58
CA CYS T 36 15.81 27.96 37.97
C CYS T 36 16.44 28.48 39.26
N ASP T 37 16.71 27.60 40.23
CA ASP T 37 17.33 27.97 41.51
C ASP T 37 18.74 28.54 41.30
N LYS T 38 19.53 27.92 40.37
CA LYS T 38 20.87 28.41 39.99
C LYS T 38 20.80 29.82 39.40
N LYS T 39 19.69 30.11 38.68
CA LYS T 39 19.40 31.39 38.06
C LYS T 39 18.75 32.37 39.07
N GLY T 40 18.54 31.94 40.31
CA GLY T 40 17.92 32.77 41.34
C GLY T 40 16.44 33.04 41.05
N ALA T 41 15.82 32.07 40.37
CA ALA T 41 14.43 32.11 39.93
C ALA T 41 13.71 30.86 40.41
N THR T 42 12.47 30.71 39.97
CA THR T 42 11.61 29.59 40.33
C THR T 42 10.95 29.08 39.03
N LEU T 43 10.32 27.89 39.03
CA LEU T 43 9.62 27.45 37.82
C LEU T 43 8.38 28.32 37.64
N LEU T 44 7.83 28.40 36.41
CA LEU T 44 6.70 29.27 36.09
C LEU T 44 5.43 28.96 36.89
N LEU T 45 4.88 30.03 37.52
CA LEU T 45 3.61 30.06 38.24
C LEU T 45 2.69 30.97 37.43
N ILE T 46 1.69 30.41 36.72
CA ILE T 46 0.80 31.20 35.88
C ILE T 46 -0.22 31.91 36.79
N GLN T 47 -0.20 33.25 36.85
CA GLN T 47 -1.15 33.92 37.72
C GLN T 47 -2.55 34.03 37.06
N ASP T 48 -2.63 34.34 35.76
CA ASP T 48 -3.91 34.47 35.05
C ASP T 48 -3.80 34.00 33.58
N GLN T 49 -4.96 33.95 32.87
CA GLN T 49 -5.05 33.55 31.46
C GLN T 49 -4.34 34.57 30.55
N GLU T 50 -4.27 35.85 30.98
CA GLU T 50 -3.58 36.92 30.27
C GLU T 50 -2.07 36.65 30.21
N GLU T 51 -1.49 36.18 31.33
CA GLU T 51 -0.06 35.83 31.46
C GLU T 51 0.27 34.65 30.56
N LEU T 52 -0.62 33.64 30.50
CA LEU T 52 -0.48 32.45 29.66
C LEU T 52 -0.48 32.84 28.18
N ARG T 53 -1.52 33.61 27.74
CA ARG T 53 -1.69 34.10 26.37
C ARG T 53 -0.49 34.92 25.91
N PHE T 54 0.17 35.66 26.83
CA PHE T 54 1.36 36.46 26.56
C PHE T 54 2.54 35.56 26.24
N LEU T 55 2.81 34.57 27.13
CA LEU T 55 3.90 33.60 27.03
C LEU T 55 3.84 32.82 25.74
N LEU T 56 2.65 32.31 25.39
CA LEU T 56 2.40 31.54 24.17
C LEU T 56 2.73 32.36 22.91
N ASP T 57 2.32 33.64 22.90
CA ASP T 57 2.54 34.59 21.80
C ASP T 57 3.99 35.11 21.76
N SER T 58 4.79 34.85 22.82
CA SER T 58 6.18 35.28 22.90
C SER T 58 7.18 34.08 22.89
N ILE T 59 6.66 32.84 22.73
CA ILE T 59 7.50 31.63 22.72
C ILE T 59 8.20 31.48 21.34
N LYS T 60 7.43 31.52 20.23
CA LYS T 60 7.87 31.33 18.83
C LYS T 60 8.00 29.82 18.52
N GLU T 61 8.81 29.07 19.31
CA GLU T 61 9.00 27.63 19.15
C GLU T 61 7.86 26.89 19.84
N LYS T 62 6.63 27.15 19.36
CA LYS T 62 5.38 26.62 19.90
C LYS T 62 5.28 25.08 19.76
N TYR T 63 6.19 24.45 18.98
CA TYR T 63 6.22 23.01 18.68
C TYR T 63 7.00 22.19 19.75
N ASN T 64 7.37 22.83 20.91
CA ASN T 64 8.06 22.21 22.03
C ASN T 64 7.25 22.38 23.33
N SER T 65 7.51 21.47 24.31
CA SER T 65 6.85 21.45 25.63
C SER T 65 7.73 22.07 26.70
N PHE T 66 7.13 22.84 27.62
CA PHE T 66 7.87 23.53 28.68
C PHE T 66 7.33 23.25 30.09
N TRP T 67 8.19 22.72 30.99
CA TRP T 67 7.87 22.49 32.41
C TRP T 67 7.40 23.79 33.09
N ILE T 68 6.47 23.68 34.03
CA ILE T 68 5.99 24.80 34.84
C ILE T 68 6.01 24.32 36.29
N GLY T 69 5.89 25.25 37.24
CA GLY T 69 5.91 24.94 38.67
C GLY T 69 4.64 24.32 39.19
N LEU T 70 4.19 23.21 38.59
CA LEU T 70 2.98 22.48 38.97
C LEU T 70 3.24 20.97 38.88
N SER T 71 3.00 20.24 39.99
CA SER T 71 3.26 18.80 40.05
C SER T 71 2.19 18.09 40.85
N TYR T 72 1.96 16.78 40.55
CA TYR T 72 0.96 15.97 41.25
C TYR T 72 1.67 15.00 42.19
N THR T 73 1.27 15.05 43.48
CA THR T 73 1.81 14.20 44.53
C THR T 73 0.69 13.33 45.15
N LEU T 74 1.00 12.04 45.38
CA LEU T 74 0.13 11.03 45.96
C LEU T 74 -0.28 11.38 47.37
N THR T 75 0.62 12.09 48.11
CA THR T 75 0.42 12.46 49.53
C THR T 75 -0.86 13.29 49.73
N ASP T 76 -1.18 14.14 48.76
CA ASP T 76 -2.34 15.04 48.78
C ASP T 76 -3.41 14.61 47.81
N MET T 77 -3.05 13.80 46.78
CA MET T 77 -3.92 13.33 45.71
C MET T 77 -4.44 14.52 44.88
N ASN T 78 -3.65 15.60 44.87
CA ASN T 78 -4.00 16.85 44.23
C ASN T 78 -2.81 17.47 43.47
N TRP T 79 -3.12 18.38 42.56
CA TRP T 79 -2.17 19.17 41.78
C TRP T 79 -1.77 20.37 42.62
N LYS T 80 -0.48 20.54 42.90
CA LYS T 80 -0.02 21.65 43.71
C LYS T 80 1.05 22.48 43.01
N TRP T 81 0.97 23.81 43.17
CA TRP T 81 2.01 24.70 42.64
C TRP T 81 3.24 24.58 43.55
N ILE T 82 4.39 25.06 43.11
CA ILE T 82 5.62 24.95 43.92
C ILE T 82 5.71 26.08 44.97
N ASN T 83 4.61 26.87 45.17
CA ASN T 83 4.62 28.04 46.04
C ASN T 83 3.99 27.90 47.49
N GLY T 84 3.24 26.85 47.88
CA GLY T 84 2.75 25.70 47.16
C GLY T 84 1.27 25.46 47.46
N THR T 85 0.38 26.28 46.84
CA THR T 85 -1.07 26.16 47.01
C THR T 85 -1.67 25.24 45.96
N ALA T 86 -2.75 24.51 46.32
CA ALA T 86 -3.44 23.56 45.43
C ALA T 86 -4.01 24.27 44.19
N PHE T 87 -3.90 23.61 43.03
CA PHE T 87 -4.36 24.11 41.74
C PHE T 87 -5.89 24.13 41.68
N ASN T 88 -6.43 25.29 41.29
CA ASN T 88 -7.85 25.57 41.12
C ASN T 88 -8.20 25.75 39.63
N SER T 89 -9.42 25.28 39.24
CA SER T 89 -9.95 25.35 37.88
C SER T 89 -10.76 26.63 37.66
N LYS T 93 -7.64 27.78 34.59
CA LYS T 93 -6.88 26.85 33.74
C LYS T 93 -7.40 25.41 33.89
N ILE T 94 -7.14 24.54 32.90
CA ILE T 94 -7.52 23.12 32.91
C ILE T 94 -6.29 22.26 32.50
N THR T 95 -5.88 21.25 33.34
CA THR T 95 -4.73 20.38 33.01
C THR T 95 -5.25 19.19 32.20
N GLY T 96 -5.08 19.28 30.89
CA GLY T 96 -5.50 18.26 29.93
C GLY T 96 -4.43 17.21 29.82
N VAL T 97 -4.69 16.03 30.42
CA VAL T 97 -3.83 14.84 30.45
C VAL T 97 -4.14 13.94 31.67
N THR T 98 -3.37 12.84 31.84
CA THR T 98 -3.63 11.86 32.90
C THR T 98 -2.70 12.13 34.12
N GLU T 99 -3.20 11.83 35.36
CA GLU T 99 -2.52 12.05 36.66
C GLU T 99 -1.99 10.73 37.27
N ASN T 100 -0.69 10.70 37.70
CA ASN T 100 -0.04 9.52 38.33
C ASN T 100 1.07 9.94 39.39
N GLY T 101 2.22 10.34 38.86
CA GLY T 101 3.41 10.86 39.53
C GLY T 101 3.96 11.84 38.50
N SER T 102 3.08 12.76 38.10
CA SER T 102 3.18 13.68 36.99
C SER T 102 3.56 15.07 37.37
N CYS T 103 4.01 15.81 36.33
CA CYS T 103 4.41 17.20 36.36
C CYS T 103 3.76 17.92 35.20
N ALA T 104 3.43 19.20 35.35
CA ALA T 104 2.75 19.95 34.30
C ALA T 104 3.71 20.62 33.36
N ALA T 105 3.28 20.78 32.10
CA ALA T 105 4.04 21.40 31.02
C ALA T 105 3.14 22.07 29.99
N ILE T 106 3.58 23.19 29.41
CA ILE T 106 2.81 23.86 28.38
C ILE T 106 3.14 23.16 27.04
N SER T 107 2.19 22.37 26.54
CA SER T 107 2.34 21.66 25.28
C SER T 107 1.26 22.18 24.35
N GLY T 108 1.66 23.04 23.45
CA GLY T 108 0.74 23.70 22.54
C GLY T 108 0.17 24.93 23.20
N GLU T 109 -1.16 25.06 23.17
CA GLU T 109 -1.86 26.18 23.79
C GLU T 109 -2.62 25.68 25.04
N LYS T 110 -2.14 24.57 25.65
CA LYS T 110 -2.77 23.97 26.82
C LYS T 110 -1.75 23.41 27.80
N VAL T 111 -2.13 23.39 29.09
CA VAL T 111 -1.32 22.81 30.18
C VAL T 111 -1.59 21.29 30.20
N THR T 112 -0.52 20.51 30.04
CA THR T 112 -0.56 19.07 29.94
C THR T 112 0.25 18.44 31.08
N SER T 113 -0.24 17.31 31.57
CA SER T 113 0.38 16.51 32.60
C SER T 113 1.26 15.47 31.91
N GLU T 114 2.55 15.43 32.27
CA GLU T 114 3.51 14.52 31.68
C GLU T 114 4.32 13.84 32.77
N GLY T 115 5.09 12.81 32.43
CA GLY T 115 5.92 12.11 33.40
C GLY T 115 7.07 13.01 33.79
N CYS T 116 7.41 13.09 35.08
CA CYS T 116 8.45 13.97 35.58
C CYS T 116 9.86 13.57 35.14
N SER T 117 10.04 12.33 34.63
CA SER T 117 11.30 11.75 34.14
C SER T 117 11.58 12.11 32.66
N SER T 118 10.55 12.58 31.92
CA SER T 118 10.66 13.01 30.52
C SER T 118 11.56 14.24 30.38
N ASP T 119 12.24 14.34 29.24
CA ASP T 119 13.06 15.51 28.98
C ASP T 119 12.21 16.57 28.31
N ASN T 120 12.18 17.76 28.93
CA ASN T 120 11.44 18.90 28.45
C ASN T 120 12.18 20.15 28.81
N ARG T 121 11.96 21.21 28.01
CA ARG T 121 12.50 22.56 28.29
C ARG T 121 11.65 23.11 29.47
N TRP T 122 11.92 24.34 29.92
CA TRP T 122 11.19 24.94 31.05
C TRP T 122 11.16 26.45 30.98
N ILE T 123 10.26 27.05 31.78
CA ILE T 123 10.11 28.49 31.89
C ILE T 123 10.39 28.88 33.34
N CYS T 124 11.43 29.68 33.57
CA CYS T 124 11.79 30.19 34.88
C CYS T 124 11.10 31.53 35.03
N GLN T 125 10.80 31.94 36.27
CA GLN T 125 10.23 33.25 36.52
C GLN T 125 10.87 33.89 37.73
N LYS T 126 11.04 35.22 37.65
CA LYS T 126 11.59 36.07 38.70
C LYS T 126 10.56 37.14 39.03
N GLU T 127 10.27 37.34 40.31
CA GLU T 127 9.31 38.34 40.74
C GLU T 127 10.04 39.68 41.04
N LEU T 128 9.45 40.82 40.59
CA LEU T 128 10.00 42.16 40.85
C LEU T 128 9.33 42.76 42.10
N ASN T 129 7.97 42.91 42.08
CA ASN T 129 7.11 43.43 43.15
C ASN T 129 7.61 44.78 43.68
N CYS U 8 -8.35 57.68 15.41
CA CYS U 8 -8.66 56.54 14.54
C CYS U 8 -10.16 56.28 14.43
N PRO U 9 -10.67 55.73 13.30
CA PRO U 9 -12.12 55.47 13.20
C PRO U 9 -12.64 54.47 14.23
N GLN U 10 -13.93 54.58 14.57
CA GLN U 10 -14.69 53.84 15.58
C GLN U 10 -14.26 52.35 15.81
N ASP U 11 -14.04 51.55 14.76
CA ASP U 11 -13.68 50.14 15.00
C ASP U 11 -12.35 49.74 14.29
N TRP U 12 -11.36 50.65 14.35
CA TRP U 12 -10.04 50.43 13.77
C TRP U 12 -9.00 50.28 14.87
N LEU U 13 -7.86 49.63 14.56
CA LEU U 13 -6.75 49.48 15.50
C LEU U 13 -5.88 50.74 15.49
N SER U 14 -5.39 51.16 16.65
CA SER U 14 -4.56 52.36 16.79
C SER U 14 -3.16 51.99 17.25
N HIS U 15 -2.16 52.49 16.51
CA HIS U 15 -0.75 52.31 16.84
C HIS U 15 0.05 53.46 16.25
N ARG U 16 0.87 54.11 17.11
CA ARG U 16 1.72 55.26 16.77
C ARG U 16 0.82 56.34 16.17
N ASP U 17 1.01 56.69 14.88
CA ASP U 17 0.18 57.69 14.19
C ASP U 17 -0.49 57.05 12.97
N LYS U 18 -0.87 55.76 13.12
CA LYS U 18 -1.50 54.95 12.08
C LYS U 18 -2.76 54.23 12.56
N CYS U 19 -3.72 54.05 11.63
CA CYS U 19 -4.99 53.35 11.84
C CYS U 19 -5.01 52.12 11.00
N PHE U 20 -5.38 50.98 11.59
CA PHE U 20 -5.44 49.73 10.84
C PHE U 20 -6.82 49.12 10.83
N HIS U 21 -7.16 48.52 9.70
CA HIS U 21 -8.41 47.79 9.52
C HIS U 21 -8.07 46.43 8.95
N VAL U 22 -8.47 45.36 9.65
CA VAL U 22 -8.21 44.01 9.18
C VAL U 22 -9.52 43.48 8.60
N SER U 23 -9.52 43.13 7.32
CA SER U 23 -10.74 42.67 6.65
C SER U 23 -11.09 41.22 7.00
N GLN U 24 -12.39 40.90 6.93
CA GLN U 24 -12.90 39.54 7.16
C GLN U 24 -13.26 38.89 5.80
N VAL U 25 -13.28 39.75 4.78
CA VAL U 25 -13.60 39.56 3.39
C VAL U 25 -12.29 39.33 2.59
N SER U 26 -12.30 38.37 1.64
CA SER U 26 -11.10 38.05 0.84
C SER U 26 -11.34 38.22 -0.66
N ASN U 27 -10.27 38.61 -1.40
CA ASN U 27 -10.29 38.82 -2.84
C ASN U 27 -8.86 38.99 -3.36
N THR U 28 -8.72 39.32 -4.66
CA THR U 28 -7.44 39.55 -5.33
C THR U 28 -6.77 40.77 -4.73
N TRP U 29 -5.47 40.92 -4.94
CA TRP U 29 -4.71 42.07 -4.44
C TRP U 29 -5.28 43.36 -5.03
N LYS U 30 -5.63 43.36 -6.34
CA LYS U 30 -6.24 44.49 -7.05
C LYS U 30 -7.52 44.95 -6.34
N GLU U 31 -8.38 43.97 -5.98
CA GLU U 31 -9.67 44.20 -5.32
C GLU U 31 -9.48 44.64 -3.88
N GLY U 32 -8.37 44.24 -3.26
CA GLY U 32 -7.97 44.66 -1.92
C GLY U 32 -7.64 46.14 -1.89
N ARG U 33 -6.84 46.61 -2.90
CA ARG U 33 -6.48 48.01 -3.09
C ARG U 33 -7.74 48.89 -3.25
N ILE U 34 -8.71 48.41 -4.06
CA ILE U 34 -10.00 49.08 -4.34
C ILE U 34 -10.80 49.27 -3.03
N ASP U 35 -10.80 48.24 -2.14
CA ASP U 35 -11.51 48.35 -0.87
C ASP U 35 -10.89 49.38 0.05
N CYS U 36 -9.55 49.48 0.06
CA CYS U 36 -8.88 50.45 0.90
C CYS U 36 -9.17 51.88 0.40
N ASP U 37 -9.16 52.10 -0.93
CA ASP U 37 -9.45 53.41 -1.54
C ASP U 37 -10.87 53.86 -1.23
N LYS U 38 -11.85 52.93 -1.28
CA LYS U 38 -13.27 53.20 -0.92
C LYS U 38 -13.38 53.65 0.55
N LYS U 39 -12.50 53.09 1.41
CA LYS U 39 -12.41 53.40 2.83
C LYS U 39 -11.56 54.66 3.09
N GLY U 40 -11.02 55.28 2.04
CA GLY U 40 -10.15 56.44 2.14
C GLY U 40 -8.83 56.11 2.81
N ALA U 41 -8.37 54.87 2.59
CA ALA U 41 -7.15 54.30 3.15
C ALA U 41 -6.29 53.72 2.03
N THR U 42 -5.20 53.06 2.41
CA THR U 42 -4.24 52.47 1.48
C THR U 42 -3.91 51.06 2.01
N LEU U 43 -3.27 50.19 1.21
CA LEU U 43 -2.88 48.87 1.75
C LEU U 43 -1.76 49.06 2.76
N LEU U 44 -1.56 48.10 3.66
CA LEU U 44 -0.56 48.20 4.74
C LEU U 44 0.88 48.37 4.25
N LEU U 45 1.55 49.41 4.80
CA LEU U 45 2.96 49.72 4.62
C LEU U 45 3.61 49.52 5.99
N ILE U 46 4.40 48.46 6.17
CA ILE U 46 5.02 48.15 7.47
C ILE U 46 6.24 49.09 7.66
N GLN U 47 6.20 49.98 8.66
CA GLN U 47 7.33 50.88 8.83
C GLN U 47 8.48 50.17 9.57
N ASP U 48 8.20 49.39 10.64
CA ASP U 48 9.23 48.70 11.42
C ASP U 48 8.76 47.34 11.94
N GLN U 49 9.68 46.56 12.58
CA GLN U 49 9.43 45.24 13.15
C GLN U 49 8.44 45.34 14.34
N GLU U 50 8.44 46.49 15.05
CA GLU U 50 7.54 46.78 16.17
C GLU U 50 6.09 46.82 15.69
N GLU U 51 5.85 47.46 14.51
CA GLU U 51 4.54 47.60 13.89
C GLU U 51 4.01 46.24 13.46
N LEU U 52 4.89 45.39 12.89
CA LEU U 52 4.56 44.03 12.44
C LEU U 52 4.16 43.17 13.65
N ARG U 53 5.01 43.13 14.70
CA ARG U 53 4.81 42.39 15.95
C ARG U 53 3.48 42.78 16.63
N PHE U 54 3.08 44.07 16.52
CA PHE U 54 1.83 44.61 17.07
C PHE U 54 0.65 44.01 16.32
N LEU U 55 0.67 44.09 14.96
CA LEU U 55 -0.39 43.62 14.08
C LEU U 55 -0.68 42.14 14.25
N LEU U 56 0.39 41.32 14.31
CA LEU U 56 0.31 39.88 14.50
C LEU U 56 -0.35 39.54 15.82
N ASP U 57 0.02 40.26 16.90
CA ASP U 57 -0.50 40.08 18.26
C ASP U 57 -1.93 40.66 18.43
N SER U 58 -2.41 41.44 17.44
CA SER U 58 -3.75 42.04 17.47
C SER U 58 -4.69 41.48 16.39
N ILE U 59 -4.21 40.49 15.58
CA ILE U 59 -5.00 39.89 14.52
C ILE U 59 -6.05 38.92 15.06
N LYS U 60 -5.63 37.95 15.93
CA LYS U 60 -6.43 36.86 16.53
C LYS U 60 -6.60 35.71 15.51
N GLU U 61 -7.14 36.00 14.29
CA GLU U 61 -7.30 35.00 13.22
C GLU U 61 -5.97 34.85 12.45
N LYS U 62 -4.91 34.46 13.18
CA LYS U 62 -3.55 34.28 12.67
C LYS U 62 -3.42 33.17 11.62
N TYR U 63 -4.50 32.34 11.48
CA TYR U 63 -4.58 31.19 10.57
C TYR U 63 -5.03 31.57 9.13
N ASN U 64 -5.05 32.88 8.80
CA ASN U 64 -5.36 33.43 7.48
C ASN U 64 -4.23 34.36 6.99
N SER U 65 -4.15 34.56 5.66
CA SER U 65 -3.14 35.41 5.01
C SER U 65 -3.74 36.77 4.67
N PHE U 66 -2.93 37.85 4.78
CA PHE U 66 -3.41 39.19 4.56
C PHE U 66 -2.54 39.95 3.60
N TRP U 67 -3.12 40.48 2.49
CA TRP U 67 -2.44 41.33 1.52
C TRP U 67 -1.87 42.57 2.19
N ILE U 68 -0.70 43.04 1.72
CA ILE U 68 -0.06 44.29 2.18
C ILE U 68 0.30 45.09 0.91
N GLY U 69 0.62 46.37 1.07
CA GLY U 69 0.99 47.25 -0.05
C GLY U 69 2.38 47.02 -0.59
N LEU U 70 2.69 45.80 -1.03
CA LEU U 70 3.99 45.42 -1.60
C LEU U 70 3.75 44.44 -2.79
N SER U 71 4.31 44.75 -3.97
CA SER U 71 4.13 43.94 -5.18
C SER U 71 5.41 43.93 -6.05
N TYR U 72 5.61 42.84 -6.81
CA TYR U 72 6.76 42.68 -7.72
C TYR U 72 6.28 42.81 -9.15
N THR U 73 6.88 43.71 -9.91
CA THR U 73 6.55 43.95 -11.32
C THR U 73 7.81 43.74 -12.18
N LEU U 74 7.64 43.13 -13.38
CA LEU U 74 8.71 42.85 -14.35
C LEU U 74 9.37 44.12 -14.90
N THR U 75 8.59 45.21 -15.00
CA THR U 75 9.01 46.52 -15.50
C THR U 75 10.18 47.07 -14.71
N ASP U 76 10.19 46.82 -13.39
CA ASP U 76 11.22 47.32 -12.48
C ASP U 76 12.19 46.24 -12.04
N MET U 77 11.75 44.96 -12.14
CA MET U 77 12.49 43.77 -11.72
C MET U 77 12.80 43.83 -10.22
N ASN U 78 11.97 44.58 -9.46
CA ASN U 78 12.18 44.80 -8.04
C ASN U 78 10.86 44.76 -7.27
N TRP U 79 10.97 44.55 -5.93
CA TRP U 79 9.85 44.60 -4.99
C TRP U 79 9.60 46.06 -4.62
N LYS U 80 8.39 46.59 -4.89
CA LYS U 80 8.10 47.99 -4.57
C LYS U 80 6.87 48.12 -3.68
N TRP U 81 6.93 49.07 -2.72
CA TRP U 81 5.78 49.41 -1.88
C TRP U 81 4.84 50.26 -2.74
N ILE U 82 3.61 50.45 -2.31
CA ILE U 82 2.63 51.21 -3.10
C ILE U 82 2.77 52.73 -2.87
N ASN U 83 3.85 53.19 -2.19
CA ASN U 83 4.04 54.58 -1.78
C ASN U 83 5.03 55.49 -2.64
N GLY U 84 5.90 55.00 -3.55
CA GLY U 84 6.19 53.62 -3.96
C GLY U 84 7.69 53.42 -4.03
N THR U 85 8.28 53.17 -2.85
CA THR U 85 9.69 52.92 -2.52
C THR U 85 10.06 51.46 -2.78
N ALA U 86 11.26 51.24 -3.35
CA ALA U 86 11.76 49.88 -3.52
C ALA U 86 12.02 49.27 -2.14
N PHE U 87 11.71 47.99 -1.99
CA PHE U 87 11.82 47.23 -0.75
C PHE U 87 13.28 47.01 -0.38
N ASN U 88 13.58 47.11 0.94
CA ASN U 88 14.90 46.89 1.58
C ASN U 88 14.77 45.87 2.71
N SER U 89 15.76 44.96 2.80
CA SER U 89 15.78 43.93 3.83
C SER U 89 16.21 44.58 5.15
N ASP U 90 15.27 44.72 6.11
CA ASP U 90 15.51 45.34 7.41
C ASP U 90 14.87 44.54 8.55
N ILE U 94 12.26 40.96 5.19
CA ILE U 94 12.58 39.78 4.37
C ILE U 94 11.29 39.05 3.85
N THR U 95 11.12 39.02 2.51
CA THR U 95 9.97 38.39 1.85
C THR U 95 10.40 36.97 1.49
N GLY U 96 9.96 36.01 2.32
CA GLY U 96 10.31 34.60 2.18
C GLY U 96 9.32 33.85 1.34
N VAL U 97 9.67 33.59 0.02
CA VAL U 97 8.88 32.93 -1.05
C VAL U 97 9.58 32.94 -2.42
N THR U 98 8.81 33.07 -3.56
CA THR U 98 9.32 33.14 -4.96
C THR U 98 8.75 34.37 -5.71
N GLU U 99 9.54 35.00 -6.60
CA GLU U 99 9.21 36.23 -7.37
C GLU U 99 8.89 35.97 -8.88
N ASN U 100 7.73 36.45 -9.39
CA ASN U 100 7.26 36.30 -10.79
C ASN U 100 6.40 37.53 -11.28
N GLY U 101 5.15 37.56 -10.81
CA GLY U 101 4.11 38.56 -11.02
C GLY U 101 3.27 38.50 -9.75
N SER U 102 3.98 38.62 -8.63
CA SER U 102 3.60 38.40 -7.26
C SER U 102 3.29 39.64 -6.48
N CYS U 103 2.55 39.42 -5.38
CA CYS U 103 2.09 40.39 -4.36
C CYS U 103 2.41 39.85 -2.98
N ALA U 104 2.73 40.72 -2.03
CA ALA U 104 3.10 40.29 -0.69
C ALA U 104 1.90 40.16 0.24
N ALA U 105 2.02 39.24 1.21
CA ALA U 105 0.98 38.94 2.19
C ALA U 105 1.58 38.41 3.48
N ILE U 106 0.96 38.76 4.62
CA ILE U 106 1.39 38.26 5.93
C ILE U 106 0.76 36.87 6.12
N SER U 107 1.56 35.81 5.96
CA SER U 107 1.13 34.42 6.11
C SER U 107 1.89 33.86 7.29
N GLY U 108 1.22 33.75 8.43
CA GLY U 108 1.83 33.32 9.67
C GLY U 108 2.52 34.50 10.34
N GLU U 109 3.80 34.33 10.71
CA GLU U 109 4.57 35.38 11.34
C GLU U 109 5.64 35.91 10.36
N LYS U 110 5.42 35.70 9.04
CA LYS U 110 6.35 36.10 7.99
C LYS U 110 5.65 36.73 6.77
N VAL U 111 6.36 37.63 6.05
CA VAL U 111 5.88 38.25 4.81
C VAL U 111 6.23 37.29 3.68
N THR U 112 5.19 36.86 2.94
CA THR U 112 5.29 35.87 1.87
C THR U 112 4.82 36.50 0.53
N SER U 113 5.45 36.07 -0.54
CA SER U 113 5.11 36.45 -1.92
C SER U 113 4.15 35.42 -2.46
N GLU U 114 2.98 35.90 -2.89
CA GLU U 114 1.92 35.04 -3.42
C GLU U 114 1.43 35.56 -4.77
N GLY U 115 0.63 34.78 -5.48
CA GLY U 115 0.07 35.20 -6.75
C GLY U 115 -0.99 36.25 -6.49
N CYS U 116 -0.98 37.33 -7.29
CA CYS U 116 -1.90 38.46 -7.10
C CYS U 116 -3.37 38.13 -7.42
N SER U 117 -3.63 36.99 -8.07
CA SER U 117 -4.95 36.47 -8.45
C SER U 117 -5.60 35.66 -7.33
N SER U 118 -4.81 35.22 -6.32
CA SER U 118 -5.27 34.47 -5.15
C SER U 118 -6.22 35.28 -4.29
N ASP U 119 -7.21 34.59 -3.65
CA ASP U 119 -8.12 35.29 -2.75
C ASP U 119 -7.50 35.34 -1.36
N ASN U 120 -7.37 36.54 -0.82
CA ASN U 120 -6.81 36.78 0.49
C ASN U 120 -7.47 37.97 1.10
N ARG U 121 -7.51 38.02 2.45
CA ARG U 121 -7.99 39.18 3.20
C ARG U 121 -6.90 40.23 3.09
N TRP U 122 -7.07 41.40 3.71
CA TRP U 122 -6.09 42.49 3.62
C TRP U 122 -6.11 43.39 4.85
N ILE U 123 -5.06 44.20 4.99
CA ILE U 123 -4.93 45.18 6.06
C ILE U 123 -4.83 46.57 5.43
N CYS U 124 -5.82 47.44 5.69
CA CYS U 124 -5.84 48.83 5.23
C CYS U 124 -5.15 49.68 6.30
N GLN U 125 -4.57 50.81 5.91
CA GLN U 125 -3.99 51.73 6.87
C GLN U 125 -4.31 53.15 6.51
N LYS U 126 -4.51 54.00 7.54
CA LYS U 126 -4.78 55.44 7.45
C LYS U 126 -3.72 56.18 8.25
N LYS V 5 56.30 60.69 18.16
CA LYS V 5 56.35 59.51 17.29
C LYS V 5 55.21 58.53 17.59
N LEU V 6 54.59 57.99 16.52
CA LEU V 6 53.44 57.06 16.58
C LEU V 6 53.87 55.68 17.03
N GLU V 7 52.98 54.94 17.69
CA GLU V 7 53.29 53.61 18.21
C GLU V 7 52.84 52.47 17.26
N CYS V 8 53.50 51.27 17.36
CA CYS V 8 53.23 50.06 16.56
C CYS V 8 51.78 49.61 16.68
N PRO V 9 51.18 48.97 15.63
CA PRO V 9 49.79 48.52 15.75
C PRO V 9 49.60 47.50 16.86
N GLN V 10 48.39 47.48 17.42
CA GLN V 10 47.92 46.69 18.57
C GLN V 10 48.56 45.27 18.72
N ASP V 11 48.69 44.47 17.63
CA ASP V 11 49.23 43.12 17.79
C ASP V 11 50.45 42.86 16.85
N TRP V 12 51.35 43.85 16.75
CA TRP V 12 52.57 43.78 15.96
C TRP V 12 53.79 43.74 16.87
N LEU V 13 54.92 43.24 16.39
CA LEU V 13 56.19 43.23 17.14
C LEU V 13 56.87 44.59 17.02
N SER V 14 57.48 45.06 18.11
CA SER V 14 58.17 46.34 18.13
C SER V 14 59.67 46.16 18.34
N HIS V 15 60.46 46.80 17.47
CA HIS V 15 61.93 46.83 17.56
C HIS V 15 62.45 48.07 16.88
N ARG V 16 63.32 48.82 17.60
CA ARG V 16 63.92 50.09 17.18
C ARG V 16 62.76 51.06 16.77
N ASP V 17 62.68 51.44 15.49
CA ASP V 17 61.63 52.31 14.98
C ASP V 17 60.89 51.58 13.85
N LYS V 18 60.70 50.26 14.02
CA LYS V 18 60.04 49.36 13.06
C LYS V 18 58.98 48.48 13.73
N CYS V 19 57.92 48.18 12.96
CA CYS V 19 56.82 47.30 13.36
C CYS V 19 56.82 46.08 12.50
N PHE V 20 56.71 44.91 13.10
CA PHE V 20 56.70 43.66 12.33
C PHE V 20 55.44 42.88 12.52
N HIS V 21 55.02 42.22 11.44
CA HIS V 21 53.89 41.31 11.44
C HIS V 21 54.32 40.03 10.77
N VAL V 22 54.21 38.91 11.47
CA VAL V 22 54.57 37.62 10.89
C VAL V 22 53.26 36.90 10.51
N SER V 23 53.12 36.57 9.21
CA SER V 23 51.90 35.92 8.73
C SER V 23 51.87 34.45 9.03
N GLN V 24 50.67 33.89 9.18
CA GLN V 24 50.45 32.45 9.41
C GLN V 24 49.94 31.80 8.10
N VAL V 25 49.57 32.67 7.17
CA VAL V 25 49.03 32.47 5.84
C VAL V 25 50.19 32.48 4.81
N SER V 26 50.13 31.58 3.82
CA SER V 26 51.19 31.46 2.81
C SER V 26 50.66 31.66 1.39
N ASN V 27 51.52 32.22 0.50
CA ASN V 27 51.24 32.44 -0.92
C ASN V 27 52.52 32.80 -1.66
N THR V 28 52.39 33.18 -2.95
CA THR V 28 53.49 33.60 -3.81
C THR V 28 54.09 34.92 -3.28
N TRP V 29 55.30 35.26 -3.71
CA TRP V 29 55.97 36.49 -3.28
C TRP V 29 55.14 37.72 -3.71
N LYS V 30 54.59 37.70 -4.96
CA LYS V 30 53.72 38.77 -5.48
C LYS V 30 52.51 38.99 -4.56
N GLU V 31 51.88 37.86 -4.10
CA GLU V 31 50.71 37.90 -3.23
C GLU V 31 51.08 38.32 -1.81
N GLY V 32 52.32 38.06 -1.40
CA GLY V 32 52.87 38.49 -0.11
C GLY V 32 53.01 40.02 -0.07
N ARG V 33 53.55 40.60 -1.17
CA ARG V 33 53.67 42.05 -1.34
C ARG V 33 52.29 42.73 -1.23
N ILE V 34 51.26 42.14 -1.90
CA ILE V 34 49.87 42.60 -1.93
C ILE V 34 49.30 42.64 -0.50
N ASP V 35 49.59 41.61 0.32
CA ASP V 35 49.09 41.59 1.70
C ASP V 35 49.69 42.69 2.55
N CYS V 36 50.99 42.98 2.34
CA CYS V 36 51.65 44.04 3.11
C CYS V 36 51.07 45.40 2.73
N ASP V 37 50.83 45.65 1.42
CA ASP V 37 50.27 46.90 0.91
C ASP V 37 48.86 47.13 1.47
N LYS V 38 48.02 46.08 1.52
CA LYS V 38 46.67 46.16 2.09
C LYS V 38 46.73 46.57 3.58
N LYS V 39 47.81 46.14 4.27
CA LYS V 39 48.07 46.45 5.68
C LYS V 39 48.77 47.82 5.84
N GLY V 40 49.06 48.50 4.73
CA GLY V 40 49.76 49.77 4.74
C GLY V 40 51.21 49.62 5.15
N ALA V 41 51.80 48.46 4.83
CA ALA V 41 53.16 48.05 5.16
C ALA V 41 53.90 47.63 3.90
N THR V 42 55.12 47.13 4.08
CA THR V 42 56.00 46.69 2.99
C THR V 42 56.59 45.33 3.40
N LEU V 43 57.21 44.58 2.49
CA LEU V 43 57.85 43.31 2.89
C LEU V 43 59.10 43.63 3.71
N LEU V 44 59.57 42.69 4.53
CA LEU V 44 60.70 42.92 5.42
C LEU V 44 62.03 43.32 4.72
N LEU V 45 62.62 44.43 5.18
CA LEU V 45 63.94 44.92 4.80
C LEU V 45 64.83 44.78 6.04
N ILE V 46 65.78 43.83 6.05
CA ILE V 46 66.66 43.60 7.20
C ILE V 46 67.72 44.69 7.24
N GLN V 47 67.72 45.56 8.27
CA GLN V 47 68.73 46.63 8.30
C GLN V 47 70.09 46.09 8.80
N ASP V 48 70.10 45.27 9.87
CA ASP V 48 71.33 44.70 10.44
C ASP V 48 71.13 43.28 10.98
N GLN V 49 72.23 42.62 11.42
CA GLN V 49 72.22 41.27 11.99
C GLN V 49 71.43 41.23 13.32
N GLU V 50 71.41 42.36 14.07
CA GLU V 50 70.67 42.53 15.32
C GLU V 50 69.17 42.40 15.10
N GLU V 51 68.65 43.02 14.01
CA GLU V 51 67.26 42.99 13.61
C GLU V 51 66.84 41.58 13.21
N LEU V 52 67.72 40.87 12.47
CA LEU V 52 67.49 39.50 12.02
C LEU V 52 67.41 38.56 13.24
N ARG V 53 68.43 38.61 14.13
CA ARG V 53 68.53 37.82 15.36
C ARG V 53 67.31 38.00 16.25
N PHE V 54 66.73 39.23 16.29
CA PHE V 54 65.52 39.57 17.06
C PHE V 54 64.31 38.82 16.49
N LEU V 55 64.09 38.93 15.16
CA LEU V 55 62.98 38.32 14.43
C LEU V 55 62.97 36.81 14.58
N LEU V 56 64.13 36.17 14.41
CA LEU V 56 64.31 34.72 14.53
C LEU V 56 63.94 34.25 15.95
N ASP V 57 64.36 34.99 17.00
CA ASP V 57 64.08 34.70 18.40
C ASP V 57 62.62 35.03 18.81
N SER V 58 61.87 35.76 17.94
CA SER V 58 60.48 36.15 18.19
C SER V 58 59.50 35.46 17.23
N ILE V 59 60.00 34.56 16.34
CA ILE V 59 59.19 33.83 15.37
C ILE V 59 58.43 32.66 16.03
N LYS V 60 59.16 31.78 16.75
CA LYS V 60 58.69 30.55 17.44
C LYS V 60 58.58 29.39 16.42
N GLU V 61 57.77 29.56 15.34
CA GLU V 61 57.60 28.57 14.27
C GLU V 61 58.77 28.68 13.27
N LYS V 62 59.98 28.42 13.78
CA LYS V 62 61.24 28.51 13.03
C LYS V 62 61.35 27.49 11.89
N TYR V 63 60.43 26.50 11.87
CA TYR V 63 60.41 25.41 10.89
C TYR V 63 59.62 25.75 9.59
N ASN V 64 59.32 27.06 9.38
CA ASN V 64 58.65 27.58 8.18
C ASN V 64 59.52 28.69 7.54
N SER V 65 59.31 28.93 6.24
CA SER V 65 60.04 29.93 5.48
C SER V 65 59.20 31.21 5.31
N PHE V 66 59.85 32.38 5.35
CA PHE V 66 59.16 33.65 5.27
C PHE V 66 59.76 34.55 4.21
N TRP V 67 58.92 34.99 3.23
CA TRP V 67 59.30 35.95 2.19
C TRP V 67 59.80 37.25 2.81
N ILE V 68 60.78 37.90 2.18
CA ILE V 68 61.31 39.20 2.59
C ILE V 68 61.34 40.06 1.34
N GLY V 69 61.51 41.35 1.51
CA GLY V 69 61.57 42.30 0.40
C GLY V 69 62.86 42.28 -0.37
N LEU V 70 63.24 41.13 -0.92
CA LEU V 70 64.46 40.94 -1.71
C LEU V 70 64.15 39.99 -2.89
N SER V 71 64.43 40.40 -4.13
CA SER V 71 64.15 39.60 -5.32
C SER V 71 65.24 39.76 -6.39
N TYR V 72 65.41 38.73 -7.25
CA TYR V 72 66.41 38.76 -8.32
C TYR V 72 65.70 38.95 -9.67
N THR V 73 66.15 40.00 -10.43
CA THR V 73 65.65 40.36 -11.75
C THR V 73 66.76 40.33 -12.79
N LEU V 74 66.42 39.77 -13.96
CA LEU V 74 67.29 39.60 -15.13
C LEU V 74 67.78 40.92 -15.70
N THR V 75 66.95 41.98 -15.56
CA THR V 75 67.20 43.33 -16.09
C THR V 75 68.52 43.90 -15.56
N ASP V 76 68.82 43.63 -14.28
CA ASP V 76 70.01 44.13 -13.61
C ASP V 76 71.02 43.02 -13.36
N MET V 77 70.57 41.71 -13.38
CA MET V 77 71.38 40.53 -13.11
C MET V 77 71.90 40.59 -11.67
N ASN V 78 71.13 41.26 -10.80
CA ASN V 78 71.50 41.50 -9.41
C ASN V 78 70.30 41.31 -8.46
N TRP V 79 70.62 41.10 -7.18
CA TRP V 79 69.65 41.00 -6.09
C TRP V 79 69.32 42.41 -5.63
N LYS V 80 68.03 42.78 -5.66
CA LYS V 80 67.65 44.11 -5.22
C LYS V 80 66.57 44.07 -4.12
N TRP V 81 66.69 44.98 -3.13
CA TRP V 81 65.67 45.14 -2.10
C TRP V 81 64.47 45.87 -2.74
N ILE V 82 63.33 45.87 -2.11
CA ILE V 82 62.15 46.50 -2.69
C ILE V 82 62.13 48.04 -2.43
N ASN V 83 63.24 48.60 -1.88
CA ASN V 83 63.32 50.00 -1.47
C ASN V 83 64.03 51.04 -2.45
N GLY V 84 64.79 50.68 -3.49
CA GLY V 84 65.22 49.39 -3.97
C GLY V 84 66.70 49.40 -4.31
N THR V 85 67.56 49.36 -3.27
CA THR V 85 69.04 49.34 -3.41
C THR V 85 69.56 47.90 -3.51
N ALA V 86 70.74 47.74 -4.14
CA ALA V 86 71.48 46.57 -4.64
C ALA V 86 71.94 45.47 -3.62
N PHE V 87 71.69 45.58 -2.32
CA PHE V 87 71.99 44.51 -1.33
C PHE V 87 73.51 44.23 -1.03
N ASN V 88 74.39 44.13 -2.04
CA ASN V 88 75.82 43.83 -1.81
C ASN V 88 76.02 42.49 -0.98
N SER V 89 76.59 42.57 0.26
CA SER V 89 76.88 41.43 1.16
C SER V 89 77.26 41.88 2.60
N ASP V 90 76.29 41.69 3.52
CA ASP V 90 76.34 41.94 4.97
C ASP V 90 75.45 40.93 5.69
N ILE V 94 74.19 37.55 3.39
CA ILE V 94 74.55 36.50 2.44
C ILE V 94 73.31 35.61 2.06
N THR V 95 72.97 35.55 0.76
CA THR V 95 71.83 34.75 0.29
C THR V 95 72.37 33.38 -0.17
N GLY V 96 72.18 32.37 0.69
CA GLY V 96 72.68 31.03 0.45
C GLY V 96 71.67 30.15 -0.20
N VAL V 97 71.81 29.93 -1.56
CA VAL V 97 70.95 29.15 -2.51
C VAL V 97 71.41 29.27 -4.00
N THR V 98 70.45 29.35 -4.99
CA THR V 98 70.74 29.51 -6.44
C THR V 98 69.87 30.67 -7.03
N GLU V 99 70.44 31.46 -7.99
CA GLU V 99 69.82 32.65 -8.66
C GLU V 99 69.35 32.39 -10.11
N ASN V 100 68.04 32.70 -10.44
CA ASN V 100 67.42 32.53 -11.78
C ASN V 100 66.31 33.60 -12.10
N GLY V 101 65.15 33.44 -11.44
CA GLY V 101 63.92 34.27 -11.42
C GLY V 101 63.33 34.05 -10.05
N SER V 102 64.18 34.32 -9.06
CA SER V 102 64.07 34.03 -7.64
C SER V 102 63.66 35.22 -6.74
N CYS V 103 63.21 34.86 -5.49
CA CYS V 103 62.82 35.75 -4.38
C CYS V 103 63.44 35.22 -3.10
N ALA V 104 63.77 36.11 -2.16
CA ALA V 104 64.44 35.70 -0.92
C ALA V 104 63.46 35.41 0.18
N ALA V 105 63.87 34.51 1.07
CA ALA V 105 63.07 34.06 2.21
C ALA V 105 63.95 33.62 3.38
N ILE V 106 63.49 33.85 4.62
CA ILE V 106 64.19 33.43 5.82
C ILE V 106 63.82 31.97 6.08
N SER V 107 64.74 31.05 5.75
CA SER V 107 64.56 29.61 5.95
C SER V 107 65.60 29.17 6.95
N GLY V 108 65.15 28.99 8.18
CA GLY V 108 66.03 28.64 9.28
C GLY V 108 66.64 29.90 9.86
N GLU V 109 67.97 29.91 10.00
CA GLU V 109 68.71 31.07 10.52
C GLU V 109 69.49 31.73 9.39
N LYS V 110 69.04 31.54 8.12
CA LYS V 110 69.72 32.05 6.94
C LYS V 110 68.74 32.53 5.87
N VAL V 111 69.17 33.50 5.05
CA VAL V 111 68.40 34.04 3.93
C VAL V 111 68.66 33.13 2.74
N THR V 112 67.58 32.56 2.19
CA THR V 112 67.62 31.61 1.08
C THR V 112 66.85 32.16 -0.13
N SER V 113 67.31 31.81 -1.32
CA SER V 113 66.71 32.18 -2.60
C SER V 113 65.81 31.06 -3.02
N GLU V 114 64.54 31.38 -3.24
CA GLU V 114 63.52 30.41 -3.62
C GLU V 114 62.76 30.89 -4.88
N GLY V 115 61.95 30.02 -5.46
CA GLY V 115 61.13 30.37 -6.61
C GLY V 115 60.01 31.28 -6.15
N CYS V 116 59.73 32.35 -6.89
CA CYS V 116 58.72 33.33 -6.52
C CYS V 116 57.29 32.82 -6.61
N SER V 117 57.09 31.64 -7.22
CA SER V 117 55.78 30.98 -7.40
C SER V 117 55.44 30.08 -6.21
N SER V 118 56.45 29.71 -5.39
CA SER V 118 56.31 28.86 -4.19
C SER V 118 55.43 29.52 -3.15
N ASP V 119 54.69 28.71 -2.39
CA ASP V 119 53.87 29.25 -1.32
C ASP V 119 54.71 29.33 -0.08
N ASN V 120 54.74 30.53 0.50
CA ASN V 120 55.49 30.83 1.71
C ASN V 120 54.80 31.89 2.47
N ARG V 121 54.99 31.91 3.80
CA ARG V 121 54.50 32.96 4.68
C ARG V 121 55.40 34.19 4.43
N TRP V 122 55.16 35.32 5.11
CA TRP V 122 55.94 36.53 4.94
C TRP V 122 55.98 37.39 6.20
N ILE V 123 56.91 38.36 6.21
CA ILE V 123 57.08 39.31 7.31
C ILE V 123 56.88 40.69 6.73
N CYS V 124 55.84 41.40 7.21
CA CYS V 124 55.55 42.77 6.81
C CYS V 124 56.28 43.70 7.79
N GLN V 125 56.63 44.90 7.35
CA GLN V 125 57.24 45.88 8.23
C GLN V 125 56.66 47.26 7.96
N LYS V 126 56.51 48.05 9.05
CA LYS V 126 56.03 49.43 9.06
C LYS V 126 57.08 50.28 9.70
N GLU V 127 57.48 51.38 9.05
CA GLU V 127 58.52 52.27 9.56
C GLU V 127 57.89 53.39 10.39
N LEU V 128 58.47 53.69 11.57
CA LEU V 128 58.00 54.78 12.43
C LEU V 128 58.84 56.04 12.19
N LYS W 5 51.64 -72.11 -5.69
CA LYS W 5 51.99 -70.82 -5.11
C LYS W 5 51.18 -69.71 -5.77
N LEU W 6 50.38 -69.00 -4.95
CA LEU W 6 49.45 -67.94 -5.37
C LEU W 6 50.17 -66.66 -5.79
N GLU W 7 49.55 -65.94 -6.72
CA GLU W 7 50.07 -64.71 -7.32
C GLU W 7 49.56 -63.43 -6.62
N CYS W 8 50.31 -62.31 -6.79
CA CYS W 8 50.06 -60.98 -6.22
C CYS W 8 48.64 -60.45 -6.53
N PRO W 9 48.06 -59.60 -5.65
CA PRO W 9 46.71 -59.09 -5.91
C PRO W 9 46.63 -58.24 -7.17
N GLN W 10 45.40 -58.17 -7.75
CA GLN W 10 45.02 -57.49 -8.99
C GLN W 10 45.80 -56.21 -9.35
N ASP W 11 45.97 -55.25 -8.42
CA ASP W 11 46.66 -54.01 -8.77
C ASP W 11 47.88 -53.70 -7.86
N TRP W 12 48.65 -54.75 -7.53
CA TRP W 12 49.84 -54.67 -6.70
C TRP W 12 51.09 -54.92 -7.53
N LEU W 13 52.24 -54.43 -7.05
CA LEU W 13 53.53 -54.64 -7.72
C LEU W 13 54.09 -55.99 -7.33
N SER W 14 54.71 -56.71 -8.28
CA SER W 14 55.30 -58.03 -8.05
C SER W 14 56.80 -58.02 -8.21
N HIS W 15 57.51 -58.51 -7.19
CA HIS W 15 58.96 -58.63 -7.19
C HIS W 15 59.37 -59.76 -6.27
N ARG W 16 60.20 -60.69 -6.80
CA ARG W 16 60.69 -61.90 -6.13
C ARG W 16 59.48 -62.67 -5.61
N ASP W 17 59.31 -62.81 -4.28
CA ASP W 17 58.16 -63.50 -3.71
C ASP W 17 57.42 -62.54 -2.77
N LYS W 18 57.37 -61.25 -3.16
CA LYS W 18 56.72 -60.17 -2.42
C LYS W 18 55.75 -59.34 -3.29
N CYS W 19 54.68 -58.83 -2.65
CA CYS W 19 53.65 -57.99 -3.26
C CYS W 19 53.69 -56.64 -2.62
N PHE W 20 53.68 -55.57 -3.42
CA PHE W 20 53.73 -54.22 -2.86
C PHE W 20 52.53 -53.39 -3.27
N HIS W 21 52.08 -52.56 -2.34
CA HIS W 21 51.00 -51.60 -2.55
C HIS W 21 51.47 -50.24 -2.08
N VAL W 22 51.47 -49.27 -2.97
CA VAL W 22 51.89 -47.92 -2.63
C VAL W 22 50.62 -47.06 -2.46
N SER W 23 50.41 -46.51 -1.26
CA SER W 23 49.20 -45.75 -0.96
C SER W 23 49.26 -44.35 -1.55
N GLN W 24 48.06 -43.77 -1.85
CA GLN W 24 47.91 -42.40 -2.35
C GLN W 24 47.40 -41.51 -1.21
N VAL W 25 46.96 -42.18 -0.14
CA VAL W 25 46.43 -41.71 1.12
C VAL W 25 47.56 -41.59 2.19
N SER W 26 47.53 -40.51 3.01
CA SER W 26 48.56 -40.27 4.04
C SER W 26 47.98 -40.16 5.45
N ASN W 27 48.77 -40.60 6.45
CA ASN W 27 48.42 -40.57 7.88
C ASN W 27 49.67 -40.88 8.73
N THR W 28 49.47 -40.99 10.07
CA THR W 28 50.52 -41.33 11.03
C THR W 28 51.04 -42.74 10.76
N TRP W 29 52.24 -43.05 11.27
CA TRP W 29 52.83 -44.37 11.10
C TRP W 29 51.93 -45.44 11.70
N LYS W 30 51.34 -45.19 12.90
CA LYS W 30 50.41 -46.09 13.59
C LYS W 30 49.21 -46.41 12.68
N GLU W 31 48.64 -45.35 12.02
CA GLU W 31 47.50 -45.48 11.13
C GLU W 31 47.87 -46.16 9.81
N GLY W 32 49.15 -46.06 9.42
CA GLY W 32 49.71 -46.74 8.25
C GLY W 32 49.75 -48.23 8.48
N ARG W 33 50.21 -48.67 9.67
CA ARG W 33 50.24 -50.07 10.12
C ARG W 33 48.84 -50.67 10.09
N ILE W 34 47.82 -49.90 10.59
CA ILE W 34 46.39 -50.27 10.65
C ILE W 34 45.86 -50.54 9.24
N ASP W 35 46.24 -49.69 8.25
CA ASP W 35 45.77 -49.87 6.88
C ASP W 35 46.34 -51.13 6.24
N CYS W 36 47.61 -51.47 6.55
CA CYS W 36 48.22 -52.67 6.01
C CYS W 36 47.53 -53.91 6.59
N ASP W 37 47.23 -53.91 7.91
CA ASP W 37 46.57 -55.03 8.58
C ASP W 37 45.16 -55.26 8.01
N LYS W 38 44.42 -54.16 7.73
CA LYS W 38 43.07 -54.23 7.11
C LYS W 38 43.15 -54.89 5.72
N LYS W 39 44.28 -54.66 5.01
CA LYS W 39 44.58 -55.23 3.70
C LYS W 39 45.18 -56.63 3.80
N GLY W 40 45.38 -57.14 5.03
CA GLY W 40 45.98 -58.45 5.26
C GLY W 40 47.46 -58.47 4.89
N ALA W 41 48.12 -57.31 5.03
CA ALA W 41 49.53 -57.09 4.72
C ALA W 41 50.25 -56.51 5.94
N THR W 42 51.51 -56.10 5.74
CA THR W 42 52.35 -55.52 6.79
C THR W 42 53.05 -54.30 6.17
N LEU W 43 53.69 -53.42 6.99
CA LEU W 43 54.44 -52.29 6.41
C LEU W 43 55.70 -52.84 5.72
N LEU W 44 56.27 -52.08 4.78
CA LEU W 44 57.42 -52.52 3.98
C LEU W 44 58.67 -52.86 4.80
N LEU W 45 59.20 -54.08 4.56
CA LEU W 45 60.46 -54.58 5.11
C LEU W 45 61.41 -54.72 3.91
N ILE W 46 62.42 -53.84 3.78
CA ILE W 46 63.35 -53.88 2.64
C ILE W 46 64.36 -55.01 2.88
N GLN W 47 64.36 -56.05 2.02
CA GLN W 47 65.29 -57.16 2.24
C GLN W 47 66.71 -56.81 1.72
N ASP W 48 66.83 -56.17 0.54
CA ASP W 48 68.12 -55.78 -0.04
C ASP W 48 68.03 -54.46 -0.84
N GLN W 49 69.19 -53.95 -1.31
CA GLN W 49 69.29 -52.72 -2.12
C GLN W 49 68.61 -52.90 -3.48
N GLU W 50 68.56 -54.15 -4.02
CA GLU W 50 67.90 -54.50 -5.27
C GLU W 50 66.38 -54.26 -5.17
N GLU W 51 65.77 -54.63 -4.03
CA GLU W 51 64.34 -54.45 -3.73
C GLU W 51 64.02 -52.95 -3.64
N LEU W 52 64.90 -52.17 -2.99
CA LEU W 52 64.74 -50.73 -2.83
C LEU W 52 64.80 -50.05 -4.19
N ARG W 53 65.85 -50.34 -5.01
CA ARG W 53 66.06 -49.80 -6.36
C ARG W 53 64.86 -50.08 -7.28
N PHE W 54 64.20 -51.26 -7.10
CA PHE W 54 63.01 -51.65 -7.86
C PHE W 54 61.83 -50.75 -7.50
N LEU W 55 61.54 -50.60 -6.18
CA LEU W 55 60.45 -49.79 -5.64
C LEU W 55 60.54 -48.35 -6.08
N LEU W 56 61.74 -47.75 -5.98
CA LEU W 56 62.01 -46.37 -6.36
C LEU W 56 61.71 -46.13 -7.85
N ASP W 57 62.12 -47.09 -8.70
CA ASP W 57 61.92 -47.05 -10.15
C ASP W 57 60.47 -47.36 -10.54
N SER W 58 59.65 -47.86 -9.60
CA SER W 58 58.24 -48.22 -9.85
C SER W 58 57.26 -47.29 -9.06
N ILE W 59 57.78 -46.30 -8.31
CA ILE W 59 56.96 -45.35 -7.54
C ILE W 59 56.32 -44.29 -8.47
N LYS W 60 57.15 -43.57 -9.29
CA LYS W 60 56.77 -42.48 -10.21
C LYS W 60 56.64 -41.14 -9.42
N GLU W 61 55.80 -41.12 -8.36
CA GLU W 61 55.60 -39.96 -7.47
C GLU W 61 56.72 -39.92 -6.42
N LYS W 62 57.96 -39.78 -6.91
CA LYS W 62 59.18 -39.73 -6.12
C LYS W 62 59.24 -38.50 -5.19
N TYR W 63 58.34 -37.50 -5.41
CA TYR W 63 58.26 -36.25 -4.66
C TYR W 63 57.43 -36.36 -3.35
N ASN W 64 57.10 -37.60 -2.90
CA ASN W 64 56.39 -37.89 -1.65
C ASN W 64 57.20 -38.90 -0.79
N SER W 65 56.96 -38.88 0.54
CA SER W 65 57.60 -39.76 1.52
C SER W 65 56.66 -40.91 1.87
N PHE W 66 57.23 -42.11 2.10
CA PHE W 66 56.45 -43.29 2.37
C PHE W 66 56.94 -44.03 3.59
N TRP W 67 56.05 -44.24 4.59
CA TRP W 67 56.33 -45.02 5.81
C TRP W 67 56.77 -46.43 5.45
N ILE W 68 57.71 -47.01 6.24
CA ILE W 68 58.17 -48.40 6.10
C ILE W 68 58.11 -49.02 7.49
N GLY W 69 58.18 -50.34 7.56
CA GLY W 69 58.12 -51.06 8.84
C GLY W 69 59.38 -51.00 9.66
N LEU W 70 59.84 -49.79 10.00
CA LEU W 70 61.05 -49.54 10.81
C LEU W 70 60.79 -48.36 11.74
N SER W 71 61.01 -48.56 13.06
CA SER W 71 60.75 -47.54 14.07
C SER W 71 61.78 -47.57 15.18
N TYR W 72 62.00 -46.41 15.83
CA TYR W 72 62.95 -46.28 16.95
C TYR W 72 62.17 -46.17 18.26
N THR W 73 62.47 -47.06 19.20
CA THR W 73 61.83 -47.11 20.51
C THR W 73 62.88 -46.95 21.62
N LEU W 74 62.55 -46.16 22.66
CA LEU W 74 63.39 -45.87 23.82
C LEU W 74 63.69 -47.12 24.64
N THR W 75 62.75 -48.09 24.65
CA THR W 75 62.85 -49.36 25.40
C THR W 75 64.08 -50.16 24.99
N ASP W 76 64.46 -50.10 23.70
CA ASP W 76 65.60 -50.84 23.14
C ASP W 76 66.77 -49.90 22.82
N MET W 77 66.49 -48.58 22.64
CA MET W 77 67.46 -47.54 22.27
C MET W 77 68.08 -47.86 20.90
N ASN W 78 67.32 -48.62 20.08
CA ASN W 78 67.75 -49.10 18.76
C ASN W 78 66.62 -49.00 17.72
N TRP W 79 67.00 -49.05 16.44
CA TRP W 79 66.10 -49.09 15.29
C TRP W 79 65.68 -50.54 15.08
N LYS W 80 64.36 -50.83 15.12
CA LYS W 80 63.88 -52.20 14.93
C LYS W 80 62.84 -52.29 13.83
N TRP W 81 62.90 -53.39 13.05
CA TRP W 81 61.90 -53.68 12.02
C TRP W 81 60.65 -54.18 12.74
N ILE W 82 59.51 -54.21 12.06
CA ILE W 82 58.26 -54.66 12.68
C ILE W 82 58.13 -56.21 12.70
N ASN W 83 59.21 -56.94 12.32
CA ASN W 83 59.18 -58.38 12.14
C ASN W 83 59.75 -59.29 13.32
N GLY W 84 60.51 -58.81 14.33
CA GLY W 84 61.02 -57.48 14.60
C GLY W 84 62.48 -57.54 15.04
N THR W 85 63.38 -57.71 14.06
CA THR W 85 64.83 -57.78 14.30
C THR W 85 65.45 -56.38 14.17
N ALA W 86 66.51 -56.11 14.95
CA ALA W 86 67.21 -54.83 14.97
C ALA W 86 67.84 -54.51 13.61
N PHE W 87 67.84 -53.22 13.24
CA PHE W 87 68.37 -52.69 11.98
C PHE W 87 69.90 -52.72 11.96
N ASN W 88 70.53 -52.92 10.78
CA ASN W 88 71.98 -52.95 10.69
C ASN W 88 72.53 -51.61 10.08
N SER W 89 73.53 -51.67 9.16
CA SER W 89 74.20 -50.56 8.45
C SER W 89 75.06 -51.16 7.33
N ASP W 90 74.38 -51.71 6.30
CA ASP W 90 75.00 -52.35 5.13
C ASP W 90 74.05 -52.35 3.92
N THR W 95 69.95 -45.11 7.71
CA THR W 95 68.88 -44.15 7.96
C THR W 95 69.49 -42.76 8.17
N GLY W 96 69.39 -41.91 7.15
CA GLY W 96 69.92 -40.56 7.16
C GLY W 96 68.93 -39.54 7.67
N VAL W 97 69.04 -39.18 8.98
CA VAL W 97 68.21 -38.19 9.72
C VAL W 97 68.60 -38.09 11.20
N THR W 98 67.62 -37.84 12.12
CA THR W 98 67.85 -37.73 13.57
C THR W 98 66.91 -38.70 14.34
N SER W 102 60.87 -41.79 16.79
CA SER W 102 60.89 -41.69 15.34
C SER W 102 60.50 -42.98 14.61
N CYS W 103 60.09 -42.82 13.35
CA CYS W 103 59.68 -43.86 12.40
C CYS W 103 60.37 -43.60 11.08
N ALA W 104 60.69 -44.67 10.33
CA ALA W 104 61.40 -44.53 9.06
C ALA W 104 60.47 -44.37 7.87
N ALA W 105 60.95 -43.65 6.85
CA ALA W 105 60.21 -43.38 5.62
C ALA W 105 61.14 -43.21 4.43
N ILE W 106 60.73 -43.65 3.23
CA ILE W 106 61.52 -43.48 2.02
C ILE W 106 61.24 -42.08 1.48
N SER W 107 62.20 -41.16 1.67
CA SER W 107 62.10 -39.77 1.21
C SER W 107 63.20 -39.56 0.19
N GLY W 108 62.81 -39.57 -1.07
CA GLY W 108 63.75 -39.48 -2.18
C GLY W 108 64.30 -40.85 -2.50
N GLU W 109 65.63 -40.97 -2.56
CA GLU W 109 66.30 -42.25 -2.83
C GLU W 109 66.99 -42.77 -1.55
N LYS W 110 66.52 -42.30 -0.37
CA LYS W 110 67.11 -42.64 0.91
C LYS W 110 66.09 -42.86 2.00
N VAL W 111 66.43 -43.70 3.00
CA VAL W 111 65.58 -43.97 4.17
C VAL W 111 65.85 -42.87 5.20
N THR W 112 64.78 -42.14 5.58
CA THR W 112 64.84 -41.01 6.50
C THR W 112 63.99 -41.29 7.75
N SER W 113 64.48 -40.80 8.89
CA SER W 113 63.83 -40.90 10.20
C SER W 113 62.98 -39.66 10.39
N GLU W 114 61.68 -39.86 10.65
CA GLU W 114 60.74 -38.75 10.82
C GLU W 114 59.90 -38.97 12.08
N GLY W 115 59.13 -37.95 12.49
CA GLY W 115 58.24 -38.06 13.64
C GLY W 115 57.08 -38.97 13.27
N CYS W 116 56.70 -39.89 14.16
CA CYS W 116 55.65 -40.88 13.90
C CYS W 116 54.25 -40.28 13.82
N SER W 117 54.10 -39.00 14.26
CA SER W 117 52.83 -38.25 14.26
C SER W 117 52.59 -37.53 12.90
N SER W 118 53.63 -37.40 12.06
CA SER W 118 53.58 -36.76 10.74
C SER W 118 52.70 -37.53 9.79
N ASP W 119 52.03 -36.83 8.85
CA ASP W 119 51.22 -37.50 7.85
C ASP W 119 52.08 -37.85 6.65
N ASN W 120 52.09 -39.13 6.31
CA ASN W 120 52.85 -39.65 5.19
C ASN W 120 52.11 -40.80 4.59
N ARG W 121 52.36 -41.07 3.29
CA ARG W 121 51.82 -42.25 2.60
C ARG W 121 52.63 -43.45 3.10
N TRP W 122 52.33 -44.67 2.61
CA TRP W 122 53.04 -45.88 3.05
C TRP W 122 53.08 -46.95 1.99
N ILE W 123 53.95 -47.96 2.21
CA ILE W 123 54.11 -49.11 1.32
C ILE W 123 53.79 -50.34 2.14
N CYS W 124 52.73 -51.07 1.74
CA CYS W 124 52.34 -52.34 2.34
C CYS W 124 53.02 -53.45 1.57
N GLN W 125 53.28 -54.58 2.22
CA GLN W 125 53.88 -55.73 1.55
C GLN W 125 53.20 -56.99 2.02
N LYS W 126 53.06 -57.96 1.08
CA LYS W 126 52.49 -59.29 1.27
C LYS W 126 53.52 -60.29 0.84
N GLU W 127 53.83 -61.28 1.68
CA GLU W 127 54.82 -62.31 1.39
C GLU W 127 54.14 -63.51 0.74
N LEU W 128 54.74 -64.07 -0.33
CA LEU W 128 54.20 -65.25 -1.03
C LEU W 128 54.87 -66.53 -0.47
N ASN W 129 56.23 -66.63 -0.56
CA ASN W 129 57.09 -67.73 -0.09
C ASN W 129 56.61 -69.11 -0.56
N LYS X 5 -16.63 -63.90 -10.60
CA LYS X 5 -16.52 -62.73 -9.70
C LYS X 5 -17.10 -61.48 -10.33
N LEU X 6 -17.97 -60.78 -9.58
CA LEU X 6 -18.69 -59.59 -10.02
C LEU X 6 -17.79 -58.36 -10.14
N GLU X 7 -18.14 -57.49 -11.12
CA GLU X 7 -17.41 -56.27 -11.47
C GLU X 7 -17.98 -55.02 -10.78
N CYS X 8 -17.17 -53.94 -10.71
CA CYS X 8 -17.49 -52.65 -10.06
C CYS X 8 -18.80 -52.02 -10.58
N PRO X 9 -19.50 -51.20 -9.74
CA PRO X 9 -20.75 -50.58 -10.21
C PRO X 9 -20.55 -49.63 -11.40
N GLN X 10 -21.62 -49.46 -12.18
CA GLN X 10 -21.76 -48.69 -13.42
C GLN X 10 -20.82 -47.45 -13.56
N ASP X 11 -20.77 -46.54 -12.56
CA ASP X 11 -19.94 -45.34 -12.70
C ASP X 11 -18.95 -45.18 -11.52
N TRP X 12 -18.32 -46.30 -11.13
CA TRP X 12 -17.32 -46.34 -10.08
C TRP X 12 -15.95 -46.60 -10.68
N LEU X 13 -14.88 -46.20 -9.97
CA LEU X 13 -13.51 -46.43 -10.40
C LEU X 13 -13.10 -47.84 -10.01
N SER X 14 -12.34 -48.53 -10.88
CA SER X 14 -11.86 -49.90 -10.64
C SER X 14 -10.35 -49.94 -10.51
N HIS X 15 -9.87 -50.55 -9.43
CA HIS X 15 -8.45 -50.77 -9.17
C HIS X 15 -8.28 -51.98 -8.27
N ARG X 16 -7.40 -52.93 -8.72
CA ARG X 16 -7.14 -54.20 -8.07
C ARG X 16 -8.49 -54.93 -7.86
N ASP X 17 -8.91 -55.16 -6.60
CA ASP X 17 -10.18 -55.80 -6.28
C ASP X 17 -11.04 -54.85 -5.44
N LYS X 18 -10.91 -53.54 -5.72
CA LYS X 18 -11.62 -52.47 -5.02
C LYS X 18 -12.37 -51.53 -5.99
N CYS X 19 -13.52 -51.02 -5.53
CA CYS X 19 -14.36 -50.07 -6.26
C CYS X 19 -14.37 -48.75 -5.52
N PHE X 20 -14.18 -47.65 -6.24
CA PHE X 20 -14.17 -46.34 -5.59
C PHE X 20 -15.24 -45.43 -6.13
N HIS X 21 -15.83 -44.63 -5.25
CA HIS X 21 -16.80 -43.60 -5.61
C HIS X 21 -16.36 -42.30 -4.97
N VAL X 22 -16.20 -41.27 -5.77
CA VAL X 22 -15.80 -39.98 -5.26
C VAL X 22 -17.05 -39.09 -5.24
N SER X 23 -17.43 -38.62 -4.04
CA SER X 23 -18.64 -37.82 -3.90
C SER X 23 -18.46 -36.38 -4.38
N GLN X 24 -19.56 -35.75 -4.82
CA GLN X 24 -19.59 -34.35 -5.25
C GLN X 24 -20.22 -33.51 -4.13
N VAL X 25 -20.85 -34.23 -3.20
CA VAL X 25 -21.59 -33.80 -2.03
C VAL X 25 -20.64 -33.78 -0.79
N SER X 26 -20.77 -32.75 0.08
CA SER X 26 -19.91 -32.63 1.26
C SER X 26 -20.73 -32.58 2.55
N ASN X 27 -20.14 -33.08 3.66
CA ASN X 27 -20.73 -33.09 4.99
C ASN X 27 -19.70 -33.51 6.04
N THR X 28 -20.13 -33.69 7.29
CA THR X 28 -19.29 -34.14 8.40
C THR X 28 -18.79 -35.56 8.14
N TRP X 29 -17.74 -35.98 8.85
CA TRP X 29 -17.19 -37.32 8.69
C TRP X 29 -18.25 -38.38 9.04
N LYS X 30 -19.03 -38.15 10.12
CA LYS X 30 -20.12 -39.05 10.57
C LYS X 30 -21.15 -39.24 9.45
N GLU X 31 -21.52 -38.11 8.76
CA GLU X 31 -22.48 -38.12 7.66
C GLU X 31 -21.90 -38.76 6.39
N GLY X 32 -20.57 -38.71 6.26
CA GLY X 32 -19.84 -39.36 5.17
C GLY X 32 -19.92 -40.87 5.30
N ARG X 33 -19.71 -41.39 6.52
CA ARG X 33 -19.83 -42.82 6.87
C ARG X 33 -21.25 -43.35 6.54
N ILE X 34 -22.30 -42.55 6.90
CA ILE X 34 -23.72 -42.84 6.67
C ILE X 34 -23.99 -42.96 5.16
N ASP X 35 -23.40 -42.07 4.32
CA ASP X 35 -23.61 -42.14 2.87
C ASP X 35 -22.98 -43.39 2.26
N CYS X 36 -21.82 -43.81 2.77
CA CYS X 36 -21.19 -45.00 2.24
C CYS X 36 -22.00 -46.25 2.59
N ASP X 37 -22.54 -46.32 3.84
CA ASP X 37 -23.38 -47.45 4.29
C ASP X 37 -24.66 -47.56 3.45
N LYS X 38 -25.29 -46.40 3.12
CA LYS X 38 -26.49 -46.33 2.26
C LYS X 38 -26.18 -46.87 0.85
N LYS X 39 -24.93 -46.68 0.40
CA LYS X 39 -24.42 -47.16 -0.88
C LYS X 39 -23.92 -48.63 -0.79
N GLY X 40 -23.98 -49.23 0.40
CA GLY X 40 -23.48 -50.57 0.62
C GLY X 40 -21.98 -50.65 0.52
N ALA X 41 -21.31 -49.56 0.90
CA ALA X 41 -19.87 -49.39 0.88
C ALA X 41 -19.35 -48.93 2.24
N THR X 42 -18.06 -48.61 2.31
CA THR X 42 -17.40 -48.15 3.53
C THR X 42 -16.53 -46.92 3.17
N LEU X 43 -16.03 -46.15 4.15
CA LEU X 43 -15.13 -45.04 3.79
C LEU X 43 -13.79 -45.62 3.29
N LEU X 44 -13.02 -44.84 2.53
CA LEU X 44 -11.77 -45.30 1.92
C LEU X 44 -10.71 -45.77 2.93
N LEU X 45 -10.20 -47.00 2.71
CA LEU X 45 -9.11 -47.62 3.43
C LEU X 45 -7.97 -47.74 2.42
N ILE X 46 -6.90 -46.91 2.56
CA ILE X 46 -5.78 -46.91 1.62
C ILE X 46 -4.88 -48.11 1.96
N GLN X 47 -4.77 -49.10 1.05
CA GLN X 47 -3.93 -50.26 1.36
C GLN X 47 -2.43 -49.94 1.14
N ASP X 48 -2.07 -49.27 0.03
CA ASP X 48 -0.68 -48.93 -0.28
C ASP X 48 -0.56 -47.58 -1.00
N GLN X 49 0.71 -47.13 -1.22
CA GLN X 49 1.06 -45.87 -1.91
C GLN X 49 0.60 -45.91 -3.38
N GLU X 50 0.57 -47.11 -4.00
CA GLU X 50 0.12 -47.35 -5.38
C GLU X 50 -1.35 -47.00 -5.53
N GLU X 51 -2.17 -47.39 -4.53
CA GLU X 51 -3.61 -47.14 -4.49
C GLU X 51 -3.88 -45.64 -4.35
N LEU X 52 -3.10 -44.95 -3.50
CA LEU X 52 -3.20 -43.51 -3.27
C LEU X 52 -2.86 -42.74 -4.56
N ARG X 53 -1.69 -43.06 -5.18
CA ARG X 53 -1.21 -42.46 -6.43
C ARG X 53 -2.23 -42.61 -7.57
N PHE X 54 -2.95 -43.75 -7.60
CA PHE X 54 -4.00 -44.03 -8.58
C PHE X 54 -5.17 -43.08 -8.40
N LEU X 55 -5.70 -42.99 -7.15
CA LEU X 55 -6.85 -42.16 -6.78
C LEU X 55 -6.62 -40.70 -7.11
N LEU X 56 -5.43 -40.17 -6.74
CA LEU X 56 -5.04 -38.78 -6.98
C LEU X 56 -5.03 -38.47 -8.49
N ASP X 57 -4.48 -39.40 -9.30
CA ASP X 57 -4.38 -39.27 -10.76
C ASP X 57 -5.73 -39.50 -11.46
N SER X 58 -6.74 -40.02 -10.73
CA SER X 58 -8.08 -40.29 -11.29
C SER X 58 -9.16 -39.40 -10.67
N ILE X 59 -8.78 -38.46 -9.78
CA ILE X 59 -9.76 -37.59 -9.12
C ILE X 59 -10.21 -36.45 -10.07
N LYS X 60 -9.25 -35.72 -10.69
CA LYS X 60 -9.40 -34.54 -11.58
C LYS X 60 -9.66 -33.26 -10.72
N GLU X 61 -10.70 -33.30 -9.84
CA GLU X 61 -11.04 -32.21 -8.91
C GLU X 61 -10.16 -32.30 -7.66
N LYS X 62 -8.82 -32.27 -7.85
CA LYS X 62 -7.80 -32.39 -6.80
C LYS X 62 -7.82 -31.20 -5.82
N TYR X 63 -8.58 -30.13 -6.15
CA TYR X 63 -8.68 -28.86 -5.43
C TYR X 63 -9.75 -28.88 -4.30
N ASN X 64 -10.24 -30.10 -3.91
CA ASN X 64 -11.20 -30.37 -2.81
C ASN X 64 -10.69 -31.52 -1.92
N SER X 65 -10.97 -31.46 -0.61
CA SER X 65 -10.57 -32.46 0.42
C SER X 65 -11.59 -33.58 0.51
N PHE X 66 -11.11 -34.82 0.73
CA PHE X 66 -11.99 -35.98 0.80
C PHE X 66 -11.76 -36.81 2.05
N TRP X 67 -12.82 -37.02 2.86
CA TRP X 67 -12.79 -37.88 4.05
C TRP X 67 -12.37 -39.30 3.67
N ILE X 68 -11.64 -39.97 4.58
CA ILE X 68 -11.22 -41.37 4.43
C ILE X 68 -11.57 -42.07 5.74
N GLY X 69 -11.58 -43.40 5.74
CA GLY X 69 -11.90 -44.18 6.93
C GLY X 69 -10.81 -44.24 7.98
N LEU X 70 -10.36 -43.07 8.47
CA LEU X 70 -9.32 -42.94 9.48
C LEU X 70 -9.70 -41.80 10.44
N SER X 71 -9.73 -42.09 11.75
CA SER X 71 -10.11 -41.10 12.77
C SER X 71 -9.29 -41.25 14.04
N TYR X 72 -9.09 -40.12 14.78
CA TYR X 72 -8.36 -40.10 16.06
C TYR X 72 -9.34 -39.92 17.20
N THR X 73 -9.29 -40.84 18.17
CA THR X 73 -10.14 -40.82 19.36
C THR X 73 -9.28 -40.82 20.63
N LEU X 74 -9.70 -40.03 21.65
CA LEU X 74 -9.03 -39.89 22.93
C LEU X 74 -8.99 -41.19 23.74
N THR X 75 -10.02 -42.04 23.56
CA THR X 75 -10.18 -43.33 24.23
C THR X 75 -8.99 -44.27 23.99
N ASP X 76 -8.42 -44.21 22.76
CA ASP X 76 -7.30 -45.05 22.35
C ASP X 76 -5.99 -44.26 22.28
N MET X 77 -6.09 -42.91 22.12
CA MET X 77 -4.96 -41.99 21.99
C MET X 77 -4.16 -42.32 20.72
N ASN X 78 -4.84 -42.95 19.75
CA ASN X 78 -4.23 -43.42 18.51
C ASN X 78 -5.13 -43.17 17.28
N TRP X 79 -4.50 -43.19 16.09
CA TRP X 79 -5.16 -43.09 14.79
C TRP X 79 -5.62 -44.48 14.41
N LYS X 80 -6.93 -44.69 14.21
CA LYS X 80 -7.45 -46.00 13.86
C LYS X 80 -8.25 -45.97 12.58
N TRP X 81 -8.09 -47.04 11.75
CA TRP X 81 -8.89 -47.22 10.55
C TRP X 81 -10.28 -47.70 10.99
N ILE X 82 -11.29 -47.60 10.12
CA ILE X 82 -12.67 -47.99 10.48
C ILE X 82 -12.90 -49.51 10.35
N ASN X 83 -11.82 -50.31 10.11
CA ASN X 83 -11.93 -51.73 9.81
C ASN X 83 -11.71 -52.77 10.96
N GLY X 84 -11.23 -52.45 12.17
CA GLY X 84 -10.70 -51.22 12.72
C GLY X 84 -9.39 -51.51 13.45
N THR X 85 -8.27 -51.30 12.75
CA THR X 85 -6.89 -51.50 13.20
C THR X 85 -6.13 -50.16 13.27
N ALA X 86 -5.11 -50.07 14.13
CA ALA X 86 -4.34 -48.86 14.33
C ALA X 86 -3.45 -48.52 13.13
N PHE X 87 -3.30 -47.21 12.84
CA PHE X 87 -2.51 -46.65 11.75
C PHE X 87 -1.01 -46.78 12.05
N ASN X 88 -0.21 -47.06 10.99
CA ASN X 88 1.26 -47.20 11.04
C ASN X 88 1.93 -46.30 9.96
N SER X 89 3.08 -45.69 10.29
CA SER X 89 3.83 -44.85 9.37
C SER X 89 4.79 -45.69 8.51
N THR X 95 0.26 -38.96 8.33
CA THR X 95 -0.82 -37.96 8.44
C THR X 95 -0.20 -36.60 8.87
N GLY X 96 -0.08 -35.70 7.90
CA GLY X 96 0.51 -34.40 8.09
C GLY X 96 -0.49 -33.33 8.46
N VAL X 97 -0.59 -33.02 9.79
CA VAL X 97 -1.47 -32.04 10.43
C VAL X 97 -1.33 -32.02 11.98
N THR X 98 -2.46 -31.83 12.73
CA THR X 98 -2.51 -31.83 14.21
C THR X 98 -3.63 -32.79 14.73
N GLU X 99 -3.37 -33.51 15.86
CA GLU X 99 -4.26 -34.51 16.48
C GLU X 99 -4.97 -33.98 17.75
N ASN X 100 -6.32 -34.11 17.83
CA ASN X 100 -7.18 -33.68 18.96
C ASN X 100 -8.47 -34.58 19.09
N GLY X 101 -9.41 -34.34 18.18
CA GLY X 101 -10.69 -35.00 17.99
C GLY X 101 -10.95 -34.91 16.51
N SER X 102 -9.90 -35.25 15.75
CA SER X 102 -9.73 -35.15 14.31
C SER X 102 -9.98 -36.45 13.52
N CYS X 103 -10.35 -36.28 12.23
CA CYS X 103 -10.64 -37.27 11.18
C CYS X 103 -9.72 -37.01 10.02
N ALA X 104 -9.33 -38.05 9.27
CA ALA X 104 -8.39 -37.89 8.16
C ALA X 104 -9.09 -37.61 6.85
N ALA X 105 -8.39 -36.87 5.97
CA ALA X 105 -8.88 -36.48 4.65
C ALA X 105 -7.73 -36.28 3.66
N ILE X 106 -7.95 -36.61 2.37
CA ILE X 106 -6.95 -36.41 1.34
C ILE X 106 -7.07 -34.97 0.86
N SER X 107 -6.11 -34.12 1.30
CA SER X 107 -6.06 -32.70 0.94
C SER X 107 -4.80 -32.51 0.15
N GLY X 108 -4.97 -32.41 -1.17
CA GLY X 108 -3.85 -32.29 -2.09
C GLY X 108 -3.31 -33.66 -2.39
N GLU X 109 -1.99 -33.83 -2.23
CA GLU X 109 -1.32 -35.11 -2.48
C GLU X 109 -0.87 -35.74 -1.14
N LYS X 110 -1.55 -35.37 -0.04
CA LYS X 110 -1.20 -35.85 1.30
C LYS X 110 -2.42 -36.08 2.18
N VAL X 111 -2.31 -37.03 3.14
CA VAL X 111 -3.35 -37.35 4.13
C VAL X 111 -3.22 -36.35 5.27
N THR X 112 -4.29 -35.57 5.51
CA THR X 112 -4.33 -34.50 6.49
C THR X 112 -5.40 -34.78 7.55
N SER X 113 -5.10 -34.39 8.78
CA SER X 113 -6.00 -34.50 9.93
C SER X 113 -6.81 -33.21 10.03
N GLU X 114 -8.14 -33.34 10.03
CA GLU X 114 -9.04 -32.19 10.09
C GLU X 114 -10.11 -32.40 11.17
N GLY X 115 -10.90 -31.37 11.47
CA GLY X 115 -11.98 -31.46 12.45
C GLY X 115 -13.09 -32.29 11.85
N CYS X 116 -13.66 -33.23 12.62
CA CYS X 116 -14.70 -34.14 12.12
C CYS X 116 -16.04 -33.44 11.84
N SER X 117 -16.22 -32.19 12.31
CA SER X 117 -17.41 -31.36 12.15
C SER X 117 -17.38 -30.55 10.82
N SER X 118 -16.19 -30.42 10.20
CA SER X 118 -15.99 -29.71 8.92
C SER X 118 -16.72 -30.41 7.77
N ASP X 119 -17.17 -29.64 6.79
CA ASP X 119 -17.83 -30.21 5.62
C ASP X 119 -16.78 -30.54 4.58
N ASN X 120 -16.77 -31.80 4.18
CA ASN X 120 -15.85 -32.31 3.19
C ASN X 120 -16.54 -33.38 2.39
N ARG X 121 -16.08 -33.58 1.15
CA ARG X 121 -16.54 -34.68 0.29
C ARG X 121 -15.90 -35.96 0.85
N TRP X 122 -16.14 -37.12 0.25
CA TRP X 122 -15.58 -38.40 0.72
C TRP X 122 -15.39 -39.40 -0.41
N ILE X 123 -14.59 -40.44 -0.13
CA ILE X 123 -14.34 -41.54 -1.06
C ILE X 123 -14.85 -42.82 -0.42
N CYS X 124 -15.87 -43.44 -1.04
CA CYS X 124 -16.43 -44.71 -0.60
C CYS X 124 -15.67 -45.80 -1.31
N GLN X 125 -15.59 -46.99 -0.70
CA GLN X 125 -14.95 -48.12 -1.34
C GLN X 125 -15.76 -49.37 -1.11
N LYS X 126 -15.77 -50.25 -2.11
CA LYS X 126 -16.43 -51.55 -2.12
C LYS X 126 -15.38 -52.59 -2.43
N GLU X 127 -15.32 -53.65 -1.63
CA GLU X 127 -14.36 -54.72 -1.84
C GLU X 127 -15.00 -55.83 -2.69
N LEU X 128 -14.25 -56.35 -3.69
CA LEU X 128 -14.69 -57.44 -4.56
C LEU X 128 -14.20 -58.79 -4.02
#